data_7JY7
#
_entry.id   7JY7
#
_cell.length_a   1.00
_cell.length_b   1.00
_cell.length_c   1.00
_cell.angle_alpha   90.00
_cell.angle_beta   90.00
_cell.angle_gamma   90.00
#
_symmetry.space_group_name_H-M   'P 1'
#
loop_
_entity.id
_entity.type
_entity.pdbx_description
1 polymer 'Protein RecA'
2 polymer 'DNA (27-MER)'
3 polymer 'DNA (48-MER)'
4 polymer 'DNA (48-MER)'
5 non-polymer 'MAGNESIUM ION'
6 non-polymer 'PHOSPHOTHIOPHOSPHORIC ACID-ADENYLATE ESTER'
#
loop_
_entity_poly.entity_id
_entity_poly.type
_entity_poly.pdbx_seq_one_letter_code
_entity_poly.pdbx_strand_id
1 'polypeptide(L)'
;MAIDENKQKALAAALGQIEKQFGKGSIMRLGEDRSMDVETISTGSLSLDIALGAGGLPMGRIVEIYGPESSGKTTLTLQV
IAAAQREGKTCAFIDAEHALDPIYARKLGVDIDNLLCSQPDTGEQALEICDALARSGAVDVIVVDSVAALTPKAEIEGEI
GDSHMGLAARMMSQAMRKLAGNLKQSNTLLIFINQIRMKIGVMFGNPETTTGGNALKFYASVRLDIRRIGAVKEGENVVG
SETRVKVVKNKIAAPFKQAEFQILYGEGINFYGELVDLGVKEKLIEKAGAWYSYKGEKIGQGKANATAWLKDNPETAKEI
EKKVRELLLSNPNS
;
A,B,C,D,E,F,G,H,I
2 'polydeoxyribonucleotide'
;(DT)(DT)(DT)(DT)(DT)(DT)(DT)(DT)(DT)(DT)(DT)(DT)(DC)(DG)(DT)(DC)(DG)(DC)(DC)(DC)
(DA)(DC)(DG)(DC)(DT)(DT)(DT)
;
S
3 'polydeoxyribonucleotide'
;(DG)(DT)(DA)(DC)(DT)(DT)(DG)(DC)(DT)(DT)(DA)(DA)(DT)(DT)(DG)(DA)(DA)(DT)(DG)(DC)
(DG)(DT)(DG)(DG)(DG)(DC)(DG)(DA)(DC)(DG)(DT)(DA)(DG)(DG)(DC)(DT)(DG)(DA)(DC)(DT)
(DC)(DG)(DA)(DC)(DA)(DC)(DC)(DG)
;
T
4 'polydeoxyribonucleotide'
;(DC)(DG)(DG)(DT)(DG)(DT)(DC)(DG)(DA)(DG)(DT)(DC)(DA)(DG)(DC)(DC)(DT)(DA)(DT)(DT)
(DT)(DT)(DT)(DT)(DT)(DT)(DT)(DT)(DT)(DT)(DA)(DT)(DT)(DC)(DA)(DA)(DT)(DT)(DA)(DA)
(DG)(DC)(DA)(DA)(DG)(DT)(DA)(DC)
;
U
#
# COMPACT_ATOMS: atom_id res chain seq x y z
N ALA A 2 5.13 40.79 -30.58
CA ALA A 2 4.52 39.42 -30.72
C ALA A 2 5.46 38.36 -30.13
N ILE A 3 6.69 38.26 -30.66
CA ILE A 3 7.74 37.27 -30.26
C ILE A 3 8.49 37.80 -29.02
N ASP A 4 8.85 39.09 -28.99
CA ASP A 4 9.62 39.74 -27.89
C ASP A 4 8.68 40.12 -26.73
N GLU A 5 7.35 39.93 -26.88
CA GLU A 5 6.30 40.31 -25.90
C GLU A 5 6.11 39.20 -24.85
N ASN A 6 6.04 37.94 -25.29
CA ASN A 6 5.96 36.73 -24.43
C ASN A 6 7.20 36.62 -23.52
N LYS A 7 8.38 36.99 -24.02
CA LYS A 7 9.67 36.96 -23.28
C LYS A 7 9.62 37.92 -22.08
N GLN A 8 9.09 39.14 -22.26
CA GLN A 8 9.01 40.20 -21.22
C GLN A 8 8.11 39.77 -20.06
N LYS A 9 7.08 38.95 -20.31
CA LYS A 9 6.15 38.40 -19.27
C LYS A 9 6.78 37.20 -18.56
N ALA A 10 7.36 36.26 -19.32
CA ALA A 10 8.09 35.08 -18.81
C ALA A 10 9.26 35.50 -17.90
N LEU A 11 9.92 36.63 -18.23
CA LEU A 11 10.98 37.27 -17.40
C LEU A 11 10.36 37.80 -16.10
N ALA A 12 9.33 38.65 -16.23
CA ALA A 12 8.60 39.32 -15.13
C ALA A 12 8.03 38.29 -14.14
N ALA A 13 7.51 37.17 -14.65
CA ALA A 13 6.95 36.04 -13.86
C ALA A 13 8.06 35.34 -13.06
N ALA A 14 9.24 35.12 -13.65
CA ALA A 14 10.41 34.47 -13.02
C ALA A 14 10.98 35.38 -11.92
N LEU A 15 11.17 36.67 -12.23
CA LEU A 15 11.59 37.71 -11.25
C LEU A 15 10.61 37.79 -10.08
N GLY A 16 9.30 37.68 -10.34
CA GLY A 16 8.25 37.55 -9.31
C GLY A 16 8.42 36.31 -8.44
N GLN A 17 8.68 35.15 -9.07
CA GLN A 17 8.86 33.83 -8.40
C GLN A 17 10.16 33.84 -7.56
N ILE A 18 11.26 34.36 -8.12
CA ILE A 18 12.60 34.45 -7.44
C ILE A 18 12.45 35.35 -6.21
N GLU A 19 11.88 36.54 -6.38
CA GLU A 19 11.74 37.58 -5.32
C GLU A 19 10.80 37.10 -4.20
N LYS A 20 9.83 36.23 -4.52
CA LYS A 20 8.95 35.63 -3.48
C LYS A 20 9.70 34.54 -2.70
N GLN A 21 10.48 33.70 -3.39
CA GLN A 21 11.19 32.54 -2.78
C GLN A 21 12.30 33.03 -1.85
N PHE A 22 13.10 34.02 -2.28
CA PHE A 22 14.41 34.42 -1.67
C PHE A 22 14.35 35.79 -0.97
N GLY A 23 13.50 36.73 -1.41
CA GLY A 23 13.34 38.06 -0.79
C GLY A 23 13.39 39.21 -1.79
N LYS A 24 13.52 40.45 -1.30
CA LYS A 24 13.28 41.73 -2.05
C LYS A 24 14.34 41.92 -3.14
N GLY A 25 15.60 42.13 -2.75
CA GLY A 25 16.72 42.47 -3.64
C GLY A 25 17.53 41.24 -4.02
N SER A 26 16.89 40.06 -4.05
CA SER A 26 17.49 38.76 -4.47
C SER A 26 18.00 38.89 -5.90
N ILE A 27 17.25 39.58 -6.75
CA ILE A 27 17.63 39.91 -8.15
C ILE A 27 17.10 41.30 -8.51
N MET A 28 17.97 42.15 -9.05
CA MET A 28 17.60 43.47 -9.65
C MET A 28 18.44 43.69 -10.91
N ARG A 29 18.10 44.74 -11.65
CA ARG A 29 18.98 45.35 -12.67
C ARG A 29 20.14 46.04 -11.94
N LEU A 30 21.36 45.92 -12.47
CA LEU A 30 22.62 46.36 -11.84
C LEU A 30 22.62 47.89 -11.67
N GLY A 31 22.00 48.61 -12.63
CA GLY A 31 21.95 50.09 -12.68
C GLY A 31 21.17 50.72 -11.53
N GLU A 32 20.22 49.99 -10.92
CA GLU A 32 19.33 50.49 -9.82
C GLU A 32 19.72 49.84 -8.47
N ASP A 33 20.87 49.16 -8.38
CA ASP A 33 21.39 48.54 -7.13
C ASP A 33 22.45 49.47 -6.54
N ARG A 34 22.13 50.15 -5.42
CA ARG A 34 22.99 51.15 -4.74
C ARG A 34 23.97 50.46 -3.78
N SER A 35 23.62 49.26 -3.27
CA SER A 35 24.51 48.40 -2.43
C SER A 35 25.80 48.04 -3.19
N MET A 36 25.71 47.94 -4.52
CA MET A 36 26.79 47.48 -5.43
C MET A 36 27.78 48.61 -5.75
N ASP A 37 27.54 49.85 -5.32
CA ASP A 37 28.46 51.01 -5.53
C ASP A 37 29.64 50.94 -4.56
N VAL A 38 30.77 51.54 -4.94
CA VAL A 38 32.07 51.50 -4.18
C VAL A 38 32.22 52.80 -3.37
N GLU A 39 32.20 52.67 -2.04
CA GLU A 39 32.67 53.66 -1.03
C GLU A 39 34.18 53.43 -0.77
N THR A 40 34.90 54.44 -0.26
CA THR A 40 36.33 54.34 0.14
C THR A 40 36.60 55.01 1.50
N ILE A 41 37.75 54.69 2.09
CA ILE A 41 38.28 55.19 3.40
C ILE A 41 39.74 55.63 3.20
N SER A 42 40.14 56.77 3.76
CA SER A 42 41.54 57.28 3.72
C SER A 42 42.49 56.29 4.41
N THR A 43 43.70 56.14 3.87
CA THR A 43 44.75 55.23 4.37
C THR A 43 45.68 55.94 5.38
N GLY A 44 45.50 57.26 5.59
CA GLY A 44 46.43 58.12 6.34
C GLY A 44 47.44 58.79 5.41
N SER A 45 48.05 57.99 4.52
CA SER A 45 48.92 58.45 3.40
C SER A 45 48.05 59.04 2.28
N LEU A 46 48.54 60.10 1.62
CA LEU A 46 47.92 60.75 0.44
C LEU A 46 48.48 60.14 -0.86
N SER A 47 49.77 59.79 -0.88
CA SER A 47 50.47 59.11 -2.01
C SER A 47 49.82 57.75 -2.29
N LEU A 48 49.41 57.02 -1.26
CA LEU A 48 48.75 55.69 -1.37
C LEU A 48 47.30 55.85 -1.85
N ASP A 49 46.58 56.87 -1.37
CA ASP A 49 45.19 57.20 -1.81
C ASP A 49 45.16 57.48 -3.32
N ILE A 50 46.23 58.05 -3.88
CA ILE A 50 46.41 58.32 -5.34
C ILE A 50 46.73 57.00 -6.05
N ALA A 51 47.67 56.20 -5.54
CA ALA A 51 48.12 54.91 -6.10
C ALA A 51 46.97 53.90 -6.20
N LEU A 52 46.02 53.93 -5.25
CA LEU A 52 44.85 53.02 -5.22
C LEU A 52 43.80 53.44 -6.24
N GLY A 53 43.80 54.71 -6.68
CA GLY A 53 43.00 55.19 -7.84
C GLY A 53 41.63 55.73 -7.45
N ALA A 54 40.96 55.11 -6.47
CA ALA A 54 39.59 55.47 -6.01
C ALA A 54 39.63 56.34 -4.74
N GLY A 55 40.80 56.80 -4.31
CA GLY A 55 40.97 57.69 -3.14
C GLY A 55 40.82 56.94 -1.81
N GLY A 56 41.23 55.67 -1.76
CA GLY A 56 41.31 54.88 -0.51
C GLY A 56 40.96 53.41 -0.69
N LEU A 57 40.76 52.72 0.43
CA LEU A 57 40.46 51.26 0.51
C LEU A 57 38.95 51.06 0.46
N PRO A 58 38.44 50.05 -0.29
CA PRO A 58 37.00 49.87 -0.48
C PRO A 58 36.28 49.23 0.71
N MET A 59 35.13 49.78 1.11
CA MET A 59 34.27 49.22 2.18
C MET A 59 33.54 47.98 1.64
N GLY A 60 33.27 47.00 2.50
CA GLY A 60 32.57 45.75 2.18
C GLY A 60 33.48 44.68 1.58
N ARG A 61 34.76 44.98 1.39
CA ARG A 61 35.74 44.13 0.68
C ARG A 61 36.80 43.63 1.66
N ILE A 62 37.57 42.63 1.23
CA ILE A 62 38.78 42.10 1.91
C ILE A 62 40.00 42.83 1.33
N VAL A 63 41.00 43.12 2.17
CA VAL A 63 42.30 43.71 1.77
C VAL A 63 43.41 42.85 2.39
N GLU A 64 44.54 42.70 1.69
CA GLU A 64 45.75 42.00 2.20
C GLU A 64 46.93 42.98 2.16
N ILE A 65 47.63 43.14 3.28
CA ILE A 65 48.92 43.88 3.36
C ILE A 65 49.99 42.85 3.74
N TYR A 66 50.97 42.61 2.87
CA TYR A 66 52.10 41.68 3.12
C TYR A 66 53.42 42.43 2.95
N GLY A 67 54.49 41.86 3.51
CA GLY A 67 55.86 42.40 3.39
C GLY A 67 56.85 41.68 4.31
N PRO A 68 58.14 42.08 4.30
CA PRO A 68 59.12 41.58 5.26
C PRO A 68 58.88 42.06 6.71
N GLU A 69 59.78 41.67 7.61
CA GLU A 69 59.77 42.08 9.05
C GLU A 69 60.06 43.58 9.17
N SER A 70 59.33 44.28 10.04
CA SER A 70 59.50 45.71 10.40
C SER A 70 59.50 46.60 9.14
N SER A 71 58.55 46.38 8.23
CA SER A 71 58.32 47.20 7.01
C SER A 71 57.33 48.35 7.33
N GLY A 72 56.39 48.11 8.24
CA GLY A 72 55.34 49.07 8.66
C GLY A 72 53.93 48.57 8.41
N LYS A 73 53.69 47.25 8.48
CA LYS A 73 52.38 46.62 8.19
C LYS A 73 51.38 46.98 9.29
N THR A 74 51.75 46.77 10.56
CA THR A 74 50.94 47.12 11.76
C THR A 74 50.75 48.65 11.83
N THR A 75 51.82 49.42 11.66
CA THR A 75 51.85 50.91 11.69
C THR A 75 50.85 51.49 10.69
N LEU A 76 50.88 51.02 9.43
CA LEU A 76 49.97 51.49 8.34
C LEU A 76 48.52 51.20 8.74
N THR A 77 48.24 50.00 9.25
CA THR A 77 46.89 49.52 9.62
C THR A 77 46.32 50.33 10.80
N LEU A 78 47.17 50.82 11.71
CA LEU A 78 46.74 51.68 12.85
C LEU A 78 46.43 53.10 12.36
N GLN A 79 47.10 53.57 11.31
CA GLN A 79 46.83 54.90 10.66
C GLN A 79 45.49 54.84 9.88
N VAL A 80 45.12 53.67 9.36
CA VAL A 80 43.78 53.42 8.71
C VAL A 80 42.70 53.53 9.79
N ILE A 81 42.87 52.81 10.90
CA ILE A 81 41.93 52.81 12.07
C ILE A 81 41.83 54.25 12.63
N ALA A 82 42.95 54.94 12.76
CA ALA A 82 43.04 56.33 13.28
C ALA A 82 42.15 57.26 12.43
N ALA A 83 42.34 57.24 11.11
CA ALA A 83 41.59 58.04 10.11
C ALA A 83 40.10 57.70 10.16
N ALA A 84 39.75 56.43 10.33
CA ALA A 84 38.35 55.92 10.35
C ALA A 84 37.63 56.39 11.62
N GLN A 85 38.31 56.38 12.78
CA GLN A 85 37.75 56.82 14.08
C GLN A 85 37.46 58.34 14.07
N ARG A 86 38.25 59.13 13.34
CA ARG A 86 38.05 60.61 13.17
C ARG A 86 36.81 60.91 12.31
N GLU A 87 36.27 59.93 11.57
CA GLU A 87 34.96 60.00 10.85
C GLU A 87 33.88 59.20 11.62
N GLY A 88 34.06 58.97 12.93
CA GLY A 88 33.06 58.37 13.83
C GLY A 88 32.70 56.94 13.49
N LYS A 89 33.65 56.14 13.01
CA LYS A 89 33.48 54.69 12.67
C LYS A 89 34.05 53.84 13.81
N THR A 90 33.34 52.75 14.15
CA THR A 90 33.79 51.71 15.13
C THR A 90 34.84 50.83 14.44
N CYS A 91 35.89 50.42 15.18
CA CYS A 91 37.00 49.58 14.67
C CYS A 91 37.33 48.46 15.66
N ALA A 92 37.86 47.35 15.14
CA ALA A 92 38.28 46.15 15.89
C ALA A 92 39.69 45.73 15.45
N PHE A 93 40.48 45.20 16.39
CA PHE A 93 41.85 44.67 16.17
C PHE A 93 41.93 43.24 16.72
N ILE A 94 42.14 42.25 15.85
CA ILE A 94 42.36 40.82 16.21
C ILE A 94 43.87 40.57 16.20
N ASP A 95 44.50 40.61 17.39
CA ASP A 95 45.99 40.52 17.56
C ASP A 95 46.38 39.06 17.80
N ALA A 96 46.41 38.25 16.73
CA ALA A 96 46.85 36.84 16.75
C ALA A 96 48.36 36.74 17.01
N GLU A 97 49.13 37.76 16.62
CA GLU A 97 50.61 37.83 16.79
C GLU A 97 50.97 38.02 18.27
N HIS A 98 50.06 38.60 19.09
CA HIS A 98 50.25 38.93 20.53
C HIS A 98 51.43 39.90 20.69
N ALA A 99 51.43 41.01 19.94
CA ALA A 99 52.55 41.97 19.88
C ALA A 99 52.06 43.39 19.55
N LEU A 100 50.90 43.80 20.08
CA LEU A 100 50.40 45.20 19.97
C LEU A 100 50.82 45.96 21.23
N ASP A 101 51.39 47.16 21.07
CA ASP A 101 51.70 48.13 22.15
C ASP A 101 50.61 49.21 22.13
N PRO A 102 49.71 49.30 23.13
CA PRO A 102 48.65 50.32 23.13
C PRO A 102 49.13 51.77 23.30
N ILE A 103 50.33 52.00 23.83
CA ILE A 103 50.93 53.36 23.97
C ILE A 103 51.34 53.86 22.58
N TYR A 104 51.98 53.02 21.77
CA TYR A 104 52.39 53.34 20.37
C TYR A 104 51.14 53.69 19.55
N ALA A 105 50.08 52.89 19.67
CA ALA A 105 48.77 53.09 19.00
C ALA A 105 48.21 54.49 19.34
N ARG A 106 48.32 54.93 20.59
CA ARG A 106 47.82 56.26 21.06
C ARG A 106 48.65 57.38 20.41
N LYS A 107 49.96 57.20 20.26
CA LYS A 107 50.89 58.19 19.64
C LYS A 107 50.55 58.41 18.16
N LEU A 108 50.08 57.37 17.46
CA LEU A 108 49.69 57.44 16.02
C LEU A 108 48.31 58.10 15.85
N GLY A 109 47.56 58.30 16.94
CA GLY A 109 46.27 59.02 16.97
C GLY A 109 45.06 58.10 16.99
N VAL A 110 45.21 56.88 17.53
CA VAL A 110 44.09 55.90 17.73
C VAL A 110 43.42 56.25 19.06
N ASP A 111 42.09 56.13 19.10
CA ASP A 111 41.26 56.21 20.34
C ASP A 111 41.24 54.80 20.97
N ILE A 112 42.06 54.57 22.00
CA ILE A 112 42.29 53.25 22.66
C ILE A 112 40.98 52.80 23.32
N ASP A 113 40.25 53.74 23.93
CA ASP A 113 39.05 53.49 24.78
C ASP A 113 37.89 52.94 23.93
N ASN A 114 37.84 53.27 22.63
CA ASN A 114 36.76 52.87 21.69
C ASN A 114 37.22 51.75 20.73
N LEU A 115 38.53 51.45 20.64
CA LEU A 115 39.05 50.34 19.80
C LEU A 115 38.81 49.00 20.52
N LEU A 116 37.98 48.12 19.95
CA LEU A 116 37.82 46.71 20.40
C LEU A 116 39.13 45.97 20.12
N CYS A 117 39.54 45.08 21.02
CA CYS A 117 40.75 44.23 20.88
C CYS A 117 40.45 42.80 21.35
N SER A 118 40.95 41.81 20.61
CA SER A 118 40.89 40.36 20.95
C SER A 118 42.30 39.78 20.80
N GLN A 119 42.76 39.01 21.79
CA GLN A 119 43.99 38.19 21.73
C GLN A 119 43.56 36.72 21.78
N PRO A 120 43.11 36.14 20.65
CA PRO A 120 42.48 34.82 20.65
C PRO A 120 43.50 33.69 20.73
N ASP A 121 43.04 32.49 21.12
CA ASP A 121 43.89 31.30 21.40
C ASP A 121 44.20 30.58 20.08
N THR A 122 43.15 30.29 19.29
CA THR A 122 43.20 29.54 18.02
C THR A 122 42.96 30.47 16.83
N GLY A 123 43.17 29.95 15.62
CA GLY A 123 42.77 30.59 14.35
C GLY A 123 41.26 30.58 14.17
N GLU A 124 40.61 29.45 14.50
CA GLU A 124 39.14 29.25 14.37
C GLU A 124 38.38 30.24 15.26
N GLN A 125 38.91 30.54 16.45
CA GLN A 125 38.34 31.54 17.40
C GLN A 125 38.45 32.95 16.81
N ALA A 126 39.61 33.30 16.23
CA ALA A 126 39.88 34.61 15.59
C ALA A 126 38.88 34.86 14.45
N LEU A 127 38.64 33.85 13.61
CA LEU A 127 37.81 33.96 12.38
C LEU A 127 36.31 33.85 12.71
N GLU A 128 35.94 33.26 13.85
CA GLU A 128 34.54 33.25 14.36
C GLU A 128 34.19 34.59 15.01
N ILE A 129 35.18 35.30 15.58
CA ILE A 129 35.01 36.70 16.07
C ILE A 129 34.82 37.64 14.86
N CYS A 130 35.67 37.52 13.83
CA CYS A 130 35.57 38.29 12.56
C CYS A 130 34.19 38.15 11.91
N ASP A 131 33.58 36.96 11.98
CA ASP A 131 32.27 36.64 11.36
C ASP A 131 31.14 37.23 12.23
N ALA A 132 31.24 37.11 13.56
CA ALA A 132 30.28 37.64 14.55
C ALA A 132 30.25 39.18 14.51
N LEU A 133 31.40 39.84 14.34
CA LEU A 133 31.49 41.33 14.24
C LEU A 133 30.97 41.82 12.88
N ALA A 134 31.19 41.06 11.82
CA ALA A 134 30.69 41.35 10.44
C ALA A 134 29.17 41.29 10.43
N ARG A 135 28.56 40.20 10.93
CA ARG A 135 27.10 39.98 10.97
C ARG A 135 26.38 41.03 11.84
N SER A 136 27.04 41.54 12.89
CA SER A 136 26.50 42.56 13.84
C SER A 136 26.05 43.81 13.09
N GLY A 137 26.90 44.32 12.18
CA GLY A 137 26.69 45.60 11.45
C GLY A 137 27.10 46.82 12.27
N ALA A 138 27.74 46.62 13.43
CA ALA A 138 28.15 47.68 14.39
C ALA A 138 29.61 48.10 14.14
N VAL A 139 30.44 47.19 13.62
CA VAL A 139 31.89 47.42 13.33
C VAL A 139 32.08 47.74 11.84
N ASP A 140 32.88 48.75 11.53
CA ASP A 140 33.13 49.28 10.16
C ASP A 140 34.47 48.77 9.60
N VAL A 141 35.52 48.73 10.42
CA VAL A 141 36.90 48.28 10.03
C VAL A 141 37.38 47.24 11.02
N ILE A 142 37.70 46.03 10.54
CA ILE A 142 38.33 44.94 11.33
C ILE A 142 39.75 44.74 10.77
N VAL A 143 40.73 44.49 11.65
CA VAL A 143 42.14 44.15 11.27
C VAL A 143 42.50 42.82 11.93
N VAL A 144 43.06 41.88 11.16
CA VAL A 144 43.59 40.58 11.65
C VAL A 144 45.11 40.59 11.48
N ASP A 145 45.85 40.78 12.59
CA ASP A 145 47.33 40.90 12.58
C ASP A 145 47.95 39.51 12.45
N SER A 146 48.61 39.27 11.30
CA SER A 146 49.29 38.02 10.86
C SER A 146 48.30 36.85 10.77
N VAL A 147 47.99 36.43 9.53
CA VAL A 147 47.35 35.12 9.21
C VAL A 147 48.36 33.99 9.39
N ALA A 148 49.67 34.29 9.40
CA ALA A 148 50.77 33.36 9.75
C ALA A 148 50.56 32.81 11.16
N ALA A 149 50.07 33.66 12.08
CA ALA A 149 49.86 33.35 13.52
C ALA A 149 48.47 32.73 13.77
N LEU A 150 47.59 32.65 12.77
CA LEU A 150 46.27 31.96 12.87
C LEU A 150 46.52 30.44 12.90
N THR A 151 46.79 29.91 14.10
CA THR A 151 47.11 28.49 14.37
C THR A 151 45.80 27.73 14.51
N PRO A 152 45.55 26.65 13.73
CA PRO A 152 44.38 25.80 13.97
C PRO A 152 44.41 25.06 15.32
N LYS A 153 43.25 24.59 15.77
CA LYS A 153 43.04 23.95 17.11
C LYS A 153 43.81 22.62 17.15
N ALA A 154 43.78 21.83 16.07
CA ALA A 154 44.48 20.52 15.93
C ALA A 154 46.01 20.69 16.05
N GLU A 155 46.57 21.83 15.62
CA GLU A 155 48.02 22.12 15.68
C GLU A 155 48.45 22.55 17.09
N ILE A 156 47.54 23.13 17.88
CA ILE A 156 47.78 23.58 19.29
C ILE A 156 47.69 22.37 20.22
N GLU A 157 46.62 21.57 20.11
CA GLU A 157 46.37 20.35 20.91
C GLU A 157 47.42 19.27 20.59
N GLY A 158 47.91 19.24 19.35
CA GLY A 158 48.95 18.29 18.88
C GLY A 158 50.35 18.67 19.36
N GLU A 159 51.34 17.87 18.98
CA GLU A 159 52.78 18.01 19.38
C GLU A 159 53.55 18.73 18.28
N ILE A 160 54.68 19.36 18.63
CA ILE A 160 55.63 19.99 17.66
C ILE A 160 56.33 18.86 16.89
N GLY A 161 56.31 18.93 15.56
CA GLY A 161 56.78 17.86 14.64
C GLY A 161 55.63 17.21 13.87
N ASP A 162 54.41 17.20 14.43
CA ASP A 162 53.17 16.62 13.82
C ASP A 162 52.84 17.36 12.51
N SER A 163 52.55 16.61 11.45
CA SER A 163 52.16 17.11 10.11
C SER A 163 50.63 17.31 10.07
N HIS A 164 50.18 18.52 9.69
CA HIS A 164 48.76 18.90 9.48
C HIS A 164 48.59 19.42 8.06
N MET A 165 48.57 18.52 7.08
CA MET A 165 48.68 18.80 5.61
C MET A 165 47.56 19.73 5.15
N GLY A 166 47.92 20.95 4.74
CA GLY A 166 47.00 21.98 4.19
C GLY A 166 45.80 22.23 5.09
N LEU A 167 46.01 22.32 6.41
CA LEU A 167 44.94 22.54 7.42
C LEU A 167 44.68 24.04 7.59
N ALA A 168 45.75 24.86 7.67
CA ALA A 168 45.68 26.34 7.71
C ALA A 168 45.11 26.88 6.40
N ALA A 169 45.51 26.31 5.26
CA ALA A 169 44.99 26.61 3.91
C ALA A 169 43.50 26.30 3.82
N ARG A 170 43.07 25.16 4.39
CA ARG A 170 41.66 24.70 4.33
C ARG A 170 40.80 25.58 5.23
N MET A 171 41.35 26.06 6.36
CA MET A 171 40.66 26.94 7.34
C MET A 171 40.43 28.32 6.73
N MET A 172 41.43 28.87 6.02
CA MET A 172 41.35 30.19 5.35
C MET A 172 40.33 30.11 4.20
N SER A 173 40.43 29.08 3.35
CA SER A 173 39.50 28.82 2.20
C SER A 173 38.05 28.78 2.69
N GLN A 174 37.79 28.17 3.85
CA GLN A 174 36.43 28.05 4.46
C GLN A 174 36.00 29.40 5.07
N ALA A 175 36.94 30.18 5.62
CA ALA A 175 36.68 31.52 6.23
C ALA A 175 36.26 32.52 5.14
N MET A 176 36.97 32.56 4.00
CA MET A 176 36.74 33.51 2.87
C MET A 176 35.32 33.31 2.31
N ARG A 177 34.90 32.06 2.12
CA ARG A 177 33.54 31.66 1.67
C ARG A 177 32.46 32.25 2.59
N LYS A 178 32.64 32.09 3.91
CA LYS A 178 31.67 32.53 4.96
C LYS A 178 31.68 34.05 5.11
N LEU A 179 32.84 34.70 5.00
CA LEU A 179 33.02 36.14 5.32
C LEU A 179 32.57 37.04 4.17
N ALA A 180 33.03 36.77 2.93
CA ALA A 180 32.87 37.61 1.72
C ALA A 180 31.45 38.19 1.62
N GLY A 181 30.43 37.34 1.83
CA GLY A 181 29.00 37.73 1.79
C GLY A 181 28.60 38.59 2.97
N ASN A 182 29.01 38.20 4.19
CA ASN A 182 28.67 38.89 5.47
C ASN A 182 29.29 40.28 5.54
N LEU A 183 30.45 40.50 4.93
CA LEU A 183 31.15 41.82 4.91
C LEU A 183 30.41 42.80 3.97
N LYS A 184 29.94 42.33 2.81
CA LYS A 184 29.24 43.17 1.80
C LYS A 184 27.90 43.66 2.35
N GLN A 185 27.18 42.80 3.08
CA GLN A 185 25.83 43.09 3.64
C GLN A 185 25.90 44.10 4.80
N SER A 186 27.07 44.23 5.45
CA SER A 186 27.31 45.13 6.61
C SER A 186 28.14 46.37 6.24
N ASN A 187 28.67 46.42 5.01
CA ASN A 187 29.59 47.47 4.50
C ASN A 187 30.85 47.54 5.37
N THR A 188 31.37 46.39 5.81
CA THR A 188 32.53 46.22 6.73
C THR A 188 33.81 45.99 5.90
N LEU A 189 34.87 46.78 6.15
CA LEU A 189 36.23 46.54 5.59
C LEU A 189 36.95 45.53 6.48
N LEU A 190 37.60 44.52 5.89
CA LEU A 190 38.47 43.54 6.61
C LEU A 190 39.88 43.63 6.06
N ILE A 191 40.88 43.95 6.91
CA ILE A 191 42.31 44.02 6.51
C ILE A 191 43.05 42.86 7.15
N PHE A 192 43.53 41.91 6.34
CA PHE A 192 44.46 40.83 6.74
C PHE A 192 45.89 41.33 6.58
N ILE A 193 46.73 41.17 7.60
CA ILE A 193 48.20 41.32 7.50
C ILE A 193 48.80 39.92 7.32
N ASN A 194 49.86 39.81 6.51
CA ASN A 194 50.46 38.52 6.09
C ASN A 194 51.99 38.64 6.08
N GLN A 195 52.69 37.62 6.56
CA GLN A 195 54.17 37.54 6.57
C GLN A 195 54.62 36.88 5.26
N ILE A 196 55.83 37.19 4.82
CA ILE A 196 56.48 36.54 3.63
C ILE A 196 57.20 35.27 4.09
N ARG A 197 57.19 34.24 3.25
CA ARG A 197 58.03 33.02 3.36
C ARG A 197 58.72 32.79 2.02
N MET A 198 59.76 31.95 2.01
CA MET A 198 60.58 31.61 0.81
C MET A 198 60.23 30.18 0.38
N LYS A 199 59.75 29.99 -0.86
CA LYS A 199 59.46 28.66 -1.46
C LYS A 199 60.76 28.04 -1.97
N ILE A 200 61.00 26.76 -1.66
CA ILE A 200 62.29 26.05 -1.93
C ILE A 200 62.06 25.03 -3.06
N GLY A 201 62.99 25.00 -4.02
CA GLY A 201 62.95 24.15 -5.23
C GLY A 201 62.47 24.89 -6.48
N VAL A 202 62.65 26.21 -6.55
CA VAL A 202 62.31 27.08 -7.73
C VAL A 202 63.37 28.19 -7.84
N MET A 203 63.78 28.52 -9.08
CA MET A 203 64.72 29.64 -9.42
C MET A 203 64.02 30.70 -10.30
N PHE A 204 63.16 30.28 -11.24
CA PHE A 204 62.39 31.16 -12.17
C PHE A 204 61.36 32.00 -11.39
N GLY A 205 60.99 33.17 -11.95
CA GLY A 205 60.03 34.12 -11.36
C GLY A 205 60.60 34.81 -10.13
N ASN A 206 60.05 34.52 -8.95
CA ASN A 206 60.60 34.93 -7.63
C ASN A 206 60.35 33.82 -6.60
N PRO A 207 61.23 33.63 -5.58
CA PRO A 207 61.02 32.61 -4.55
C PRO A 207 60.17 33.05 -3.34
N GLU A 208 59.64 34.29 -3.33
CA GLU A 208 58.83 34.84 -2.21
C GLU A 208 57.37 34.37 -2.33
N THR A 209 56.81 33.87 -1.22
CA THR A 209 55.40 33.39 -1.08
C THR A 209 54.74 34.15 0.08
N THR A 210 53.46 33.88 0.32
CA THR A 210 52.66 34.35 1.49
C THR A 210 52.08 33.13 2.21
N THR A 211 51.85 33.21 3.52
CA THR A 211 51.27 32.12 4.36
C THR A 211 49.76 31.97 4.08
N GLY A 212 49.20 30.82 4.46
CA GLY A 212 47.74 30.59 4.57
C GLY A 212 47.07 30.20 3.26
N GLY A 213 47.83 29.79 2.24
CA GLY A 213 47.30 29.20 1.00
C GLY A 213 46.87 30.24 -0.02
N ASN A 214 46.09 29.79 -1.02
CA ASN A 214 45.82 30.52 -2.27
C ASN A 214 44.48 31.27 -2.22
N ALA A 215 43.58 30.98 -1.26
CA ALA A 215 42.21 31.56 -1.21
C ALA A 215 42.27 33.08 -1.12
N LEU A 216 43.08 33.63 -0.21
CA LEU A 216 43.08 35.08 0.11
C LEU A 216 43.52 35.91 -1.11
N LYS A 217 44.45 35.42 -1.95
CA LYS A 217 44.85 36.09 -3.22
C LYS A 217 43.62 36.39 -4.10
N PHE A 218 42.69 35.44 -4.18
CA PHE A 218 41.49 35.48 -5.06
C PHE A 218 40.41 36.40 -4.48
N TYR A 219 40.17 36.35 -3.16
CA TYR A 219 39.05 37.04 -2.49
C TYR A 219 39.41 38.51 -2.22
N ALA A 220 40.69 38.82 -2.01
CA ALA A 220 41.21 40.20 -1.79
C ALA A 220 40.82 41.09 -2.97
N SER A 221 40.26 42.27 -2.70
CA SER A 221 39.96 43.32 -3.71
C SER A 221 41.16 44.24 -3.88
N VAL A 222 42.02 44.35 -2.87
CA VAL A 222 43.32 45.09 -2.92
C VAL A 222 44.38 44.22 -2.25
N ARG A 223 45.62 44.23 -2.77
CA ARG A 223 46.81 43.61 -2.16
C ARG A 223 47.99 44.58 -2.25
N LEU A 224 48.61 44.90 -1.12
CA LEU A 224 49.72 45.89 -1.00
C LEU A 224 50.99 45.17 -0.55
N ASP A 225 52.12 45.45 -1.22
CA ASP A 225 53.47 44.90 -0.93
C ASP A 225 54.31 46.07 -0.38
N ILE A 226 54.47 46.13 0.94
CA ILE A 226 55.15 47.26 1.65
C ILE A 226 56.58 46.83 2.00
N ARG A 227 57.55 47.75 1.81
CA ARG A 227 59.01 47.47 1.92
C ARG A 227 59.76 48.71 2.43
N ARG A 228 60.70 48.51 3.34
CA ARG A 228 61.68 49.52 3.81
C ARG A 228 62.82 49.61 2.79
N ILE A 229 63.08 50.81 2.24
CA ILE A 229 64.07 51.03 1.12
C ILE A 229 65.20 51.98 1.57
N GLY A 230 65.28 52.34 2.86
CA GLY A 230 66.31 53.27 3.38
C GLY A 230 65.97 53.80 4.76
N ALA A 231 66.85 54.66 5.30
CA ALA A 231 66.75 55.31 6.62
C ALA A 231 66.52 56.82 6.47
N VAL A 232 65.76 57.40 7.39
CA VAL A 232 65.56 58.87 7.58
C VAL A 232 66.41 59.29 8.79
N LYS A 233 67.43 60.14 8.57
CA LYS A 233 68.46 60.49 9.59
C LYS A 233 68.42 61.99 9.92
N GLU A 234 68.73 62.32 11.18
CA GLU A 234 69.03 63.69 11.68
C GLU A 234 70.55 63.75 11.94
N GLY A 235 71.33 63.64 10.86
CA GLY A 235 72.80 63.56 10.90
C GLY A 235 73.28 62.20 11.37
N GLU A 236 73.16 61.95 12.68
CA GLU A 236 73.67 60.74 13.39
C GLU A 236 72.49 59.80 13.67
N ASN A 237 71.47 60.29 14.38
CA ASN A 237 70.30 59.51 14.90
C ASN A 237 69.38 59.10 13.73
N VAL A 238 69.14 57.79 13.56
CA VAL A 238 68.13 57.23 12.61
C VAL A 238 66.75 57.49 13.23
N VAL A 239 66.00 58.42 12.64
CA VAL A 239 64.73 59.00 13.21
C VAL A 239 63.50 58.28 12.61
N GLY A 240 63.62 57.67 11.43
CA GLY A 240 62.51 56.98 10.75
C GLY A 240 62.95 56.08 9.61
N SER A 241 61.99 55.55 8.85
CA SER A 241 62.16 54.63 7.70
C SER A 241 61.59 55.27 6.44
N GLU A 242 62.33 55.18 5.32
CA GLU A 242 61.84 55.55 3.96
C GLU A 242 61.20 54.29 3.34
N THR A 243 59.89 54.36 3.06
CA THR A 243 59.01 53.19 2.79
C THR A 243 58.50 53.27 1.35
N ARG A 244 58.29 52.12 0.71
CA ARG A 244 57.66 51.98 -0.64
C ARG A 244 56.53 50.95 -0.57
N VAL A 245 55.34 51.30 -1.06
CA VAL A 245 54.15 50.40 -1.15
C VAL A 245 53.80 50.23 -2.64
N LYS A 246 53.74 48.98 -3.10
CA LYS A 246 53.28 48.59 -4.47
C LYS A 246 51.86 48.04 -4.39
N VAL A 247 50.96 48.54 -5.23
CA VAL A 247 49.57 48.00 -5.38
C VAL A 247 49.65 46.83 -6.38
N VAL A 248 49.75 45.61 -5.84
CA VAL A 248 50.06 44.35 -6.59
C VAL A 248 48.78 43.77 -7.18
N LYS A 249 47.62 44.01 -6.55
CA LYS A 249 46.27 43.67 -7.08
C LYS A 249 45.32 44.83 -6.79
N ASN A 250 44.38 45.09 -7.68
CA ASN A 250 43.33 46.13 -7.52
C ASN A 250 42.13 45.78 -8.42
N LYS A 251 40.94 45.65 -7.84
CA LYS A 251 39.65 45.45 -8.56
C LYS A 251 38.88 46.78 -8.68
N ILE A 252 39.31 47.78 -7.93
CA ILE A 252 38.57 49.06 -7.69
C ILE A 252 39.04 50.12 -8.70
N ALA A 253 40.27 49.98 -9.20
CA ALA A 253 40.93 50.86 -10.20
C ALA A 253 42.17 50.17 -10.78
N ALA A 254 42.96 50.84 -11.61
CA ALA A 254 44.14 50.25 -12.30
C ALA A 254 45.24 49.92 -11.29
N PRO A 255 45.85 48.71 -11.35
CA PRO A 255 46.95 48.32 -10.46
C PRO A 255 48.37 48.71 -10.91
N PHE A 256 49.37 48.26 -10.15
CA PHE A 256 50.84 48.35 -10.40
C PHE A 256 51.35 49.79 -10.28
N LYS A 257 50.58 50.68 -9.64
CA LYS A 257 51.04 52.03 -9.17
C LYS A 257 51.68 51.86 -7.79
N GLN A 258 52.66 52.72 -7.46
CA GLN A 258 53.42 52.64 -6.18
C GLN A 258 53.48 54.03 -5.52
N ALA A 259 53.67 54.01 -4.20
CA ALA A 259 53.66 55.18 -3.30
C ALA A 259 54.90 55.14 -2.40
N GLU A 260 55.63 56.26 -2.30
CA GLU A 260 56.79 56.45 -1.40
C GLU A 260 56.43 57.48 -0.31
N PHE A 261 56.83 57.21 0.93
CA PHE A 261 56.62 58.10 2.10
C PHE A 261 57.56 57.73 3.24
N GLN A 262 57.60 58.57 4.29
CA GLN A 262 58.43 58.40 5.51
C GLN A 262 57.55 57.99 6.69
N ILE A 263 57.87 56.88 7.36
CA ILE A 263 57.36 56.52 8.71
C ILE A 263 58.40 57.02 9.72
N LEU A 264 58.04 58.03 10.52
CA LEU A 264 58.88 58.58 11.63
C LEU A 264 58.47 57.91 12.94
N TYR A 265 59.45 57.45 13.73
CA TYR A 265 59.24 56.62 14.95
C TYR A 265 58.57 57.47 16.04
N GLY A 266 57.32 57.12 16.39
CA GLY A 266 56.53 57.78 17.44
C GLY A 266 55.52 58.78 16.90
N GLU A 267 55.61 59.17 15.62
CA GLU A 267 54.68 60.09 14.92
C GLU A 267 53.74 59.30 14.01
N GLY A 268 54.30 58.45 13.14
CA GLY A 268 53.60 57.69 12.09
C GLY A 268 54.01 58.15 10.71
N ILE A 269 53.08 58.19 9.76
CA ILE A 269 53.33 58.59 8.34
C ILE A 269 53.51 60.11 8.30
N ASN A 270 54.55 60.58 7.60
CA ASN A 270 54.89 62.02 7.43
C ASN A 270 53.99 62.59 6.34
N PHE A 271 52.87 63.22 6.72
CA PHE A 271 51.85 63.79 5.80
C PHE A 271 52.45 64.93 4.97
N TYR A 272 53.21 65.83 5.60
CA TYR A 272 53.79 67.04 4.97
C TYR A 272 54.97 66.68 4.07
N GLY A 273 55.69 65.57 4.35
CA GLY A 273 56.73 65.00 3.49
C GLY A 273 56.19 64.63 2.11
N GLU A 274 54.99 64.04 2.07
CA GLU A 274 54.25 63.70 0.82
C GLU A 274 53.80 64.98 0.11
N LEU A 275 53.17 65.89 0.86
CA LEU A 275 52.51 67.13 0.37
C LEU A 275 53.52 68.03 -0.36
N VAL A 276 54.78 68.04 0.08
CA VAL A 276 55.91 68.73 -0.61
C VAL A 276 56.17 68.03 -1.95
N ASP A 277 56.39 66.70 -1.94
CA ASP A 277 56.73 65.88 -3.14
C ASP A 277 55.65 66.03 -4.21
N LEU A 278 54.37 66.04 -3.82
CA LEU A 278 53.21 66.14 -4.76
C LEU A 278 53.06 67.59 -5.25
N GLY A 279 53.35 68.59 -4.40
CA GLY A 279 53.42 70.01 -4.78
C GLY A 279 54.50 70.28 -5.83
N VAL A 280 55.67 69.62 -5.70
CA VAL A 280 56.83 69.72 -6.64
C VAL A 280 56.45 69.11 -8.00
N LYS A 281 55.89 67.90 -7.99
CA LYS A 281 55.57 67.09 -9.20
C LYS A 281 54.43 67.75 -10.00
N GLU A 282 53.52 68.48 -9.33
CA GLU A 282 52.36 69.19 -9.95
C GLU A 282 52.64 70.69 -10.15
N LYS A 283 53.90 71.13 -10.00
CA LYS A 283 54.39 72.49 -10.39
C LYS A 283 53.69 73.59 -9.58
N LEU A 284 53.31 73.31 -8.32
CA LEU A 284 52.81 74.30 -7.34
C LEU A 284 53.98 74.81 -6.48
N ILE A 285 55.05 74.03 -6.35
CA ILE A 285 56.32 74.38 -5.64
C ILE A 285 57.48 74.24 -6.64
N GLU A 286 58.36 75.24 -6.73
CA GLU A 286 59.55 75.26 -7.63
C GLU A 286 60.76 74.71 -6.89
N LYS A 287 61.58 73.89 -7.58
CA LYS A 287 62.84 73.29 -7.05
C LYS A 287 64.04 73.92 -7.76
N ALA A 288 64.83 74.73 -7.04
CA ALA A 288 66.07 75.39 -7.51
C ALA A 288 67.28 74.64 -6.93
N GLY A 289 67.52 73.41 -7.39
CA GLY A 289 68.61 72.52 -6.95
C GLY A 289 68.23 71.77 -5.68
N ALA A 290 68.71 72.24 -4.52
CA ALA A 290 68.34 71.75 -3.17
C ALA A 290 67.40 72.75 -2.46
N TRP A 291 67.05 73.88 -3.10
CA TRP A 291 66.15 74.94 -2.58
C TRP A 291 64.73 74.72 -3.11
N TYR A 292 63.76 74.52 -2.20
CA TYR A 292 62.30 74.51 -2.49
C TYR A 292 61.76 75.93 -2.29
N SER A 293 60.96 76.41 -3.26
CA SER A 293 60.38 77.79 -3.30
C SER A 293 58.90 77.72 -3.69
N TYR A 294 58.02 78.32 -2.87
CA TYR A 294 56.55 78.44 -3.09
C TYR A 294 56.22 79.90 -3.40
N LYS A 295 55.77 80.17 -4.64
CA LYS A 295 55.24 81.48 -5.11
C LYS A 295 56.36 82.54 -5.15
N GLY A 296 57.62 82.11 -5.27
CA GLY A 296 58.82 82.98 -5.21
C GLY A 296 59.55 82.88 -3.88
N GLU A 297 58.82 82.99 -2.76
CA GLU A 297 59.37 83.07 -1.38
C GLU A 297 59.97 81.69 -1.03
N LYS A 298 61.23 81.67 -0.57
CA LYS A 298 62.03 80.43 -0.37
C LYS A 298 61.60 79.75 0.94
N ILE A 299 60.84 78.65 0.83
CA ILE A 299 60.24 77.91 1.98
C ILE A 299 61.35 77.22 2.80
N GLY A 300 62.43 76.78 2.15
CA GLY A 300 63.62 76.24 2.83
C GLY A 300 64.57 75.54 1.86
N GLN A 301 65.69 75.03 2.40
CA GLN A 301 66.71 74.22 1.68
C GLN A 301 66.76 72.83 2.33
N GLY A 302 66.57 71.78 1.53
CA GLY A 302 66.38 70.40 2.01
C GLY A 302 64.91 70.10 2.28
N LYS A 303 64.56 68.80 2.31
CA LYS A 303 63.17 68.30 2.52
C LYS A 303 62.73 68.60 3.96
N ALA A 304 63.59 68.34 4.95
CA ALA A 304 63.31 68.47 6.41
C ALA A 304 62.95 69.91 6.79
N ASN A 305 63.70 70.89 6.26
CA ASN A 305 63.51 72.35 6.53
C ASN A 305 62.27 72.87 5.78
N ALA A 306 62.01 72.36 4.57
CA ALA A 306 60.81 72.64 3.74
C ALA A 306 59.55 72.13 4.46
N THR A 307 59.58 70.88 4.95
CA THR A 307 58.44 70.20 5.66
C THR A 307 58.21 70.89 7.01
N ALA A 308 59.27 71.39 7.66
CA ALA A 308 59.22 72.19 8.91
C ALA A 308 58.48 73.52 8.65
N TRP A 309 58.77 74.20 7.53
CA TRP A 309 58.13 75.48 7.12
C TRP A 309 56.62 75.30 6.94
N LEU A 310 56.20 74.30 6.15
CA LEU A 310 54.77 73.97 5.87
C LEU A 310 54.00 73.63 7.16
N LYS A 311 54.70 73.11 8.18
CA LYS A 311 54.16 72.86 9.54
C LYS A 311 53.83 74.21 10.21
N ASP A 312 54.73 75.20 10.09
CA ASP A 312 54.64 76.55 10.75
C ASP A 312 53.53 77.41 10.12
N ASN A 313 53.22 77.24 8.82
CA ASN A 313 52.10 77.93 8.12
C ASN A 313 51.10 76.86 7.65
N PRO A 314 50.11 76.47 8.49
CA PRO A 314 49.03 75.57 8.08
C PRO A 314 48.10 76.03 6.95
N GLU A 315 48.01 77.34 6.67
CA GLU A 315 47.09 77.93 5.65
C GLU A 315 47.53 77.51 4.24
N THR A 316 48.80 77.79 3.89
CA THR A 316 49.41 77.50 2.57
C THR A 316 49.51 75.98 2.34
N ALA A 317 49.69 75.19 3.40
CA ALA A 317 49.62 73.71 3.39
C ALA A 317 48.19 73.26 3.09
N LYS A 318 47.18 73.94 3.66
CA LYS A 318 45.72 73.66 3.45
C LYS A 318 45.36 73.88 1.97
N GLU A 319 45.84 74.97 1.36
CA GLU A 319 45.47 75.40 -0.02
C GLU A 319 46.16 74.46 -1.04
N ILE A 320 47.41 74.05 -0.78
CA ILE A 320 48.18 73.08 -1.63
C ILE A 320 47.48 71.71 -1.57
N GLU A 321 47.08 71.24 -0.37
CA GLU A 321 46.36 69.96 -0.15
C GLU A 321 45.09 69.94 -1.01
N LYS A 322 44.27 70.98 -0.87
CA LYS A 322 43.01 71.21 -1.63
C LYS A 322 43.19 70.98 -3.13
N LYS A 323 44.18 71.65 -3.74
CA LYS A 323 44.33 71.74 -5.22
C LYS A 323 45.18 70.58 -5.77
N VAL A 324 45.96 69.88 -4.93
CA VAL A 324 46.58 68.56 -5.27
C VAL A 324 45.48 67.49 -5.33
N ARG A 325 44.56 67.49 -4.36
CA ARG A 325 43.36 66.60 -4.31
C ARG A 325 42.46 66.87 -5.52
N GLU A 326 42.15 68.15 -5.77
CA GLU A 326 41.34 68.67 -6.91
C GLU A 326 41.88 68.11 -8.25
N LEU A 327 43.21 68.01 -8.38
CA LEU A 327 43.92 67.69 -9.66
C LEU A 327 44.05 66.16 -9.85
N LEU A 328 44.47 65.42 -8.80
CA LEU A 328 45.00 64.02 -8.93
C LEU A 328 44.00 62.96 -8.43
N LEU A 329 43.13 63.26 -7.45
CA LEU A 329 42.02 62.33 -7.07
C LEU A 329 40.98 62.34 -8.22
N SER A 330 41.07 61.34 -9.11
CA SER A 330 40.35 61.24 -10.41
C SER A 330 38.96 60.62 -10.26
N ASN A 331 38.65 60.00 -9.11
CA ASN A 331 37.32 59.44 -8.74
C ASN A 331 36.77 60.24 -7.55
N PRO A 332 36.06 61.39 -7.77
CA PRO A 332 35.55 62.20 -6.66
C PRO A 332 34.59 61.50 -5.68
N ASN A 333 34.57 61.97 -4.43
CA ASN A 333 33.68 61.48 -3.34
C ASN A 333 32.24 61.90 -3.63
N SER A 334 31.26 61.10 -3.17
CA SER A 334 29.80 61.28 -3.40
C SER A 334 29.03 61.09 -2.09
N ALA B 2 9.74 -8.76 -47.17
CA ALA B 2 9.27 -9.95 -46.35
C ALA B 2 9.84 -9.87 -44.93
N ILE B 3 11.18 -9.86 -44.80
CA ILE B 3 11.92 -9.87 -43.51
C ILE B 3 12.05 -8.41 -42.99
N ASP B 4 12.35 -7.46 -43.88
CA ASP B 4 12.65 -6.03 -43.55
C ASP B 4 11.34 -5.22 -43.46
N GLU B 5 10.20 -5.77 -43.91
CA GLU B 5 8.87 -5.11 -43.87
C GLU B 5 8.30 -5.13 -42.44
N ASN B 6 8.36 -6.29 -41.77
CA ASN B 6 7.84 -6.50 -40.39
C ASN B 6 8.60 -5.62 -39.39
N LYS B 7 9.92 -5.41 -39.60
CA LYS B 7 10.78 -4.53 -38.77
C LYS B 7 10.32 -3.07 -38.89
N GLN B 8 10.12 -2.57 -40.13
CA GLN B 8 9.69 -1.17 -40.43
C GLN B 8 8.36 -0.84 -39.76
N LYS B 9 7.46 -1.83 -39.66
CA LYS B 9 6.12 -1.71 -39.01
C LYS B 9 6.26 -1.78 -37.48
N ALA B 10 7.11 -2.66 -36.96
CA ALA B 10 7.42 -2.80 -35.51
C ALA B 10 8.09 -1.52 -34.98
N LEU B 11 8.96 -0.91 -35.80
CA LEU B 11 9.63 0.39 -35.51
C LEU B 11 8.59 1.50 -35.45
N ALA B 12 7.79 1.65 -36.52
CA ALA B 12 6.74 2.69 -36.68
C ALA B 12 5.73 2.65 -35.51
N ALA B 13 5.35 1.46 -35.06
CA ALA B 13 4.43 1.24 -33.91
C ALA B 13 5.07 1.72 -32.60
N ALA B 14 6.35 1.39 -32.38
CA ALA B 14 7.14 1.77 -31.18
C ALA B 14 7.29 3.30 -31.12
N LEU B 15 7.65 3.92 -32.25
CA LEU B 15 7.80 5.41 -32.39
C LEU B 15 6.46 6.10 -32.16
N GLY B 16 5.35 5.53 -32.64
CA GLY B 16 3.98 5.98 -32.33
C GLY B 16 3.70 5.91 -30.83
N GLN B 17 4.04 4.79 -30.20
CA GLN B 17 3.79 4.50 -28.75
C GLN B 17 4.65 5.41 -27.86
N ILE B 18 5.90 5.72 -28.27
CA ILE B 18 6.83 6.60 -27.52
C ILE B 18 6.30 8.04 -27.60
N GLU B 19 5.95 8.50 -28.81
CA GLU B 19 5.45 9.88 -29.07
C GLU B 19 4.08 10.09 -28.43
N LYS B 20 3.27 9.04 -28.30
CA LYS B 20 2.00 9.06 -27.52
C LYS B 20 2.33 9.33 -26.03
N GLN B 21 3.25 8.55 -25.46
CA GLN B 21 3.55 8.49 -24.00
C GLN B 21 4.26 9.77 -23.54
N PHE B 22 5.27 10.23 -24.28
CA PHE B 22 6.25 11.26 -23.84
C PHE B 22 6.14 12.58 -24.60
N GLY B 23 5.40 12.66 -25.71
CA GLY B 23 5.12 13.93 -26.41
C GLY B 23 5.64 13.93 -27.84
N LYS B 24 5.68 15.10 -28.47
CA LYS B 24 5.78 15.25 -29.94
C LYS B 24 7.19 14.87 -30.42
N GLY B 25 8.20 15.64 -30.00
CA GLY B 25 9.61 15.46 -30.45
C GLY B 25 10.43 14.68 -29.45
N SER B 26 9.85 13.65 -28.82
CA SER B 26 10.50 12.80 -27.79
C SER B 26 11.50 11.84 -28.45
N ILE B 27 11.24 11.43 -29.69
CA ILE B 27 12.20 10.62 -30.50
C ILE B 27 12.05 10.98 -31.98
N MET B 28 13.15 11.30 -32.64
CA MET B 28 13.16 11.55 -34.09
C MET B 28 14.56 11.31 -34.66
N ARG B 29 14.65 11.28 -35.99
CA ARG B 29 15.90 11.05 -36.72
C ARG B 29 16.78 12.30 -36.58
N LEU B 30 18.07 12.10 -36.32
CA LEU B 30 19.03 13.16 -35.93
C LEU B 30 19.16 14.19 -37.06
N GLY B 31 19.02 13.76 -38.32
CA GLY B 31 19.08 14.62 -39.51
C GLY B 31 17.94 15.63 -39.55
N GLU B 32 16.78 15.29 -38.98
CA GLU B 32 15.55 16.11 -39.04
C GLU B 32 15.42 17.04 -37.81
N ASP B 33 16.35 17.00 -36.85
CA ASP B 33 16.26 17.73 -35.55
C ASP B 33 17.09 19.02 -35.63
N ARG B 34 16.42 20.18 -35.72
CA ARG B 34 17.03 21.52 -35.81
C ARG B 34 17.42 22.04 -34.42
N SER B 35 16.76 21.54 -33.35
CA SER B 35 17.11 21.79 -31.93
C SER B 35 18.58 21.43 -31.66
N MET B 36 19.05 20.39 -32.33
CA MET B 36 20.37 19.73 -32.11
C MET B 36 21.50 20.46 -32.85
N ASP B 37 21.20 21.49 -33.65
CA ASP B 37 22.21 22.30 -34.40
C ASP B 37 22.90 23.29 -33.46
N VAL B 38 24.21 23.47 -33.62
CA VAL B 38 25.08 24.32 -32.74
C VAL B 38 25.08 25.76 -33.25
N GLU B 39 24.58 26.69 -32.43
CA GLU B 39 24.56 28.15 -32.64
C GLU B 39 25.59 28.76 -31.67
N THR B 40 26.31 29.82 -32.09
CA THR B 40 27.43 30.44 -31.32
C THR B 40 27.18 31.95 -31.10
N ILE B 41 28.04 32.53 -30.26
CA ILE B 41 28.00 33.94 -29.74
C ILE B 41 29.46 34.43 -29.73
N SER B 42 29.74 35.65 -30.21
CA SER B 42 31.09 36.28 -30.14
C SER B 42 31.59 36.30 -28.68
N THR B 43 32.90 36.11 -28.49
CA THR B 43 33.60 36.26 -27.18
C THR B 43 34.09 37.70 -26.96
N GLY B 44 33.99 38.58 -27.96
CA GLY B 44 34.62 39.92 -27.96
C GLY B 44 36.00 39.88 -28.61
N SER B 45 36.84 38.91 -28.21
CA SER B 45 38.13 38.58 -28.86
C SER B 45 37.87 37.87 -30.20
N LEU B 46 38.65 38.21 -31.23
CA LEU B 46 38.62 37.58 -32.58
C LEU B 46 39.56 36.38 -32.63
N SER B 47 40.71 36.47 -31.96
CA SER B 47 41.70 35.36 -31.80
C SER B 47 41.06 34.18 -31.04
N LEU B 48 40.20 34.46 -30.05
CA LEU B 48 39.49 33.42 -29.26
C LEU B 48 38.35 32.80 -30.10
N ASP B 49 37.69 33.56 -30.97
CA ASP B 49 36.65 33.02 -31.90
C ASP B 49 37.29 32.05 -32.92
N ILE B 50 38.54 32.30 -33.33
CA ILE B 50 39.31 31.39 -34.22
C ILE B 50 39.70 30.12 -33.45
N ALA B 51 40.28 30.26 -32.25
CA ALA B 51 40.73 29.13 -31.40
C ALA B 51 39.58 28.19 -31.08
N LEU B 52 38.37 28.72 -30.85
CA LEU B 52 37.19 27.90 -30.48
C LEU B 52 36.64 27.14 -31.69
N GLY B 53 37.02 27.50 -32.92
CA GLY B 53 36.78 26.68 -34.12
C GLY B 53 35.45 26.98 -34.78
N ALA B 54 34.36 27.06 -34.00
CA ALA B 54 32.98 27.33 -34.49
C ALA B 54 32.65 28.83 -34.43
N GLY B 55 33.64 29.71 -34.22
CA GLY B 55 33.43 31.17 -34.20
C GLY B 55 32.71 31.66 -32.96
N GLY B 56 32.93 31.03 -31.79
CA GLY B 56 32.44 31.52 -30.49
C GLY B 56 31.87 30.43 -29.59
N LEU B 57 31.12 30.84 -28.57
CA LEU B 57 30.69 29.96 -27.44
C LEU B 57 29.30 29.40 -27.73
N PRO B 58 29.10 28.07 -27.56
CA PRO B 58 27.86 27.43 -28.01
C PRO B 58 26.66 27.70 -27.09
N MET B 59 25.53 28.12 -27.66
CA MET B 59 24.26 28.34 -26.92
C MET B 59 23.67 26.99 -26.53
N GLY B 60 23.02 26.93 -25.38
CA GLY B 60 22.41 25.72 -24.83
C GLY B 60 23.39 24.89 -24.02
N ARG B 61 24.62 25.37 -23.86
CA ARG B 61 25.73 24.61 -23.26
C ARG B 61 26.23 25.26 -21.97
N ILE B 62 27.10 24.54 -21.27
CA ILE B 62 27.85 24.97 -20.06
C ILE B 62 29.29 25.25 -20.49
N VAL B 63 29.89 26.31 -19.97
CA VAL B 63 31.28 26.78 -20.26
C VAL B 63 31.98 27.03 -18.94
N GLU B 64 33.24 26.64 -18.82
CA GLU B 64 34.09 26.91 -17.64
C GLU B 64 35.21 27.85 -18.08
N ILE B 65 35.53 28.86 -17.29
CA ILE B 65 36.72 29.75 -17.45
C ILE B 65 37.46 29.70 -16.12
N TYR B 66 38.71 29.27 -16.12
CA TYR B 66 39.52 29.12 -14.88
C TYR B 66 40.90 29.71 -15.11
N GLY B 67 41.57 30.06 -14.01
CA GLY B 67 42.88 30.72 -14.09
C GLY B 67 43.36 31.22 -12.74
N PRO B 68 44.59 31.76 -12.66
CA PRO B 68 45.09 32.42 -11.45
C PRO B 68 44.39 33.75 -11.16
N GLU B 69 44.74 34.36 -10.03
CA GLU B 69 44.17 35.66 -9.59
C GLU B 69 44.55 36.74 -10.61
N SER B 70 43.61 37.63 -10.90
CA SER B 70 43.79 38.82 -11.78
C SER B 70 44.39 38.43 -13.14
N SER B 71 43.79 37.43 -13.80
CA SER B 71 44.18 36.93 -15.14
C SER B 71 43.23 37.45 -16.23
N GLY B 72 41.98 37.80 -15.89
CA GLY B 72 41.02 38.42 -16.81
C GLY B 72 39.70 37.65 -16.94
N LYS B 73 39.39 36.76 -16.00
CA LYS B 73 38.21 35.87 -16.03
C LYS B 73 36.92 36.70 -16.03
N THR B 74 36.79 37.65 -15.10
CA THR B 74 35.59 38.53 -15.01
C THR B 74 35.54 39.43 -16.26
N THR B 75 36.63 40.12 -16.57
CA THR B 75 36.76 41.03 -17.75
C THR B 75 36.28 40.31 -19.01
N LEU B 76 36.74 39.06 -19.24
CA LEU B 76 36.38 38.23 -20.42
C LEU B 76 34.87 37.94 -20.42
N THR B 77 34.29 37.51 -19.29
CA THR B 77 32.83 37.23 -19.21
C THR B 77 32.00 38.50 -19.44
N LEU B 78 32.48 39.68 -19.05
CA LEU B 78 31.73 40.95 -19.28
C LEU B 78 31.78 41.35 -20.76
N GLN B 79 32.90 41.10 -21.45
CA GLN B 79 33.04 41.38 -22.91
C GLN B 79 32.19 40.39 -23.71
N VAL B 80 31.86 39.21 -23.17
CA VAL B 80 30.89 38.26 -23.77
C VAL B 80 29.48 38.85 -23.64
N ILE B 81 29.12 39.32 -22.45
CA ILE B 81 27.78 39.92 -22.16
C ILE B 81 27.62 41.17 -23.03
N ALA B 82 28.64 42.02 -23.08
CA ALA B 82 28.65 43.29 -23.86
C ALA B 82 28.25 43.00 -25.31
N ALA B 83 28.93 42.05 -25.94
CA ALA B 83 28.66 41.61 -27.34
C ALA B 83 27.24 41.07 -27.46
N ALA B 84 26.76 40.28 -26.49
CA ALA B 84 25.42 39.64 -26.52
C ALA B 84 24.31 40.69 -26.35
N GLN B 85 24.57 41.78 -25.62
CA GLN B 85 23.59 42.89 -25.43
C GLN B 85 23.49 43.71 -26.72
N ARG B 86 24.57 43.84 -27.48
CA ARG B 86 24.58 44.52 -28.81
C ARG B 86 23.83 43.70 -29.87
N GLU B 87 23.49 42.43 -29.61
CA GLU B 87 22.60 41.59 -30.46
C GLU B 87 21.25 41.36 -29.76
N GLY B 88 20.85 42.25 -28.85
CA GLY B 88 19.51 42.31 -28.25
C GLY B 88 19.17 41.12 -27.36
N LYS B 89 20.17 40.46 -26.78
CA LYS B 89 19.98 39.31 -25.85
C LYS B 89 19.98 39.84 -24.42
N THR B 90 19.16 39.22 -23.56
CA THR B 90 19.04 39.51 -22.10
C THR B 90 20.08 38.66 -21.36
N CYS B 91 20.75 39.22 -20.35
CA CYS B 91 21.85 38.57 -19.60
C CYS B 91 21.70 38.73 -18.10
N ALA B 92 22.22 37.77 -17.34
CA ALA B 92 22.19 37.74 -15.86
C ALA B 92 23.59 37.49 -15.33
N PHE B 93 23.93 38.12 -14.21
CA PHE B 93 25.23 37.99 -13.50
C PHE B 93 24.98 37.60 -12.05
N ILE B 94 25.32 36.36 -11.68
CA ILE B 94 25.29 35.85 -10.28
C ILE B 94 26.67 36.11 -9.67
N ASP B 95 26.79 37.10 -8.77
CA ASP B 95 28.09 37.57 -8.20
C ASP B 95 28.28 36.98 -6.80
N ALA B 96 28.52 35.67 -6.73
CA ALA B 96 28.82 34.89 -5.50
C ALA B 96 30.08 35.41 -4.79
N GLU B 97 31.05 35.96 -5.53
CA GLU B 97 32.35 36.45 -5.01
C GLU B 97 32.16 37.80 -4.29
N HIS B 98 31.06 38.52 -4.59
CA HIS B 98 30.67 39.83 -3.99
C HIS B 98 31.74 40.88 -4.31
N ALA B 99 32.08 41.03 -5.59
CA ALA B 99 33.18 41.93 -6.05
C ALA B 99 32.99 42.37 -7.50
N LEU B 100 31.76 42.70 -7.91
CA LEU B 100 31.48 43.35 -9.21
C LEU B 100 31.47 44.88 -9.01
N ASP B 101 32.22 45.60 -9.86
CA ASP B 101 32.25 47.09 -9.92
C ASP B 101 31.40 47.51 -11.11
N PRO B 102 30.15 48.04 -10.92
CA PRO B 102 29.32 48.44 -12.05
C PRO B 102 29.84 49.60 -12.91
N ILE B 103 30.78 50.41 -12.43
CA ILE B 103 31.40 51.49 -13.25
C ILE B 103 32.37 50.84 -14.25
N TYR B 104 33.15 49.83 -13.84
CA TYR B 104 34.09 49.08 -14.72
C TYR B 104 33.28 48.39 -15.81
N ALA B 105 32.21 47.67 -15.44
CA ALA B 105 31.29 46.99 -16.38
C ALA B 105 30.78 47.95 -17.45
N ARG B 106 30.52 49.23 -17.11
CA ARG B 106 30.00 50.26 -18.04
C ARG B 106 31.10 50.68 -19.02
N LYS B 107 32.35 50.78 -18.57
CA LYS B 107 33.51 51.16 -19.42
C LYS B 107 33.79 50.06 -20.46
N LEU B 108 33.53 48.79 -20.13
CA LEU B 108 33.75 47.64 -21.05
C LEU B 108 32.63 47.56 -22.10
N GLY B 109 31.51 48.24 -21.89
CA GLY B 109 30.43 48.37 -22.88
C GLY B 109 29.19 47.57 -22.53
N VAL B 110 28.97 47.29 -21.23
CA VAL B 110 27.75 46.59 -20.73
C VAL B 110 26.66 47.65 -20.52
N ASP B 111 25.43 47.34 -20.93
CA ASP B 111 24.18 48.03 -20.52
C ASP B 111 23.92 47.67 -19.06
N ILE B 112 24.39 48.50 -18.12
CA ILE B 112 24.24 48.27 -16.65
C ILE B 112 22.74 48.17 -16.34
N ASP B 113 21.92 49.02 -16.98
CA ASP B 113 20.48 49.21 -16.67
C ASP B 113 19.65 47.99 -17.10
N ASN B 114 20.14 47.18 -18.05
CA ASN B 114 19.41 45.98 -18.59
C ASN B 114 20.02 44.66 -18.11
N LEU B 115 21.17 44.67 -17.43
CA LEU B 115 21.85 43.46 -16.91
C LEU B 115 21.22 43.07 -15.57
N LEU B 116 20.64 41.88 -15.46
CA LEU B 116 20.16 41.34 -14.15
C LEU B 116 21.36 40.96 -13.29
N CYS B 117 21.32 41.25 -12.01
CA CYS B 117 22.40 40.98 -11.04
C CYS B 117 21.81 40.38 -9.78
N SER B 118 22.47 39.36 -9.23
CA SER B 118 22.12 38.67 -7.97
C SER B 118 23.38 38.54 -7.11
N GLN B 119 23.30 38.90 -5.82
CA GLN B 119 24.37 38.65 -4.81
C GLN B 119 23.81 37.68 -3.78
N PRO B 120 23.82 36.36 -4.07
CA PRO B 120 23.09 35.38 -3.27
C PRO B 120 23.88 34.99 -2.01
N ASP B 121 23.15 34.55 -0.98
CA ASP B 121 23.69 34.27 0.37
C ASP B 121 24.36 32.90 0.38
N THR B 122 23.70 31.90 -0.22
CA THR B 122 24.13 30.48 -0.28
C THR B 122 24.39 30.04 -1.73
N GLY B 123 25.17 28.97 -1.88
CA GLY B 123 25.42 28.28 -3.15
C GLY B 123 24.16 27.66 -3.71
N GLU B 124 23.26 27.16 -2.85
CA GLU B 124 21.96 26.57 -3.26
C GLU B 124 21.03 27.67 -3.81
N GLN B 125 21.02 28.86 -3.21
CA GLN B 125 20.23 30.03 -3.71
C GLN B 125 20.77 30.46 -5.07
N ALA B 126 22.10 30.50 -5.24
CA ALA B 126 22.77 30.89 -6.50
C ALA B 126 22.38 29.95 -7.64
N LEU B 127 22.30 28.65 -7.37
CA LEU B 127 22.03 27.59 -8.39
C LEU B 127 20.53 27.41 -8.61
N GLU B 128 19.67 27.75 -7.65
CA GLU B 128 18.20 27.79 -7.84
C GLU B 128 17.80 28.98 -8.72
N ILE B 129 18.48 30.12 -8.61
CA ILE B 129 18.23 31.32 -9.47
C ILE B 129 18.62 30.99 -10.92
N CYS B 130 19.74 30.27 -11.13
CA CYS B 130 20.20 29.78 -12.47
C CYS B 130 19.14 28.89 -13.13
N ASP B 131 18.54 27.97 -12.37
CA ASP B 131 17.51 27.02 -12.87
C ASP B 131 16.21 27.79 -13.18
N ALA B 132 15.85 28.75 -12.33
CA ALA B 132 14.64 29.61 -12.46
C ALA B 132 14.71 30.49 -13.70
N LEU B 133 15.88 31.06 -14.00
CA LEU B 133 16.13 31.93 -15.19
C LEU B 133 16.20 31.07 -16.46
N ALA B 134 16.80 29.87 -16.35
CA ALA B 134 16.95 28.89 -17.47
C ALA B 134 15.55 28.47 -17.95
N ARG B 135 14.70 27.99 -17.03
CA ARG B 135 13.31 27.52 -17.33
C ARG B 135 12.48 28.65 -17.95
N SER B 136 12.60 29.88 -17.43
CA SER B 136 11.91 31.11 -17.92
C SER B 136 11.94 31.21 -19.45
N GLY B 137 13.10 30.96 -20.07
CA GLY B 137 13.30 31.09 -21.53
C GLY B 137 13.43 32.53 -21.99
N ALA B 138 13.60 33.50 -21.06
CA ALA B 138 13.73 34.94 -21.33
C ALA B 138 15.19 35.38 -21.33
N VAL B 139 16.05 34.75 -20.52
CA VAL B 139 17.50 35.07 -20.37
C VAL B 139 18.31 34.20 -21.34
N ASP B 140 19.30 34.79 -22.00
CA ASP B 140 20.16 34.15 -23.03
C ASP B 140 21.51 33.74 -22.46
N VAL B 141 22.19 34.63 -21.73
CA VAL B 141 23.53 34.38 -21.14
C VAL B 141 23.46 34.56 -19.63
N ILE B 142 23.85 33.55 -18.86
CA ILE B 142 24.00 33.62 -17.38
C ILE B 142 25.48 33.45 -17.04
N VAL B 143 26.01 34.26 -16.12
CA VAL B 143 27.40 34.14 -15.60
C VAL B 143 27.36 33.94 -14.09
N VAL B 144 27.95 32.85 -13.59
CA VAL B 144 28.14 32.54 -12.15
C VAL B 144 29.59 32.87 -11.78
N ASP B 145 29.83 33.96 -11.04
CA ASP B 145 31.21 34.46 -10.76
C ASP B 145 31.75 33.76 -9.50
N SER B 146 32.74 32.89 -9.77
CA SER B 146 33.41 31.92 -8.88
C SER B 146 32.40 30.91 -8.33
N VAL B 147 32.53 29.69 -8.87
CA VAL B 147 32.16 28.38 -8.25
C VAL B 147 32.73 28.32 -6.83
N ALA B 148 33.98 28.73 -6.64
CA ALA B 148 34.74 28.67 -5.35
C ALA B 148 33.96 29.32 -4.20
N ALA B 149 33.14 30.33 -4.50
CA ALA B 149 32.38 31.14 -3.52
C ALA B 149 30.96 30.58 -3.29
N LEU B 150 30.48 29.65 -4.13
CA LEU B 150 29.19 28.91 -3.90
C LEU B 150 29.33 28.07 -2.63
N THR B 151 29.00 28.68 -1.48
CA THR B 151 29.04 28.05 -0.13
C THR B 151 27.73 27.32 0.11
N PRO B 152 27.71 26.01 0.46
CA PRO B 152 26.47 25.34 0.86
C PRO B 152 25.88 25.89 2.16
N LYS B 153 24.58 25.68 2.38
CA LYS B 153 23.80 26.29 3.50
C LYS B 153 24.26 25.72 4.85
N ALA B 154 24.55 24.42 4.92
CA ALA B 154 25.09 23.70 6.10
C ALA B 154 26.41 24.30 6.59
N GLU B 155 27.23 24.83 5.68
CA GLU B 155 28.56 25.42 5.97
C GLU B 155 28.41 26.87 6.47
N ILE B 156 27.43 27.62 5.95
CA ILE B 156 27.10 29.03 6.35
C ILE B 156 26.58 29.04 7.80
N GLU B 157 25.62 28.15 8.10
CA GLU B 157 25.03 27.96 9.46
C GLU B 157 26.07 27.37 10.43
N GLY B 158 27.02 26.57 9.94
CA GLY B 158 28.05 25.90 10.75
C GLY B 158 29.13 26.84 11.25
N GLU B 159 30.08 26.31 12.03
CA GLU B 159 31.26 27.03 12.58
C GLU B 159 32.46 26.86 11.63
N ILE B 160 33.42 27.78 11.69
CA ILE B 160 34.73 27.66 10.98
C ILE B 160 35.54 26.58 11.70
N GLY B 161 36.11 25.64 10.93
CA GLY B 161 36.83 24.45 11.44
C GLY B 161 36.03 23.17 11.24
N ASP B 162 34.70 23.26 11.18
CA ASP B 162 33.76 22.13 10.92
C ASP B 162 34.05 21.51 9.54
N SER B 163 34.06 20.18 9.46
CA SER B 163 34.21 19.39 8.21
C SER B 163 32.83 19.19 7.55
N HIS B 164 32.76 19.32 6.23
CA HIS B 164 31.56 19.01 5.39
C HIS B 164 32.01 18.18 4.19
N MET B 165 32.20 16.88 4.37
CA MET B 165 32.85 15.96 3.39
C MET B 165 32.07 15.93 2.07
N GLY B 166 32.71 16.35 0.99
CA GLY B 166 32.20 16.34 -0.39
C GLY B 166 30.88 17.04 -0.55
N LEU B 167 30.58 18.05 0.27
CA LEU B 167 29.23 18.69 0.30
C LEU B 167 29.05 19.60 -0.91
N ALA B 168 30.05 20.42 -1.23
CA ALA B 168 30.06 21.33 -2.39
C ALA B 168 30.10 20.53 -3.70
N ALA B 169 30.92 19.48 -3.77
CA ALA B 169 31.03 18.54 -4.91
C ALA B 169 29.69 17.85 -5.17
N ARG B 170 28.96 17.49 -4.13
CA ARG B 170 27.61 16.87 -4.25
C ARG B 170 26.59 17.89 -4.76
N MET B 171 26.68 19.13 -4.27
CA MET B 171 25.78 20.26 -4.67
C MET B 171 26.00 20.60 -6.13
N MET B 172 27.25 20.58 -6.59
CA MET B 172 27.61 20.84 -8.00
C MET B 172 27.16 19.68 -8.90
N SER B 173 27.41 18.43 -8.50
CA SER B 173 26.95 17.20 -9.20
C SER B 173 25.45 17.26 -9.46
N GLN B 174 24.65 17.58 -8.43
CA GLN B 174 23.17 17.66 -8.48
C GLN B 174 22.72 18.80 -9.39
N ALA B 175 23.42 19.94 -9.36
CA ALA B 175 23.10 21.17 -10.14
C ALA B 175 23.25 20.90 -11.64
N MET B 176 24.35 20.26 -12.05
CA MET B 176 24.70 19.97 -13.47
C MET B 176 23.65 19.05 -14.11
N ARG B 177 23.25 17.99 -13.40
CA ARG B 177 22.12 17.10 -13.75
C ARG B 177 20.84 17.90 -14.03
N LYS B 178 20.46 18.80 -13.12
CA LYS B 178 19.20 19.60 -13.22
C LYS B 178 19.30 20.67 -14.31
N LEU B 179 20.48 21.24 -14.59
CA LEU B 179 20.62 22.42 -15.48
C LEU B 179 20.80 22.00 -16.94
N ALA B 180 21.64 21.00 -17.21
CA ALA B 180 22.06 20.55 -18.56
C ALA B 180 20.87 20.53 -19.52
N GLY B 181 19.76 19.92 -19.10
CA GLY B 181 18.53 19.76 -19.90
C GLY B 181 17.75 21.05 -20.04
N ASN B 182 17.58 21.79 -18.94
CA ASN B 182 16.81 23.07 -18.92
C ASN B 182 17.47 24.09 -19.84
N LEU B 183 18.81 24.16 -19.86
CA LEU B 183 19.57 25.13 -20.68
C LEU B 183 19.41 24.82 -22.16
N LYS B 184 19.44 23.53 -22.55
CA LYS B 184 19.27 23.07 -23.95
C LYS B 184 17.90 23.48 -24.50
N GLN B 185 16.83 23.29 -23.72
CA GLN B 185 15.42 23.60 -24.09
C GLN B 185 15.22 25.11 -24.30
N SER B 186 15.92 25.93 -23.51
CA SER B 186 15.81 27.41 -23.49
C SER B 186 16.77 28.08 -24.48
N ASN B 187 17.77 27.34 -24.99
CA ASN B 187 18.91 27.81 -25.80
C ASN B 187 19.70 28.88 -25.02
N THR B 188 19.94 28.62 -23.74
CA THR B 188 20.66 29.49 -22.77
C THR B 188 22.12 29.03 -22.63
N LEU B 189 23.06 29.98 -22.65
CA LEU B 189 24.49 29.74 -22.35
C LEU B 189 24.74 29.99 -20.87
N LEU B 190 25.35 29.05 -20.14
CA LEU B 190 25.76 29.24 -18.72
C LEU B 190 27.29 29.21 -18.62
N ILE B 191 27.91 30.28 -18.11
CA ILE B 191 29.39 30.40 -17.94
C ILE B 191 29.72 30.37 -16.45
N PHE B 192 30.44 29.34 -16.01
CA PHE B 192 31.02 29.24 -14.64
C PHE B 192 32.44 29.79 -14.68
N ILE B 193 32.76 30.72 -13.78
CA ILE B 193 34.16 31.12 -13.50
C ILE B 193 34.66 30.24 -12.34
N ASN B 194 35.92 29.81 -12.38
CA ASN B 194 36.52 28.93 -11.35
C ASN B 194 37.91 29.44 -10.98
N GLN B 195 38.26 29.31 -9.70
CA GLN B 195 39.59 29.65 -9.15
C GLN B 195 40.45 28.37 -9.20
N ILE B 196 41.76 28.53 -9.09
CA ILE B 196 42.75 27.42 -9.05
C ILE B 196 43.13 27.17 -7.59
N ARG B 197 43.20 25.89 -7.19
CA ARG B 197 43.79 25.43 -5.91
C ARG B 197 44.91 24.44 -6.24
N MET B 198 45.57 23.88 -5.22
CA MET B 198 46.68 22.91 -5.35
C MET B 198 46.28 21.61 -4.68
N LYS B 199 46.40 20.48 -5.40
CA LYS B 199 46.23 19.11 -4.86
C LYS B 199 47.58 18.67 -4.26
N ILE B 200 47.55 17.96 -3.13
CA ILE B 200 48.75 17.63 -2.30
C ILE B 200 48.89 16.11 -2.21
N GLY B 201 50.14 15.62 -2.20
CA GLY B 201 50.49 14.19 -2.33
C GLY B 201 50.50 13.74 -3.79
N VAL B 202 50.92 14.61 -4.71
CA VAL B 202 51.06 14.31 -6.18
C VAL B 202 52.39 14.87 -6.68
N MET B 203 53.08 14.11 -7.55
CA MET B 203 54.36 14.47 -8.21
C MET B 203 54.18 14.43 -9.74
N PHE B 204 53.59 13.33 -10.25
CA PHE B 204 53.13 13.14 -11.66
C PHE B 204 52.10 14.22 -12.05
N GLY B 205 52.08 14.58 -13.35
CA GLY B 205 51.15 15.56 -13.93
C GLY B 205 51.38 16.96 -13.38
N ASN B 206 50.31 17.77 -13.30
CA ASN B 206 50.30 19.13 -12.68
C ASN B 206 49.65 19.01 -11.29
N PRO B 207 50.07 19.85 -10.30
CA PRO B 207 49.40 19.90 -9.00
C PRO B 207 48.17 20.83 -8.97
N GLU B 208 47.93 21.60 -10.04
CA GLU B 208 46.81 22.58 -10.14
C GLU B 208 45.48 21.85 -10.30
N THR B 209 44.48 22.25 -9.50
CA THR B 209 43.07 21.78 -9.56
C THR B 209 42.15 22.99 -9.70
N THR B 210 40.87 22.74 -9.94
CA THR B 210 39.75 23.70 -9.86
C THR B 210 38.83 23.28 -8.72
N THR B 211 38.16 24.24 -8.09
CA THR B 211 37.23 24.03 -6.96
C THR B 211 35.94 23.38 -7.47
N GLY B 212 35.21 22.71 -6.57
CA GLY B 212 33.81 22.29 -6.77
C GLY B 212 33.66 20.89 -7.34
N GLY B 213 34.68 20.04 -7.22
CA GLY B 213 34.60 18.61 -7.58
C GLY B 213 34.78 18.35 -9.07
N ASN B 214 34.26 17.23 -9.57
CA ASN B 214 34.59 16.66 -10.90
C ASN B 214 33.44 16.75 -11.91
N ALA B 215 32.22 17.06 -11.51
CA ALA B 215 31.04 17.08 -12.42
C ALA B 215 31.25 18.11 -13.53
N LEU B 216 31.65 19.35 -13.19
CA LEU B 216 31.69 20.50 -14.13
C LEU B 216 32.64 20.21 -15.31
N LYS B 217 33.76 19.54 -15.09
CA LYS B 217 34.68 19.09 -16.17
C LYS B 217 33.94 18.29 -17.23
N PHE B 218 33.05 17.40 -16.82
CA PHE B 218 32.37 16.44 -17.72
C PHE B 218 31.26 17.16 -18.46
N TYR B 219 30.52 18.04 -17.79
CA TYR B 219 29.31 18.70 -18.33
C TYR B 219 29.69 19.90 -19.19
N ALA B 220 30.88 20.48 -19.03
CA ALA B 220 31.30 21.68 -19.79
C ALA B 220 31.53 21.32 -21.25
N SER B 221 31.00 22.10 -22.18
CA SER B 221 31.19 21.89 -23.64
C SER B 221 32.50 22.56 -24.08
N VAL B 222 32.89 23.63 -23.39
CA VAL B 222 34.18 24.35 -23.59
C VAL B 222 34.75 24.64 -22.21
N ARG B 223 36.07 24.52 -22.08
CA ARG B 223 36.85 24.91 -20.89
C ARG B 223 38.07 25.73 -21.32
N LEU B 224 38.17 26.95 -20.80
CA LEU B 224 39.27 27.91 -21.11
C LEU B 224 40.16 28.06 -19.89
N ASP B 225 41.47 28.00 -20.09
CA ASP B 225 42.53 28.24 -19.08
C ASP B 225 43.17 29.57 -19.45
N ILE B 226 42.88 30.64 -18.71
CA ILE B 226 43.37 32.03 -19.00
C ILE B 226 44.51 32.36 -18.03
N ARG B 227 45.55 33.05 -18.52
CA ARG B 227 46.79 33.36 -17.77
C ARG B 227 47.41 34.68 -18.23
N ARG B 228 47.98 35.44 -17.29
CA ARG B 228 48.73 36.70 -17.52
C ARG B 228 50.20 36.34 -17.81
N ILE B 229 50.71 36.71 -18.99
CA ILE B 229 52.06 36.30 -19.51
C ILE B 229 52.94 37.54 -19.78
N GLY B 230 52.72 38.65 -19.07
CA GLY B 230 53.52 39.87 -19.22
C GLY B 230 52.70 41.15 -19.04
N ALA B 231 53.37 42.29 -19.20
CA ALA B 231 52.83 43.66 -19.00
C ALA B 231 52.85 44.43 -20.32
N VAL B 232 51.88 45.33 -20.50
CA VAL B 232 51.78 46.30 -21.62
C VAL B 232 52.15 47.68 -21.04
N LYS B 233 53.23 48.30 -21.55
CA LYS B 233 53.84 49.52 -20.96
C LYS B 233 53.82 50.68 -21.95
N GLU B 234 53.65 51.91 -21.42
CA GLU B 234 53.92 53.21 -22.10
C GLU B 234 55.15 53.85 -21.42
N GLY B 235 56.34 53.31 -21.73
CA GLY B 235 57.62 53.68 -21.11
C GLY B 235 57.71 53.15 -19.68
N GLU B 236 57.14 53.90 -18.73
CA GLU B 236 57.16 53.61 -17.26
C GLU B 236 55.82 53.01 -16.84
N ASN B 237 54.71 53.70 -17.16
CA ASN B 237 53.31 53.33 -16.80
C ASN B 237 52.99 51.94 -17.32
N VAL B 238 52.53 51.04 -16.43
CA VAL B 238 51.94 49.71 -16.78
C VAL B 238 50.44 49.95 -17.07
N VAL B 239 50.06 49.91 -18.35
CA VAL B 239 48.73 50.35 -18.87
C VAL B 239 47.82 49.13 -19.15
N GLY B 240 48.34 47.90 -19.09
CA GLY B 240 47.53 46.68 -19.34
C GLY B 240 48.28 45.39 -19.09
N SER B 241 47.68 44.28 -19.53
CA SER B 241 48.13 42.87 -19.31
C SER B 241 48.20 42.13 -20.65
N GLU B 242 49.32 41.46 -20.92
CA GLU B 242 49.47 40.51 -22.07
C GLU B 242 48.99 39.12 -21.59
N THR B 243 47.97 38.56 -22.25
CA THR B 243 47.09 37.48 -21.74
C THR B 243 47.11 36.31 -22.74
N ARG B 244 47.02 35.07 -22.25
CA ARG B 244 46.98 33.84 -23.10
C ARG B 244 45.84 32.91 -22.65
N VAL B 245 44.88 32.64 -23.54
CA VAL B 245 43.75 31.70 -23.31
C VAL B 245 44.07 30.41 -24.07
N LYS B 246 44.02 29.27 -23.37
CA LYS B 246 44.22 27.91 -23.94
C LYS B 246 42.88 27.19 -23.90
N VAL B 247 42.42 26.66 -25.03
CA VAL B 247 41.17 25.85 -25.10
C VAL B 247 41.50 24.43 -24.68
N VAL B 248 41.27 24.13 -23.40
CA VAL B 248 41.63 22.86 -22.70
C VAL B 248 40.62 21.74 -23.00
N LYS B 249 39.37 22.08 -23.31
CA LYS B 249 38.32 21.13 -23.74
C LYS B 249 37.44 21.82 -24.77
N ASN B 250 36.95 21.07 -25.76
CA ASN B 250 36.06 21.58 -26.83
C ASN B 250 35.26 20.41 -27.40
N LYS B 251 33.94 20.52 -27.44
CA LYS B 251 33.01 19.50 -28.00
C LYS B 251 32.35 19.97 -29.29
N ILE B 252 32.60 21.20 -29.71
CA ILE B 252 31.97 21.79 -30.93
C ILE B 252 33.02 22.00 -32.03
N ALA B 253 34.28 21.60 -31.80
CA ALA B 253 35.45 21.80 -32.70
C ALA B 253 36.70 21.23 -32.04
N ALA B 254 37.83 21.18 -32.75
CA ALA B 254 39.07 20.57 -32.23
C ALA B 254 39.67 21.42 -31.13
N PRO B 255 40.16 20.82 -30.01
CA PRO B 255 40.78 21.57 -28.92
C PRO B 255 42.30 21.82 -29.02
N PHE B 256 42.86 22.40 -27.94
CA PHE B 256 44.31 22.66 -27.68
C PHE B 256 44.86 23.76 -28.59
N LYS B 257 43.99 24.58 -29.17
CA LYS B 257 44.38 25.85 -29.81
C LYS B 257 44.45 26.92 -28.73
N GLN B 258 45.27 27.95 -28.94
CA GLN B 258 45.47 29.05 -27.96
C GLN B 258 45.38 30.41 -28.66
N ALA B 259 44.88 31.40 -27.91
CA ALA B 259 44.73 32.81 -28.31
C ALA B 259 45.61 33.69 -27.43
N GLU B 260 46.21 34.73 -28.01
CA GLU B 260 46.98 35.78 -27.29
C GLU B 260 46.35 37.14 -27.61
N PHE B 261 46.18 37.99 -26.59
CA PHE B 261 45.60 39.34 -26.75
C PHE B 261 45.92 40.21 -25.52
N GLN B 262 45.81 41.53 -25.70
CA GLN B 262 46.03 42.54 -24.63
C GLN B 262 44.70 42.89 -23.96
N ILE B 263 44.69 42.94 -22.62
CA ILE B 263 43.63 43.63 -21.82
C ILE B 263 44.23 44.96 -21.37
N LEU B 264 43.65 46.08 -21.81
CA LEU B 264 44.05 47.45 -21.41
C LEU B 264 43.08 47.94 -20.32
N TYR B 265 43.64 48.38 -19.18
CA TYR B 265 42.88 48.69 -17.94
C TYR B 265 41.92 49.86 -18.22
N GLY B 266 40.62 49.60 -18.15
CA GLY B 266 39.55 50.60 -18.35
C GLY B 266 38.89 50.50 -19.72
N GLU B 267 39.58 49.96 -20.72
CA GLU B 267 39.04 49.75 -22.11
C GLU B 267 38.50 48.31 -22.25
N GLY B 268 39.28 47.32 -21.81
CA GLY B 268 38.98 45.88 -21.96
C GLY B 268 39.90 45.23 -22.98
N ILE B 269 39.39 44.29 -23.77
CA ILE B 269 40.18 43.56 -24.80
C ILE B 269 40.50 44.53 -25.94
N ASN B 270 41.76 44.54 -26.37
CA ASN B 270 42.28 45.36 -27.49
C ASN B 270 41.90 44.66 -28.80
N PHE B 271 40.81 45.09 -29.44
CA PHE B 271 40.30 44.49 -30.70
C PHE B 271 41.26 44.77 -31.85
N TYR B 272 41.71 46.03 -31.99
CA TYR B 272 42.60 46.47 -33.11
C TYR B 272 44.01 45.91 -32.93
N GLY B 273 44.43 45.61 -31.68
CA GLY B 273 45.69 44.89 -31.40
C GLY B 273 45.74 43.53 -32.07
N GLU B 274 44.66 42.74 -31.91
CA GLU B 274 44.48 41.40 -32.54
C GLU B 274 44.49 41.54 -34.07
N LEU B 275 43.75 42.52 -34.59
CA LEU B 275 43.48 42.73 -36.04
C LEU B 275 44.78 43.02 -36.82
N VAL B 276 45.74 43.69 -36.17
CA VAL B 276 47.14 43.85 -36.69
C VAL B 276 47.77 42.46 -36.82
N ASP B 277 47.87 41.74 -35.68
CA ASP B 277 48.58 40.43 -35.56
C ASP B 277 48.00 39.40 -36.55
N LEU B 278 46.68 39.40 -36.76
CA LEU B 278 46.00 38.47 -37.71
C LEU B 278 46.22 38.94 -39.16
N GLY B 279 46.21 40.25 -39.41
CA GLY B 279 46.56 40.86 -40.71
C GLY B 279 47.98 40.52 -41.16
N VAL B 280 48.95 40.57 -40.25
CA VAL B 280 50.39 40.21 -40.47
C VAL B 280 50.47 38.72 -40.83
N LYS B 281 49.84 37.86 -40.02
CA LYS B 281 49.87 36.38 -40.12
C LYS B 281 49.27 35.91 -41.46
N GLU B 282 48.24 36.62 -41.98
CA GLU B 282 47.50 36.26 -43.23
C GLU B 282 47.96 37.11 -44.43
N LYS B 283 49.12 37.76 -44.35
CA LYS B 283 49.81 38.45 -45.49
C LYS B 283 48.96 39.58 -46.08
N LEU B 284 48.06 40.18 -45.28
CA LEU B 284 47.27 41.39 -45.65
C LEU B 284 47.99 42.65 -45.15
N ILE B 285 48.87 42.51 -44.16
CA ILE B 285 49.79 43.58 -43.64
C ILE B 285 51.22 43.06 -43.74
N GLU B 286 52.16 43.88 -44.24
CA GLU B 286 53.61 43.58 -44.35
C GLU B 286 54.36 44.18 -43.14
N LYS B 287 55.26 43.39 -42.53
CA LYS B 287 56.11 43.82 -41.39
C LYS B 287 57.59 43.79 -41.84
N ALA B 288 58.20 44.98 -41.99
CA ALA B 288 59.62 45.19 -42.37
C ALA B 288 60.43 45.54 -41.12
N GLY B 289 60.79 44.53 -40.31
CA GLY B 289 61.47 44.69 -39.02
C GLY B 289 60.49 45.06 -37.93
N ALA B 290 60.42 46.35 -37.57
CA ALA B 290 59.45 46.95 -36.62
C ALA B 290 58.48 47.91 -37.34
N TRP B 291 58.52 47.97 -38.69
CA TRP B 291 57.69 48.86 -39.54
C TRP B 291 56.52 48.06 -40.14
N TYR B 292 55.29 48.32 -39.68
CA TYR B 292 54.03 47.76 -40.25
C TYR B 292 53.62 48.62 -41.45
N SER B 293 53.27 47.98 -42.58
CA SER B 293 52.90 48.62 -43.87
C SER B 293 51.71 47.89 -44.50
N TYR B 294 50.68 48.64 -44.90
CA TYR B 294 49.44 48.15 -45.58
C TYR B 294 49.43 48.66 -47.03
N LYS B 295 49.60 47.75 -48.00
CA LYS B 295 49.62 48.03 -49.46
C LYS B 295 50.75 49.02 -49.82
N GLY B 296 51.90 48.91 -49.14
CA GLY B 296 53.09 49.78 -49.34
C GLY B 296 53.12 50.95 -48.37
N GLU B 297 52.00 51.69 -48.26
CA GLU B 297 51.75 52.83 -47.34
C GLU B 297 52.12 52.42 -45.89
N LYS B 298 53.10 53.11 -45.28
CA LYS B 298 53.65 52.77 -43.94
C LYS B 298 52.69 53.29 -42.85
N ILE B 299 51.91 52.37 -42.27
CA ILE B 299 50.82 52.67 -41.28
C ILE B 299 51.42 53.11 -39.93
N GLY B 300 52.65 52.69 -39.62
CA GLY B 300 53.40 53.14 -38.43
C GLY B 300 54.58 52.23 -38.12
N GLN B 301 55.32 52.52 -37.05
CA GLN B 301 56.36 51.62 -36.45
C GLN B 301 56.02 51.43 -34.97
N GLY B 302 56.18 50.21 -34.47
CA GLY B 302 55.64 49.76 -33.16
C GLY B 302 54.18 49.39 -33.29
N LYS B 303 53.74 48.40 -32.51
CA LYS B 303 52.37 47.83 -32.55
C LYS B 303 51.35 48.88 -32.06
N ALA B 304 51.73 49.75 -31.12
CA ALA B 304 50.87 50.80 -30.52
C ALA B 304 50.48 51.85 -31.57
N ASN B 305 51.44 52.35 -32.35
CA ASN B 305 51.23 53.39 -33.40
C ASN B 305 50.46 52.80 -34.59
N ALA B 306 50.73 51.53 -34.93
CA ALA B 306 50.00 50.73 -35.94
C ALA B 306 48.54 50.57 -35.51
N THR B 307 48.30 50.22 -34.24
CA THR B 307 46.94 50.07 -33.61
C THR B 307 46.23 51.42 -33.60
N ALA B 308 46.95 52.50 -33.29
CA ALA B 308 46.45 53.91 -33.29
C ALA B 308 46.00 54.32 -34.69
N TRP B 309 46.76 53.94 -35.73
CA TRP B 309 46.45 54.23 -37.16
C TRP B 309 45.12 53.54 -37.56
N LEU B 310 44.95 52.25 -37.26
CA LEU B 310 43.73 51.45 -37.57
C LEU B 310 42.50 52.02 -36.85
N LYS B 311 42.70 52.61 -35.67
CA LYS B 311 41.67 53.36 -34.89
C LYS B 311 41.17 54.54 -35.75
N ASP B 312 42.10 55.33 -36.30
CA ASP B 312 41.82 56.58 -37.06
C ASP B 312 41.17 56.29 -38.43
N ASN B 313 41.36 55.09 -39.00
CA ASN B 313 40.86 54.69 -40.35
C ASN B 313 39.86 53.54 -40.20
N PRO B 314 38.57 53.78 -39.82
CA PRO B 314 37.59 52.71 -39.68
C PRO B 314 37.22 51.89 -40.94
N GLU B 315 37.46 52.41 -42.16
CA GLU B 315 37.07 51.77 -43.43
C GLU B 315 38.02 50.61 -43.75
N THR B 316 39.33 50.87 -43.67
CA THR B 316 40.41 49.88 -43.95
C THR B 316 40.43 48.81 -42.86
N ALA B 317 40.08 49.16 -41.61
CA ALA B 317 39.92 48.22 -40.47
C ALA B 317 38.71 47.29 -40.70
N LYS B 318 37.59 47.83 -41.21
CA LYS B 318 36.39 47.04 -41.65
C LYS B 318 36.81 46.03 -42.74
N GLU B 319 37.59 46.49 -43.72
CA GLU B 319 38.06 45.71 -44.91
C GLU B 319 38.93 44.54 -44.45
N ILE B 320 39.90 44.78 -43.56
CA ILE B 320 40.84 43.73 -43.04
C ILE B 320 40.07 42.72 -42.19
N GLU B 321 39.15 43.17 -41.32
CA GLU B 321 38.30 42.31 -40.46
C GLU B 321 37.50 41.33 -41.34
N LYS B 322 36.79 41.86 -42.33
CA LYS B 322 35.94 41.11 -43.30
C LYS B 322 36.76 40.01 -44.00
N LYS B 323 37.99 40.34 -44.39
CA LYS B 323 38.94 39.46 -45.14
C LYS B 323 39.46 38.33 -44.23
N VAL B 324 39.87 38.67 -43.00
CA VAL B 324 40.39 37.73 -41.96
C VAL B 324 39.28 36.74 -41.56
N ARG B 325 38.05 37.22 -41.40
CA ARG B 325 36.84 36.41 -41.09
C ARG B 325 36.59 35.39 -42.20
N GLU B 326 36.59 35.87 -43.46
CA GLU B 326 36.47 35.09 -44.72
C GLU B 326 37.44 33.88 -44.72
N LEU B 327 38.69 34.10 -44.30
CA LEU B 327 39.83 33.16 -44.46
C LEU B 327 39.89 32.16 -43.29
N LEU B 328 39.96 32.65 -42.06
CA LEU B 328 40.54 31.91 -40.88
C LEU B 328 39.48 31.14 -40.07
N LEU B 329 38.18 31.41 -40.25
CA LEU B 329 37.10 30.64 -39.55
C LEU B 329 37.11 29.19 -40.07
N SER B 330 37.24 28.22 -39.15
CA SER B 330 37.35 26.76 -39.43
C SER B 330 35.98 26.17 -39.80
N ASN B 331 34.92 26.55 -39.05
CA ASN B 331 33.50 26.12 -39.26
C ASN B 331 32.59 27.36 -39.27
N PRO B 332 32.54 28.16 -40.38
CA PRO B 332 31.61 29.30 -40.46
C PRO B 332 30.12 28.90 -40.43
N ASN B 333 29.28 29.80 -39.89
CA ASN B 333 27.80 29.66 -39.76
C ASN B 333 27.13 30.63 -40.75
N SER B 334 26.20 30.12 -41.58
CA SER B 334 25.37 30.90 -42.54
C SER B 334 23.97 30.29 -42.65
N ALA C 2 15.60 -50.16 -15.37
CA ALA C 2 14.62 -50.28 -14.24
C ALA C 2 14.59 -49.00 -13.40
N ILE C 3 15.74 -48.63 -12.82
CA ILE C 3 15.96 -47.40 -11.99
C ILE C 3 16.12 -46.19 -12.92
N ASP C 4 16.98 -46.33 -13.94
CA ASP C 4 17.30 -45.30 -14.98
C ASP C 4 16.06 -45.01 -15.84
N GLU C 5 15.12 -45.95 -15.97
CA GLU C 5 13.97 -45.88 -16.92
C GLU C 5 12.86 -44.97 -16.36
N ASN C 6 12.52 -45.11 -15.08
CA ASN C 6 11.46 -44.31 -14.39
C ASN C 6 11.86 -42.82 -14.34
N LYS C 7 13.15 -42.52 -14.17
CA LYS C 7 13.70 -41.13 -14.12
C LYS C 7 13.53 -40.45 -15.49
N GLN C 8 13.89 -41.13 -16.58
CA GLN C 8 13.78 -40.62 -17.99
C GLN C 8 12.32 -40.26 -18.31
N LYS C 9 11.36 -41.02 -17.78
CA LYS C 9 9.90 -40.83 -17.98
C LYS C 9 9.40 -39.64 -17.15
N ALA C 10 9.76 -39.59 -15.86
CA ALA C 10 9.42 -38.50 -14.91
C ALA C 10 9.99 -37.16 -15.40
N LEU C 11 11.19 -37.19 -16.01
CA LEU C 11 11.85 -36.01 -16.64
C LEU C 11 11.00 -35.54 -17.83
N ALA C 12 10.75 -36.44 -18.78
CA ALA C 12 9.96 -36.19 -20.01
C ALA C 12 8.58 -35.60 -19.68
N ALA C 13 7.94 -36.08 -18.60
CA ALA C 13 6.63 -35.62 -18.10
C ALA C 13 6.73 -34.16 -17.61
N ALA C 14 7.74 -33.86 -16.78
CA ALA C 14 7.99 -32.52 -16.18
C ALA C 14 8.33 -31.50 -17.27
N LEU C 15 9.18 -31.88 -18.23
CA LEU C 15 9.50 -31.09 -19.46
C LEU C 15 8.24 -30.86 -20.29
N GLY C 16 7.35 -31.85 -20.38
CA GLY C 16 6.01 -31.69 -20.99
C GLY C 16 5.16 -30.68 -20.25
N GLN C 17 5.05 -30.84 -18.93
CA GLN C 17 4.25 -29.99 -17.99
C GLN C 17 4.74 -28.54 -18.02
N ILE C 18 6.07 -28.32 -18.08
CA ILE C 18 6.71 -26.97 -18.08
C ILE C 18 6.39 -26.28 -19.40
N GLU C 19 6.65 -26.97 -20.52
CA GLU C 19 6.46 -26.43 -21.89
C GLU C 19 4.97 -26.16 -22.15
N LYS C 20 4.08 -26.93 -21.51
CA LYS C 20 2.61 -26.70 -21.47
C LYS C 20 2.31 -25.35 -20.81
N GLN C 21 2.88 -25.12 -19.61
CA GLN C 21 2.54 -23.99 -18.71
C GLN C 21 3.09 -22.67 -19.27
N PHE C 22 4.36 -22.65 -19.71
CA PHE C 22 5.16 -21.42 -19.92
C PHE C 22 5.52 -21.18 -21.39
N GLY C 23 5.15 -22.07 -22.32
CA GLY C 23 5.48 -21.95 -23.75
C GLY C 23 6.59 -22.91 -24.13
N LYS C 24 7.08 -22.85 -25.38
CA LYS C 24 7.70 -24.01 -26.04
C LYS C 24 9.21 -24.08 -25.75
N GLY C 25 9.91 -22.95 -25.86
CA GLY C 25 11.35 -22.86 -25.56
C GLY C 25 11.62 -22.46 -24.12
N SER C 26 10.68 -22.74 -23.20
CA SER C 26 10.74 -22.36 -21.77
C SER C 26 11.82 -23.18 -21.06
N ILE C 27 12.08 -24.41 -21.52
CA ILE C 27 13.24 -25.24 -21.08
C ILE C 27 13.69 -26.12 -22.25
N MET C 28 15.00 -26.25 -22.44
CA MET C 28 15.59 -27.21 -23.42
C MET C 28 17.05 -27.50 -23.06
N ARG C 29 17.67 -28.45 -23.74
CA ARG C 29 19.10 -28.79 -23.56
C ARG C 29 19.93 -27.65 -24.17
N LEU C 30 21.09 -27.38 -23.59
CA LEU C 30 21.90 -26.16 -23.88
C LEU C 30 22.54 -26.29 -25.26
N GLY C 31 22.88 -27.51 -25.67
CA GLY C 31 23.48 -27.83 -26.99
C GLY C 31 22.52 -27.55 -28.14
N GLU C 32 21.21 -27.58 -27.88
CA GLU C 32 20.15 -27.42 -28.91
C GLU C 32 19.65 -25.97 -28.97
N ASP C 33 20.07 -25.08 -28.06
CA ASP C 33 19.60 -23.67 -27.98
C ASP C 33 20.55 -22.78 -28.80
N ARG C 34 20.11 -22.41 -30.00
CA ARG C 34 20.86 -21.51 -30.93
C ARG C 34 20.74 -20.04 -30.49
N SER C 35 19.68 -19.68 -29.76
CA SER C 35 19.48 -18.33 -29.16
C SER C 35 20.62 -17.99 -28.19
N MET C 36 21.20 -19.01 -27.55
CA MET C 36 22.19 -18.90 -26.46
C MET C 36 23.61 -18.76 -27.03
N ASP C 37 23.81 -18.81 -28.35
CA ASP C 37 25.13 -18.60 -29.01
C ASP C 37 25.47 -17.10 -29.03
N VAL C 38 26.77 -16.78 -28.88
CA VAL C 38 27.31 -15.40 -28.80
C VAL C 38 27.63 -14.92 -30.22
N GLU C 39 27.09 -13.75 -30.59
CA GLU C 39 27.22 -13.06 -31.90
C GLU C 39 27.81 -11.67 -31.62
N THR C 40 28.83 -11.24 -32.36
CA THR C 40 29.56 -9.97 -32.12
C THR C 40 29.36 -8.97 -33.27
N ILE C 41 29.79 -7.73 -33.03
CA ILE C 41 29.68 -6.52 -33.88
C ILE C 41 31.02 -5.77 -33.73
N SER C 42 31.60 -5.25 -34.80
CA SER C 42 32.90 -4.52 -34.80
C SER C 42 32.83 -3.28 -33.90
N THR C 43 33.97 -2.91 -33.28
CA THR C 43 34.11 -1.69 -32.45
C THR C 43 34.60 -0.49 -33.28
N GLY C 44 35.00 -0.70 -34.55
CA GLY C 44 35.70 0.31 -35.37
C GLY C 44 37.21 0.16 -35.26
N SER C 45 37.72 0.03 -34.02
CA SER C 45 39.13 -0.32 -33.71
C SER C 45 39.37 -1.82 -33.96
N LEU C 46 40.48 -2.17 -34.60
CA LEU C 46 40.93 -3.58 -34.81
C LEU C 46 41.72 -4.07 -33.59
N SER C 47 42.52 -3.22 -32.95
CA SER C 47 43.22 -3.52 -31.68
C SER C 47 42.21 -3.88 -30.57
N LEU C 48 41.06 -3.21 -30.52
CA LEU C 48 40.01 -3.42 -29.48
C LEU C 48 39.27 -4.73 -29.78
N ASP C 49 38.99 -5.05 -31.05
CA ASP C 49 38.33 -6.33 -31.45
C ASP C 49 39.18 -7.53 -31.04
N ILE C 50 40.52 -7.38 -31.05
CA ILE C 50 41.48 -8.44 -30.60
C ILE C 50 41.48 -8.51 -29.07
N ALA C 51 41.53 -7.37 -28.38
CA ALA C 51 41.54 -7.28 -26.90
C ALA C 51 40.28 -7.90 -26.30
N LEU C 52 39.14 -7.80 -26.97
CA LEU C 52 37.86 -8.38 -26.51
C LEU C 52 37.81 -9.88 -26.77
N GLY C 53 38.68 -10.43 -27.61
CA GLY C 53 38.85 -11.89 -27.72
C GLY C 53 37.85 -12.57 -28.64
N ALA C 54 36.59 -12.13 -28.66
CA ALA C 54 35.51 -12.72 -29.49
C ALA C 54 35.34 -11.96 -30.82
N GLY C 55 36.15 -10.93 -31.07
CA GLY C 55 36.13 -10.12 -32.30
C GLY C 55 35.09 -9.02 -32.26
N GLY C 56 34.73 -8.52 -31.07
CA GLY C 56 33.87 -7.32 -30.95
C GLY C 56 32.92 -7.41 -29.78
N LEU C 57 31.88 -6.58 -29.79
CA LEU C 57 30.94 -6.46 -28.65
C LEU C 57 29.79 -7.42 -28.86
N PRO C 58 29.30 -8.09 -27.79
CA PRO C 58 28.28 -9.12 -27.94
C PRO C 58 26.86 -8.56 -28.09
N MET C 59 26.12 -9.03 -29.11
CA MET C 59 24.69 -8.70 -29.30
C MET C 59 23.88 -9.38 -28.20
N GLY C 60 22.81 -8.73 -27.74
CA GLY C 60 21.88 -9.24 -26.72
C GLY C 60 22.33 -8.95 -25.30
N ARG C 61 23.39 -8.14 -25.13
CA ARG C 61 24.06 -7.94 -23.83
C ARG C 61 24.11 -6.44 -23.52
N ILE C 62 24.58 -6.14 -22.31
CA ILE C 62 24.84 -4.78 -21.79
C ILE C 62 26.36 -4.58 -21.76
N VAL C 63 26.81 -3.38 -22.08
CA VAL C 63 28.24 -2.97 -22.13
C VAL C 63 28.36 -1.62 -21.44
N GLU C 64 29.40 -1.44 -20.64
CA GLU C 64 29.67 -0.18 -19.92
C GLU C 64 31.00 0.34 -20.44
N ILE C 65 31.05 1.63 -20.76
CA ILE C 65 32.29 2.37 -21.12
C ILE C 65 32.39 3.50 -20.12
N TYR C 66 33.49 3.59 -19.41
CA TYR C 66 33.72 4.66 -18.42
C TYR C 66 35.11 5.22 -18.63
N GLY C 67 35.33 6.42 -18.14
CA GLY C 67 36.63 7.07 -18.26
C GLY C 67 36.57 8.51 -17.84
N PRO C 68 37.73 9.21 -17.85
CA PRO C 68 37.80 10.63 -17.55
C PRO C 68 37.22 11.52 -18.64
N GLU C 69 37.19 12.83 -18.36
CA GLU C 69 36.66 13.86 -19.30
C GLU C 69 37.49 13.84 -20.59
N SER C 70 36.81 13.87 -21.72
CA SER C 70 37.33 14.02 -23.10
C SER C 70 38.35 12.93 -23.43
N SER C 71 38.06 11.70 -23.03
CA SER C 71 38.90 10.48 -23.26
C SER C 71 38.50 9.71 -24.52
N GLY C 72 37.33 9.97 -25.11
CA GLY C 72 36.89 9.33 -26.36
C GLY C 72 35.69 8.42 -26.22
N LYS C 73 34.95 8.49 -25.12
CA LYS C 73 33.82 7.61 -24.79
C LYS C 73 32.70 7.76 -25.81
N THR C 74 32.36 8.99 -26.21
CA THR C 74 31.32 9.27 -27.22
C THR C 74 31.81 8.90 -28.61
N THR C 75 33.01 9.35 -28.97
CA THR C 75 33.65 9.08 -30.28
C THR C 75 33.73 7.58 -30.55
N LEU C 76 34.08 6.77 -29.55
CA LEU C 76 34.24 5.30 -29.71
C LEU C 76 32.87 4.70 -30.02
N THR C 77 31.90 5.17 -29.28
CA THR C 77 30.50 4.70 -29.29
C THR C 77 29.86 5.05 -30.64
N LEU C 78 30.24 6.15 -31.29
CA LEU C 78 29.73 6.58 -32.62
C LEU C 78 30.41 5.81 -33.76
N GLN C 79 31.63 5.33 -33.56
CA GLN C 79 32.31 4.44 -34.53
C GLN C 79 31.69 3.02 -34.50
N VAL C 80 31.09 2.63 -33.37
CA VAL C 80 30.37 1.33 -33.21
C VAL C 80 29.09 1.39 -34.03
N ILE C 81 28.37 2.51 -33.91
CA ILE C 81 27.11 2.78 -34.67
C ILE C 81 27.46 2.89 -36.15
N ALA C 82 28.49 3.63 -36.52
CA ALA C 82 28.88 3.81 -37.93
C ALA C 82 29.10 2.45 -38.58
N ALA C 83 29.90 1.58 -37.95
CA ALA C 83 30.21 0.22 -38.43
C ALA C 83 28.95 -0.66 -38.46
N ALA C 84 28.01 -0.45 -37.53
CA ALA C 84 26.76 -1.24 -37.46
C ALA C 84 25.84 -0.85 -38.63
N GLN C 85 25.68 0.44 -38.90
CA GLN C 85 24.83 0.97 -40.00
C GLN C 85 25.37 0.53 -41.37
N ARG C 86 26.69 0.29 -41.50
CA ARG C 86 27.30 -0.25 -42.73
C ARG C 86 26.89 -1.72 -42.97
N GLU C 87 26.33 -2.41 -41.97
CA GLU C 87 25.76 -3.77 -42.06
C GLU C 87 24.23 -3.75 -41.91
N GLY C 88 23.58 -2.67 -42.34
CA GLY C 88 22.11 -2.55 -42.41
C GLY C 88 21.41 -2.68 -41.06
N LYS C 89 22.09 -2.35 -39.96
CA LYS C 89 21.49 -2.37 -38.60
C LYS C 89 20.92 -0.98 -38.29
N THR C 90 19.86 -0.96 -37.48
CA THR C 90 19.19 0.27 -36.98
C THR C 90 19.77 0.62 -35.61
N CYS C 91 19.99 1.89 -35.34
CA CYS C 91 20.67 2.38 -34.11
C CYS C 91 19.93 3.56 -33.50
N ALA C 92 20.04 3.69 -32.19
CA ALA C 92 19.42 4.75 -31.38
C ALA C 92 20.46 5.38 -30.46
N PHE C 93 20.44 6.70 -30.29
CA PHE C 93 21.29 7.45 -29.34
C PHE C 93 20.38 8.19 -28.36
N ILE C 94 20.34 7.75 -27.11
CA ILE C 94 19.69 8.48 -25.98
C ILE C 94 20.76 9.41 -25.41
N ASP C 95 20.60 10.73 -25.58
CA ASP C 95 21.60 11.79 -25.28
C ASP C 95 21.21 12.52 -23.99
N ALA C 96 21.35 11.86 -22.85
CA ALA C 96 20.98 12.38 -21.51
C ALA C 96 21.90 13.54 -21.08
N GLU C 97 23.13 13.59 -21.61
CA GLU C 97 24.15 14.63 -21.32
C GLU C 97 23.77 15.94 -22.03
N HIS C 98 22.98 15.86 -23.11
CA HIS C 98 22.50 16.99 -23.94
C HIS C 98 23.72 17.67 -24.61
N ALA C 99 24.54 16.91 -25.34
CA ALA C 99 25.82 17.41 -25.88
C ALA C 99 26.27 16.62 -27.12
N LEU C 100 25.36 16.12 -27.93
CA LEU C 100 25.71 15.50 -29.23
C LEU C 100 25.72 16.59 -30.29
N ASP C 101 26.82 16.71 -31.04
CA ASP C 101 26.97 17.58 -32.24
C ASP C 101 26.74 16.71 -33.47
N PRO C 102 25.60 16.84 -34.19
CA PRO C 102 25.34 15.99 -35.36
C PRO C 102 26.27 16.16 -36.57
N ILE C 103 27.02 17.25 -36.69
CA ILE C 103 28.01 17.40 -37.80
C ILE C 103 29.21 16.49 -37.51
N TYR C 104 29.67 16.44 -36.27
CA TYR C 104 30.80 15.56 -35.85
C TYR C 104 30.41 14.11 -36.10
N ALA C 105 29.19 13.72 -35.71
CA ALA C 105 28.69 12.35 -35.93
C ALA C 105 28.80 11.99 -37.42
N ARG C 106 28.43 12.90 -38.32
CA ARG C 106 28.48 12.71 -39.80
C ARG C 106 29.92 12.55 -40.28
N LYS C 107 30.86 13.31 -39.73
CA LYS C 107 32.31 13.23 -40.07
C LYS C 107 32.90 11.88 -39.64
N LEU C 108 32.37 11.24 -38.60
CA LEU C 108 32.82 9.91 -38.13
C LEU C 108 32.21 8.78 -38.97
N GLY C 109 31.30 9.09 -39.89
CA GLY C 109 30.69 8.13 -40.83
C GLY C 109 29.36 7.61 -40.34
N VAL C 110 28.72 8.26 -39.38
CA VAL C 110 27.34 7.89 -38.94
C VAL C 110 26.41 8.43 -40.02
N ASP C 111 25.41 7.63 -40.42
CA ASP C 111 24.28 8.07 -41.26
C ASP C 111 23.28 8.80 -40.34
N ILE C 112 23.40 10.12 -40.28
CA ILE C 112 22.62 11.05 -39.39
C ILE C 112 21.13 10.81 -39.63
N ASP C 113 20.73 10.68 -40.90
CA ASP C 113 19.32 10.71 -41.37
C ASP C 113 18.55 9.46 -40.91
N ASN C 114 19.25 8.35 -40.61
CA ASN C 114 18.66 7.07 -40.15
C ASN C 114 18.88 6.82 -38.65
N LEU C 115 19.75 7.58 -37.97
CA LEU C 115 20.03 7.39 -36.52
C LEU C 115 18.88 8.00 -35.73
N LEU C 116 18.18 7.21 -34.92
CA LEU C 116 17.13 7.69 -33.99
C LEU C 116 17.81 8.37 -32.81
N CYS C 117 17.27 9.48 -32.35
CA CYS C 117 17.86 10.31 -31.29
C CYS C 117 16.74 10.74 -30.35
N SER C 118 17.00 10.68 -29.05
CA SER C 118 16.14 11.19 -27.96
C SER C 118 16.98 12.03 -27.02
N GLN C 119 16.51 13.23 -26.67
CA GLN C 119 17.07 14.10 -25.60
C GLN C 119 16.04 14.14 -24.48
N PRO C 120 15.98 13.12 -23.61
CA PRO C 120 14.86 12.95 -22.68
C PRO C 120 15.00 13.84 -21.42
N ASP C 121 13.86 14.18 -20.83
CA ASP C 121 13.73 15.18 -19.73
C ASP C 121 14.21 14.56 -18.40
N THR C 122 13.85 13.30 -18.16
CA THR C 122 14.15 12.55 -16.92
C THR C 122 14.91 11.27 -17.24
N GLY C 123 15.56 10.69 -16.23
CA GLY C 123 16.21 9.38 -16.28
C GLY C 123 15.21 8.28 -16.53
N GLU C 124 14.06 8.32 -15.84
CA GLU C 124 12.95 7.33 -15.98
C GLU C 124 12.42 7.34 -17.42
N GLN C 125 12.34 8.50 -18.06
CA GLN C 125 11.87 8.65 -19.47
C GLN C 125 12.87 7.99 -20.43
N ALA C 126 14.15 8.23 -20.22
CA ALA C 126 15.29 7.70 -21.00
C ALA C 126 15.31 6.18 -20.96
N LEU C 127 15.07 5.59 -19.77
CA LEU C 127 15.09 4.13 -19.55
C LEU C 127 13.80 3.46 -20.05
N GLU C 128 12.68 4.19 -20.09
CA GLU C 128 11.41 3.69 -20.68
C GLU C 128 11.50 3.65 -22.20
N ILE C 129 12.26 4.57 -22.82
CA ILE C 129 12.47 4.61 -24.29
C ILE C 129 13.40 3.47 -24.69
N CYS C 130 14.40 3.11 -23.87
CA CYS C 130 15.27 1.91 -24.09
C CYS C 130 14.46 0.61 -24.09
N ASP C 131 13.49 0.49 -23.18
CA ASP C 131 12.67 -0.73 -23.00
C ASP C 131 11.68 -0.84 -24.16
N ALA C 132 11.15 0.29 -24.63
CA ALA C 132 10.20 0.37 -25.76
C ALA C 132 10.89 -0.04 -27.07
N LEU C 133 12.10 0.49 -27.32
CA LEU C 133 12.92 0.17 -28.52
C LEU C 133 13.46 -1.27 -28.45
N ALA C 134 13.82 -1.75 -27.26
CA ALA C 134 14.31 -3.13 -27.04
C ALA C 134 13.20 -4.12 -27.35
N ARG C 135 12.00 -3.93 -26.81
CA ARG C 135 10.82 -4.82 -27.02
C ARG C 135 10.44 -4.88 -28.52
N SER C 136 10.50 -3.76 -29.23
CA SER C 136 10.11 -3.63 -30.66
C SER C 136 10.79 -4.69 -31.55
N GLY C 137 12.07 -4.98 -31.31
CA GLY C 137 12.89 -5.90 -32.12
C GLY C 137 13.33 -5.31 -33.44
N ALA C 138 13.20 -3.99 -33.61
CA ALA C 138 13.52 -3.22 -34.84
C ALA C 138 14.89 -2.55 -34.73
N VAL C 139 15.31 -2.18 -33.51
CA VAL C 139 16.60 -1.50 -33.21
C VAL C 139 17.64 -2.57 -32.81
N ASP C 140 18.88 -2.42 -33.29
CA ASP C 140 20.01 -3.38 -33.09
C ASP C 140 21.02 -2.87 -32.05
N VAL C 141 21.32 -1.56 -32.02
CA VAL C 141 22.26 -0.94 -31.06
C VAL C 141 21.59 0.28 -30.44
N ILE C 142 21.58 0.36 -29.12
CA ILE C 142 21.15 1.58 -28.36
C ILE C 142 22.38 2.09 -27.59
N VAL C 143 22.62 3.40 -27.60
CA VAL C 143 23.61 4.03 -26.69
C VAL C 143 22.89 4.98 -25.74
N VAL C 144 23.25 4.94 -24.46
CA VAL C 144 22.77 5.89 -23.42
C VAL C 144 23.96 6.74 -22.94
N ASP C 145 24.09 7.97 -23.44
CA ASP C 145 25.24 8.85 -23.08
C ASP C 145 25.00 9.53 -21.72
N SER C 146 26.03 9.33 -20.89
CA SER C 146 26.15 9.23 -19.42
C SER C 146 24.88 8.80 -18.69
N VAL C 147 25.09 7.84 -17.78
CA VAL C 147 24.17 7.42 -16.68
C VAL C 147 24.31 8.43 -15.53
N ALA C 148 25.44 9.14 -15.46
CA ALA C 148 25.66 10.30 -14.57
C ALA C 148 24.57 11.35 -14.76
N ALA C 149 24.06 11.49 -15.99
CA ALA C 149 23.09 12.52 -16.41
C ALA C 149 21.64 12.03 -16.33
N LEU C 150 21.39 10.78 -15.97
CA LEU C 150 20.02 10.21 -15.84
C LEU C 150 19.43 10.67 -14.50
N THR C 151 18.83 11.85 -14.50
CA THR C 151 18.28 12.48 -13.27
C THR C 151 16.91 11.87 -13.00
N PRO C 152 16.62 11.31 -11.81
CA PRO C 152 15.25 10.88 -11.49
C PRO C 152 14.24 12.02 -11.46
N LYS C 153 12.95 11.71 -11.54
CA LYS C 153 11.86 12.71 -11.70
C LYS C 153 11.72 13.53 -10.41
N ALA C 154 11.80 12.88 -9.26
CA ALA C 154 11.76 13.46 -7.90
C ALA C 154 12.88 14.49 -7.69
N GLU C 155 14.04 14.29 -8.33
CA GLU C 155 15.22 15.20 -8.23
C GLU C 155 15.04 16.41 -9.16
N ILE C 156 14.31 16.27 -10.26
CA ILE C 156 14.04 17.37 -11.24
C ILE C 156 12.95 18.30 -10.70
N GLU C 157 11.92 17.75 -10.08
CA GLU C 157 10.81 18.51 -9.45
C GLU C 157 11.28 19.16 -8.15
N GLY C 158 12.26 18.56 -7.47
CA GLY C 158 12.80 19.05 -6.18
C GLY C 158 13.64 20.31 -6.32
N GLU C 159 14.17 20.79 -5.18
CA GLU C 159 15.11 21.95 -5.08
C GLU C 159 16.55 21.45 -5.03
N ILE C 160 17.49 22.28 -5.46
CA ILE C 160 18.96 22.03 -5.28
C ILE C 160 19.27 22.09 -3.79
N GLY C 161 19.94 21.07 -3.27
CA GLY C 161 20.19 20.86 -1.84
C GLY C 161 19.49 19.61 -1.32
N ASP C 162 18.27 19.35 -1.79
CA ASP C 162 17.42 18.19 -1.36
C ASP C 162 18.20 16.89 -1.48
N SER C 163 18.17 16.06 -0.44
CA SER C 163 18.73 14.68 -0.41
C SER C 163 17.71 13.74 -1.06
N HIS C 164 18.18 12.82 -1.91
CA HIS C 164 17.39 11.71 -2.49
C HIS C 164 18.19 10.41 -2.34
N MET C 165 18.24 9.86 -1.14
CA MET C 165 19.14 8.74 -0.77
C MET C 165 18.88 7.52 -1.65
N GLY C 166 19.89 7.12 -2.43
CA GLY C 166 19.91 5.89 -3.22
C GLY C 166 18.89 5.87 -4.33
N LEU C 167 18.40 7.02 -4.78
CA LEU C 167 17.28 7.07 -5.75
C LEU C 167 17.74 6.66 -7.14
N ALA C 168 18.80 7.28 -7.65
CA ALA C 168 19.40 6.93 -8.96
C ALA C 168 19.89 5.47 -8.96
N ALA C 169 20.50 5.00 -7.86
CA ALA C 169 20.93 3.60 -7.69
C ALA C 169 19.73 2.66 -7.82
N ARG C 170 18.64 2.99 -7.15
CA ARG C 170 17.40 2.18 -7.14
C ARG C 170 16.83 2.10 -8.55
N MET C 171 16.77 3.23 -9.25
CA MET C 171 16.27 3.36 -10.64
C MET C 171 17.10 2.50 -11.60
N MET C 172 18.42 2.46 -11.43
CA MET C 172 19.32 1.64 -12.27
C MET C 172 19.13 0.15 -11.97
N SER C 173 19.03 -0.23 -10.70
CA SER C 173 18.76 -1.62 -10.25
C SER C 173 17.47 -2.13 -10.89
N GLN C 174 16.41 -1.34 -10.84
CA GLN C 174 15.10 -1.69 -11.45
C GLN C 174 15.21 -1.77 -12.97
N ALA C 175 15.97 -0.87 -13.60
CA ALA C 175 16.10 -0.81 -15.06
C ALA C 175 16.80 -2.05 -15.61
N MET C 176 17.87 -2.50 -14.94
CA MET C 176 18.68 -3.68 -15.38
C MET C 176 17.82 -4.95 -15.33
N ARG C 177 17.10 -5.17 -14.23
CA ARG C 177 16.12 -6.29 -14.07
C ARG C 177 15.16 -6.37 -15.26
N LYS C 178 14.57 -5.23 -15.65
CA LYS C 178 13.53 -5.14 -16.70
C LYS C 178 14.16 -5.26 -18.08
N LEU C 179 15.39 -4.78 -18.30
CA LEU C 179 16.01 -4.66 -19.64
C LEU C 179 16.69 -5.96 -20.06
N ALA C 180 17.52 -6.54 -19.19
CA ALA C 180 18.37 -7.74 -19.45
C ALA C 180 17.66 -8.74 -20.35
N GLY C 181 16.47 -9.18 -19.94
CA GLY C 181 15.66 -10.20 -20.64
C GLY C 181 15.15 -9.72 -21.97
N ASN C 182 14.66 -8.48 -22.04
CA ASN C 182 14.12 -7.86 -23.27
C ASN C 182 15.22 -7.74 -24.34
N LEU C 183 16.42 -7.32 -23.96
CA LEU C 183 17.57 -7.17 -24.87
C LEU C 183 17.98 -8.53 -25.45
N LYS C 184 17.90 -9.61 -24.69
CA LYS C 184 18.33 -10.97 -25.12
C LYS C 184 17.34 -11.50 -26.15
N GLN C 185 16.04 -11.33 -25.91
CA GLN C 185 14.96 -11.79 -26.83
C GLN C 185 15.08 -11.04 -28.17
N SER C 186 15.49 -9.78 -28.16
CA SER C 186 15.55 -8.87 -29.33
C SER C 186 16.90 -8.93 -30.04
N ASN C 187 17.92 -9.48 -29.39
CA ASN C 187 19.33 -9.52 -29.85
C ASN C 187 19.86 -8.08 -30.00
N THR C 188 19.44 -7.19 -29.10
CA THR C 188 19.79 -5.74 -29.05
C THR C 188 21.01 -5.55 -28.15
N LEU C 189 21.99 -4.77 -28.59
CA LEU C 189 23.16 -4.37 -27.79
C LEU C 189 22.85 -3.05 -27.07
N LEU C 190 23.07 -2.95 -25.76
CA LEU C 190 22.89 -1.69 -25.01
C LEU C 190 24.23 -1.21 -24.45
N ILE C 191 24.68 -0.01 -24.83
CA ILE C 191 25.97 0.57 -24.37
C ILE C 191 25.64 1.75 -23.45
N PHE C 192 25.99 1.61 -22.17
CA PHE C 192 25.94 2.70 -21.17
C PHE C 192 27.28 3.38 -21.14
N ILE C 193 27.32 4.69 -21.33
CA ILE C 193 28.54 5.49 -21.05
C ILE C 193 28.45 5.96 -19.60
N ASN C 194 29.57 6.05 -18.89
CA ASN C 194 29.58 6.44 -17.47
C ASN C 194 30.76 7.38 -17.18
N GLN C 195 30.56 8.33 -16.27
CA GLN C 195 31.60 9.29 -15.81
C GLN C 195 32.28 8.68 -14.60
N ILE C 196 33.43 9.22 -14.22
CA ILE C 196 34.19 8.84 -13.00
C ILE C 196 33.89 9.84 -11.90
N ARG C 197 33.87 9.39 -10.65
CA ARG C 197 33.79 10.23 -9.44
C ARG C 197 34.81 9.69 -8.43
N MET C 198 34.98 10.38 -7.30
CA MET C 198 35.87 9.96 -6.21
C MET C 198 35.04 9.39 -5.07
N LYS C 199 35.54 8.35 -4.42
CA LYS C 199 34.99 7.84 -3.14
C LYS C 199 35.92 8.31 -2.02
N ILE C 200 35.35 8.78 -0.91
CA ILE C 200 36.12 9.44 0.17
C ILE C 200 35.95 8.66 1.48
N GLY C 201 36.92 8.77 2.37
CA GLY C 201 37.02 7.99 3.62
C GLY C 201 37.25 6.50 3.35
N VAL C 202 37.96 6.17 2.26
CA VAL C 202 38.29 4.78 1.86
C VAL C 202 39.69 4.43 2.37
N MET C 203 39.99 3.13 2.47
CA MET C 203 41.32 2.56 2.79
C MET C 203 42.29 2.82 1.62
N PHE C 204 43.17 1.87 1.26
CA PHE C 204 44.06 1.98 0.07
C PHE C 204 43.59 0.98 -1.00
N GLY C 205 42.37 1.21 -1.51
CA GLY C 205 41.91 0.71 -2.83
C GLY C 205 42.35 1.67 -3.93
N ASN C 206 41.59 1.75 -5.03
CA ASN C 206 41.60 2.92 -5.95
C ASN C 206 40.43 3.81 -5.52
N PRO C 207 40.62 5.14 -5.45
CA PRO C 207 39.54 6.04 -5.04
C PRO C 207 38.51 6.37 -6.13
N GLU C 208 38.79 6.03 -7.40
CA GLU C 208 37.88 6.25 -8.54
C GLU C 208 36.67 5.33 -8.43
N THR C 209 35.46 5.86 -8.62
CA THR C 209 34.17 5.14 -8.76
C THR C 209 33.56 5.48 -10.11
N THR C 210 32.40 4.90 -10.40
CA THR C 210 31.42 5.36 -11.42
C THR C 210 30.09 5.67 -10.74
N THR C 211 29.34 6.58 -11.32
CA THR C 211 27.95 6.94 -10.94
C THR C 211 26.95 5.77 -11.13
N GLY C 212 25.84 5.83 -10.40
CA GLY C 212 24.60 5.06 -10.67
C GLY C 212 24.48 3.78 -9.88
N GLY C 213 25.38 3.48 -8.95
CA GLY C 213 25.29 2.34 -8.02
C GLY C 213 25.92 1.07 -8.56
N ASN C 214 25.62 -0.06 -7.94
CA ASN C 214 26.38 -1.32 -8.07
C ASN C 214 25.75 -2.28 -9.07
N ALA C 215 24.51 -2.04 -9.53
CA ALA C 215 23.76 -2.98 -10.39
C ALA C 215 24.52 -3.19 -11.70
N LEU C 216 24.93 -2.11 -12.34
CA LEU C 216 25.39 -2.14 -13.75
C LEU C 216 26.71 -2.92 -13.86
N LYS C 217 27.61 -2.85 -12.87
CA LYS C 217 28.81 -3.71 -12.79
C LYS C 217 28.44 -5.17 -13.03
N PHE C 218 27.37 -5.64 -12.40
CA PHE C 218 27.01 -7.08 -12.36
C PHE C 218 26.37 -7.46 -13.68
N TYR C 219 25.55 -6.59 -14.25
CA TYR C 219 24.71 -6.90 -15.43
C TYR C 219 25.52 -6.76 -16.71
N ALA C 220 26.54 -5.90 -16.73
CA ALA C 220 27.42 -5.69 -17.89
C ALA C 220 28.16 -6.98 -18.26
N SER C 221 28.08 -7.39 -19.53
CA SER C 221 28.87 -8.52 -20.09
C SER C 221 30.30 -8.09 -20.38
N VAL C 222 30.49 -6.84 -20.79
CA VAL C 222 31.82 -6.19 -21.01
C VAL C 222 31.84 -4.87 -20.24
N ARG C 223 33.00 -4.50 -19.70
CA ARG C 223 33.28 -3.16 -19.15
C ARG C 223 34.63 -2.68 -19.70
N LEU C 224 34.66 -1.49 -20.26
CA LEU C 224 35.87 -0.84 -20.84
C LEU C 224 36.19 0.42 -20.05
N ASP C 225 37.48 0.67 -19.84
CA ASP C 225 38.03 1.87 -19.18
C ASP C 225 38.93 2.58 -20.19
N ILE C 226 38.49 3.72 -20.72
CA ILE C 226 39.20 4.44 -21.83
C ILE C 226 39.89 5.67 -21.25
N ARG C 227 41.12 5.92 -21.67
CA ARG C 227 41.99 6.98 -21.12
C ARG C 227 42.82 7.62 -22.23
N ARG C 228 42.98 8.94 -22.18
CA ARG C 228 43.93 9.71 -23.02
C ARG C 228 45.31 9.64 -22.38
N ILE C 229 46.32 9.16 -23.10
CA ILE C 229 47.69 8.89 -22.56
C ILE C 229 48.74 9.74 -23.29
N GLY C 230 48.34 10.68 -24.14
CA GLY C 230 49.28 11.60 -24.83
C GLY C 230 48.66 12.30 -26.02
N ALA C 231 49.46 13.12 -26.70
CA ALA C 231 49.07 13.94 -27.87
C ALA C 231 49.68 13.37 -29.15
N VAL C 232 49.01 13.59 -30.28
CA VAL C 232 49.46 13.30 -31.66
C VAL C 232 49.69 14.64 -32.35
N LYS C 233 50.92 14.91 -32.81
CA LYS C 233 51.34 16.25 -33.29
C LYS C 233 51.83 16.17 -34.74
N GLU C 234 51.52 17.23 -35.51
CA GLU C 234 52.19 17.62 -36.78
C GLU C 234 53.09 18.83 -36.48
N GLY C 235 54.22 18.57 -35.81
CA GLY C 235 55.16 19.59 -35.31
C GLY C 235 54.60 20.35 -34.11
N GLU C 236 53.81 21.39 -34.38
CA GLU C 236 53.21 22.31 -33.35
C GLU C 236 51.74 21.92 -33.11
N ASN C 237 50.97 21.84 -34.21
CA ASN C 237 49.50 21.55 -34.22
C ASN C 237 49.24 20.18 -33.60
N VAL C 238 48.57 20.17 -32.43
CA VAL C 238 48.01 18.94 -31.80
C VAL C 238 46.81 18.51 -32.65
N VAL C 239 46.96 17.40 -33.37
CA VAL C 239 46.01 16.94 -34.43
C VAL C 239 45.18 15.75 -33.93
N GLY C 240 45.48 15.20 -32.75
CA GLY C 240 44.73 14.08 -32.18
C GLY C 240 45.17 13.67 -30.79
N SER C 241 44.63 12.53 -30.32
CA SER C 241 44.82 11.97 -28.96
C SER C 241 45.35 10.54 -29.10
N GLU C 242 46.35 10.18 -28.32
CA GLU C 242 46.86 8.79 -28.16
C GLU C 242 46.10 8.17 -26.99
N THR C 243 45.37 7.07 -27.23
CA THR C 243 44.29 6.57 -26.36
C THR C 243 44.55 5.11 -25.98
N ARG C 244 44.31 4.72 -24.73
CA ARG C 244 44.41 3.31 -24.26
C ARG C 244 43.08 2.81 -23.68
N VAL C 245 42.57 1.68 -24.17
CA VAL C 245 41.35 0.99 -23.63
C VAL C 245 41.75 -0.31 -22.93
N LYS C 246 41.38 -0.46 -21.66
CA LYS C 246 41.54 -1.69 -20.86
C LYS C 246 40.20 -2.40 -20.71
N VAL C 247 40.15 -3.68 -21.06
CA VAL C 247 38.96 -4.53 -20.84
C VAL C 247 38.96 -4.98 -19.36
N VAL C 248 38.11 -4.38 -18.55
CA VAL C 248 38.10 -4.50 -17.08
C VAL C 248 37.14 -5.62 -16.64
N LYS C 249 36.20 -6.00 -17.47
CA LYS C 249 35.31 -7.17 -17.27
C LYS C 249 34.93 -7.73 -18.63
N ASN C 250 34.98 -9.04 -18.79
CA ASN C 250 34.65 -9.75 -20.04
C ASN C 250 34.08 -11.10 -19.63
N LYS C 251 32.87 -11.41 -20.05
CA LYS C 251 32.19 -12.71 -19.84
C LYS C 251 32.15 -13.53 -21.12
N ILE C 252 32.64 -13.02 -22.24
CA ILE C 252 32.59 -13.79 -23.52
C ILE C 252 34.00 -14.21 -23.94
N ALA C 253 35.02 -13.86 -23.16
CA ALA C 253 36.44 -14.22 -23.39
C ALA C 253 37.26 -13.69 -22.22
N ALA C 254 38.56 -14.03 -22.16
CA ALA C 254 39.43 -13.68 -21.02
C ALA C 254 39.55 -12.17 -20.91
N PRO C 255 39.52 -11.58 -19.70
CA PRO C 255 39.73 -10.15 -19.51
C PRO C 255 41.18 -9.66 -19.30
N PHE C 256 41.31 -8.35 -19.03
CA PHE C 256 42.53 -7.59 -18.66
C PHE C 256 43.49 -7.46 -19.85
N LYS C 257 43.00 -7.64 -21.08
CA LYS C 257 43.73 -7.23 -22.31
C LYS C 257 43.48 -5.74 -22.53
N GLN C 258 44.42 -5.07 -23.22
CA GLN C 258 44.31 -3.63 -23.51
C GLN C 258 44.66 -3.34 -24.96
N ALA C 259 44.14 -2.23 -25.47
CA ALA C 259 44.28 -1.74 -26.86
C ALA C 259 44.83 -0.32 -26.81
N GLU C 260 45.70 0.02 -27.75
CA GLU C 260 46.24 1.39 -27.94
C GLU C 260 46.01 1.82 -29.39
N PHE C 261 45.45 3.00 -29.57
CA PHE C 261 45.14 3.57 -30.90
C PHE C 261 45.10 5.10 -30.82
N GLN C 262 45.07 5.74 -31.98
CA GLN C 262 45.01 7.21 -32.14
C GLN C 262 43.59 7.61 -32.51
N ILE C 263 43.00 8.56 -31.77
CA ILE C 263 41.81 9.32 -32.25
C ILE C 263 42.35 10.59 -32.92
N LEU C 264 42.03 10.81 -34.19
CA LEU C 264 42.37 12.05 -34.93
C LEU C 264 41.10 12.90 -35.02
N TYR C 265 41.20 14.18 -34.64
CA TYR C 265 40.06 15.12 -34.49
C TYR C 265 39.47 15.36 -35.87
N GLY C 266 38.21 14.94 -36.07
CA GLY C 266 37.48 15.12 -37.34
C GLY C 266 37.33 13.83 -38.13
N GLU C 267 38.27 12.88 -38.05
CA GLU C 267 38.14 11.56 -38.76
C GLU C 267 37.70 10.46 -37.78
N GLY C 268 38.19 10.46 -36.53
CA GLY C 268 37.87 9.43 -35.51
C GLY C 268 39.05 8.50 -35.27
N ILE C 269 38.81 7.20 -35.13
CA ILE C 269 39.87 6.18 -34.86
C ILE C 269 40.67 5.95 -36.14
N ASN C 270 42.00 6.00 -36.02
CA ASN C 270 42.97 5.84 -37.14
C ASN C 270 43.15 4.35 -37.42
N PHE C 271 42.42 3.82 -38.42
CA PHE C 271 42.36 2.39 -38.78
C PHE C 271 43.71 1.90 -39.31
N TYR C 272 44.31 2.64 -40.24
CA TYR C 272 45.60 2.27 -40.88
C TYR C 272 46.75 2.40 -39.89
N GLY C 273 46.68 3.32 -38.92
CA GLY C 273 47.63 3.42 -37.80
C GLY C 273 47.75 2.10 -37.04
N GLU C 274 46.62 1.48 -36.70
CA GLU C 274 46.55 0.17 -35.99
C GLU C 274 47.16 -0.93 -36.87
N LEU C 275 46.80 -0.95 -38.15
CA LEU C 275 47.19 -1.98 -39.14
C LEU C 275 48.72 -2.05 -39.31
N VAL C 276 49.41 -0.92 -39.18
CA VAL C 276 50.90 -0.84 -39.15
C VAL C 276 51.40 -1.59 -37.91
N ASP C 277 51.01 -1.13 -36.72
CA ASP C 277 51.45 -1.68 -35.40
C ASP C 277 51.18 -3.19 -35.31
N LEU C 278 50.05 -3.65 -35.84
CA LEU C 278 49.64 -5.08 -35.90
C LEU C 278 50.48 -5.83 -36.94
N GLY C 279 50.80 -5.20 -38.08
CA GLY C 279 51.71 -5.73 -39.11
C GLY C 279 53.12 -5.95 -38.60
N VAL C 280 53.66 -4.99 -37.82
CA VAL C 280 55.01 -5.04 -37.18
C VAL C 280 55.04 -6.20 -36.18
N LYS C 281 54.04 -6.26 -35.29
CA LYS C 281 53.92 -7.25 -34.19
C LYS C 281 53.86 -8.68 -34.74
N GLU C 282 53.23 -8.90 -35.89
CA GLU C 282 53.03 -10.23 -36.53
C GLU C 282 54.06 -10.49 -37.65
N LYS C 283 55.14 -9.71 -37.72
CA LYS C 283 56.31 -9.93 -38.63
C LYS C 283 55.86 -9.97 -40.11
N LEU C 284 54.83 -9.20 -40.48
CA LEU C 284 54.40 -8.96 -41.89
C LEU C 284 55.01 -7.65 -42.39
N ILE C 285 55.35 -6.73 -41.47
CA ILE C 285 56.11 -5.46 -41.73
C ILE C 285 57.38 -5.50 -40.87
N GLU C 286 58.52 -5.10 -41.44
CA GLU C 286 59.84 -5.00 -40.75
C GLU C 286 60.08 -3.55 -40.33
N LYS C 287 60.48 -3.33 -39.07
CA LYS C 287 60.87 -2.00 -38.52
C LYS C 287 62.38 -2.01 -38.27
N ALA C 288 63.15 -1.23 -39.04
CA ALA C 288 64.61 -1.02 -38.94
C ALA C 288 64.89 0.36 -38.32
N GLY C 289 64.80 0.45 -36.98
CA GLY C 289 64.96 1.71 -36.21
C GLY C 289 63.69 2.55 -36.27
N ALA C 290 63.65 3.54 -37.17
CA ALA C 290 62.48 4.40 -37.49
C ALA C 290 62.03 4.20 -38.94
N TRP C 291 62.55 3.17 -39.65
CA TRP C 291 62.23 2.83 -41.07
C TRP C 291 61.34 1.60 -41.12
N TYR C 292 60.11 1.75 -41.62
CA TYR C 292 59.13 0.65 -41.85
C TYR C 292 59.32 0.12 -43.28
N SER C 293 59.42 -1.21 -43.44
CA SER C 293 59.71 -1.91 -44.72
C SER C 293 58.75 -3.11 -44.89
N TYR C 294 58.06 -3.18 -46.03
CA TYR C 294 57.16 -4.29 -46.43
C TYR C 294 57.77 -5.05 -47.63
N LYS C 295 58.20 -6.30 -47.41
CA LYS C 295 58.80 -7.21 -48.42
C LYS C 295 60.08 -6.58 -49.02
N GLY C 296 60.87 -5.86 -48.20
CA GLY C 296 62.11 -5.17 -48.60
C GLY C 296 61.88 -3.72 -48.97
N GLU C 297 60.90 -3.46 -49.85
CA GLU C 297 60.43 -2.13 -50.31
C GLU C 297 60.13 -1.22 -49.11
N LYS C 298 60.86 -0.11 -48.96
CA LYS C 298 60.77 0.83 -47.79
C LYS C 298 59.52 1.70 -47.96
N ILE C 299 58.46 1.41 -47.20
CA ILE C 299 57.12 2.05 -47.29
C ILE C 299 57.17 3.49 -46.77
N GLY C 300 58.04 3.77 -45.79
CA GLY C 300 58.28 5.15 -45.28
C GLY C 300 59.15 5.18 -44.04
N GLN C 301 59.37 6.38 -43.51
CA GLN C 301 60.15 6.69 -42.27
C GLN C 301 59.22 7.44 -41.31
N GLY C 302 59.01 6.91 -40.09
CA GLY C 302 57.99 7.37 -39.15
C GLY C 302 56.64 6.71 -39.41
N LYS C 303 55.79 6.65 -38.40
CA LYS C 303 54.47 5.95 -38.42
C LYS C 303 53.50 6.70 -39.35
N ALA C 304 53.54 8.04 -39.36
CA ALA C 304 52.66 8.93 -40.17
C ALA C 304 52.87 8.69 -41.67
N ASN C 305 54.14 8.60 -42.11
CA ASN C 305 54.54 8.38 -43.52
C ASN C 305 54.18 6.95 -43.96
N ALA C 306 54.39 5.97 -43.08
CA ALA C 306 53.99 4.55 -43.26
C ALA C 306 52.47 4.45 -43.42
N THR C 307 51.72 5.13 -42.54
CA THR C 307 50.23 5.23 -42.56
C THR C 307 49.78 5.89 -43.86
N ALA C 308 50.45 6.98 -44.27
CA ALA C 308 50.19 7.73 -45.52
C ALA C 308 50.41 6.83 -46.75
N TRP C 309 51.41 5.95 -46.72
CA TRP C 309 51.71 4.98 -47.81
C TRP C 309 50.55 3.98 -47.95
N LEU C 310 50.10 3.37 -46.84
CA LEU C 310 49.01 2.35 -46.82
C LEU C 310 47.68 2.95 -47.30
N LYS C 311 47.49 4.26 -47.09
CA LYS C 311 46.34 5.04 -47.64
C LYS C 311 46.37 4.97 -49.17
N ASP C 312 47.54 5.22 -49.78
CA ASP C 312 47.75 5.31 -51.25
C ASP C 312 47.72 3.92 -51.91
N ASN C 313 47.96 2.83 -51.17
CA ASN C 313 47.98 1.43 -51.68
C ASN C 313 46.89 0.61 -50.99
N PRO C 314 45.59 0.76 -51.37
CA PRO C 314 44.51 -0.03 -50.77
C PRO C 314 44.51 -1.55 -51.05
N GLU C 315 45.36 -2.05 -51.95
CA GLU C 315 45.53 -3.51 -52.24
C GLU C 315 46.38 -4.14 -51.13
N THR C 316 47.52 -3.49 -50.84
CA THR C 316 48.52 -3.86 -49.80
C THR C 316 47.87 -3.84 -48.40
N ALA C 317 47.01 -2.86 -48.13
CA ALA C 317 46.27 -2.68 -46.86
C ALA C 317 45.20 -3.78 -46.71
N LYS C 318 44.49 -4.13 -47.79
CA LYS C 318 43.52 -5.27 -47.83
C LYS C 318 44.24 -6.58 -47.50
N GLU C 319 45.41 -6.80 -48.11
CA GLU C 319 46.26 -8.02 -47.97
C GLU C 319 46.65 -8.20 -46.49
N ILE C 320 47.22 -7.17 -45.87
CA ILE C 320 47.73 -7.22 -44.46
C ILE C 320 46.55 -7.40 -43.50
N GLU C 321 45.43 -6.70 -43.72
CA GLU C 321 44.21 -6.80 -42.87
C GLU C 321 43.71 -8.25 -42.85
N LYS C 322 43.56 -8.85 -44.04
CA LYS C 322 43.12 -10.26 -44.23
C LYS C 322 44.01 -11.22 -43.42
N LYS C 323 45.34 -10.99 -43.46
CA LYS C 323 46.40 -11.84 -42.82
C LYS C 323 46.34 -11.74 -41.29
N VAL C 324 46.27 -10.51 -40.76
CA VAL C 324 46.23 -10.18 -39.30
C VAL C 324 44.95 -10.77 -38.68
N ARG C 325 43.82 -10.62 -39.37
CA ARG C 325 42.49 -11.20 -38.99
C ARG C 325 42.61 -12.72 -38.89
N GLU C 326 43.17 -13.35 -39.93
CA GLU C 326 43.47 -14.81 -40.04
C GLU C 326 44.21 -15.31 -38.78
N LEU C 327 45.25 -14.59 -38.36
CA LEU C 327 46.23 -15.01 -37.32
C LEU C 327 45.69 -14.76 -35.91
N LEU C 328 45.41 -13.49 -35.58
CA LEU C 328 45.47 -12.93 -34.20
C LEU C 328 44.11 -12.97 -33.50
N LEU C 329 42.99 -13.17 -34.22
CA LEU C 329 41.65 -13.34 -33.60
C LEU C 329 41.64 -14.63 -32.77
N SER C 330 41.40 -14.51 -31.46
CA SER C 330 41.47 -15.60 -30.45
C SER C 330 40.27 -16.54 -30.61
N ASN C 331 39.04 -16.00 -30.62
CA ASN C 331 37.75 -16.74 -30.69
C ASN C 331 36.94 -16.27 -31.89
N PRO C 332 37.31 -16.63 -33.15
CA PRO C 332 36.42 -16.43 -34.30
C PRO C 332 35.22 -17.37 -34.21
N ASN C 333 34.00 -16.83 -34.36
CA ASN C 333 32.71 -17.51 -34.05
C ASN C 333 32.48 -18.62 -35.09
N SER C 334 32.38 -18.26 -36.38
CA SER C 334 32.21 -19.19 -37.53
C SER C 334 32.61 -18.49 -38.84
N ALA D 2 3.53 -50.41 35.42
CA ALA D 2 2.18 -49.85 35.78
C ALA D 2 2.09 -48.38 35.38
N ILE D 3 3.02 -47.55 35.90
CA ILE D 3 3.14 -46.09 35.64
C ILE D 3 3.69 -45.87 34.21
N ASP D 4 4.70 -46.66 33.83
CA ASP D 4 5.51 -46.54 32.57
C ASP D 4 4.83 -47.34 31.45
N GLU D 5 3.96 -48.31 31.77
CA GLU D 5 3.36 -49.29 30.82
C GLU D 5 2.19 -48.67 30.06
N ASN D 6 1.30 -47.94 30.76
CA ASN D 6 0.14 -47.23 30.15
C ASN D 6 0.61 -46.17 29.16
N LYS D 7 1.76 -45.53 29.42
CA LYS D 7 2.40 -44.51 28.54
C LYS D 7 2.83 -45.14 27.22
N GLN D 8 3.51 -46.31 27.26
CA GLN D 8 4.02 -47.03 26.06
C GLN D 8 2.86 -47.45 25.14
N LYS D 9 1.70 -47.75 25.71
CA LYS D 9 0.46 -48.13 24.99
C LYS D 9 -0.20 -46.90 24.36
N ALA D 10 -0.33 -45.81 25.14
CA ALA D 10 -0.88 -44.50 24.70
C ALA D 10 -0.03 -43.91 23.56
N LEU D 11 1.30 -44.10 23.62
CA LEU D 11 2.26 -43.71 22.57
C LEU D 11 1.96 -44.51 21.29
N ALA D 12 2.05 -45.85 21.38
CA ALA D 12 1.87 -46.80 20.26
C ALA D 12 0.54 -46.57 19.53
N ALA D 13 -0.52 -46.23 20.27
CA ALA D 13 -1.88 -45.92 19.76
C ALA D 13 -1.86 -44.63 18.94
N ALA D 14 -1.21 -43.57 19.44
CA ALA D 14 -1.07 -42.25 18.78
C ALA D 14 -0.21 -42.39 17.51
N LEU D 15 0.92 -43.10 17.60
CA LEU D 15 1.79 -43.44 16.44
C LEU D 15 0.97 -44.18 15.36
N GLY D 16 0.13 -45.15 15.76
CA GLY D 16 -0.82 -45.84 14.87
C GLY D 16 -1.81 -44.89 14.21
N GLN D 17 -2.41 -43.99 15.00
CA GLN D 17 -3.42 -42.98 14.57
C GLN D 17 -2.77 -42.00 13.59
N ILE D 18 -1.54 -41.52 13.87
CA ILE D 18 -0.79 -40.54 13.01
C ILE D 18 -0.47 -41.23 11.67
N GLU D 19 0.05 -42.48 11.72
CA GLU D 19 0.45 -43.28 10.53
C GLU D 19 -0.78 -43.66 9.68
N LYS D 20 -1.91 -43.96 10.34
CA LYS D 20 -3.25 -44.17 9.71
C LYS D 20 -3.65 -42.93 8.91
N GLN D 21 -3.57 -41.75 9.53
CA GLN D 21 -4.15 -40.46 9.04
C GLN D 21 -3.30 -39.91 7.88
N PHE D 22 -1.98 -39.85 8.05
CA PHE D 22 -1.03 -39.07 7.20
C PHE D 22 -0.17 -39.99 6.31
N GLY D 23 0.04 -41.26 6.66
CA GLY D 23 0.77 -42.25 5.83
C GLY D 23 1.90 -42.93 6.58
N LYS D 24 2.75 -43.65 5.85
CA LYS D 24 3.66 -44.71 6.37
C LYS D 24 4.73 -44.10 7.28
N GLY D 25 5.65 -43.31 6.71
CA GLY D 25 6.81 -42.74 7.43
C GLY D 25 6.54 -41.33 7.96
N SER D 26 5.29 -41.02 8.34
CA SER D 26 4.85 -39.69 8.81
C SER D 26 5.44 -39.39 10.19
N ILE D 27 5.77 -40.42 10.97
CA ILE D 27 6.54 -40.25 12.24
C ILE D 27 7.35 -41.53 12.50
N MET D 28 8.64 -41.38 12.79
CA MET D 28 9.54 -42.50 13.19
C MET D 28 10.50 -42.00 14.26
N ARG D 29 11.29 -42.91 14.82
CA ARG D 29 12.48 -42.59 15.64
C ARG D 29 13.61 -42.18 14.70
N LEU D 30 14.40 -41.20 15.13
CA LEU D 30 15.42 -40.50 14.28
C LEU D 30 16.54 -41.49 13.90
N GLY D 31 16.96 -42.32 14.85
CA GLY D 31 18.03 -43.32 14.70
C GLY D 31 17.77 -44.34 13.60
N GLU D 32 16.50 -44.61 13.25
CA GLU D 32 16.11 -45.60 12.21
C GLU D 32 15.50 -44.92 10.97
N ASP D 33 15.76 -43.61 10.74
CA ASP D 33 15.30 -42.84 9.54
C ASP D 33 16.51 -42.59 8.62
N ARG D 34 16.65 -43.39 7.56
CA ARG D 34 17.79 -43.35 6.61
C ARG D 34 17.69 -42.14 5.68
N SER D 35 16.48 -41.64 5.44
CA SER D 35 16.18 -40.44 4.62
C SER D 35 16.88 -39.21 5.20
N MET D 36 17.03 -39.17 6.53
CA MET D 36 17.53 -38.02 7.32
C MET D 36 19.07 -37.94 7.30
N ASP D 37 19.77 -39.00 6.86
CA ASP D 37 21.25 -39.03 6.72
C ASP D 37 21.69 -38.06 5.62
N VAL D 38 22.82 -37.37 5.83
CA VAL D 38 23.40 -36.33 4.92
C VAL D 38 24.34 -37.00 3.91
N GLU D 39 24.01 -36.86 2.63
CA GLU D 39 24.79 -37.29 1.44
C GLU D 39 25.33 -36.01 0.75
N THR D 40 26.54 -36.04 0.22
CA THR D 40 27.22 -34.86 -0.38
C THR D 40 27.66 -35.12 -1.83
N ILE D 41 28.03 -34.04 -2.53
CA ILE D 41 28.74 -34.08 -3.84
C ILE D 41 29.91 -33.09 -3.84
N SER D 42 30.93 -33.38 -4.65
CA SER D 42 32.15 -32.57 -4.87
C SER D 42 31.77 -31.16 -5.35
N THR D 43 32.60 -30.18 -5.01
CA THR D 43 32.50 -28.77 -5.50
C THR D 43 33.42 -28.54 -6.71
N GLY D 44 34.24 -29.53 -7.09
CA GLY D 44 35.33 -29.37 -8.09
C GLY D 44 36.65 -28.98 -7.41
N SER D 45 36.60 -28.04 -6.47
CA SER D 45 37.71 -27.70 -5.54
C SER D 45 37.85 -28.76 -4.45
N LEU D 46 39.09 -29.14 -4.12
CA LEU D 46 39.45 -30.05 -3.00
C LEU D 46 39.60 -29.27 -1.70
N SER D 47 40.15 -28.05 -1.75
CA SER D 47 40.28 -27.14 -0.57
C SER D 47 38.89 -26.73 -0.04
N LEU D 48 37.89 -26.61 -0.91
CA LEU D 48 36.51 -26.21 -0.53
C LEU D 48 35.80 -27.41 0.10
N ASP D 49 35.95 -28.61 -0.48
CA ASP D 49 35.43 -29.88 0.08
C ASP D 49 35.95 -30.09 1.51
N ILE D 50 37.17 -29.63 1.83
CA ILE D 50 37.76 -29.69 3.20
C ILE D 50 37.12 -28.63 4.10
N ALA D 51 36.97 -27.39 3.62
CA ALA D 51 36.38 -26.26 4.37
C ALA D 51 34.94 -26.59 4.74
N LEU D 52 34.21 -27.28 3.86
CA LEU D 52 32.79 -27.61 4.09
C LEU D 52 32.64 -28.71 5.14
N GLY D 53 33.70 -29.48 5.44
CA GLY D 53 33.75 -30.38 6.61
C GLY D 53 33.15 -31.76 6.35
N ALA D 54 32.18 -31.86 5.45
CA ALA D 54 31.50 -33.14 5.09
C ALA D 54 31.89 -33.58 3.68
N GLY D 55 32.94 -32.99 3.11
CA GLY D 55 33.46 -33.38 1.79
C GLY D 55 32.51 -33.01 0.66
N GLY D 56 31.74 -31.93 0.80
CA GLY D 56 31.00 -31.34 -0.31
C GLY D 56 29.65 -30.75 0.09
N LEU D 57 28.81 -30.50 -0.91
CA LEU D 57 27.53 -29.78 -0.76
C LEU D 57 26.43 -30.80 -0.49
N PRO D 58 25.50 -30.53 0.44
CA PRO D 58 24.51 -31.54 0.84
C PRO D 58 23.33 -31.70 -0.14
N MET D 59 23.06 -32.93 -0.56
CA MET D 59 21.87 -33.27 -1.38
C MET D 59 20.61 -33.08 -0.54
N GLY D 60 19.52 -32.71 -1.21
CA GLY D 60 18.21 -32.41 -0.60
C GLY D 60 18.13 -31.05 0.09
N ARG D 61 19.13 -30.17 -0.08
CA ARG D 61 19.21 -28.88 0.66
C ARG D 61 19.25 -27.71 -0.32
N ILE D 62 19.28 -26.50 0.22
CA ILE D 62 19.45 -25.21 -0.50
C ILE D 62 20.84 -24.67 -0.17
N VAL D 63 21.53 -24.12 -1.16
CA VAL D 63 22.87 -23.48 -1.02
C VAL D 63 22.78 -22.08 -1.60
N GLU D 64 23.48 -21.13 -1.00
CA GLU D 64 23.61 -19.74 -1.49
C GLU D 64 25.08 -19.47 -1.74
N ILE D 65 25.41 -18.97 -2.94
CA ILE D 65 26.76 -18.46 -3.33
C ILE D 65 26.60 -17.00 -3.67
N TYR D 66 27.29 -16.12 -2.96
CA TYR D 66 27.25 -14.67 -3.22
C TYR D 66 28.68 -14.14 -3.28
N GLY D 67 28.81 -12.97 -3.90
CA GLY D 67 30.09 -12.27 -3.96
C GLY D 67 30.01 -11.10 -4.92
N PRO D 68 31.12 -10.32 -5.06
CA PRO D 68 31.20 -9.27 -6.05
C PRO D 68 31.24 -9.73 -7.50
N GLU D 69 31.03 -8.78 -8.41
CA GLU D 69 31.11 -8.99 -9.88
C GLU D 69 32.42 -9.69 -10.25
N SER D 70 32.29 -10.72 -11.07
CA SER D 70 33.35 -11.54 -11.72
C SER D 70 34.29 -12.11 -10.68
N SER D 71 33.73 -12.63 -9.59
CA SER D 71 34.44 -13.33 -8.49
C SER D 71 34.52 -14.84 -8.74
N GLY D 72 33.72 -15.41 -9.64
CA GLY D 72 33.77 -16.85 -9.97
C GLY D 72 32.56 -17.63 -9.50
N LYS D 73 31.39 -17.01 -9.40
CA LYS D 73 30.15 -17.64 -8.88
C LYS D 73 29.59 -18.58 -9.93
N THR D 74 29.49 -18.15 -11.19
CA THR D 74 28.98 -19.00 -12.31
C THR D 74 30.00 -20.09 -12.63
N THR D 75 31.28 -19.76 -12.68
CA THR D 75 32.37 -20.74 -12.92
C THR D 75 32.27 -21.88 -11.89
N LEU D 76 32.12 -21.56 -10.62
CA LEU D 76 32.09 -22.57 -9.52
C LEU D 76 30.88 -23.49 -9.68
N THR D 77 29.69 -22.94 -9.95
CA THR D 77 28.45 -23.73 -10.14
C THR D 77 28.58 -24.66 -11.34
N LEU D 78 29.28 -24.25 -12.40
CA LEU D 78 29.46 -25.07 -13.61
C LEU D 78 30.44 -26.22 -13.33
N GLN D 79 31.42 -26.04 -12.44
CA GLN D 79 32.33 -27.13 -12.03
C GLN D 79 31.61 -28.13 -11.10
N VAL D 80 30.63 -27.69 -10.30
CA VAL D 80 29.74 -28.60 -9.51
C VAL D 80 28.94 -29.49 -10.47
N ILE D 81 28.30 -28.87 -11.47
CA ILE D 81 27.45 -29.57 -12.48
C ILE D 81 28.30 -30.55 -13.27
N ALA D 82 29.52 -30.14 -13.66
CA ALA D 82 30.47 -30.98 -14.43
C ALA D 82 30.77 -32.25 -13.63
N ALA D 83 31.08 -32.10 -12.34
CA ALA D 83 31.43 -33.19 -11.41
C ALA D 83 30.24 -34.15 -11.22
N ALA D 84 29.03 -33.60 -11.06
CA ALA D 84 27.79 -34.36 -10.85
C ALA D 84 27.45 -35.16 -12.12
N GLN D 85 27.67 -34.59 -13.30
CA GLN D 85 27.40 -35.25 -14.60
C GLN D 85 28.35 -36.45 -14.79
N ARG D 86 29.57 -36.39 -14.27
CA ARG D 86 30.58 -37.49 -14.32
C ARG D 86 30.18 -38.64 -13.36
N GLU D 87 29.30 -38.41 -12.38
CA GLU D 87 28.67 -39.47 -11.54
C GLU D 87 27.25 -39.78 -12.05
N GLY D 88 26.97 -39.53 -13.33
CA GLY D 88 25.71 -39.92 -14.00
C GLY D 88 24.46 -39.29 -13.41
N LYS D 89 24.55 -38.09 -12.84
CA LYS D 89 23.39 -37.30 -12.32
C LYS D 89 22.91 -36.32 -13.39
N THR D 90 21.61 -35.98 -13.35
CA THR D 90 20.94 -35.01 -14.25
C THR D 90 20.96 -33.62 -13.59
N CYS D 91 21.29 -32.58 -14.36
CA CYS D 91 21.43 -31.19 -13.87
C CYS D 91 20.63 -30.21 -14.73
N ALA D 92 20.26 -29.09 -14.12
CA ALA D 92 19.45 -28.01 -14.75
C ALA D 92 20.05 -26.66 -14.38
N PHE D 93 19.99 -25.69 -15.30
CA PHE D 93 20.49 -24.30 -15.14
C PHE D 93 19.36 -23.33 -15.50
N ILE D 94 18.80 -22.64 -14.52
CA ILE D 94 17.84 -21.52 -14.70
C ILE D 94 18.65 -20.23 -14.80
N ASP D 95 18.75 -19.64 -16.00
CA ASP D 95 19.61 -18.46 -16.30
C ASP D 95 18.74 -17.19 -16.36
N ALA D 96 18.34 -16.69 -15.20
CA ALA D 96 17.54 -15.45 -15.04
C ALA D 96 18.32 -14.20 -15.49
N GLU D 97 19.65 -14.24 -15.39
CA GLU D 97 20.60 -13.14 -15.76
C GLU D 97 20.72 -13.02 -17.28
N HIS D 98 20.40 -14.09 -18.04
CA HIS D 98 20.46 -14.13 -19.53
C HIS D 98 21.90 -13.85 -19.97
N ALA D 99 22.86 -14.66 -19.49
CA ALA D 99 24.31 -14.44 -19.69
C ALA D 99 25.10 -15.72 -19.43
N LEU D 100 24.67 -16.84 -20.01
CA LEU D 100 25.46 -18.10 -20.05
C LEU D 100 26.00 -18.25 -21.47
N ASP D 101 27.32 -18.50 -21.59
CA ASP D 101 28.01 -18.88 -22.86
C ASP D 101 28.16 -20.39 -22.88
N PRO D 102 27.43 -21.15 -23.73
CA PRO D 102 27.58 -22.61 -23.79
C PRO D 102 28.98 -23.14 -24.14
N ILE D 103 29.79 -22.38 -24.86
CA ILE D 103 31.17 -22.83 -25.23
C ILE D 103 32.07 -22.78 -23.99
N TYR D 104 31.89 -21.79 -23.11
CA TYR D 104 32.70 -21.68 -21.86
C TYR D 104 32.35 -22.88 -20.97
N ALA D 105 31.05 -23.17 -20.80
CA ALA D 105 30.53 -24.32 -20.04
C ALA D 105 31.20 -25.63 -20.50
N ARG D 106 31.34 -25.83 -21.81
CA ARG D 106 31.94 -27.05 -22.42
C ARG D 106 33.43 -27.15 -22.06
N LYS D 107 34.15 -26.03 -22.08
CA LYS D 107 35.59 -25.95 -21.71
C LYS D 107 35.81 -26.28 -20.23
N LEU D 108 34.84 -25.96 -19.36
CA LEU D 108 34.88 -26.31 -17.91
C LEU D 108 34.52 -27.78 -17.70
N GLY D 109 34.07 -28.50 -18.73
CA GLY D 109 33.86 -29.96 -18.68
C GLY D 109 32.41 -30.34 -18.45
N VAL D 110 31.47 -29.42 -18.71
CA VAL D 110 30.01 -29.72 -18.69
C VAL D 110 29.68 -30.47 -19.98
N ASP D 111 28.80 -31.47 -19.89
CA ASP D 111 28.12 -32.12 -21.04
C ASP D 111 26.92 -31.22 -21.42
N ILE D 112 27.12 -30.42 -22.47
CA ILE D 112 26.17 -29.36 -22.95
C ILE D 112 24.88 -30.03 -23.43
N ASP D 113 24.97 -31.24 -23.98
CA ASP D 113 23.84 -31.95 -24.66
C ASP D 113 22.91 -32.61 -23.63
N ASN D 114 23.33 -32.75 -22.36
CA ASN D 114 22.52 -33.34 -21.27
C ASN D 114 22.29 -32.33 -20.13
N LEU D 115 22.54 -31.03 -20.35
CA LEU D 115 22.31 -29.95 -19.34
C LEU D 115 21.02 -29.22 -19.73
N LEU D 116 19.97 -29.36 -18.93
CA LEU D 116 18.69 -28.63 -19.15
C LEU D 116 18.90 -27.15 -18.83
N CYS D 117 18.43 -26.26 -19.70
CA CYS D 117 18.62 -24.79 -19.58
C CYS D 117 17.26 -24.10 -19.74
N SER D 118 16.97 -23.14 -18.87
CA SER D 118 15.77 -22.27 -18.96
C SER D 118 16.23 -20.82 -18.88
N GLN D 119 15.72 -19.97 -19.77
CA GLN D 119 15.84 -18.49 -19.69
C GLN D 119 14.45 -17.95 -19.46
N PRO D 120 13.99 -17.93 -18.19
CA PRO D 120 12.58 -17.65 -17.89
C PRO D 120 12.29 -16.13 -17.93
N ASP D 121 11.03 -15.81 -18.20
CA ASP D 121 10.56 -14.44 -18.48
C ASP D 121 10.40 -13.66 -17.18
N THR D 122 9.76 -14.30 -16.19
CA THR D 122 9.49 -13.76 -14.84
C THR D 122 10.21 -14.58 -13.79
N GLY D 123 10.31 -14.02 -12.58
CA GLY D 123 10.81 -14.67 -11.36
C GLY D 123 9.92 -15.82 -10.94
N GLU D 124 8.60 -15.68 -11.10
CA GLU D 124 7.62 -16.72 -10.68
C GLU D 124 7.69 -17.92 -11.63
N GLN D 125 7.90 -17.68 -12.92
CA GLN D 125 8.14 -18.73 -13.94
C GLN D 125 9.40 -19.54 -13.57
N ALA D 126 10.46 -18.85 -13.17
CA ALA D 126 11.78 -19.42 -12.81
C ALA D 126 11.62 -20.36 -11.62
N LEU D 127 10.88 -19.92 -10.60
CA LEU D 127 10.71 -20.63 -9.31
C LEU D 127 9.67 -21.76 -9.44
N GLU D 128 8.75 -21.67 -10.41
CA GLU D 128 7.76 -22.73 -10.73
C GLU D 128 8.41 -23.83 -11.57
N ILE D 129 9.43 -23.53 -12.35
CA ILE D 129 10.23 -24.57 -13.10
C ILE D 129 11.10 -25.32 -12.08
N CYS D 130 11.64 -24.64 -11.07
CA CYS D 130 12.45 -25.26 -9.98
C CYS D 130 11.58 -26.22 -9.17
N ASP D 131 10.31 -25.86 -8.93
CA ASP D 131 9.36 -26.67 -8.12
C ASP D 131 8.91 -27.89 -8.95
N ALA D 132 8.63 -27.70 -10.23
CA ALA D 132 8.28 -28.76 -11.21
C ALA D 132 9.40 -29.81 -11.32
N LEU D 133 10.65 -29.37 -11.52
CA LEU D 133 11.83 -30.27 -11.67
C LEU D 133 12.13 -31.01 -10.35
N ALA D 134 11.96 -30.34 -9.21
CA ALA D 134 12.16 -30.91 -7.85
C ALA D 134 11.20 -32.08 -7.65
N ARG D 135 9.88 -31.85 -7.83
CA ARG D 135 8.80 -32.87 -7.65
C ARG D 135 8.99 -34.09 -8.57
N SER D 136 9.53 -33.89 -9.78
CA SER D 136 9.73 -34.95 -10.81
C SER D 136 10.54 -36.12 -10.25
N GLY D 137 11.55 -35.84 -9.40
CA GLY D 137 12.48 -36.85 -8.87
C GLY D 137 13.52 -37.32 -9.88
N ALA D 138 13.65 -36.61 -11.01
CA ALA D 138 14.55 -36.93 -12.15
C ALA D 138 15.84 -36.11 -12.10
N VAL D 139 15.74 -34.82 -11.78
CA VAL D 139 16.88 -33.85 -11.69
C VAL D 139 17.51 -33.96 -10.30
N ASP D 140 18.84 -33.89 -10.23
CA ASP D 140 19.64 -34.06 -8.98
C ASP D 140 20.22 -32.72 -8.51
N VAL D 141 20.71 -31.87 -9.42
CA VAL D 141 21.25 -30.51 -9.14
C VAL D 141 20.48 -29.50 -9.97
N ILE D 142 20.09 -28.38 -9.37
CA ILE D 142 19.49 -27.21 -10.06
C ILE D 142 20.32 -25.98 -9.67
N VAL D 143 20.66 -25.13 -10.62
CA VAL D 143 21.33 -23.82 -10.35
C VAL D 143 20.41 -22.69 -10.83
N VAL D 144 20.19 -21.68 -9.98
CA VAL D 144 19.41 -20.46 -10.32
C VAL D 144 20.36 -19.25 -10.33
N ASP D 145 20.69 -18.76 -11.53
CA ASP D 145 21.74 -17.73 -11.71
C ASP D 145 21.11 -16.32 -11.63
N SER D 146 21.61 -15.61 -10.60
CA SER D 146 21.08 -14.45 -9.84
C SER D 146 19.60 -14.58 -9.49
N VAL D 147 19.39 -14.63 -8.18
CA VAL D 147 18.24 -14.13 -7.37
C VAL D 147 17.93 -12.67 -7.74
N ALA D 148 18.94 -11.83 -7.99
CA ALA D 148 18.80 -10.39 -8.33
C ALA D 148 18.00 -10.19 -9.63
N ALA D 149 18.10 -11.12 -10.56
CA ALA D 149 17.43 -11.10 -11.87
C ALA D 149 16.04 -11.76 -11.83
N LEU D 150 15.62 -12.37 -10.71
CA LEU D 150 14.25 -12.94 -10.53
C LEU D 150 13.27 -11.78 -10.33
N THR D 151 12.74 -11.25 -11.43
CA THR D 151 11.82 -10.09 -11.46
C THR D 151 10.40 -10.61 -11.32
N PRO D 152 9.57 -10.11 -10.36
CA PRO D 152 8.15 -10.49 -10.29
C PRO D 152 7.33 -9.92 -11.46
N LYS D 153 6.18 -10.53 -11.75
CA LYS D 153 5.36 -10.27 -12.97
C LYS D 153 4.74 -8.87 -12.93
N ALA D 154 4.30 -8.42 -11.76
CA ALA D 154 3.81 -7.04 -11.53
C ALA D 154 4.87 -6.01 -11.93
N GLU D 155 6.15 -6.30 -11.69
CA GLU D 155 7.28 -5.37 -11.98
C GLU D 155 7.59 -5.36 -13.47
N ILE D 156 7.41 -6.50 -14.16
CA ILE D 156 7.67 -6.61 -15.62
C ILE D 156 6.59 -5.88 -16.41
N GLU D 157 5.32 -6.11 -16.06
CA GLU D 157 4.14 -5.44 -16.65
C GLU D 157 4.13 -3.94 -16.30
N GLY D 158 4.66 -3.56 -15.14
CA GLY D 158 4.72 -2.16 -14.66
C GLY D 158 5.67 -1.29 -15.46
N GLU D 159 5.81 -0.02 -15.05
CA GLU D 159 6.72 1.00 -15.63
C GLU D 159 7.97 1.16 -14.76
N ILE D 160 9.06 1.63 -15.34
CA ILE D 160 10.30 2.01 -14.59
C ILE D 160 9.97 3.25 -13.76
N GLY D 161 10.24 3.18 -12.45
CA GLY D 161 9.88 4.21 -11.45
C GLY D 161 8.83 3.71 -10.47
N ASP D 162 7.99 2.75 -10.87
CA ASP D 162 6.91 2.16 -10.03
C ASP D 162 7.53 1.44 -8.83
N SER D 163 7.06 1.75 -7.61
CA SER D 163 7.46 1.10 -6.34
C SER D 163 6.65 -0.18 -6.16
N HIS D 164 7.34 -1.31 -5.89
CA HIS D 164 6.73 -2.62 -5.54
C HIS D 164 7.29 -3.08 -4.20
N MET D 165 6.89 -2.42 -3.12
CA MET D 165 7.47 -2.61 -1.77
C MET D 165 7.38 -4.07 -1.32
N GLY D 166 8.54 -4.67 -1.06
CA GLY D 166 8.69 -6.03 -0.52
C GLY D 166 8.09 -7.11 -1.38
N LEU D 167 7.97 -6.89 -2.70
CA LEU D 167 7.30 -7.86 -3.60
C LEU D 167 8.24 -9.03 -3.88
N ALA D 168 9.49 -8.75 -4.23
CA ALA D 168 10.54 -9.76 -4.50
C ALA D 168 10.92 -10.52 -3.22
N ALA D 169 10.93 -9.85 -2.06
CA ALA D 169 11.18 -10.49 -0.75
C ALA D 169 10.08 -11.49 -0.40
N ARG D 170 8.83 -11.10 -0.61
CA ARG D 170 7.62 -11.95 -0.41
C ARG D 170 7.65 -13.15 -1.34
N MET D 171 7.98 -12.95 -2.62
CA MET D 171 8.08 -14.02 -3.64
C MET D 171 9.07 -15.09 -3.20
N MET D 172 10.22 -14.64 -2.69
CA MET D 172 11.34 -15.50 -2.24
C MET D 172 10.94 -16.25 -0.97
N SER D 173 10.31 -15.57 -0.01
CA SER D 173 9.80 -16.14 1.26
C SER D 173 8.84 -17.29 0.97
N GLN D 174 7.90 -17.07 0.05
CA GLN D 174 6.89 -18.06 -0.38
C GLN D 174 7.56 -19.25 -1.06
N ALA D 175 8.56 -19.00 -1.90
CA ALA D 175 9.25 -20.03 -2.69
C ALA D 175 9.99 -21.00 -1.77
N MET D 176 10.68 -20.47 -0.75
CA MET D 176 11.47 -21.23 0.25
C MET D 176 10.58 -22.22 1.01
N ARG D 177 9.40 -21.77 1.46
CA ARG D 177 8.35 -22.63 2.09
C ARG D 177 8.03 -23.82 1.19
N LYS D 178 7.61 -23.55 -0.05
CA LYS D 178 7.14 -24.57 -1.03
C LYS D 178 8.28 -25.48 -1.50
N LEU D 179 9.52 -25.01 -1.53
CA LEU D 179 10.65 -25.77 -2.14
C LEU D 179 11.30 -26.69 -1.14
N ALA D 180 11.53 -26.22 0.09
CA ALA D 180 12.30 -26.93 1.15
C ALA D 180 11.91 -28.41 1.23
N GLY D 181 10.61 -28.69 1.28
CA GLY D 181 10.03 -30.04 1.44
C GLY D 181 10.18 -30.89 0.21
N ASN D 182 9.88 -30.32 -0.96
CA ASN D 182 9.97 -31.01 -2.28
C ASN D 182 11.42 -31.43 -2.58
N LEU D 183 12.41 -30.62 -2.21
CA LEU D 183 13.84 -30.94 -2.45
C LEU D 183 14.27 -32.13 -1.58
N LYS D 184 13.82 -32.18 -0.33
CA LYS D 184 14.24 -33.22 0.66
C LYS D 184 13.72 -34.59 0.20
N GLN D 185 12.47 -34.65 -0.25
CA GLN D 185 11.78 -35.88 -0.72
C GLN D 185 12.44 -36.39 -2.01
N SER D 186 12.89 -35.51 -2.89
CA SER D 186 13.52 -35.84 -4.20
C SER D 186 15.03 -36.09 -4.07
N ASN D 187 15.65 -35.62 -3.00
CA ASN D 187 17.11 -35.64 -2.75
C ASN D 187 17.79 -34.76 -3.81
N THR D 188 17.25 -33.55 -4.02
CA THR D 188 17.67 -32.57 -5.04
C THR D 188 18.44 -31.42 -4.39
N LEU D 189 19.66 -31.12 -4.86
CA LEU D 189 20.42 -29.91 -4.44
C LEU D 189 19.92 -28.69 -5.22
N LEU D 190 19.68 -27.57 -4.53
CA LEU D 190 19.29 -26.30 -5.18
C LEU D 190 20.34 -25.23 -4.84
N ILE D 191 21.03 -24.67 -5.83
CA ILE D 191 22.06 -23.61 -5.61
C ILE D 191 21.52 -22.28 -6.14
N PHE D 192 21.34 -21.31 -5.26
CA PHE D 192 21.04 -19.90 -5.61
C PHE D 192 22.34 -19.12 -5.69
N ILE D 193 22.56 -18.41 -6.79
CA ILE D 193 23.64 -17.40 -6.91
C ILE D 193 23.03 -16.06 -6.54
N ASN D 194 23.76 -15.23 -5.80
CA ASN D 194 23.27 -13.88 -5.40
C ASN D 194 24.34 -12.82 -5.68
N GLN D 195 23.89 -11.61 -5.96
CA GLN D 195 24.72 -10.39 -6.12
C GLN D 195 24.72 -9.66 -4.78
N ILE D 196 25.68 -8.77 -4.60
CA ILE D 196 25.81 -7.87 -3.42
C ILE D 196 25.20 -6.51 -3.73
N ARG D 197 24.62 -5.87 -2.73
CA ARG D 197 24.20 -4.45 -2.77
C ARG D 197 24.67 -3.79 -1.47
N MET D 198 24.50 -2.49 -1.36
CA MET D 198 24.98 -1.68 -0.22
C MET D 198 23.78 -1.20 0.58
N LYS D 199 23.86 -1.27 1.90
CA LYS D 199 22.91 -0.65 2.85
C LYS D 199 23.31 0.81 3.08
N ILE D 200 22.33 1.69 3.33
CA ILE D 200 22.56 3.15 3.57
C ILE D 200 21.77 3.57 4.82
N GLY D 201 22.40 4.39 5.67
CA GLY D 201 21.90 4.76 7.02
C GLY D 201 22.23 3.72 8.08
N VAL D 202 23.32 2.97 7.89
CA VAL D 202 23.79 1.85 8.77
C VAL D 202 25.14 2.24 9.39
N MET D 203 25.29 1.98 10.69
CA MET D 203 26.56 2.13 11.47
C MET D 203 26.89 0.79 12.14
N PHE D 204 25.90 0.19 12.82
CA PHE D 204 25.96 -1.19 13.37
C PHE D 204 25.79 -2.20 12.23
N GLY D 205 26.88 -2.92 11.94
CA GLY D 205 27.00 -3.99 10.93
C GLY D 205 28.14 -3.71 9.96
N ASN D 206 28.18 -4.45 8.85
CA ASN D 206 28.90 -4.06 7.61
C ASN D 206 27.83 -3.65 6.59
N PRO D 207 28.15 -2.74 5.65
CA PRO D 207 27.15 -2.20 4.74
C PRO D 207 26.77 -3.11 3.56
N GLU D 208 27.49 -4.21 3.32
CA GLU D 208 27.18 -5.17 2.23
C GLU D 208 25.92 -5.97 2.60
N THR D 209 25.01 -6.12 1.63
CA THR D 209 23.80 -6.97 1.70
C THR D 209 23.79 -7.93 0.51
N THR D 210 22.78 -8.79 0.46
CA THR D 210 22.40 -9.62 -0.70
C THR D 210 20.95 -9.28 -1.05
N THR D 211 20.56 -9.44 -2.32
CA THR D 211 19.18 -9.18 -2.83
C THR D 211 18.20 -10.27 -2.37
N GLY D 212 16.90 -9.94 -2.39
CA GLY D 212 15.77 -10.88 -2.30
C GLY D 212 15.27 -11.10 -0.87
N GLY D 213 15.69 -10.28 0.09
CA GLY D 213 15.17 -10.30 1.46
C GLY D 213 15.80 -11.37 2.33
N ASN D 214 15.14 -11.73 3.42
CA ASN D 214 15.75 -12.46 4.56
C ASN D 214 15.44 -13.95 4.58
N ALA D 215 14.50 -14.45 3.80
CA ALA D 215 14.13 -15.88 3.81
C ALA D 215 15.33 -16.77 3.49
N LEU D 216 16.12 -16.44 2.48
CA LEU D 216 17.10 -17.41 1.92
C LEU D 216 18.25 -17.64 2.90
N LYS D 217 18.68 -16.63 3.64
CA LYS D 217 19.62 -16.75 4.78
C LYS D 217 19.22 -17.90 5.71
N PHE D 218 17.94 -18.03 6.03
CA PHE D 218 17.39 -18.96 7.04
C PHE D 218 17.27 -20.37 6.49
N TYR D 219 16.87 -20.53 5.25
CA TYR D 219 16.59 -21.84 4.63
C TYR D 219 17.86 -22.46 4.05
N ALA D 220 18.87 -21.65 3.75
CA ALA D 220 20.16 -22.15 3.22
C ALA D 220 20.81 -23.04 4.28
N SER D 221 21.30 -24.20 3.87
CA SER D 221 22.09 -25.12 4.73
C SER D 221 23.58 -24.77 4.64
N VAL D 222 24.00 -24.16 3.53
CA VAL D 222 25.37 -23.65 3.31
C VAL D 222 25.27 -22.28 2.64
N ARG D 223 26.08 -21.34 3.09
CA ARG D 223 26.28 -20.03 2.43
C ARG D 223 27.77 -19.82 2.25
N LEU D 224 28.15 -19.48 1.01
CA LEU D 224 29.53 -19.28 0.52
C LEU D 224 29.68 -17.83 0.07
N ASP D 225 30.77 -17.20 0.45
CA ASP D 225 31.13 -15.79 0.11
C ASP D 225 32.43 -15.83 -0.68
N ILE D 226 32.35 -15.68 -2.00
CA ILE D 226 33.50 -15.87 -2.94
C ILE D 226 34.04 -14.50 -3.38
N ARG D 227 35.37 -14.34 -3.35
CA ARG D 227 36.06 -13.05 -3.61
C ARG D 227 37.34 -13.29 -4.41
N ARG D 228 37.56 -12.48 -5.44
CA ARG D 228 38.86 -12.38 -6.17
C ARG D 228 39.82 -11.57 -5.31
N ILE D 229 41.00 -12.12 -5.03
CA ILE D 229 42.00 -11.51 -4.09
C ILE D 229 43.32 -11.22 -4.81
N GLY D 230 43.37 -11.33 -6.14
CA GLY D 230 44.58 -11.04 -6.92
C GLY D 230 44.57 -11.71 -8.29
N ALA D 231 45.63 -11.47 -9.06
CA ALA D 231 45.85 -12.00 -10.42
C ALA D 231 46.81 -13.19 -10.40
N VAL D 232 46.73 -14.00 -11.45
CA VAL D 232 47.70 -15.07 -11.82
C VAL D 232 48.33 -14.63 -13.14
N LYS D 233 49.64 -14.43 -13.17
CA LYS D 233 50.38 -13.88 -14.34
C LYS D 233 51.41 -14.89 -14.86
N GLU D 234 51.52 -15.00 -16.19
CA GLU D 234 52.66 -15.56 -16.95
C GLU D 234 53.52 -14.39 -17.42
N GLY D 235 54.30 -13.81 -16.50
CA GLY D 235 55.13 -12.60 -16.69
C GLY D 235 54.27 -11.35 -16.83
N GLU D 236 53.69 -11.15 -18.01
CA GLU D 236 52.85 -9.97 -18.38
C GLU D 236 51.38 -10.38 -18.52
N ASN D 237 51.10 -11.43 -19.29
CA ASN D 237 49.73 -11.95 -19.58
C ASN D 237 49.05 -12.40 -18.28
N VAL D 238 47.98 -11.72 -17.88
CA VAL D 238 47.05 -12.14 -16.79
C VAL D 238 46.26 -13.35 -17.31
N VAL D 239 46.52 -14.52 -16.76
CA VAL D 239 46.04 -15.84 -17.28
C VAL D 239 44.93 -16.40 -16.36
N GLY D 240 44.72 -15.80 -15.18
CA GLY D 240 43.71 -16.28 -14.22
C GLY D 240 43.57 -15.38 -13.00
N SER D 241 42.77 -15.84 -12.05
CA SER D 241 42.35 -15.11 -10.83
C SER D 241 42.68 -15.95 -9.60
N GLU D 242 43.21 -15.32 -8.55
CA GLU D 242 43.44 -15.92 -7.22
C GLU D 242 42.19 -15.63 -6.38
N THR D 243 41.56 -16.68 -5.84
CA THR D 243 40.15 -16.67 -5.35
C THR D 243 40.11 -17.16 -3.90
N ARG D 244 39.23 -16.57 -3.07
CA ARG D 244 39.01 -16.98 -1.65
C ARG D 244 37.53 -17.23 -1.38
N VAL D 245 37.17 -18.43 -0.93
CA VAL D 245 35.80 -18.80 -0.48
C VAL D 245 35.78 -18.93 1.04
N LYS D 246 34.97 -18.13 1.72
CA LYS D 246 34.63 -18.26 3.16
C LYS D 246 33.30 -18.98 3.29
N VAL D 247 33.23 -19.98 4.17
CA VAL D 247 31.98 -20.69 4.52
C VAL D 247 31.30 -19.94 5.67
N VAL D 248 30.30 -19.14 5.33
CA VAL D 248 29.70 -18.08 6.19
C VAL D 248 28.50 -18.64 6.96
N LYS D 249 27.88 -19.72 6.49
CA LYS D 249 26.88 -20.52 7.23
C LYS D 249 27.08 -21.99 6.91
N ASN D 250 26.87 -22.89 7.87
CA ASN D 250 27.03 -24.35 7.65
C ASN D 250 26.25 -25.11 8.74
N LYS D 251 25.29 -25.93 8.34
CA LYS D 251 24.48 -26.81 9.22
C LYS D 251 24.98 -28.26 9.18
N ILE D 252 25.79 -28.58 8.19
CA ILE D 252 26.29 -29.96 7.86
C ILE D 252 27.59 -30.21 8.64
N ALA D 253 28.24 -29.15 9.15
CA ALA D 253 29.57 -29.15 9.79
C ALA D 253 29.96 -27.74 10.28
N ALA D 254 31.08 -27.59 10.99
CA ALA D 254 31.47 -26.34 11.67
C ALA D 254 31.78 -25.26 10.63
N PRO D 255 31.30 -24.02 10.80
CA PRO D 255 31.52 -22.98 9.80
C PRO D 255 32.81 -22.15 9.98
N PHE D 256 32.95 -21.13 9.15
CA PHE D 256 34.00 -20.07 9.17
C PHE D 256 35.36 -20.59 8.66
N LYS D 257 35.42 -21.79 8.10
CA LYS D 257 36.63 -22.28 7.39
C LYS D 257 36.67 -21.63 6.02
N GLN D 258 37.86 -21.39 5.49
CA GLN D 258 38.04 -20.77 4.15
C GLN D 258 38.90 -21.65 3.25
N ALA D 259 38.73 -21.47 1.96
CA ALA D 259 39.45 -22.18 0.88
C ALA D 259 40.04 -21.15 -0.08
N GLU D 260 41.30 -21.35 -0.47
CA GLU D 260 42.01 -20.52 -1.49
C GLU D 260 42.37 -21.43 -2.66
N PHE D 261 42.08 -20.97 -3.87
CA PHE D 261 42.40 -21.68 -5.12
C PHE D 261 42.50 -20.66 -6.26
N GLN D 262 42.97 -21.13 -7.42
CA GLN D 262 43.13 -20.36 -8.68
C GLN D 262 42.04 -20.76 -9.65
N ILE D 263 41.43 -19.79 -10.33
CA ILE D 263 40.60 -20.01 -11.55
C ILE D 263 41.46 -19.57 -12.71
N LEU D 264 41.74 -20.46 -13.66
CA LEU D 264 42.47 -20.18 -14.91
C LEU D 264 41.47 -20.07 -16.04
N TYR D 265 41.53 -18.97 -16.80
CA TYR D 265 40.52 -18.59 -17.83
C TYR D 265 40.50 -19.67 -18.91
N GLY D 266 39.32 -20.23 -19.16
CA GLY D 266 39.07 -21.27 -20.19
C GLY D 266 39.46 -22.67 -19.75
N GLU D 267 39.90 -22.83 -18.50
CA GLU D 267 40.29 -24.13 -17.87
C GLU D 267 39.33 -24.41 -16.70
N GLY D 268 39.18 -23.44 -15.80
CA GLY D 268 38.38 -23.52 -14.56
C GLY D 268 39.27 -23.55 -13.33
N ILE D 269 38.90 -24.32 -12.31
CA ILE D 269 39.65 -24.42 -11.03
C ILE D 269 40.92 -25.24 -11.27
N ASN D 270 42.06 -24.72 -10.80
CA ASN D 270 43.40 -25.38 -10.88
C ASN D 270 43.47 -26.45 -9.79
N PHE D 271 43.18 -27.71 -10.16
CA PHE D 271 43.23 -28.90 -9.27
C PHE D 271 44.63 -29.09 -8.69
N TYR D 272 45.63 -29.17 -9.58
CA TYR D 272 47.04 -29.50 -9.24
C TYR D 272 47.65 -28.42 -8.34
N GLY D 273 47.26 -27.15 -8.54
CA GLY D 273 47.69 -26.02 -7.69
C GLY D 273 47.28 -26.20 -6.25
N GLU D 274 46.06 -26.70 -6.00
CA GLU D 274 45.52 -27.02 -4.65
C GLU D 274 46.34 -28.16 -4.04
N LEU D 275 46.58 -29.21 -4.83
CA LEU D 275 47.27 -30.46 -4.43
C LEU D 275 48.70 -30.16 -3.96
N VAL D 276 49.37 -29.17 -4.56
CA VAL D 276 50.69 -28.65 -4.10
C VAL D 276 50.52 -28.03 -2.71
N ASP D 277 49.58 -27.10 -2.54
CA ASP D 277 49.38 -26.33 -1.28
C ASP D 277 48.98 -27.28 -0.13
N LEU D 278 48.18 -28.30 -0.42
CA LEU D 278 47.74 -29.32 0.57
C LEU D 278 48.91 -30.26 0.92
N GLY D 279 49.72 -30.67 -0.07
CA GLY D 279 50.98 -31.40 0.14
C GLY D 279 51.90 -30.70 1.13
N VAL D 280 52.20 -29.42 0.89
CA VAL D 280 53.05 -28.54 1.76
C VAL D 280 52.48 -28.52 3.19
N LYS D 281 51.16 -28.31 3.32
CA LYS D 281 50.45 -28.17 4.61
C LYS D 281 50.54 -29.49 5.41
N GLU D 282 50.40 -30.65 4.74
CA GLU D 282 50.40 -32.01 5.34
C GLU D 282 51.79 -32.66 5.22
N LYS D 283 52.86 -31.89 4.97
CA LYS D 283 54.29 -32.29 5.08
C LYS D 283 54.70 -33.34 4.04
N LEU D 284 53.82 -33.73 3.10
CA LEU D 284 54.11 -34.77 2.07
C LEU D 284 55.02 -34.18 0.98
N ILE D 285 55.02 -32.85 0.79
CA ILE D 285 55.92 -32.10 -0.13
C ILE D 285 56.73 -31.10 0.70
N GLU D 286 58.04 -31.05 0.49
CA GLU D 286 59.01 -30.19 1.24
C GLU D 286 59.19 -28.88 0.46
N LYS D 287 58.91 -27.74 1.11
CA LYS D 287 59.08 -26.37 0.54
C LYS D 287 60.26 -25.69 1.25
N ALA D 288 61.26 -25.23 0.48
CA ALA D 288 62.43 -24.45 0.93
C ALA D 288 62.46 -23.11 0.18
N GLY D 289 61.95 -22.04 0.82
CA GLY D 289 61.80 -20.70 0.21
C GLY D 289 60.83 -20.73 -0.95
N ALA D 290 61.34 -20.95 -2.17
CA ALA D 290 60.56 -21.04 -3.44
C ALA D 290 60.83 -22.37 -4.16
N TRP D 291 61.39 -23.38 -3.47
CA TRP D 291 61.83 -24.68 -4.05
C TRP D 291 60.99 -25.82 -3.47
N TYR D 292 60.17 -26.46 -4.32
CA TYR D 292 59.27 -27.59 -3.98
C TYR D 292 59.97 -28.90 -4.35
N SER D 293 60.03 -29.84 -3.41
CA SER D 293 60.76 -31.14 -3.54
C SER D 293 59.93 -32.28 -2.93
N TYR D 294 59.72 -33.36 -3.71
CA TYR D 294 59.03 -34.61 -3.28
C TYR D 294 60.07 -35.74 -3.18
N LYS D 295 60.41 -36.13 -1.95
CA LYS D 295 61.32 -37.27 -1.61
C LYS D 295 62.74 -36.97 -2.12
N GLY D 296 63.24 -35.74 -1.90
CA GLY D 296 64.58 -35.29 -2.31
C GLY D 296 64.59 -34.66 -3.70
N GLU D 297 63.97 -35.32 -4.68
CA GLU D 297 63.84 -34.89 -6.11
C GLU D 297 63.25 -33.47 -6.15
N LYS D 298 63.99 -32.51 -6.72
CA LYS D 298 63.57 -31.08 -6.85
C LYS D 298 62.58 -30.97 -8.01
N ILE D 299 61.27 -30.96 -7.71
CA ILE D 299 60.17 -31.07 -8.72
C ILE D 299 59.96 -29.71 -9.42
N GLY D 300 60.43 -28.60 -8.85
CA GLY D 300 60.45 -27.29 -9.53
C GLY D 300 60.77 -26.14 -8.60
N GLN D 301 61.06 -24.97 -9.18
CA GLN D 301 61.12 -23.64 -8.50
C GLN D 301 59.83 -22.88 -8.78
N GLY D 302 59.14 -22.43 -7.74
CA GLY D 302 57.84 -21.75 -7.84
C GLY D 302 56.69 -22.73 -7.98
N LYS D 303 55.48 -22.24 -7.69
CA LYS D 303 54.23 -23.05 -7.62
C LYS D 303 53.84 -23.55 -9.02
N ALA D 304 54.11 -22.77 -10.07
CA ALA D 304 53.70 -23.03 -11.47
C ALA D 304 54.48 -24.20 -12.07
N ASN D 305 55.79 -24.29 -11.78
CA ASN D 305 56.70 -25.37 -12.25
C ASN D 305 56.28 -26.69 -11.57
N ALA D 306 56.12 -26.66 -10.25
CA ALA D 306 55.63 -27.78 -9.40
C ALA D 306 54.29 -28.30 -9.95
N THR D 307 53.38 -27.40 -10.31
CA THR D 307 52.06 -27.70 -10.91
C THR D 307 52.25 -28.37 -12.28
N ALA D 308 53.18 -27.86 -13.09
CA ALA D 308 53.51 -28.41 -14.44
C ALA D 308 54.16 -29.80 -14.29
N TRP D 309 54.93 -30.03 -13.23
CA TRP D 309 55.55 -31.35 -12.91
C TRP D 309 54.45 -32.38 -12.64
N LEU D 310 53.52 -32.08 -11.73
CA LEU D 310 52.40 -32.97 -11.30
C LEU D 310 51.46 -33.30 -12.48
N LYS D 311 51.40 -32.43 -13.50
CA LYS D 311 50.68 -32.71 -14.78
C LYS D 311 51.37 -33.85 -15.55
N ASP D 312 52.70 -33.83 -15.65
CA ASP D 312 53.51 -34.80 -16.46
C ASP D 312 54.09 -35.93 -15.58
N ASN D 313 53.66 -36.05 -14.31
CA ASN D 313 53.94 -37.22 -13.42
C ASN D 313 52.62 -37.66 -12.79
N PRO D 314 51.61 -38.09 -13.58
CA PRO D 314 50.27 -38.36 -13.06
C PRO D 314 50.13 -39.49 -12.03
N GLU D 315 51.13 -40.37 -11.91
CA GLU D 315 51.16 -41.47 -10.90
C GLU D 315 51.46 -40.87 -9.52
N THR D 316 52.40 -39.93 -9.45
CA THR D 316 52.80 -39.19 -8.22
C THR D 316 51.61 -38.35 -7.72
N ALA D 317 50.86 -37.72 -8.63
CA ALA D 317 49.66 -36.90 -8.34
C ALA D 317 48.58 -37.74 -7.64
N LYS D 318 48.28 -38.93 -8.18
CA LYS D 318 47.27 -39.88 -7.64
C LYS D 318 47.69 -40.38 -6.25
N GLU D 319 48.99 -40.59 -6.03
CA GLU D 319 49.56 -41.04 -4.72
C GLU D 319 49.39 -39.94 -3.67
N ILE D 320 49.69 -38.68 -4.02
CA ILE D 320 49.59 -37.52 -3.09
C ILE D 320 48.10 -37.23 -2.81
N GLU D 321 47.26 -37.26 -3.85
CA GLU D 321 45.77 -37.06 -3.73
C GLU D 321 45.22 -38.04 -2.70
N LYS D 322 45.50 -39.34 -2.89
CA LYS D 322 45.00 -40.45 -2.03
C LYS D 322 45.35 -40.19 -0.56
N LYS D 323 46.57 -39.77 -0.27
CA LYS D 323 47.08 -39.52 1.11
C LYS D 323 46.42 -38.26 1.70
N VAL D 324 46.29 -37.18 0.92
CA VAL D 324 45.64 -35.90 1.35
C VAL D 324 44.17 -36.19 1.70
N ARG D 325 43.47 -36.98 0.89
CA ARG D 325 42.07 -37.42 1.12
C ARG D 325 41.98 -38.20 2.44
N GLU D 326 42.80 -39.24 2.58
CA GLU D 326 42.90 -40.13 3.79
C GLU D 326 43.02 -39.28 5.07
N LEU D 327 43.89 -38.27 5.06
CA LEU D 327 44.23 -37.44 6.26
C LEU D 327 43.12 -36.44 6.56
N LEU D 328 42.73 -35.61 5.58
CA LEU D 328 41.92 -34.38 5.80
C LEU D 328 40.42 -34.62 5.55
N LEU D 329 40.05 -35.46 4.57
CA LEU D 329 38.63 -35.90 4.38
C LEU D 329 38.38 -37.11 5.28
N SER D 330 37.86 -36.85 6.50
CA SER D 330 37.58 -37.85 7.57
C SER D 330 36.12 -38.33 7.51
N ASN D 331 35.48 -38.29 6.33
CA ASN D 331 34.18 -38.94 6.01
C ASN D 331 34.42 -39.94 4.89
N PRO D 332 35.00 -41.14 5.16
CA PRO D 332 35.31 -42.11 4.09
C PRO D 332 34.04 -42.58 3.34
N ASN D 333 34.15 -42.72 2.01
CA ASN D 333 33.03 -43.05 1.09
C ASN D 333 32.71 -44.56 1.21
N SER D 334 31.57 -44.98 0.65
CA SER D 334 31.02 -46.36 0.74
C SER D 334 31.94 -47.37 0.05
N ALA E 2 -27.58 -15.52 58.75
CA ALA E 2 -28.92 -15.28 58.10
C ALA E 2 -28.73 -14.86 56.63
N ILE E 3 -28.00 -13.76 56.40
CA ILE E 3 -27.64 -13.19 55.06
C ILE E 3 -26.61 -14.12 54.41
N ASP E 4 -25.49 -14.33 55.10
CA ASP E 4 -24.30 -15.14 54.69
C ASP E 4 -24.68 -16.62 54.55
N GLU E 5 -25.67 -17.10 55.31
CA GLU E 5 -26.05 -18.53 55.44
C GLU E 5 -26.66 -19.05 54.13
N ASN E 6 -27.61 -18.30 53.55
CA ASN E 6 -28.30 -18.61 52.27
C ASN E 6 -27.28 -18.63 51.11
N LYS E 7 -26.30 -17.71 51.11
CA LYS E 7 -25.26 -17.59 50.06
C LYS E 7 -24.39 -18.85 50.02
N GLN E 8 -23.97 -19.38 51.17
CA GLN E 8 -23.08 -20.57 51.27
C GLN E 8 -23.76 -21.85 50.73
N LYS E 9 -25.10 -21.94 50.85
CA LYS E 9 -25.90 -23.09 50.34
C LYS E 9 -26.13 -22.96 48.83
N ALA E 10 -26.48 -21.75 48.37
CA ALA E 10 -26.66 -21.41 46.94
C ALA E 10 -25.36 -21.62 46.17
N LEU E 11 -24.22 -21.29 46.80
CA LEU E 11 -22.85 -21.54 46.25
C LEU E 11 -22.66 -23.06 46.11
N ALA E 12 -22.81 -23.80 47.21
CA ALA E 12 -22.65 -25.27 47.31
C ALA E 12 -23.54 -26.00 46.29
N ALA E 13 -24.77 -25.52 46.08
CA ALA E 13 -25.77 -26.07 45.13
C ALA E 13 -25.30 -25.90 43.68
N ALA E 14 -24.80 -24.70 43.33
CA ALA E 14 -24.24 -24.36 42.00
C ALA E 14 -23.02 -25.22 41.71
N LEU E 15 -22.07 -25.29 42.66
CA LEU E 15 -20.83 -26.10 42.57
C LEU E 15 -21.15 -27.59 42.39
N GLY E 16 -22.18 -28.10 43.09
CA GLY E 16 -22.73 -29.45 42.89
C GLY E 16 -23.27 -29.64 41.48
N GLN E 17 -24.05 -28.68 40.99
CA GLN E 17 -24.70 -28.67 39.63
C GLN E 17 -23.63 -28.59 38.54
N ILE E 18 -22.58 -27.77 38.71
CA ILE E 18 -21.44 -27.63 37.75
C ILE E 18 -20.69 -28.97 37.67
N GLU E 19 -20.33 -29.54 38.83
CA GLU E 19 -19.54 -30.80 38.94
C GLU E 19 -20.36 -31.99 38.44
N LYS E 20 -21.67 -31.96 38.62
CA LYS E 20 -22.65 -32.93 38.03
C LYS E 20 -22.58 -32.87 36.49
N GLN E 21 -22.62 -31.66 35.92
CA GLN E 21 -22.79 -31.42 34.45
C GLN E 21 -21.48 -31.72 33.70
N PHE E 22 -20.34 -31.18 34.18
CA PHE E 22 -19.06 -31.07 33.43
C PHE E 22 -17.97 -31.99 33.98
N GLY E 23 -18.11 -32.55 35.20
CA GLY E 23 -17.20 -33.56 35.76
C GLY E 23 -16.55 -33.12 37.05
N LYS E 24 -15.52 -33.85 37.47
CA LYS E 24 -15.04 -33.91 38.89
C LYS E 24 -14.42 -32.57 39.30
N GLY E 25 -13.27 -32.21 38.71
CA GLY E 25 -12.51 -30.98 39.04
C GLY E 25 -12.79 -29.86 38.05
N SER E 26 -14.06 -29.71 37.63
CA SER E 26 -14.53 -28.70 36.65
C SER E 26 -14.43 -27.30 37.28
N ILE E 27 -14.67 -27.19 38.58
CA ILE E 27 -14.44 -25.95 39.39
C ILE E 27 -13.95 -26.35 40.77
N MET E 28 -12.96 -25.63 41.29
CA MET E 28 -12.48 -25.77 42.69
C MET E 28 -11.73 -24.52 43.10
N ARG E 29 -11.45 -24.40 44.40
CA ARG E 29 -10.66 -23.28 44.98
C ARG E 29 -9.21 -23.44 44.51
N LEU E 30 -8.57 -22.31 44.17
CA LEU E 30 -7.26 -22.25 43.45
C LEU E 30 -6.15 -22.88 44.32
N GLY E 31 -6.19 -22.60 45.63
CA GLY E 31 -5.24 -23.11 46.65
C GLY E 31 -5.26 -24.63 46.75
N GLU E 32 -6.37 -25.29 46.42
CA GLU E 32 -6.50 -26.78 46.45
C GLU E 32 -6.08 -27.43 45.12
N ASP E 33 -5.90 -26.65 44.03
CA ASP E 33 -5.62 -27.18 42.67
C ASP E 33 -4.10 -27.37 42.53
N ARG E 34 -3.63 -28.62 42.57
CA ARG E 34 -2.21 -29.02 42.40
C ARG E 34 -1.84 -29.04 40.91
N SER E 35 -2.82 -29.33 40.04
CA SER E 35 -2.73 -29.20 38.55
C SER E 35 -2.17 -27.84 38.16
N MET E 36 -2.56 -26.79 38.90
CA MET E 36 -2.29 -25.37 38.59
C MET E 36 -0.88 -24.94 39.04
N ASP E 37 -0.16 -25.76 39.81
CA ASP E 37 1.25 -25.48 40.24
C ASP E 37 2.21 -25.59 39.04
N VAL E 38 3.27 -24.77 39.05
CA VAL E 38 4.28 -24.63 37.94
C VAL E 38 5.48 -25.55 38.23
N GLU E 39 5.71 -26.52 37.34
CA GLU E 39 6.85 -27.47 37.30
C GLU E 39 7.76 -27.01 36.15
N THR E 40 9.08 -27.18 36.27
CA THR E 40 10.09 -26.68 35.29
C THR E 40 11.09 -27.77 34.91
N ILE E 41 11.77 -27.53 33.79
CA ILE E 41 12.72 -28.42 33.07
C ILE E 41 13.97 -27.59 32.77
N SER E 42 15.17 -28.15 32.96
CA SER E 42 16.47 -27.50 32.66
C SER E 42 16.56 -27.15 31.17
N THR E 43 17.19 -26.00 30.87
CA THR E 43 17.44 -25.50 29.50
C THR E 43 18.76 -26.07 28.93
N GLY E 44 19.64 -26.65 29.76
CA GLY E 44 21.02 -27.01 29.39
C GLY E 44 22.02 -25.92 29.74
N SER E 45 21.62 -24.64 29.69
CA SER E 45 22.37 -23.48 30.24
C SER E 45 21.95 -23.22 31.70
N LEU E 46 22.90 -22.90 32.57
CA LEU E 46 22.68 -22.54 33.99
C LEU E 46 22.43 -21.03 34.11
N SER E 47 23.08 -20.21 33.29
CA SER E 47 22.84 -18.74 33.21
C SER E 47 21.40 -18.44 32.77
N LEU E 48 20.83 -19.29 31.89
CA LEU E 48 19.44 -19.16 31.36
C LEU E 48 18.44 -19.62 32.44
N ASP E 49 18.70 -20.75 33.11
CA ASP E 49 17.88 -21.23 34.25
C ASP E 49 17.77 -20.13 35.33
N ILE E 50 18.77 -19.26 35.50
CA ILE E 50 18.74 -18.12 36.46
C ILE E 50 17.93 -16.95 35.88
N ALA E 51 18.10 -16.64 34.59
CA ALA E 51 17.38 -15.57 33.87
C ALA E 51 15.88 -15.80 33.88
N LEU E 52 15.45 -17.06 33.82
CA LEU E 52 14.01 -17.42 33.74
C LEU E 52 13.35 -17.33 35.12
N GLY E 53 14.13 -17.36 36.21
CA GLY E 53 13.66 -17.05 37.58
C GLY E 53 13.04 -18.23 38.30
N ALA E 54 12.52 -19.24 37.59
CA ALA E 54 11.93 -20.48 38.14
C ALA E 54 12.81 -21.70 37.80
N GLY E 55 14.06 -21.49 37.40
CA GLY E 55 15.01 -22.59 37.18
C GLY E 55 14.72 -23.44 35.95
N GLY E 56 14.11 -22.85 34.92
CA GLY E 56 13.89 -23.52 33.61
C GLY E 56 12.56 -23.17 32.98
N LEU E 57 12.16 -23.97 31.98
CA LEU E 57 10.97 -23.72 31.14
C LEU E 57 9.78 -24.45 31.74
N PRO E 58 8.58 -23.83 31.76
CA PRO E 58 7.42 -24.44 32.41
C PRO E 58 6.72 -25.54 31.61
N MET E 59 6.43 -26.66 32.26
CA MET E 59 5.71 -27.81 31.66
C MET E 59 4.23 -27.47 31.50
N GLY E 60 3.63 -27.93 30.40
CA GLY E 60 2.21 -27.68 30.07
C GLY E 60 1.99 -26.32 29.47
N ARG E 61 3.04 -25.63 29.03
CA ARG E 61 2.94 -24.27 28.48
C ARG E 61 3.50 -24.26 27.06
N ILE E 62 3.31 -23.14 26.37
CA ILE E 62 3.89 -22.84 25.03
C ILE E 62 5.07 -21.88 25.25
N VAL E 63 6.17 -22.13 24.55
CA VAL E 63 7.42 -21.32 24.59
C VAL E 63 7.80 -20.99 23.15
N GLU E 64 8.21 -19.75 22.91
CA GLU E 64 8.70 -19.26 21.60
C GLU E 64 10.17 -18.86 21.77
N ILE E 65 11.01 -19.30 20.84
CA ILE E 65 12.45 -18.95 20.70
C ILE E 65 12.62 -18.36 19.30
N TYR E 66 13.00 -17.10 19.21
CA TYR E 66 13.22 -16.44 17.91
C TYR E 66 14.61 -15.83 17.90
N GLY E 67 15.10 -15.54 16.71
CA GLY E 67 16.42 -14.92 16.54
C GLY E 67 16.79 -14.86 15.08
N PRO E 68 17.96 -14.27 14.74
CA PRO E 68 18.49 -14.28 13.39
C PRO E 68 19.04 -15.64 12.97
N GLU E 69 19.50 -15.73 11.73
CA GLU E 69 20.00 -16.99 11.15
C GLU E 69 21.27 -17.39 11.92
N SER E 70 21.38 -18.69 12.18
CA SER E 70 22.49 -19.42 12.81
C SER E 70 22.87 -18.83 14.16
N SER E 71 21.87 -18.39 14.93
CA SER E 71 22.00 -17.78 16.27
C SER E 71 21.99 -18.81 17.39
N GLY E 72 21.59 -20.07 17.14
CA GLY E 72 21.63 -21.18 18.10
C GLY E 72 20.27 -21.67 18.55
N LYS E 73 19.22 -21.52 17.76
CA LYS E 73 17.83 -21.87 18.13
C LYS E 73 17.66 -23.39 18.15
N THR E 74 18.12 -24.09 17.13
CA THR E 74 18.01 -25.57 17.07
C THR E 74 18.96 -26.19 18.09
N THR E 75 20.17 -25.67 18.20
CA THR E 75 21.17 -26.14 19.18
C THR E 75 20.54 -26.07 20.58
N LEU E 76 19.94 -24.95 20.95
CA LEU E 76 19.37 -24.74 22.30
C LEU E 76 18.22 -25.73 22.56
N THR E 77 17.32 -25.94 21.61
CA THR E 77 16.19 -26.90 21.75
C THR E 77 16.67 -28.34 21.84
N LEU E 78 17.81 -28.69 21.24
CA LEU E 78 18.36 -30.06 21.30
C LEU E 78 19.03 -30.29 22.66
N GLN E 79 19.53 -29.24 23.30
CA GLN E 79 20.11 -29.31 24.66
C GLN E 79 18.98 -29.45 25.71
N VAL E 80 17.81 -28.83 25.49
CA VAL E 80 16.59 -29.04 26.34
C VAL E 80 16.17 -30.51 26.24
N ILE E 81 16.03 -31.04 25.01
CA ILE E 81 15.62 -32.44 24.74
C ILE E 81 16.61 -33.42 25.38
N ALA E 82 17.91 -33.13 25.27
CA ALA E 82 18.99 -34.00 25.80
C ALA E 82 18.87 -34.09 27.31
N ALA E 83 18.66 -32.97 28.00
CA ALA E 83 18.50 -32.89 29.46
C ALA E 83 17.22 -33.65 29.87
N ALA E 84 16.12 -33.45 29.14
CA ALA E 84 14.81 -34.07 29.44
C ALA E 84 14.92 -35.59 29.29
N GLN E 85 15.67 -36.09 28.31
CA GLN E 85 15.86 -37.55 28.09
C GLN E 85 16.68 -38.16 29.24
N ARG E 86 17.61 -37.42 29.83
CA ARG E 86 18.40 -37.87 31.00
C ARG E 86 17.52 -37.99 32.25
N GLU E 87 16.40 -37.27 32.33
CA GLU E 87 15.34 -37.39 33.40
C GLU E 87 14.22 -38.35 32.96
N GLY E 88 14.47 -39.23 31.98
CA GLY E 88 13.55 -40.31 31.58
C GLY E 88 12.29 -39.84 30.87
N LYS E 89 12.30 -38.67 30.24
CA LYS E 89 11.11 -38.12 29.51
C LYS E 89 11.20 -38.48 28.02
N THR E 90 10.04 -38.60 27.37
CA THR E 90 9.87 -38.83 25.91
C THR E 90 9.82 -37.48 25.21
N CYS E 91 10.43 -37.36 24.01
CA CYS E 91 10.49 -36.11 23.22
C CYS E 91 10.24 -36.37 21.74
N ALA E 92 9.75 -35.35 21.05
CA ALA E 92 9.37 -35.38 19.62
C ALA E 92 9.89 -34.10 18.94
N PHE E 93 10.33 -34.22 17.69
CA PHE E 93 10.90 -33.13 16.88
C PHE E 93 10.17 -33.04 15.54
N ILE E 94 9.29 -32.05 15.37
CA ILE E 94 8.60 -31.74 14.10
C ILE E 94 9.52 -30.79 13.31
N ASP E 95 10.23 -31.33 12.32
CA ASP E 95 11.26 -30.63 11.50
C ASP E 95 10.62 -30.13 10.20
N ALA E 96 9.83 -29.05 10.31
CA ALA E 96 9.17 -28.35 9.19
C ALA E 96 10.19 -27.68 8.26
N GLU E 97 11.38 -27.32 8.77
CA GLU E 97 12.46 -26.65 8.00
C GLU E 97 13.18 -27.66 7.10
N HIS E 98 13.07 -28.97 7.38
CA HIS E 98 13.73 -30.09 6.66
C HIS E 98 15.26 -29.91 6.69
N ALA E 99 15.82 -29.74 7.87
CA ALA E 99 17.23 -29.38 8.06
C ALA E 99 17.79 -29.87 9.41
N LEU E 100 17.36 -31.04 9.87
CA LEU E 100 17.95 -31.68 11.08
C LEU E 100 19.00 -32.71 10.63
N ASP E 101 20.17 -32.67 11.26
CA ASP E 101 21.32 -33.57 11.02
C ASP E 101 21.42 -34.49 12.22
N PRO E 102 20.93 -35.76 12.15
CA PRO E 102 20.94 -36.64 13.32
C PRO E 102 22.29 -36.93 13.96
N ILE E 103 23.41 -36.74 13.26
CA ILE E 103 24.77 -36.90 13.86
C ILE E 103 25.05 -35.72 14.79
N TYR E 104 24.71 -34.49 14.39
CA TYR E 104 24.94 -33.29 15.25
C TYR E 104 24.07 -33.39 16.51
N ALA E 105 22.84 -33.90 16.40
CA ALA E 105 21.94 -34.15 17.54
C ALA E 105 22.60 -35.13 18.52
N ARG E 106 23.21 -36.21 18.03
CA ARG E 106 23.91 -37.24 18.85
C ARG E 106 25.12 -36.61 19.56
N LYS E 107 25.81 -35.67 18.93
CA LYS E 107 27.01 -35.00 19.53
C LYS E 107 26.62 -34.07 20.68
N LEU E 108 25.40 -33.53 20.69
CA LEU E 108 24.88 -32.65 21.77
C LEU E 108 24.26 -33.49 22.89
N GLY E 109 24.26 -34.82 22.76
CA GLY E 109 23.86 -35.73 23.85
C GLY E 109 22.41 -36.13 23.77
N VAL E 110 21.79 -36.04 22.61
CA VAL E 110 20.41 -36.55 22.36
C VAL E 110 20.54 -38.05 22.10
N ASP E 111 19.64 -38.84 22.67
CA ASP E 111 19.43 -40.27 22.36
C ASP E 111 18.52 -40.34 21.13
N ILE E 112 19.11 -40.45 19.93
CA ILE E 112 18.36 -40.37 18.64
C ILE E 112 17.58 -41.66 18.36
N ASP E 113 17.89 -42.76 19.05
CA ASP E 113 17.11 -44.02 18.92
C ASP E 113 15.76 -43.92 19.65
N ASN E 114 15.60 -42.93 20.55
CA ASN E 114 14.35 -42.71 21.34
C ASN E 114 13.70 -41.34 21.05
N LEU E 115 14.22 -40.51 20.14
CA LEU E 115 13.61 -39.21 19.76
C LEU E 115 12.67 -39.43 18.57
N LEU E 116 11.39 -39.12 18.72
CA LEU E 116 10.39 -39.17 17.60
C LEU E 116 10.62 -38.00 16.66
N CYS E 117 10.52 -38.22 15.35
CA CYS E 117 10.81 -37.22 14.31
C CYS E 117 9.77 -37.30 13.18
N SER E 118 9.20 -36.16 12.83
CA SER E 118 8.25 -35.99 11.71
C SER E 118 8.78 -34.89 10.78
N GLN E 119 8.81 -35.15 9.47
CA GLN E 119 9.08 -34.14 8.42
C GLN E 119 7.80 -33.98 7.63
N PRO E 120 6.86 -33.15 8.11
CA PRO E 120 5.49 -33.11 7.59
C PRO E 120 5.40 -32.28 6.30
N ASP E 121 4.39 -32.58 5.49
CA ASP E 121 4.22 -32.04 4.12
C ASP E 121 3.64 -30.63 4.19
N THR E 122 2.63 -30.42 5.04
CA THR E 122 1.90 -29.15 5.25
C THR E 122 1.99 -28.72 6.72
N GLY E 123 1.66 -27.44 6.96
CA GLY E 123 1.52 -26.84 8.31
C GLY E 123 0.39 -27.49 9.08
N GLU E 124 -0.73 -27.80 8.44
CA GLU E 124 -1.92 -28.44 9.06
C GLU E 124 -1.60 -29.86 9.50
N GLN E 125 -0.82 -30.61 8.72
CA GLN E 125 -0.33 -31.96 9.10
C GLN E 125 0.59 -31.85 10.33
N ALA E 126 1.48 -30.86 10.38
CA ALA E 126 2.46 -30.63 11.47
C ALA E 126 1.73 -30.35 12.79
N LEU E 127 0.67 -29.53 12.75
CA LEU E 127 -0.07 -29.07 13.94
C LEU E 127 -1.10 -30.12 14.37
N GLU E 128 -1.58 -30.96 13.45
CA GLU E 128 -2.42 -32.15 13.78
C GLU E 128 -1.60 -33.23 14.47
N ILE E 129 -0.32 -33.41 14.12
CA ILE E 129 0.60 -34.37 14.78
C ILE E 129 0.89 -33.86 16.20
N CYS E 130 1.09 -32.55 16.40
CA CYS E 130 1.31 -31.92 17.73
C CYS E 130 0.11 -32.17 18.65
N ASP E 131 -1.11 -31.99 18.14
CA ASP E 131 -2.38 -32.15 18.89
C ASP E 131 -2.57 -33.63 19.27
N ALA E 132 -2.30 -34.55 18.34
CA ALA E 132 -2.35 -36.01 18.53
C ALA E 132 -1.38 -36.48 19.62
N LEU E 133 -0.12 -36.02 19.60
CA LEU E 133 0.93 -36.40 20.60
C LEU E 133 0.61 -35.79 21.97
N ALA E 134 0.13 -34.54 21.99
CA ALA E 134 -0.24 -33.80 23.22
C ALA E 134 -1.37 -34.55 23.94
N ARG E 135 -2.44 -34.90 23.23
CA ARG E 135 -3.61 -35.66 23.76
C ARG E 135 -3.16 -37.01 24.32
N SER E 136 -2.25 -37.71 23.63
CA SER E 136 -1.76 -39.06 24.00
C SER E 136 -1.34 -39.12 25.47
N GLY E 137 -0.69 -38.05 25.98
CA GLY E 137 -0.15 -37.96 27.35
C GLY E 137 1.15 -38.75 27.54
N ALA E 138 1.74 -39.26 26.45
CA ALA E 138 2.97 -40.07 26.43
C ALA E 138 4.22 -39.19 26.22
N VAL E 139 4.11 -38.18 25.36
CA VAL E 139 5.20 -37.23 25.02
C VAL E 139 5.22 -36.07 26.04
N ASP E 140 6.40 -35.62 26.42
CA ASP E 140 6.64 -34.59 27.46
C ASP E 140 7.15 -33.28 26.87
N VAL E 141 8.01 -33.34 25.85
CA VAL E 141 8.56 -32.16 25.13
C VAL E 141 8.32 -32.35 23.64
N ILE E 142 7.75 -31.35 23.00
CA ILE E 142 7.59 -31.28 21.52
C ILE E 142 8.31 -30.01 21.06
N VAL E 143 9.14 -30.12 20.01
CA VAL E 143 9.78 -28.95 19.36
C VAL E 143 9.26 -28.88 17.91
N VAL E 144 8.77 -27.71 17.50
CA VAL E 144 8.35 -27.40 16.10
C VAL E 144 9.39 -26.44 15.50
N ASP E 145 10.26 -26.96 14.61
CA ASP E 145 11.39 -26.20 14.00
C ASP E 145 10.87 -25.39 12.81
N SER E 146 10.76 -24.08 13.12
CA SER E 146 10.28 -22.90 12.38
C SER E 146 8.80 -23.04 12.05
N VAL E 147 8.04 -22.18 12.73
CA VAL E 147 6.72 -21.59 12.37
C VAL E 147 6.76 -21.07 10.92
N ALA E 148 7.87 -20.44 10.50
CA ALA E 148 8.05 -19.82 9.17
C ALA E 148 7.80 -20.85 8.08
N ALA E 149 8.24 -22.07 8.30
CA ALA E 149 8.18 -23.18 7.31
C ALA E 149 6.83 -23.91 7.37
N LEU E 150 5.96 -23.63 8.34
CA LEU E 150 4.57 -24.17 8.42
C LEU E 150 3.75 -23.55 7.27
N THR E 151 3.70 -24.26 6.15
CA THR E 151 3.06 -23.82 4.89
C THR E 151 1.65 -24.41 4.86
N PRO E 152 0.58 -23.58 4.76
CA PRO E 152 -0.78 -24.13 4.60
C PRO E 152 -0.97 -24.93 3.31
N LYS E 153 -2.00 -25.80 3.28
CA LYS E 153 -2.24 -26.76 2.17
C LYS E 153 -2.65 -26.00 0.90
N ALA E 154 -3.41 -24.92 1.05
CA ALA E 154 -3.86 -24.03 -0.04
C ALA E 154 -2.65 -23.39 -0.75
N GLU E 155 -1.59 -23.09 0.00
CA GLU E 155 -0.34 -22.45 -0.52
C GLU E 155 0.52 -23.46 -1.28
N ILE E 156 0.52 -24.73 -0.85
CA ILE E 156 1.33 -25.83 -1.46
C ILE E 156 0.70 -26.28 -2.78
N GLU E 157 -0.62 -26.43 -2.81
CA GLU E 157 -1.38 -26.79 -4.03
C GLU E 157 -1.37 -25.63 -5.03
N GLY E 158 -1.27 -24.39 -4.55
CA GLY E 158 -1.29 -23.17 -5.37
C GLY E 158 0.01 -22.97 -6.14
N GLU E 159 0.07 -21.88 -6.91
CA GLU E 159 1.28 -21.44 -7.68
C GLU E 159 2.07 -20.42 -6.85
N ILE E 160 3.33 -20.22 -7.20
CA ILE E 160 4.20 -19.14 -6.65
C ILE E 160 3.72 -17.83 -7.25
N GLY E 161 3.54 -16.79 -6.43
CA GLY E 161 2.95 -15.49 -6.80
C GLY E 161 1.54 -15.32 -6.26
N ASP E 162 0.79 -16.41 -6.11
CA ASP E 162 -0.60 -16.45 -5.56
C ASP E 162 -0.62 -15.82 -4.15
N SER E 163 -1.62 -14.98 -3.90
CA SER E 163 -1.90 -14.31 -2.60
C SER E 163 -2.75 -15.24 -1.73
N HIS E 164 -2.32 -15.44 -0.48
CA HIS E 164 -3.05 -16.19 0.57
C HIS E 164 -3.04 -15.35 1.83
N MET E 165 -3.81 -14.24 1.79
CA MET E 165 -3.86 -13.16 2.82
C MET E 165 -4.23 -13.74 4.19
N GLY E 166 -3.33 -13.61 5.16
CA GLY E 166 -3.55 -13.97 6.57
C GLY E 166 -3.90 -15.43 6.78
N LEU E 167 -3.49 -16.32 5.87
CA LEU E 167 -3.90 -17.75 5.89
C LEU E 167 -3.04 -18.55 6.87
N ALA E 168 -1.73 -18.29 6.93
CA ALA E 168 -0.82 -18.87 7.94
C ALA E 168 -1.14 -18.33 9.33
N ALA E 169 -1.44 -17.04 9.45
CA ALA E 169 -1.85 -16.35 10.69
C ALA E 169 -3.14 -16.95 11.25
N ARG E 170 -4.08 -17.26 10.36
CA ARG E 170 -5.40 -17.86 10.69
C ARG E 170 -5.22 -19.28 11.22
N MET E 171 -4.36 -20.05 10.57
CA MET E 171 -4.00 -21.45 10.93
C MET E 171 -3.32 -21.47 12.30
N MET E 172 -2.44 -20.51 12.57
CA MET E 172 -1.72 -20.38 13.87
C MET E 172 -2.69 -19.98 14.99
N SER E 173 -3.60 -19.05 14.73
CA SER E 173 -4.63 -18.57 15.68
C SER E 173 -5.54 -19.74 16.07
N GLN E 174 -5.99 -20.52 15.10
CA GLN E 174 -6.84 -21.71 15.32
C GLN E 174 -6.11 -22.76 16.17
N ALA E 175 -4.84 -23.01 15.87
CA ALA E 175 -4.02 -24.08 16.50
C ALA E 175 -3.78 -23.79 17.99
N MET E 176 -3.57 -22.53 18.36
CA MET E 176 -3.30 -22.10 19.76
C MET E 176 -4.53 -22.38 20.64
N ARG E 177 -5.72 -22.07 20.15
CA ARG E 177 -7.04 -22.37 20.79
C ARG E 177 -7.15 -23.85 21.15
N LYS E 178 -6.88 -24.72 20.15
CA LYS E 178 -7.01 -26.19 20.25
C LYS E 178 -5.91 -26.78 21.15
N LEU E 179 -4.68 -26.25 21.10
CA LEU E 179 -3.49 -26.85 21.75
C LEU E 179 -3.39 -26.47 23.23
N ALA E 180 -3.65 -25.22 23.58
CA ALA E 180 -3.41 -24.65 24.93
C ALA E 180 -3.96 -25.58 26.03
N GLY E 181 -5.21 -26.03 25.88
CA GLY E 181 -5.90 -26.88 26.87
C GLY E 181 -5.38 -28.29 26.91
N ASN E 182 -5.14 -28.88 25.73
CA ASN E 182 -4.55 -30.25 25.57
C ASN E 182 -3.17 -30.33 26.23
N LEU E 183 -2.34 -29.30 26.11
CA LEU E 183 -0.96 -29.29 26.69
C LEU E 183 -1.00 -29.22 28.21
N LYS E 184 -1.89 -28.40 28.79
CA LYS E 184 -2.02 -28.25 30.26
C LYS E 184 -2.49 -29.57 30.90
N GLN E 185 -3.44 -30.26 30.27
CA GLN E 185 -4.00 -31.55 30.75
C GLN E 185 -2.92 -32.65 30.73
N SER E 186 -2.04 -32.65 29.72
CA SER E 186 -0.98 -33.67 29.51
C SER E 186 0.32 -33.30 30.24
N ASN E 187 0.46 -32.06 30.68
CA ASN E 187 1.69 -31.49 31.27
C ASN E 187 2.83 -31.47 30.23
N THR E 188 2.50 -31.27 28.95
CA THR E 188 3.44 -31.36 27.80
C THR E 188 3.94 -29.96 27.46
N LEU E 189 5.25 -29.77 27.42
CA LEU E 189 5.93 -28.52 26.98
C LEU E 189 5.95 -28.49 25.45
N LEU E 190 5.45 -27.45 24.82
CA LEU E 190 5.56 -27.24 23.36
C LEU E 190 6.51 -26.08 23.11
N ILE E 191 7.56 -26.28 22.30
CA ILE E 191 8.49 -25.19 21.89
C ILE E 191 8.30 -24.89 20.40
N PHE E 192 7.96 -23.65 20.07
CA PHE E 192 8.00 -23.07 18.71
C PHE E 192 9.32 -22.35 18.52
N ILE E 193 10.05 -22.69 17.46
CA ILE E 193 11.16 -21.85 16.92
C ILE E 193 10.55 -20.92 15.88
N ASN E 194 11.03 -19.68 15.77
CA ASN E 194 10.55 -18.70 14.78
C ASN E 194 11.73 -17.92 14.19
N GLN E 195 11.60 -17.57 12.91
CA GLN E 195 12.54 -16.72 12.15
C GLN E 195 12.11 -15.26 12.31
N ILE E 196 12.98 -14.35 11.95
CA ILE E 196 12.75 -12.89 11.99
C ILE E 196 12.50 -12.41 10.56
N ARG E 197 11.58 -11.46 10.41
CA ARG E 197 11.44 -10.66 9.18
C ARG E 197 11.49 -9.19 9.56
N MET E 198 11.59 -8.34 8.56
CA MET E 198 11.70 -6.88 8.71
C MET E 198 10.35 -6.34 8.26
N LYS E 199 9.73 -5.45 9.02
CA LYS E 199 8.47 -4.77 8.62
C LYS E 199 8.77 -3.39 8.01
N ILE E 200 8.03 -3.02 6.97
CA ILE E 200 8.33 -1.86 6.09
C ILE E 200 7.18 -0.87 6.18
N GLY E 201 7.46 0.42 5.94
CA GLY E 201 6.56 1.55 6.25
C GLY E 201 6.42 1.77 7.74
N VAL E 202 7.54 1.73 8.48
CA VAL E 202 7.63 1.93 9.96
C VAL E 202 8.58 3.12 10.22
N MET E 203 8.24 3.99 11.18
CA MET E 203 9.12 5.11 11.62
C MET E 203 9.48 5.01 13.11
N PHE E 204 8.91 4.05 13.85
CA PHE E 204 9.07 3.86 15.32
C PHE E 204 9.85 2.58 15.62
N GLY E 205 10.15 2.39 16.91
CA GLY E 205 10.50 1.11 17.56
C GLY E 205 11.50 0.28 16.78
N ASN E 206 11.28 -1.03 16.72
CA ASN E 206 12.09 -1.98 15.91
C ASN E 206 11.30 -2.32 14.65
N PRO E 207 11.95 -2.35 13.47
CA PRO E 207 11.36 -2.97 12.29
C PRO E 207 11.34 -4.51 12.29
N GLU E 208 12.05 -5.18 13.20
CA GLU E 208 12.10 -6.66 13.31
C GLU E 208 10.74 -7.19 13.78
N THR E 209 10.24 -8.22 13.11
CA THR E 209 9.00 -8.98 13.43
C THR E 209 9.35 -10.46 13.53
N THR E 210 8.38 -11.29 13.87
CA THR E 210 8.43 -12.77 13.74
C THR E 210 7.32 -13.19 12.78
N THR E 211 7.47 -14.37 12.19
CA THR E 211 6.52 -14.96 11.21
C THR E 211 5.29 -15.52 11.95
N GLY E 212 4.19 -15.71 11.22
CA GLY E 212 3.03 -16.53 11.65
C GLY E 212 1.96 -15.79 12.43
N GLY E 213 2.00 -14.46 12.49
CA GLY E 213 0.94 -13.62 13.06
C GLY E 213 1.04 -13.43 14.57
N ASN E 214 -0.05 -12.95 15.17
CA ASN E 214 -0.09 -12.32 16.51
C ASN E 214 -0.53 -13.26 17.62
N ALA E 215 -1.16 -14.39 17.32
CA ALA E 215 -1.68 -15.34 18.33
C ALA E 215 -0.56 -15.85 19.22
N LEU E 216 0.58 -16.26 18.64
CA LEU E 216 1.59 -17.04 19.39
C LEU E 216 2.26 -16.19 20.46
N LYS E 217 2.40 -14.88 20.24
CA LYS E 217 2.87 -13.92 21.27
C LYS E 217 2.01 -14.04 22.52
N PHE E 218 0.68 -14.05 22.37
CA PHE E 218 -0.29 -14.02 23.49
C PHE E 218 -0.26 -15.33 24.27
N TYR E 219 -0.23 -16.44 23.56
CA TYR E 219 -0.35 -17.79 24.14
C TYR E 219 0.98 -18.29 24.72
N ALA E 220 2.12 -17.73 24.33
CA ALA E 220 3.43 -18.14 24.86
C ALA E 220 3.50 -17.74 26.35
N SER E 221 4.05 -18.59 27.20
CA SER E 221 4.31 -18.28 28.63
C SER E 221 5.70 -17.70 28.78
N VAL E 222 6.61 -18.08 27.89
CA VAL E 222 8.00 -17.56 27.82
C VAL E 222 8.31 -17.28 26.34
N ARG E 223 8.99 -16.17 26.08
CA ARG E 223 9.54 -15.84 24.74
C ARG E 223 11.00 -15.49 24.94
N LEU E 224 11.88 -16.14 24.18
CA LEU E 224 13.34 -15.92 24.18
C LEU E 224 13.75 -15.28 22.85
N ASP E 225 14.68 -14.34 22.92
CA ASP E 225 15.32 -13.68 21.75
C ASP E 225 16.81 -14.01 21.83
N ILE E 226 17.30 -14.88 20.96
CA ILE E 226 18.69 -15.42 21.00
C ILE E 226 19.49 -14.80 19.85
N ARG E 227 20.74 -14.41 20.12
CA ARG E 227 21.61 -13.63 19.21
C ARG E 227 23.07 -14.00 19.41
N ARG E 228 23.80 -14.17 18.29
CA ARG E 228 25.28 -14.31 18.24
C ARG E 228 25.90 -12.91 18.43
N ILE E 229 26.76 -12.76 19.43
CA ILE E 229 27.39 -11.46 19.84
C ILE E 229 28.92 -11.53 19.72
N GLY E 230 29.48 -12.55 19.05
CA GLY E 230 30.93 -12.72 18.97
C GLY E 230 31.36 -14.14 18.68
N ALA E 231 32.67 -14.30 18.46
CA ALA E 231 33.35 -15.58 18.17
C ALA E 231 34.14 -16.05 19.39
N VAL E 232 34.40 -17.35 19.45
CA VAL E 232 35.27 -18.03 20.44
C VAL E 232 36.42 -18.65 19.63
N LYS E 233 37.66 -18.26 19.91
CA LYS E 233 38.85 -18.58 19.08
C LYS E 233 39.90 -19.31 19.92
N GLU E 234 40.53 -20.33 19.31
CA GLU E 234 41.85 -20.92 19.70
C GLU E 234 42.92 -20.29 18.79
N GLY E 235 43.23 -19.01 19.02
CA GLY E 235 44.15 -18.20 18.23
C GLY E 235 43.55 -17.81 16.89
N GLU E 236 43.66 -18.69 15.88
CA GLU E 236 43.19 -18.48 14.50
C GLU E 236 41.82 -19.17 14.30
N ASN E 237 41.75 -20.45 14.67
CA ASN E 237 40.55 -21.32 14.53
C ASN E 237 39.38 -20.74 15.31
N VAL E 238 38.28 -20.39 14.61
CA VAL E 238 36.97 -20.03 15.21
C VAL E 238 36.30 -21.34 15.61
N VAL E 239 36.20 -21.58 16.93
CA VAL E 239 35.88 -22.90 17.53
C VAL E 239 34.44 -22.90 18.08
N GLY E 240 33.80 -21.72 18.16
CA GLY E 240 32.41 -21.55 18.64
C GLY E 240 31.92 -20.12 18.55
N SER E 241 30.78 -19.84 19.21
CA SER E 241 30.00 -18.58 19.13
C SER E 241 29.66 -18.08 20.54
N GLU E 242 29.91 -16.80 20.82
CA GLU E 242 29.42 -16.10 22.04
C GLU E 242 27.97 -15.67 21.80
N THR E 243 27.08 -16.08 22.69
CA THR E 243 25.60 -16.03 22.55
C THR E 243 25.03 -15.16 23.67
N ARG E 244 23.97 -14.42 23.39
CA ARG E 244 23.17 -13.68 24.40
C ARG E 244 21.69 -14.02 24.22
N VAL E 245 21.04 -14.49 25.28
CA VAL E 245 19.58 -14.79 25.29
C VAL E 245 18.91 -13.79 26.21
N LYS E 246 18.00 -13.00 25.67
CA LYS E 246 17.13 -12.04 26.37
C LYS E 246 15.75 -12.67 26.60
N VAL E 247 15.24 -12.60 27.83
CA VAL E 247 13.87 -13.09 28.17
C VAL E 247 12.88 -11.95 27.98
N VAL E 248 12.13 -12.01 26.90
CA VAL E 248 11.32 -10.91 26.30
C VAL E 248 9.89 -10.96 26.84
N LYS E 249 9.47 -12.13 27.33
CA LYS E 249 8.16 -12.37 27.98
C LYS E 249 8.30 -13.51 28.99
N ASN E 250 7.68 -13.38 30.15
CA ASN E 250 7.75 -14.40 31.23
C ASN E 250 6.50 -14.26 32.10
N LYS E 251 5.64 -15.29 32.14
CA LYS E 251 4.45 -15.37 33.03
C LYS E 251 4.75 -16.19 34.29
N ILE E 252 5.94 -16.78 34.37
CA ILE E 252 6.36 -17.76 35.40
C ILE E 252 7.23 -17.09 36.46
N ALA E 253 7.74 -15.89 36.17
CA ALA E 253 8.69 -15.08 36.98
C ALA E 253 8.93 -13.75 36.27
N ALA E 254 9.75 -12.86 36.80
CA ALA E 254 9.92 -11.48 36.26
C ALA E 254 10.75 -11.50 34.98
N PRO E 255 10.34 -10.76 33.92
CA PRO E 255 11.10 -10.71 32.65
C PRO E 255 12.24 -9.69 32.53
N PHE E 256 12.85 -9.67 31.34
CA PHE E 256 13.88 -8.72 30.84
C PHE E 256 15.24 -9.02 31.47
N LYS E 257 15.42 -10.21 32.03
CA LYS E 257 16.75 -10.72 32.40
C LYS E 257 17.39 -11.29 31.15
N GLN E 258 18.72 -11.35 31.13
CA GLN E 258 19.49 -11.97 30.01
C GLN E 258 20.57 -12.90 30.56
N ALA E 259 20.99 -13.80 29.69
CA ALA E 259 22.00 -14.85 29.92
C ALA E 259 23.03 -14.76 28.80
N GLU E 260 24.31 -14.97 29.13
CA GLU E 260 25.41 -15.10 28.14
C GLU E 260 26.07 -16.46 28.34
N PHE E 261 26.47 -17.09 27.25
CA PHE E 261 27.19 -18.38 27.26
C PHE E 261 27.84 -18.59 25.90
N GLN E 262 28.69 -19.61 25.82
CA GLN E 262 29.40 -20.02 24.60
C GLN E 262 28.76 -21.29 24.04
N ILE E 263 28.44 -21.30 22.75
CA ILE E 263 28.14 -22.54 21.98
C ILE E 263 29.46 -22.93 21.31
N LEU E 264 29.97 -24.13 21.61
CA LEU E 264 31.17 -24.70 20.97
C LEU E 264 30.74 -25.71 19.91
N TYR E 265 31.19 -25.54 18.67
CA TYR E 265 30.78 -26.38 17.51
C TYR E 265 31.16 -27.84 17.80
N GLY E 266 30.14 -28.72 17.78
CA GLY E 266 30.29 -30.18 17.96
C GLY E 266 30.11 -30.62 19.41
N GLU E 267 30.11 -29.69 20.36
CA GLU E 267 30.00 -29.94 21.82
C GLU E 267 28.64 -29.49 22.33
N GLY E 268 28.22 -28.27 21.97
CA GLY E 268 26.96 -27.62 22.38
C GLY E 268 27.25 -26.42 23.29
N ILE E 269 26.41 -26.21 24.30
CA ILE E 269 26.59 -25.13 25.31
C ILE E 269 27.72 -25.54 26.24
N ASN E 270 28.63 -24.61 26.52
CA ASN E 270 29.81 -24.77 27.42
C ASN E 270 29.32 -24.54 28.85
N PHE E 271 29.00 -25.61 29.57
CA PHE E 271 28.48 -25.60 30.96
C PHE E 271 29.52 -25.02 31.92
N TYR E 272 30.75 -25.52 31.85
CA TYR E 272 31.86 -25.15 32.77
C TYR E 272 32.33 -23.71 32.53
N GLY E 273 32.15 -23.19 31.31
CA GLY E 273 32.37 -21.77 31.00
C GLY E 273 31.45 -20.87 31.80
N GLU E 274 30.17 -21.26 31.94
CA GLU E 274 29.16 -20.53 32.76
C GLU E 274 29.53 -20.60 34.24
N LEU E 275 29.92 -21.80 34.70
CA LEU E 275 30.18 -22.12 36.13
C LEU E 275 31.36 -21.31 36.68
N VAL E 276 32.38 -21.04 35.83
CA VAL E 276 33.46 -20.05 36.09
C VAL E 276 32.83 -18.67 36.35
N ASP E 277 32.14 -18.12 35.35
CA ASP E 277 31.56 -16.74 35.37
C ASP E 277 30.66 -16.53 36.59
N LEU E 278 29.82 -17.53 36.93
CA LEU E 278 28.88 -17.47 38.08
C LEU E 278 29.65 -17.65 39.40
N GLY E 279 30.74 -18.41 39.41
CA GLY E 279 31.68 -18.53 40.55
C GLY E 279 32.35 -17.20 40.87
N VAL E 280 32.83 -16.49 39.84
CA VAL E 280 33.48 -15.14 39.93
C VAL E 280 32.46 -14.14 40.50
N LYS E 281 31.26 -14.10 39.90
CA LYS E 281 30.16 -13.16 40.23
C LYS E 281 29.72 -13.32 41.69
N GLU E 282 29.75 -14.55 42.23
CA GLU E 282 29.27 -14.90 43.60
C GLU E 282 30.44 -15.06 44.59
N LYS E 283 31.64 -14.56 44.26
CA LYS E 283 32.82 -14.46 45.17
C LYS E 283 33.21 -15.83 45.72
N LEU E 284 33.02 -16.91 44.95
CA LEU E 284 33.53 -18.28 45.24
C LEU E 284 34.85 -18.51 44.48
N ILE E 285 35.06 -17.76 43.38
CA ILE E 285 36.33 -17.71 42.59
C ILE E 285 36.81 -16.25 42.56
N GLU E 286 38.12 -16.04 42.76
CA GLU E 286 38.79 -14.71 42.71
C GLU E 286 39.47 -14.54 41.35
N LYS E 287 39.27 -13.37 40.71
CA LYS E 287 39.91 -12.98 39.43
C LYS E 287 40.95 -11.87 39.70
N ALA E 288 42.24 -12.21 39.61
CA ALA E 288 43.40 -11.29 39.77
C ALA E 288 43.94 -10.91 38.39
N GLY E 289 43.27 -9.96 37.71
CA GLY E 289 43.60 -9.53 36.34
C GLY E 289 43.08 -10.51 35.30
N ALA E 290 43.97 -11.36 34.76
CA ALA E 290 43.65 -12.49 33.85
C ALA E 290 43.90 -13.84 34.53
N TRP E 291 44.17 -13.86 35.84
CA TRP E 291 44.41 -15.07 36.67
C TRP E 291 43.18 -15.39 37.51
N TYR E 292 42.54 -16.55 37.28
CA TYR E 292 41.44 -17.11 38.10
C TYR E 292 42.06 -17.97 39.21
N SER E 293 41.61 -17.78 40.46
CA SER E 293 42.13 -18.46 41.69
C SER E 293 40.97 -18.90 42.59
N TYR E 294 40.96 -20.19 42.99
CA TYR E 294 39.95 -20.82 43.87
C TYR E 294 40.59 -21.18 45.22
N LYS E 295 40.23 -20.45 46.29
CA LYS E 295 40.75 -20.62 47.68
C LYS E 295 42.28 -20.45 47.70
N GLY E 296 42.81 -19.46 46.95
CA GLY E 296 44.26 -19.16 46.84
C GLY E 296 44.92 -19.91 45.70
N GLU E 297 44.75 -21.24 45.67
CA GLU E 297 45.22 -22.21 44.63
C GLU E 297 44.86 -21.69 43.23
N LYS E 298 45.87 -21.36 42.41
CA LYS E 298 45.70 -20.74 41.06
C LYS E 298 45.23 -21.79 40.06
N ILE E 299 43.95 -21.72 39.67
CA ILE E 299 43.26 -22.74 38.80
C ILE E 299 43.74 -22.59 37.35
N GLY E 300 44.04 -21.36 36.89
CA GLY E 300 44.62 -21.11 35.55
C GLY E 300 44.68 -19.63 35.20
N GLN E 301 45.23 -19.32 34.03
CA GLN E 301 45.30 -17.96 33.43
C GLN E 301 44.56 -17.98 32.09
N GLY E 302 43.57 -17.10 31.92
CA GLY E 302 42.58 -17.17 30.82
C GLY E 302 41.40 -18.05 31.20
N LYS E 303 40.23 -17.76 30.61
CA LYS E 303 38.93 -18.44 30.90
C LYS E 303 38.99 -19.90 30.39
N ALA E 304 39.66 -20.14 29.26
CA ALA E 304 39.84 -21.47 28.61
C ALA E 304 40.62 -22.43 29.52
N ASN E 305 41.72 -21.95 30.11
CA ASN E 305 42.62 -22.72 31.01
C ASN E 305 41.91 -23.00 32.34
N ALA E 306 41.17 -22.01 32.85
CA ALA E 306 40.31 -22.10 34.05
C ALA E 306 39.21 -23.15 33.82
N THR E 307 38.57 -23.13 32.65
CA THR E 307 37.51 -24.10 32.22
C THR E 307 38.13 -25.51 32.13
N ALA E 308 39.33 -25.61 31.54
CA ALA E 308 40.10 -26.86 31.38
C ALA E 308 40.46 -27.47 32.75
N TRP E 309 40.74 -26.62 33.75
CA TRP E 309 41.04 -27.04 35.15
C TRP E 309 39.79 -27.68 35.78
N LEU E 310 38.62 -27.02 35.68
CA LEU E 310 37.32 -27.48 36.26
C LEU E 310 36.87 -28.79 35.60
N LYS E 311 37.21 -29.01 34.32
CA LYS E 311 37.04 -30.31 33.61
C LYS E 311 37.79 -31.41 34.35
N ASP E 312 39.07 -31.18 34.68
CA ASP E 312 39.99 -32.16 35.30
C ASP E 312 39.62 -32.47 36.76
N ASN E 313 38.92 -31.56 37.46
CA ASN E 313 38.56 -31.67 38.91
C ASN E 313 37.03 -31.70 39.05
N PRO E 314 36.33 -32.84 38.79
CA PRO E 314 34.87 -32.90 38.89
C PRO E 314 34.22 -32.59 40.26
N GLU E 315 34.90 -32.93 41.36
CA GLU E 315 34.39 -32.75 42.76
C GLU E 315 34.43 -31.26 43.16
N THR E 316 35.43 -30.51 42.67
CA THR E 316 35.57 -29.04 42.84
C THR E 316 34.44 -28.31 42.09
N ALA E 317 34.13 -28.76 40.87
CA ALA E 317 33.03 -28.23 40.02
C ALA E 317 31.67 -28.55 40.64
N LYS E 318 31.48 -29.77 41.18
CA LYS E 318 30.24 -30.22 41.88
C LYS E 318 29.89 -29.24 43.01
N GLU E 319 30.88 -28.88 43.84
CA GLU E 319 30.67 -28.10 45.09
C GLU E 319 30.33 -26.64 44.72
N ILE E 320 30.98 -26.07 43.71
CA ILE E 320 30.71 -24.69 43.20
C ILE E 320 29.30 -24.66 42.60
N GLU E 321 28.91 -25.67 41.82
CA GLU E 321 27.55 -25.80 41.20
C GLU E 321 26.49 -25.77 42.31
N LYS E 322 26.65 -26.64 43.31
CA LYS E 322 25.74 -26.81 44.47
C LYS E 322 25.50 -25.46 45.17
N LYS E 323 26.56 -24.67 45.35
CA LYS E 323 26.55 -23.34 46.04
C LYS E 323 25.81 -22.30 45.19
N VAL E 324 26.22 -22.14 43.92
CA VAL E 324 25.63 -21.18 42.93
C VAL E 324 24.13 -21.45 42.82
N ARG E 325 23.73 -22.73 42.78
CA ARG E 325 22.31 -23.18 42.75
C ARG E 325 21.57 -22.68 43.99
N GLU E 326 22.09 -22.97 45.19
CA GLU E 326 21.40 -22.69 46.48
C GLU E 326 21.38 -21.17 46.76
N LEU E 327 22.23 -20.37 46.09
CA LEU E 327 22.30 -18.88 46.21
C LEU E 327 21.30 -18.20 45.27
N LEU E 328 21.37 -18.48 43.95
CA LEU E 328 20.96 -17.52 42.88
C LEU E 328 19.56 -17.79 42.30
N LEU E 329 18.97 -18.98 42.49
CA LEU E 329 17.61 -19.30 41.98
C LEU E 329 16.55 -18.48 42.76
N SER E 330 15.77 -17.65 42.06
CA SER E 330 14.86 -16.61 42.63
C SER E 330 13.52 -17.21 43.07
N ASN E 331 12.95 -18.15 42.29
CA ASN E 331 11.73 -18.94 42.62
C ASN E 331 12.10 -20.43 42.63
N PRO E 332 12.78 -20.98 43.67
CA PRO E 332 13.13 -22.40 43.71
C PRO E 332 11.90 -23.34 43.73
N ASN E 333 11.71 -24.10 42.64
CA ASN E 333 10.64 -25.10 42.43
C ASN E 333 11.15 -26.46 42.96
N SER E 334 10.60 -26.93 44.10
CA SER E 334 10.93 -28.23 44.73
C SER E 334 9.87 -28.59 45.78
N ALA F 2 -61.41 15.44 33.76
CA ALA F 2 -62.41 14.77 32.85
C ALA F 2 -61.67 13.92 31.80
N ILE F 3 -60.80 14.54 31.00
CA ILE F 3 -60.02 13.90 29.90
C ILE F 3 -58.82 13.14 30.50
N ASP F 4 -58.05 13.78 31.40
CA ASP F 4 -56.80 13.23 31.99
C ASP F 4 -57.13 12.25 33.13
N GLU F 5 -58.40 12.18 33.60
CA GLU F 5 -58.85 11.24 34.67
C GLU F 5 -58.92 9.80 34.14
N ASN F 6 -59.56 9.60 32.98
CA ASN F 6 -59.74 8.25 32.34
C ASN F 6 -58.37 7.62 32.02
N LYS F 7 -57.39 8.44 31.60
CA LYS F 7 -56.01 8.01 31.30
C LYS F 7 -55.32 7.43 32.55
N GLN F 8 -55.47 8.09 33.70
CA GLN F 8 -54.85 7.68 35.00
C GLN F 8 -55.40 6.32 35.45
N LYS F 9 -56.65 6.00 35.12
CA LYS F 9 -57.31 4.71 35.51
C LYS F 9 -56.85 3.59 34.56
N ALA F 10 -56.94 3.84 33.25
CA ALA F 10 -56.51 2.92 32.16
C ALA F 10 -55.02 2.55 32.32
N LEU F 11 -54.19 3.49 32.79
CA LEU F 11 -52.76 3.26 33.14
C LEU F 11 -52.69 2.29 34.32
N ALA F 12 -53.31 2.66 35.45
CA ALA F 12 -53.35 1.88 36.72
C ALA F 12 -53.88 0.46 36.47
N ALA F 13 -54.88 0.30 35.59
CA ALA F 13 -55.50 -0.99 35.19
C ALA F 13 -54.49 -1.87 34.44
N ALA F 14 -53.72 -1.28 33.51
CA ALA F 14 -52.64 -1.95 32.73
C ALA F 14 -51.47 -2.32 33.64
N LEU F 15 -51.02 -1.39 34.49
CA LEU F 15 -49.96 -1.63 35.52
C LEU F 15 -50.38 -2.74 36.48
N GLY F 16 -51.67 -2.79 36.85
CA GLY F 16 -52.27 -3.91 37.61
C GLY F 16 -52.15 -5.22 36.84
N GLN F 17 -52.57 -5.22 35.58
CA GLN F 17 -52.59 -6.41 34.67
C GLN F 17 -51.17 -6.93 34.44
N ILE F 18 -50.18 -6.05 34.22
CA ILE F 18 -48.77 -6.43 33.91
C ILE F 18 -48.14 -7.05 35.17
N GLU F 19 -48.21 -6.34 36.30
CA GLU F 19 -47.62 -6.76 37.62
C GLU F 19 -48.24 -8.08 38.09
N LYS F 20 -49.48 -8.33 37.71
CA LYS F 20 -50.17 -9.61 37.95
C LYS F 20 -49.58 -10.72 37.05
N GLN F 21 -49.44 -10.45 35.75
CA GLN F 21 -49.09 -11.44 34.69
C GLN F 21 -47.63 -11.88 34.87
N PHE F 22 -46.70 -10.95 35.09
CA PHE F 22 -45.22 -11.17 35.03
C PHE F 22 -44.54 -11.09 36.41
N GLY F 23 -45.17 -10.47 37.42
CA GLY F 23 -44.63 -10.44 38.80
C GLY F 23 -44.46 -9.02 39.34
N LYS F 24 -43.87 -8.91 40.53
CA LYS F 24 -44.01 -7.75 41.44
C LYS F 24 -43.43 -6.48 40.80
N GLY F 25 -42.11 -6.44 40.58
CA GLY F 25 -41.38 -5.27 40.03
C GLY F 25 -41.16 -5.41 38.55
N SER F 26 -42.14 -5.94 37.80
CA SER F 26 -42.09 -6.14 36.33
C SER F 26 -42.08 -4.78 35.64
N ILE F 27 -42.82 -3.80 36.19
CA ILE F 27 -42.85 -2.41 35.68
C ILE F 27 -43.01 -1.46 36.87
N MET F 28 -42.22 -0.39 36.90
CA MET F 28 -42.34 0.68 37.92
C MET F 28 -41.63 1.95 37.47
N ARG F 29 -41.82 3.04 38.21
CA ARG F 29 -41.26 4.36 37.89
C ARG F 29 -39.77 4.36 38.22
N LEU F 30 -38.95 4.94 37.34
CA LEU F 30 -37.47 4.81 37.34
C LEU F 30 -36.90 5.43 38.62
N GLY F 31 -37.47 6.55 39.07
CA GLY F 31 -37.13 7.26 40.30
C GLY F 31 -37.24 6.41 41.55
N GLU F 32 -38.18 5.46 41.59
CA GLU F 32 -38.42 4.59 42.78
C GLU F 32 -38.01 3.13 42.50
N ASP F 33 -36.96 2.92 41.68
CA ASP F 33 -36.35 1.59 41.40
C ASP F 33 -34.89 1.63 41.88
N ARG F 34 -34.61 1.00 43.04
CA ARG F 34 -33.29 0.97 43.70
C ARG F 34 -32.39 -0.13 43.10
N SER F 35 -33.00 -1.12 42.43
CA SER F 35 -32.31 -2.14 41.60
C SER F 35 -31.46 -1.47 40.51
N MET F 36 -31.89 -0.29 40.02
CA MET F 36 -31.39 0.36 38.79
C MET F 36 -30.23 1.33 39.10
N ASP F 37 -29.93 1.60 40.36
CA ASP F 37 -28.79 2.48 40.78
C ASP F 37 -27.46 1.74 40.52
N VAL F 38 -26.41 2.50 40.23
CA VAL F 38 -25.05 1.98 39.91
C VAL F 38 -24.21 1.94 41.19
N GLU F 39 -23.84 0.74 41.61
CA GLU F 39 -22.86 0.40 42.68
C GLU F 39 -21.51 0.16 41.99
N THR F 40 -20.39 0.45 42.66
CA THR F 40 -19.01 0.24 42.10
C THR F 40 -18.12 -0.57 43.07
N ILE F 41 -16.98 -1.01 42.53
CA ILE F 41 -15.95 -1.89 43.15
C ILE F 41 -14.58 -1.29 42.80
N SER F 42 -13.64 -1.23 43.73
CA SER F 42 -12.26 -0.68 43.51
C SER F 42 -11.54 -1.52 42.45
N THR F 43 -10.77 -0.87 41.57
CA THR F 43 -9.90 -1.55 40.56
C THR F 43 -8.57 -2.00 41.18
N GLY F 44 -8.19 -1.46 42.35
CA GLY F 44 -6.83 -1.60 42.92
C GLY F 44 -6.01 -0.37 42.62
N SER F 45 -6.04 0.11 41.37
CA SER F 45 -5.48 1.42 40.96
C SER F 45 -6.40 2.56 41.41
N LEU F 46 -5.82 3.69 41.82
CA LEU F 46 -6.54 4.92 42.25
C LEU F 46 -6.70 5.86 41.05
N SER F 47 -5.67 5.96 40.22
CA SER F 47 -5.69 6.73 38.94
C SER F 47 -6.80 6.19 38.02
N LEU F 48 -7.05 4.88 38.04
CA LEU F 48 -8.08 4.21 37.19
C LEU F 48 -9.48 4.48 37.77
N ASP F 49 -9.66 4.36 39.09
CA ASP F 49 -10.92 4.73 39.80
C ASP F 49 -11.31 6.19 39.50
N ILE F 50 -10.35 7.08 39.26
CA ILE F 50 -10.62 8.49 38.85
C ILE F 50 -11.01 8.55 37.38
N ALA F 51 -10.27 7.86 36.50
CA ALA F 51 -10.50 7.80 35.05
C ALA F 51 -11.90 7.26 34.74
N LEU F 52 -12.41 6.33 35.54
CA LEU F 52 -13.72 5.70 35.31
C LEU F 52 -14.86 6.60 35.79
N GLY F 53 -14.58 7.62 36.58
CA GLY F 53 -15.58 8.63 36.96
C GLY F 53 -16.32 8.20 38.21
N ALA F 54 -16.99 7.06 38.18
CA ALA F 54 -17.85 6.57 39.29
C ALA F 54 -17.01 5.86 40.38
N GLY F 55 -15.68 5.93 40.34
CA GLY F 55 -14.83 5.39 41.42
C GLY F 55 -14.74 3.87 41.40
N GLY F 56 -14.75 3.28 40.21
CA GLY F 56 -14.51 1.84 40.04
C GLY F 56 -15.34 1.22 38.92
N LEU F 57 -15.49 -0.10 38.97
CA LEU F 57 -16.16 -0.89 37.92
C LEU F 57 -17.58 -1.21 38.39
N PRO F 58 -18.59 -1.15 37.50
CA PRO F 58 -19.98 -1.31 37.92
C PRO F 58 -20.49 -2.74 38.10
N MET F 59 -21.11 -3.02 39.25
CA MET F 59 -21.71 -4.34 39.57
C MET F 59 -22.97 -4.55 38.73
N GLY F 60 -23.19 -5.80 38.29
CA GLY F 60 -24.32 -6.19 37.44
C GLY F 60 -24.03 -6.03 35.96
N ARG F 61 -22.84 -5.57 35.58
CA ARG F 61 -22.50 -5.20 34.20
C ARG F 61 -21.41 -6.10 33.65
N ILE F 62 -21.17 -5.99 32.35
CA ILE F 62 -20.06 -6.65 31.60
C ILE F 62 -18.95 -5.63 31.34
N VAL F 63 -17.71 -6.06 31.49
CA VAL F 63 -16.48 -5.24 31.28
C VAL F 63 -15.54 -6.00 30.35
N GLU F 64 -14.91 -5.31 29.42
CA GLU F 64 -13.87 -5.87 28.51
C GLU F 64 -12.54 -5.19 28.83
N ILE F 65 -11.48 -5.97 29.00
CA ILE F 65 -10.07 -5.49 29.11
C ILE F 65 -9.29 -6.10 27.97
N TYR F 66 -8.72 -5.29 27.11
CA TYR F 66 -7.94 -5.78 25.95
C TYR F 66 -6.61 -5.07 25.90
N GLY F 67 -5.71 -5.63 25.11
CA GLY F 67 -4.41 -5.01 24.86
C GLY F 67 -3.41 -6.04 24.37
N PRO F 68 -2.15 -5.60 24.14
CA PRO F 68 -1.09 -6.47 23.66
C PRO F 68 -0.60 -7.48 24.69
N GLU F 69 0.25 -8.40 24.23
CA GLU F 69 0.93 -9.44 25.05
C GLU F 69 1.69 -8.79 26.20
N SER F 70 1.50 -9.35 27.40
CA SER F 70 2.15 -9.02 28.68
C SER F 70 2.07 -7.52 28.98
N SER F 71 0.88 -6.94 28.79
CA SER F 71 0.55 -5.54 29.10
C SER F 71 0.04 -5.39 30.53
N GLY F 72 -0.53 -6.43 31.12
CA GLY F 72 -0.96 -6.44 32.53
C GLY F 72 -2.43 -6.71 32.72
N LYS F 73 -3.06 -7.41 31.76
CA LYS F 73 -4.50 -7.70 31.72
C LYS F 73 -4.84 -8.65 32.86
N THR F 74 -4.14 -9.76 33.01
CA THR F 74 -4.40 -10.72 34.10
C THR F 74 -4.08 -10.08 35.44
N THR F 75 -2.93 -9.42 35.56
CA THR F 75 -2.46 -8.78 36.83
C THR F 75 -3.54 -7.81 37.36
N LEU F 76 -4.00 -6.89 36.53
CA LEU F 76 -5.02 -5.88 36.87
C LEU F 76 -6.30 -6.56 37.33
N THR F 77 -6.68 -7.64 36.67
CA THR F 77 -7.96 -8.34 36.89
C THR F 77 -7.85 -9.17 38.17
N LEU F 78 -6.66 -9.59 38.59
CA LEU F 78 -6.41 -10.26 39.90
C LEU F 78 -6.32 -9.23 41.03
N GLN F 79 -5.84 -8.02 40.77
CA GLN F 79 -5.86 -6.90 41.77
C GLN F 79 -7.32 -6.50 42.08
N VAL F 80 -8.22 -6.53 41.08
CA VAL F 80 -9.70 -6.33 41.25
C VAL F 80 -10.23 -7.39 42.23
N ILE F 81 -9.98 -8.66 41.92
CA ILE F 81 -10.45 -9.82 42.73
C ILE F 81 -9.94 -9.66 44.17
N ALA F 82 -8.68 -9.29 44.36
CA ALA F 82 -8.03 -9.19 45.68
C ALA F 82 -8.79 -8.15 46.53
N ALA F 83 -9.02 -6.96 45.97
CA ALA F 83 -9.75 -5.85 46.62
C ALA F 83 -11.19 -6.26 46.93
N ALA F 84 -11.80 -7.09 46.08
CA ALA F 84 -13.18 -7.60 46.28
C ALA F 84 -13.18 -8.55 47.47
N GLN F 85 -12.22 -9.47 47.54
CA GLN F 85 -12.10 -10.49 48.63
C GLN F 85 -11.90 -9.80 49.98
N ARG F 86 -11.18 -8.67 50.01
CA ARG F 86 -10.92 -7.88 51.25
C ARG F 86 -12.20 -7.16 51.74
N GLU F 87 -13.19 -6.93 50.85
CA GLU F 87 -14.55 -6.44 51.22
C GLU F 87 -15.52 -7.61 51.40
N GLY F 88 -15.03 -8.85 51.56
CA GLY F 88 -15.85 -10.03 51.87
C GLY F 88 -16.74 -10.49 50.73
N LYS F 89 -16.28 -10.40 49.48
CA LYS F 89 -17.00 -10.87 48.28
C LYS F 89 -16.38 -12.18 47.77
N THR F 90 -17.21 -13.05 47.17
CA THR F 90 -16.81 -14.32 46.53
C THR F 90 -16.46 -14.05 45.06
N CYS F 91 -15.50 -14.79 44.49
CA CYS F 91 -14.97 -14.56 43.13
C CYS F 91 -14.60 -15.86 42.43
N ALA F 92 -14.66 -15.84 41.11
CA ALA F 92 -14.39 -17.00 40.23
C ALA F 92 -13.46 -16.57 39.12
N PHE F 93 -12.63 -17.49 38.65
CA PHE F 93 -11.63 -17.27 37.58
C PHE F 93 -11.75 -18.40 36.56
N ILE F 94 -12.38 -18.16 35.41
CA ILE F 94 -12.51 -19.14 34.29
C ILE F 94 -11.28 -18.96 33.38
N ASP F 95 -10.30 -19.86 33.49
CA ASP F 95 -8.94 -19.75 32.89
C ASP F 95 -8.86 -20.57 31.59
N ALA F 96 -9.57 -20.11 30.56
CA ALA F 96 -9.65 -20.74 29.22
C ALA F 96 -8.30 -20.73 28.49
N GLU F 97 -7.43 -19.77 28.79
CA GLU F 97 -6.06 -19.63 28.24
C GLU F 97 -5.14 -20.71 28.80
N HIS F 98 -5.48 -21.29 29.97
CA HIS F 98 -4.69 -22.35 30.66
C HIS F 98 -3.30 -21.81 30.96
N ALA F 99 -3.19 -20.79 31.82
CA ALA F 99 -1.91 -20.11 32.10
C ALA F 99 -1.93 -19.29 33.41
N LEU F 100 -2.68 -19.71 34.43
CA LEU F 100 -2.68 -19.02 35.74
C LEU F 100 -1.64 -19.67 36.64
N ASP F 101 -0.81 -18.84 37.30
CA ASP F 101 0.19 -19.27 38.32
C ASP F 101 -0.37 -18.89 39.70
N PRO F 102 -0.85 -19.84 40.52
CA PRO F 102 -1.40 -19.51 41.83
C PRO F 102 -0.44 -18.86 42.84
N ILE F 103 0.86 -19.09 42.74
CA ILE F 103 1.85 -18.44 43.66
C ILE F 103 1.89 -16.95 43.33
N TYR F 104 1.88 -16.58 42.06
CA TYR F 104 1.88 -15.16 41.64
C TYR F 104 0.61 -14.49 42.17
N ALA F 105 -0.54 -15.14 41.97
CA ALA F 105 -1.85 -14.68 42.46
C ALA F 105 -1.78 -14.39 43.96
N ARG F 106 -1.14 -15.25 44.75
CA ARG F 106 -0.99 -15.08 46.22
C ARG F 106 -0.18 -13.84 46.55
N LYS F 107 0.89 -13.58 45.81
CA LYS F 107 1.79 -12.40 46.02
C LYS F 107 1.04 -11.09 45.75
N LEU F 108 0.09 -11.08 44.80
CA LEU F 108 -0.76 -9.89 44.50
C LEU F 108 -1.85 -9.70 45.57
N GLY F 109 -2.02 -10.64 46.50
CA GLY F 109 -2.91 -10.51 47.66
C GLY F 109 -4.21 -11.28 47.48
N VAL F 110 -4.33 -12.10 46.45
CA VAL F 110 -5.53 -12.96 46.23
C VAL F 110 -5.49 -14.01 47.34
N ASP F 111 -6.63 -14.25 47.98
CA ASP F 111 -6.84 -15.40 48.90
C ASP F 111 -7.19 -16.60 48.03
N ILE F 112 -6.21 -17.46 47.74
CA ILE F 112 -6.36 -18.58 46.76
C ILE F 112 -7.16 -19.73 47.37
N ASP F 113 -7.31 -19.78 48.69
CA ASP F 113 -8.09 -20.85 49.38
C ASP F 113 -9.59 -20.59 49.24
N ASN F 114 -10.01 -19.38 48.82
CA ASN F 114 -11.43 -19.00 48.58
C ASN F 114 -11.72 -18.66 47.12
N LEU F 115 -10.73 -18.53 46.23
CA LEU F 115 -10.97 -18.17 44.81
C LEU F 115 -11.36 -19.41 44.03
N LEU F 116 -12.56 -19.45 43.46
CA LEU F 116 -13.01 -20.55 42.58
C LEU F 116 -12.29 -20.44 41.24
N CYS F 117 -11.88 -21.58 40.67
CA CYS F 117 -11.11 -21.63 39.41
C CYS F 117 -11.61 -22.79 38.55
N SER F 118 -11.85 -22.53 37.27
CA SER F 118 -12.25 -23.52 36.24
C SER F 118 -11.28 -23.42 35.05
N GLN F 119 -10.82 -24.56 34.55
CA GLN F 119 -10.02 -24.70 33.30
C GLN F 119 -10.87 -25.53 32.34
N PRO F 120 -11.81 -24.90 31.62
CA PRO F 120 -12.80 -25.65 30.85
C PRO F 120 -12.28 -26.11 29.48
N ASP F 121 -12.96 -27.12 28.94
CA ASP F 121 -12.50 -27.92 27.77
C ASP F 121 -12.93 -27.21 26.48
N THR F 122 -14.16 -26.69 26.45
CA THR F 122 -14.74 -25.90 25.33
C THR F 122 -15.20 -24.53 25.82
N GLY F 123 -15.48 -23.63 24.88
CA GLY F 123 -16.08 -22.30 25.09
C GLY F 123 -17.47 -22.41 25.66
N GLU F 124 -18.26 -23.38 25.18
CA GLU F 124 -19.66 -23.62 25.62
C GLU F 124 -19.69 -24.06 27.08
N GLN F 125 -18.74 -24.87 27.53
CA GLN F 125 -18.58 -25.27 28.95
C GLN F 125 -18.24 -24.04 29.79
N ALA F 126 -17.37 -23.16 29.28
CA ALA F 126 -16.89 -21.95 30.01
C ALA F 126 -18.06 -20.99 30.23
N LEU F 127 -18.87 -20.77 29.21
CA LEU F 127 -20.00 -19.80 29.25
C LEU F 127 -21.21 -20.41 29.98
N GLU F 128 -21.35 -21.74 30.02
CA GLU F 128 -22.40 -22.42 30.84
C GLU F 128 -22.04 -22.40 32.33
N ILE F 129 -20.75 -22.41 32.70
CA ILE F 129 -20.31 -22.26 34.11
C ILE F 129 -20.53 -20.81 34.56
N CYS F 130 -20.26 -19.82 33.70
CA CYS F 130 -20.55 -18.38 33.95
C CYS F 130 -22.03 -18.17 34.24
N ASP F 131 -22.91 -18.77 33.43
CA ASP F 131 -24.39 -18.60 33.56
C ASP F 131 -24.87 -19.27 34.86
N ALA F 132 -24.35 -20.45 35.20
CA ALA F 132 -24.67 -21.20 36.44
C ALA F 132 -24.23 -20.42 37.70
N LEU F 133 -23.05 -19.79 37.70
CA LEU F 133 -22.54 -19.02 38.86
C LEU F 133 -23.30 -17.69 39.00
N ALA F 134 -23.69 -17.07 37.87
CA ALA F 134 -24.47 -15.82 37.84
C ALA F 134 -25.84 -16.07 38.49
N ARG F 135 -26.54 -17.13 38.06
CA ARG F 135 -27.89 -17.52 38.55
C ARG F 135 -27.88 -17.88 40.04
N SER F 136 -26.77 -18.36 40.59
CA SER F 136 -26.66 -18.81 42.00
C SER F 136 -26.88 -17.63 42.96
N GLY F 137 -26.45 -16.43 42.59
CA GLY F 137 -26.49 -15.24 43.46
C GLY F 137 -25.44 -15.27 44.56
N ALA F 138 -24.52 -16.25 44.53
CA ALA F 138 -23.46 -16.47 45.56
C ALA F 138 -22.16 -15.75 45.18
N VAL F 139 -21.82 -15.70 43.88
CA VAL F 139 -20.57 -15.10 43.35
C VAL F 139 -20.79 -13.63 43.02
N ASP F 140 -19.80 -12.79 43.30
CA ASP F 140 -19.83 -11.31 43.10
C ASP F 140 -19.01 -10.88 41.87
N VAL F 141 -17.84 -11.50 41.63
CA VAL F 141 -16.96 -11.18 40.46
C VAL F 141 -16.61 -12.47 39.71
N ILE F 142 -16.82 -12.51 38.41
CA ILE F 142 -16.32 -13.60 37.53
C ILE F 142 -15.36 -12.98 36.53
N VAL F 143 -14.16 -13.56 36.36
CA VAL F 143 -13.20 -13.19 35.29
C VAL F 143 -13.13 -14.34 34.27
N VAL F 144 -13.25 -14.03 32.98
CA VAL F 144 -13.09 -15.03 31.88
C VAL F 144 -11.82 -14.68 31.12
N ASP F 145 -10.74 -15.45 31.36
CA ASP F 145 -9.41 -15.14 30.80
C ASP F 145 -9.30 -15.71 29.37
N SER F 146 -8.90 -14.80 28.48
CA SER F 146 -9.19 -14.61 27.05
C SER F 146 -10.48 -15.23 26.57
N VAL F 147 -11.25 -14.42 25.84
CA VAL F 147 -12.32 -14.86 24.90
C VAL F 147 -11.64 -15.50 23.68
N ALA F 148 -10.43 -15.10 23.30
CA ALA F 148 -9.70 -15.67 22.15
C ALA F 148 -9.52 -17.19 22.29
N ALA F 149 -9.41 -17.69 23.52
CA ALA F 149 -9.21 -19.11 23.85
C ALA F 149 -10.54 -19.85 24.09
N LEU F 150 -11.69 -19.19 23.93
CA LEU F 150 -13.05 -19.83 24.02
C LEU F 150 -13.33 -20.52 22.68
N THR F 151 -13.07 -21.82 22.63
CA THR F 151 -13.11 -22.65 21.40
C THR F 151 -14.46 -23.35 21.34
N PRO F 152 -15.23 -23.25 20.24
CA PRO F 152 -16.46 -24.04 20.09
C PRO F 152 -16.20 -25.54 20.00
N LYS F 153 -17.18 -26.35 20.40
CA LYS F 153 -17.05 -27.84 20.51
C LYS F 153 -16.84 -28.45 19.12
N ALA F 154 -17.50 -27.91 18.10
CA ALA F 154 -17.33 -28.28 16.68
C ALA F 154 -15.89 -28.10 16.22
N GLU F 155 -15.17 -27.09 16.74
CA GLU F 155 -13.78 -26.78 16.34
C GLU F 155 -12.82 -27.73 17.04
N ILE F 156 -13.17 -28.24 18.22
CA ILE F 156 -12.31 -29.12 19.05
C ILE F 156 -12.42 -30.56 18.53
N GLU F 157 -13.64 -31.00 18.21
CA GLU F 157 -13.88 -32.31 17.55
C GLU F 157 -13.31 -32.28 16.12
N GLY F 158 -13.29 -31.12 15.47
CA GLY F 158 -12.81 -30.92 14.09
C GLY F 158 -11.30 -31.03 13.94
N GLU F 159 -10.81 -30.88 12.69
CA GLU F 159 -9.39 -30.95 12.29
C GLU F 159 -8.84 -29.55 12.00
N ILE F 160 -7.54 -29.36 12.20
CA ILE F 160 -6.85 -28.05 11.98
C ILE F 160 -6.87 -27.77 10.48
N GLY F 161 -7.31 -26.58 10.09
CA GLY F 161 -7.52 -26.20 8.67
C GLY F 161 -8.99 -26.10 8.31
N ASP F 162 -9.86 -26.89 8.97
CA ASP F 162 -11.35 -26.85 8.80
C ASP F 162 -11.83 -25.41 9.05
N SER F 163 -12.65 -24.88 8.16
CA SER F 163 -13.27 -23.53 8.26
C SER F 163 -14.58 -23.64 9.04
N HIS F 164 -14.69 -22.91 10.15
CA HIS F 164 -15.92 -22.73 10.96
C HIS F 164 -16.30 -21.24 10.94
N MET F 165 -16.97 -20.83 9.85
CA MET F 165 -17.30 -19.41 9.52
C MET F 165 -18.19 -18.81 10.61
N GLY F 166 -17.63 -17.88 11.39
CA GLY F 166 -18.35 -17.06 12.40
C GLY F 166 -19.06 -17.93 13.43
N LEU F 167 -18.39 -18.93 13.96
CA LEU F 167 -18.96 -19.88 14.95
C LEU F 167 -18.69 -19.37 16.37
N ALA F 168 -17.50 -18.85 16.63
CA ALA F 168 -17.15 -18.21 17.92
C ALA F 168 -18.00 -16.96 18.10
N ALA F 169 -18.12 -16.14 17.06
CA ALA F 169 -18.96 -14.92 17.00
C ALA F 169 -20.41 -15.26 17.34
N ARG F 170 -20.93 -16.37 16.85
CA ARG F 170 -22.34 -16.80 17.08
C ARG F 170 -22.52 -17.27 18.52
N MET F 171 -21.53 -17.94 19.08
CA MET F 171 -21.55 -18.43 20.48
C MET F 171 -21.50 -17.24 21.45
N MET F 172 -20.73 -16.22 21.09
CA MET F 172 -20.56 -15.01 21.93
C MET F 172 -21.84 -14.18 21.87
N SER F 173 -22.45 -14.03 20.71
CA SER F 173 -23.73 -13.30 20.51
C SER F 173 -24.79 -13.91 21.42
N GLN F 174 -24.92 -15.23 21.40
CA GLN F 174 -25.91 -16.01 22.19
C GLN F 174 -25.62 -15.91 23.68
N ALA F 175 -24.36 -15.99 24.09
CA ALA F 175 -23.99 -15.92 25.52
C ALA F 175 -24.30 -14.54 26.11
N MET F 176 -24.10 -13.47 25.34
CA MET F 176 -24.34 -12.08 25.80
C MET F 176 -25.83 -11.89 26.11
N ARG F 177 -26.70 -12.24 25.16
CA ARG F 177 -28.19 -12.31 25.35
C ARG F 177 -28.57 -12.97 26.68
N LYS F 178 -28.04 -14.17 26.95
CA LYS F 178 -28.40 -15.00 28.13
C LYS F 178 -27.81 -14.44 29.43
N LEU F 179 -26.60 -13.87 29.40
CA LEU F 179 -25.90 -13.43 30.63
C LEU F 179 -26.44 -12.09 31.13
N ALA F 180 -26.57 -11.12 30.23
CA ALA F 180 -26.84 -9.70 30.51
C ALA F 180 -27.91 -9.55 31.61
N GLY F 181 -29.02 -10.26 31.47
CA GLY F 181 -30.15 -10.27 32.41
C GLY F 181 -29.78 -10.89 33.76
N ASN F 182 -29.21 -12.10 33.73
CA ASN F 182 -28.84 -12.90 34.92
C ASN F 182 -27.81 -12.17 35.79
N LEU F 183 -26.85 -11.46 35.19
CA LEU F 183 -25.83 -10.70 35.95
C LEU F 183 -26.47 -9.54 36.71
N LYS F 184 -27.41 -8.82 36.09
CA LYS F 184 -28.13 -7.66 36.69
C LYS F 184 -28.99 -8.12 37.86
N GLN F 185 -29.66 -9.27 37.74
CA GLN F 185 -30.56 -9.82 38.80
C GLN F 185 -29.77 -10.20 40.06
N SER F 186 -28.51 -10.62 39.90
CA SER F 186 -27.62 -11.18 40.93
C SER F 186 -26.57 -10.16 41.38
N ASN F 187 -26.54 -8.98 40.77
CA ASN F 187 -25.56 -7.89 41.04
C ASN F 187 -24.12 -8.43 40.91
N THR F 188 -23.84 -9.18 39.84
CA THR F 188 -22.55 -9.85 39.54
C THR F 188 -21.79 -9.12 38.43
N LEU F 189 -20.52 -8.78 38.65
CA LEU F 189 -19.59 -8.17 37.65
C LEU F 189 -18.97 -9.29 36.82
N LEU F 190 -18.99 -9.22 35.50
CA LEU F 190 -18.36 -10.24 34.61
C LEU F 190 -17.28 -9.55 33.78
N ILE F 191 -16.00 -9.86 33.98
CA ILE F 191 -14.85 -9.25 33.23
C ILE F 191 -14.39 -10.23 32.15
N PHE F 192 -14.48 -9.85 30.88
CA PHE F 192 -13.86 -10.57 29.74
C PHE F 192 -12.49 -9.98 29.46
N ILE F 193 -11.45 -10.81 29.40
CA ILE F 193 -10.12 -10.41 28.87
C ILE F 193 -10.10 -10.77 27.40
N ASN F 194 -9.47 -9.95 26.56
CA ASN F 194 -9.40 -10.15 25.11
C ASN F 194 -8.00 -9.86 24.60
N GLN F 195 -7.58 -10.58 23.58
CA GLN F 195 -6.31 -10.36 22.86
C GLN F 195 -6.61 -9.45 21.68
N ILE F 196 -5.59 -8.86 21.09
CA ILE F 196 -5.67 -8.07 19.83
C ILE F 196 -5.31 -8.95 18.63
N ARG F 197 -5.99 -8.74 17.51
CA ARG F 197 -5.58 -9.26 16.19
C ARG F 197 -5.49 -8.06 15.27
N MET F 198 -5.03 -8.28 14.05
CA MET F 198 -4.80 -7.24 13.03
C MET F 198 -5.76 -7.56 11.90
N LYS F 199 -6.52 -6.59 11.40
CA LYS F 199 -7.34 -6.79 10.18
C LYS F 199 -6.58 -6.40 8.91
N ILE F 200 -7.03 -6.92 7.78
CA ILE F 200 -6.33 -6.90 6.47
C ILE F 200 -7.23 -6.20 5.46
N GLY F 201 -6.72 -5.15 4.79
CA GLY F 201 -7.47 -4.32 3.84
C GLY F 201 -7.97 -3.04 4.50
N VAL F 202 -7.06 -2.34 5.17
CA VAL F 202 -7.35 -1.07 5.90
C VAL F 202 -6.02 -0.30 6.01
N MET F 203 -5.84 0.71 5.14
CA MET F 203 -4.68 1.65 5.13
C MET F 203 -5.07 2.97 5.81
N PHE F 204 -6.37 3.30 5.84
CA PHE F 204 -7.02 4.26 6.78
C PHE F 204 -7.12 3.61 8.17
N GLY F 205 -7.77 4.30 9.13
CA GLY F 205 -8.21 3.77 10.44
C GLY F 205 -7.11 3.10 11.24
N ASN F 206 -7.51 2.34 12.28
CA ASN F 206 -6.62 1.45 13.07
C ASN F 206 -6.83 0.03 12.54
N PRO F 207 -5.76 -0.72 12.17
CA PRO F 207 -5.91 -2.13 11.83
C PRO F 207 -6.16 -3.11 12.98
N GLU F 208 -5.98 -2.68 14.24
CA GLU F 208 -6.15 -3.53 15.45
C GLU F 208 -7.62 -3.87 15.62
N THR F 209 -7.91 -5.10 15.99
CA THR F 209 -9.27 -5.64 16.31
C THR F 209 -9.15 -6.39 17.64
N THR F 210 -10.26 -6.95 18.10
CA THR F 210 -10.32 -7.93 19.22
C THR F 210 -11.03 -9.19 18.70
N THR F 211 -10.74 -10.34 19.31
CA THR F 211 -11.35 -11.64 18.94
C THR F 211 -12.83 -11.68 19.36
N GLY F 212 -13.60 -12.58 18.72
CA GLY F 212 -14.89 -13.10 19.20
C GLY F 212 -16.10 -12.30 18.75
N GLY F 213 -15.96 -11.46 17.72
CA GLY F 213 -17.09 -10.82 17.03
C GLY F 213 -17.53 -9.50 17.65
N ASN F 214 -18.66 -8.99 17.21
CA ASN F 214 -19.15 -7.63 17.51
C ASN F 214 -20.09 -7.58 18.73
N ALA F 215 -20.58 -8.68 19.26
CA ALA F 215 -21.61 -8.59 20.32
C ALA F 215 -21.03 -7.97 21.59
N LEU F 216 -19.85 -8.40 22.02
CA LEU F 216 -19.29 -7.99 23.33
C LEU F 216 -19.03 -6.48 23.40
N LYS F 217 -18.63 -5.85 22.29
CA LYS F 217 -18.52 -4.39 22.19
C LYS F 217 -19.79 -3.69 22.66
N PHE F 218 -20.94 -4.18 22.23
CA PHE F 218 -22.27 -3.58 22.47
C PHE F 218 -22.70 -3.82 23.89
N TYR F 219 -22.51 -5.02 24.43
CA TYR F 219 -22.99 -5.40 25.76
C TYR F 219 -22.10 -4.84 26.87
N ALA F 220 -20.82 -4.62 26.61
CA ALA F 220 -19.88 -4.09 27.61
C ALA F 220 -20.31 -2.70 28.07
N SER F 221 -20.32 -2.47 29.37
CA SER F 221 -20.62 -1.16 29.99
C SER F 221 -19.33 -0.35 30.08
N VAL F 222 -18.20 -1.00 30.31
CA VAL F 222 -16.84 -0.39 30.26
C VAL F 222 -15.96 -1.24 29.33
N ARG F 223 -15.10 -0.59 28.55
CA ARG F 223 -13.99 -1.21 27.79
C ARG F 223 -12.71 -0.46 28.11
N LEU F 224 -11.68 -1.17 28.54
CA LEU F 224 -10.31 -0.65 28.87
C LEU F 224 -9.31 -1.20 27.87
N ASP F 225 -8.32 -0.40 27.52
CA ASP F 225 -7.26 -0.69 26.53
C ASP F 225 -5.94 -0.46 27.24
N ILE F 226 -5.32 -1.52 27.75
CA ILE F 226 -4.12 -1.44 28.62
C ILE F 226 -2.88 -1.73 27.76
N ARG F 227 -1.83 -0.95 27.93
CA ARG F 227 -0.57 -0.98 27.15
C ARG F 227 0.63 -0.69 28.04
N ARG F 228 1.73 -1.39 27.82
CA ARG F 228 3.03 -1.13 28.49
C ARG F 228 3.73 0.01 27.73
N ILE F 229 4.12 1.07 28.44
CA ILE F 229 4.69 2.31 27.82
C ILE F 229 6.06 2.62 28.41
N GLY F 230 6.78 1.63 28.94
CA GLY F 230 8.15 1.85 29.43
C GLY F 230 8.55 0.87 30.50
N ALA F 231 9.79 1.00 30.98
CA ALA F 231 10.40 0.16 32.04
C ALA F 231 10.50 0.97 33.33
N VAL F 232 10.54 0.26 34.46
CA VAL F 232 10.86 0.78 35.81
C VAL F 232 12.14 0.09 36.24
N LYS F 233 13.24 0.85 36.37
CA LYS F 233 14.60 0.29 36.60
C LYS F 233 15.12 0.70 37.98
N GLU F 234 15.89 -0.20 38.62
CA GLU F 234 16.84 0.07 39.73
C GLU F 234 18.26 -0.01 39.17
N GLY F 235 18.67 1.03 38.43
CA GLY F 235 19.94 1.10 37.69
C GLY F 235 19.90 0.23 36.44
N GLU F 236 20.19 -1.06 36.58
CA GLU F 236 20.24 -2.07 35.47
C GLU F 236 19.07 -3.06 35.59
N ASN F 237 18.77 -3.55 36.80
CA ASN F 237 17.64 -4.48 37.08
C ASN F 237 16.31 -3.82 36.67
N VAL F 238 15.62 -4.38 35.66
CA VAL F 238 14.24 -3.96 35.25
C VAL F 238 13.26 -4.60 36.25
N VAL F 239 12.67 -3.78 37.12
CA VAL F 239 11.93 -4.24 38.33
C VAL F 239 10.41 -4.10 38.12
N GLY F 240 9.99 -3.54 36.98
CA GLY F 240 8.55 -3.40 36.65
C GLY F 240 8.31 -2.71 35.32
N SER F 241 7.04 -2.39 35.08
CA SER F 241 6.47 -1.92 33.79
C SER F 241 5.73 -0.61 34.02
N GLU F 242 5.88 0.36 33.14
CA GLU F 242 5.12 1.63 33.19
C GLU F 242 3.94 1.51 32.22
N THR F 243 2.72 1.60 32.76
CA THR F 243 1.48 1.07 32.16
C THR F 243 0.52 2.24 31.90
N ARG F 244 -0.23 2.24 30.80
CA ARG F 244 -1.26 3.27 30.50
C ARG F 244 -2.59 2.61 30.11
N VAL F 245 -3.62 2.78 30.94
CA VAL F 245 -5.00 2.30 30.68
C VAL F 245 -5.80 3.45 30.08
N LYS F 246 -6.55 3.17 29.02
CA LYS F 246 -7.41 4.12 28.30
C LYS F 246 -8.86 3.64 28.38
N VAL F 247 -9.80 4.49 28.82
CA VAL F 247 -11.23 4.10 28.93
C VAL F 247 -11.93 4.41 27.61
N VAL F 248 -12.08 3.37 26.80
CA VAL F 248 -12.43 3.38 25.35
C VAL F 248 -13.94 3.36 25.16
N LYS F 249 -14.67 2.82 26.12
CA LYS F 249 -16.15 2.89 26.24
C LYS F 249 -16.50 3.04 27.71
N ASN F 250 -17.51 3.84 28.02
CA ASN F 250 -17.99 4.04 29.42
C ASN F 250 -19.45 4.46 29.36
N LYS F 251 -20.34 3.74 30.02
CA LYS F 251 -21.79 4.09 30.16
C LYS F 251 -22.13 4.64 31.54
N ILE F 252 -21.30 4.43 32.56
CA ILE F 252 -21.61 4.92 33.94
C ILE F 252 -20.96 6.28 34.19
N ALA F 253 -20.16 6.80 33.25
CA ALA F 253 -19.53 8.14 33.31
C ALA F 253 -18.92 8.50 31.95
N ALA F 254 -18.34 9.69 31.80
CA ALA F 254 -17.76 10.17 30.52
C ALA F 254 -16.56 9.32 30.16
N PRO F 255 -16.42 8.90 28.90
CA PRO F 255 -15.25 8.14 28.46
C PRO F 255 -14.03 8.98 28.05
N PHE F 256 -13.01 8.25 27.58
CA PHE F 256 -11.76 8.71 26.93
C PHE F 256 -10.81 9.32 27.96
N LYS F 257 -11.02 9.10 29.24
CA LYS F 257 -10.00 9.43 30.25
C LYS F 257 -8.97 8.32 30.26
N GLN F 258 -7.77 8.64 30.74
CA GLN F 258 -6.64 7.67 30.78
C GLN F 258 -5.94 7.77 32.12
N ALA F 259 -5.33 6.66 32.52
CA ALA F 259 -4.67 6.44 33.83
C ALA F 259 -3.27 5.91 33.55
N GLU F 260 -2.28 6.37 34.32
CA GLU F 260 -0.89 5.85 34.26
C GLU F 260 -0.50 5.36 35.65
N PHE F 261 0.17 4.21 35.68
CA PHE F 261 0.70 3.62 36.92
C PHE F 261 1.82 2.63 36.61
N GLN F 262 2.49 2.16 37.66
CA GLN F 262 3.57 1.14 37.60
C GLN F 262 3.01 -0.20 38.05
N ILE F 263 3.36 -1.27 37.34
CA ILE F 263 3.20 -2.67 37.83
C ILE F 263 4.59 -3.15 38.22
N LEU F 264 4.80 -3.43 39.50
CA LEU F 264 6.09 -3.96 40.03
C LEU F 264 5.99 -5.47 40.16
N TYR F 265 6.95 -6.19 39.56
CA TYR F 265 6.90 -7.66 39.38
C TYR F 265 6.93 -8.32 40.76
N GLY F 266 5.92 -9.17 41.03
CA GLY F 266 5.75 -9.88 42.30
C GLY F 266 5.04 -9.05 43.37
N GLU F 267 4.76 -7.76 43.12
CA GLU F 267 4.10 -6.84 44.07
C GLU F 267 2.70 -6.47 43.55
N GLY F 268 2.56 -6.23 42.24
CA GLY F 268 1.32 -5.78 41.59
C GLY F 268 1.38 -4.29 41.29
N ILE F 269 0.26 -3.59 41.42
CA ILE F 269 0.15 -2.12 41.12
C ILE F 269 0.76 -1.36 42.28
N ASN F 270 1.58 -0.37 41.96
CA ASN F 270 2.25 0.55 42.93
C ASN F 270 1.23 1.61 43.39
N PHE F 271 0.56 1.36 44.52
CA PHE F 271 -0.48 2.24 45.10
C PHE F 271 0.12 3.58 45.54
N TYR F 272 1.23 3.53 46.28
CA TYR F 272 1.89 4.74 46.84
C TYR F 272 2.58 5.54 45.72
N GLY F 273 3.01 4.90 44.65
CA GLY F 273 3.49 5.57 43.41
C GLY F 273 2.44 6.52 42.86
N GLU F 274 1.17 6.10 42.82
CA GLU F 274 0.02 6.93 42.35
C GLU F 274 -0.24 8.08 43.32
N LEU F 275 -0.26 7.77 44.62
CA LEU F 275 -0.65 8.70 45.72
C LEU F 275 0.25 9.94 45.70
N VAL F 276 1.55 9.75 45.47
CA VAL F 276 2.55 10.82 45.19
C VAL F 276 2.05 11.68 44.03
N ASP F 277 1.91 11.08 42.85
CA ASP F 277 1.57 11.77 41.57
C ASP F 277 0.27 12.58 41.68
N LEU F 278 -0.73 12.06 42.40
CA LEU F 278 -2.03 12.75 42.63
C LEU F 278 -1.90 13.79 43.74
N GLY F 279 -1.06 13.55 44.75
CA GLY F 279 -0.69 14.54 45.78
C GLY F 279 -0.04 15.78 45.18
N VAL F 280 0.89 15.59 44.23
CA VAL F 280 1.59 16.66 43.46
C VAL F 280 0.55 17.46 42.66
N LYS F 281 -0.25 16.75 41.86
CA LYS F 281 -1.22 17.32 40.88
C LYS F 281 -2.28 18.17 41.61
N GLU F 282 -2.65 17.81 42.85
CA GLU F 282 -3.69 18.52 43.68
C GLU F 282 -3.04 19.43 44.73
N LYS F 283 -1.75 19.79 44.58
CA LYS F 283 -1.03 20.81 45.40
C LYS F 283 -1.08 20.46 46.90
N LEU F 284 -1.01 19.18 47.24
CA LEU F 284 -0.83 18.67 48.63
C LEU F 284 0.62 18.21 48.84
N ILE F 285 1.39 18.03 47.76
CA ILE F 285 2.85 17.73 47.77
C ILE F 285 3.54 18.72 46.83
N GLU F 286 4.62 19.35 47.30
CA GLU F 286 5.39 20.40 46.57
C GLU F 286 6.59 19.74 45.88
N LYS F 287 6.73 19.94 44.56
CA LYS F 287 7.85 19.40 43.75
C LYS F 287 8.79 20.57 43.38
N ALA F 288 9.95 20.65 44.05
CA ALA F 288 11.01 21.67 43.84
C ALA F 288 12.12 21.08 42.98
N GLY F 289 11.88 20.99 41.66
CA GLY F 289 12.79 20.37 40.67
C GLY F 289 12.63 18.86 40.64
N ALA F 290 13.49 18.12 41.35
CA ALA F 290 13.41 16.66 41.59
C ALA F 290 13.21 16.36 43.09
N TRP F 291 12.91 17.39 43.91
CA TRP F 291 12.70 17.28 45.39
C TRP F 291 11.21 17.34 45.70
N TYR F 292 10.64 16.22 46.20
CA TYR F 292 9.26 16.13 46.74
C TYR F 292 9.26 16.57 48.21
N SER F 293 8.35 17.48 48.59
CA SER F 293 8.25 18.09 49.94
C SER F 293 6.77 18.13 50.38
N TYR F 294 6.49 17.63 51.60
CA TYR F 294 5.14 17.63 52.25
C TYR F 294 5.13 18.61 53.43
N LYS F 295 4.45 19.76 53.29
CA LYS F 295 4.30 20.83 54.32
C LYS F 295 5.69 21.36 54.74
N GLY F 296 6.59 21.58 53.76
CA GLY F 296 7.96 22.08 53.98
C GLY F 296 8.97 20.96 54.14
N GLU F 297 8.71 20.05 55.10
CA GLU F 297 9.48 18.80 55.41
C GLU F 297 9.77 18.03 54.11
N LYS F 298 11.06 17.83 53.79
CA LYS F 298 11.54 17.20 52.52
C LYS F 298 11.45 15.67 52.65
N ILE F 299 10.43 15.06 52.02
CA ILE F 299 10.09 13.61 52.13
C ILE F 299 11.12 12.77 51.36
N GLY F 300 11.76 13.32 50.34
CA GLY F 300 12.89 12.71 49.61
C GLY F 300 13.15 13.39 48.27
N GLN F 301 14.07 12.84 47.48
CA GLN F 301 14.29 13.21 46.05
C GLN F 301 14.35 11.91 45.23
N GLY F 302 13.76 11.92 44.03
CA GLY F 302 13.42 10.71 43.26
C GLY F 302 12.11 10.11 43.75
N LYS F 303 11.31 9.57 42.82
CA LYS F 303 9.93 9.08 43.09
C LYS F 303 9.97 7.85 44.00
N ALA F 304 10.98 6.97 43.82
CA ALA F 304 11.19 5.72 44.61
C ALA F 304 11.42 6.03 46.09
N ASN F 305 12.24 7.04 46.38
CA ASN F 305 12.62 7.47 47.77
C ASN F 305 11.41 8.13 48.44
N ALA F 306 10.67 8.97 47.69
CA ALA F 306 9.41 9.60 48.11
C ALA F 306 8.36 8.52 48.42
N THR F 307 8.24 7.50 47.57
CA THR F 307 7.34 6.33 47.74
C THR F 307 7.75 5.54 48.99
N ALA F 308 9.05 5.32 49.17
CA ALA F 308 9.65 4.61 50.33
C ALA F 308 9.36 5.37 51.63
N TRP F 309 9.34 6.71 51.59
CA TRP F 309 9.00 7.58 52.75
C TRP F 309 7.53 7.36 53.16
N LEU F 310 6.61 7.37 52.18
CA LEU F 310 5.14 7.19 52.40
C LEU F 310 4.83 5.77 52.92
N LYS F 311 5.70 4.80 52.64
CA LYS F 311 5.64 3.41 53.19
C LYS F 311 5.81 3.45 54.72
N ASP F 312 6.83 4.16 55.23
CA ASP F 312 7.19 4.18 56.69
C ASP F 312 6.42 5.30 57.44
N ASN F 313 5.63 6.14 56.77
CA ASN F 313 4.72 7.14 57.41
C ASN F 313 3.28 6.85 57.01
N PRO F 314 2.62 5.78 57.52
CA PRO F 314 1.24 5.46 57.16
C PRO F 314 0.13 6.43 57.63
N GLU F 315 0.43 7.44 58.46
CA GLU F 315 -0.53 8.48 58.91
C GLU F 315 -0.68 9.56 57.84
N THR F 316 0.44 10.05 57.30
CA THR F 316 0.52 11.05 56.21
C THR F 316 -0.14 10.49 54.94
N ALA F 317 0.11 9.20 54.63
CA ALA F 317 -0.42 8.47 53.45
C ALA F 317 -1.95 8.34 53.56
N LYS F 318 -2.48 7.96 54.74
CA LYS F 318 -3.94 7.94 55.05
C LYS F 318 -4.55 9.33 54.82
N GLU F 319 -3.90 10.36 55.37
CA GLU F 319 -4.31 11.79 55.33
C GLU F 319 -4.43 12.25 53.87
N ILE F 320 -3.39 12.03 53.06
CA ILE F 320 -3.32 12.47 51.63
C ILE F 320 -4.37 11.69 50.81
N GLU F 321 -4.49 10.38 51.03
CA GLU F 321 -5.50 9.50 50.37
C GLU F 321 -6.89 10.08 50.59
N LYS F 322 -7.25 10.33 51.85
CA LYS F 322 -8.58 10.87 52.29
C LYS F 322 -8.90 12.18 51.55
N LYS F 323 -7.89 13.02 51.30
CA LYS F 323 -8.03 14.35 50.63
C LYS F 323 -8.21 14.19 49.12
N VAL F 324 -7.34 13.41 48.47
CA VAL F 324 -7.38 13.13 47.00
C VAL F 324 -8.73 12.47 46.66
N ARG F 325 -9.25 11.62 47.57
CA ARG F 325 -10.59 11.00 47.47
C ARG F 325 -11.69 12.08 47.49
N GLU F 326 -11.67 12.96 48.51
CA GLU F 326 -12.62 14.11 48.69
C GLU F 326 -12.69 14.96 47.41
N LEU F 327 -11.55 15.22 46.77
CA LEU F 327 -11.36 16.24 45.70
C LEU F 327 -11.78 15.70 44.32
N LEU F 328 -11.28 14.53 43.93
CA LEU F 328 -11.27 14.05 42.51
C LEU F 328 -12.39 13.03 42.22
N LEU F 329 -12.73 12.15 43.17
CA LEU F 329 -13.73 11.05 42.95
C LEU F 329 -15.08 11.67 42.58
N SER F 330 -15.40 11.66 41.27
CA SER F 330 -16.43 12.49 40.58
C SER F 330 -17.88 12.09 40.95
N ASN F 331 -18.10 10.92 41.56
CA ASN F 331 -19.45 10.44 41.97
C ASN F 331 -19.32 9.50 43.18
N PRO F 332 -19.46 10.00 44.44
CA PRO F 332 -19.47 9.12 45.62
C PRO F 332 -20.64 8.13 45.68
N ASN F 333 -20.43 6.97 46.33
CA ASN F 333 -21.46 5.92 46.60
C ASN F 333 -22.26 6.33 47.84
N SER F 334 -21.61 6.36 49.02
CA SER F 334 -22.19 6.81 50.32
C SER F 334 -21.07 7.10 51.33
N ALA G 2 -79.43 6.17 -14.36
CA ALA G 2 -80.06 4.81 -14.48
C ALA G 2 -79.07 3.71 -14.06
N ILE G 3 -77.93 3.64 -14.77
CA ILE G 3 -76.85 2.62 -14.56
C ILE G 3 -75.91 3.11 -13.45
N ASP G 4 -75.60 4.42 -13.44
CA ASP G 4 -74.77 5.13 -12.41
C ASP G 4 -75.52 5.16 -11.07
N GLU G 5 -76.87 5.18 -11.08
CA GLU G 5 -77.72 5.30 -9.86
C GLU G 5 -77.74 3.98 -9.07
N ASN G 6 -77.98 2.85 -9.74
CA ASN G 6 -78.06 1.48 -9.13
C ASN G 6 -76.74 1.13 -8.43
N LYS G 7 -75.60 1.60 -8.97
CA LYS G 7 -74.25 1.42 -8.37
C LYS G 7 -74.15 2.18 -7.04
N GLN G 8 -74.57 3.46 -7.02
CA GLN G 8 -74.52 4.35 -5.82
C GLN G 8 -75.39 3.78 -4.69
N LYS G 9 -76.49 3.10 -5.03
CA LYS G 9 -77.45 2.48 -4.07
C LYS G 9 -76.84 1.19 -3.51
N ALA G 10 -76.37 0.30 -4.40
CA ALA G 10 -75.69 -0.97 -4.08
C ALA G 10 -74.42 -0.72 -3.25
N LEU G 11 -73.74 0.40 -3.50
CA LEU G 11 -72.56 0.85 -2.70
C LEU G 11 -73.01 1.20 -1.27
N ALA G 12 -73.98 2.10 -1.14
CA ALA G 12 -74.56 2.58 0.14
C ALA G 12 -75.12 1.41 0.97
N ALA G 13 -75.68 0.39 0.32
CA ALA G 13 -76.23 -0.85 0.94
C ALA G 13 -75.10 -1.69 1.55
N ALA G 14 -74.01 -1.88 0.79
CA ALA G 14 -72.79 -2.63 1.21
C ALA G 14 -72.10 -1.89 2.38
N LEU G 15 -71.92 -0.56 2.25
CA LEU G 15 -71.38 0.32 3.32
C LEU G 15 -72.25 0.25 4.58
N GLY G 16 -73.58 0.21 4.41
CA GLY G 16 -74.54 -0.04 5.51
C GLY G 16 -74.30 -1.39 6.18
N GLN G 17 -74.16 -2.44 5.37
CA GLN G 17 -73.94 -3.86 5.80
C GLN G 17 -72.59 -3.98 6.54
N ILE G 18 -71.53 -3.33 6.03
CA ILE G 18 -70.15 -3.39 6.62
C ILE G 18 -70.18 -2.69 7.99
N GLU G 19 -70.73 -1.48 8.05
CA GLU G 19 -70.80 -0.65 9.29
C GLU G 19 -71.69 -1.34 10.34
N LYS G 20 -72.70 -2.09 9.90
CA LYS G 20 -73.57 -2.96 10.74
C LYS G 20 -72.72 -4.04 11.40
N GLN G 21 -71.95 -4.79 10.60
CA GLN G 21 -71.21 -6.01 11.02
C GLN G 21 -70.05 -5.63 11.94
N PHE G 22 -69.19 -4.70 11.50
CA PHE G 22 -67.84 -4.45 12.04
C PHE G 22 -67.75 -3.15 12.86
N GLY G 23 -68.73 -2.25 12.76
CA GLY G 23 -68.85 -1.07 13.65
C GLY G 23 -68.76 0.25 12.91
N LYS G 24 -68.55 1.34 13.65
CA LYS G 24 -68.87 2.74 13.25
C LYS G 24 -68.03 3.14 12.03
N GLY G 25 -66.72 3.35 12.21
CA GLY G 25 -65.79 3.84 11.17
C GLY G 25 -64.99 2.70 10.55
N SER G 26 -65.62 1.53 10.39
CA SER G 26 -65.02 0.30 9.79
C SER G 26 -64.57 0.58 8.36
N ILE G 27 -65.35 1.40 7.63
CA ILE G 27 -65.02 1.88 6.26
C ILE G 27 -65.56 3.31 6.10
N MET G 28 -64.76 4.19 5.51
CA MET G 28 -65.20 5.56 5.12
C MET G 28 -64.29 6.07 4.01
N ARG G 29 -64.63 7.23 3.44
CA ARG G 29 -63.76 7.93 2.47
C ARG G 29 -62.52 8.45 3.19
N LEU G 30 -61.38 8.42 2.50
CA LEU G 30 -60.04 8.74 3.05
C LEU G 30 -59.99 10.23 3.43
N GLY G 31 -60.69 11.09 2.69
CA GLY G 31 -60.72 12.55 2.91
C GLY G 31 -61.39 12.94 4.21
N GLU G 32 -62.31 12.11 4.71
CA GLU G 32 -63.08 12.36 5.97
C GLU G 32 -62.38 11.74 7.20
N ASP G 33 -61.44 10.80 7.02
CA ASP G 33 -60.84 10.01 8.12
C ASP G 33 -59.74 10.85 8.79
N ARG G 34 -60.08 11.52 9.90
CA ARG G 34 -59.14 12.41 10.64
C ARG G 34 -58.08 11.56 11.36
N SER G 35 -58.41 10.31 11.73
CA SER G 35 -57.48 9.36 12.38
C SER G 35 -56.27 9.09 11.48
N MET G 36 -56.45 9.19 10.17
CA MET G 36 -55.45 8.81 9.14
C MET G 36 -54.44 9.94 8.91
N ASP G 37 -54.64 11.13 9.48
CA ASP G 37 -53.68 12.28 9.39
C ASP G 37 -52.44 11.96 10.23
N VAL G 38 -51.27 12.37 9.74
CA VAL G 38 -49.94 12.19 10.40
C VAL G 38 -49.72 13.36 11.35
N GLU G 39 -49.39 13.04 12.59
CA GLU G 39 -49.01 13.95 13.70
C GLU G 39 -47.59 13.54 14.13
N THR G 40 -46.71 14.49 14.49
CA THR G 40 -45.29 14.22 14.85
C THR G 40 -44.95 14.72 16.26
N ILE G 41 -43.75 14.36 16.74
CA ILE G 41 -43.09 14.97 17.93
C ILE G 41 -41.60 15.24 17.63
N SER G 42 -41.05 16.25 18.31
CA SER G 42 -39.64 16.69 18.25
C SER G 42 -38.71 15.53 18.59
N THR G 43 -37.60 15.41 17.86
CA THR G 43 -36.49 14.46 18.14
C THR G 43 -35.49 15.02 19.16
N GLY G 44 -35.60 16.30 19.56
CA GLY G 44 -34.58 16.99 20.38
C GLY G 44 -33.54 17.73 19.53
N SER G 45 -33.24 17.22 18.34
CA SER G 45 -32.38 17.85 17.30
C SER G 45 -33.27 18.58 16.28
N LEU G 46 -32.90 19.82 15.93
CA LEU G 46 -33.57 20.63 14.89
C LEU G 46 -33.07 20.23 13.51
N SER G 47 -31.80 19.85 13.36
CA SER G 47 -31.25 19.34 12.08
C SER G 47 -31.94 18.03 11.67
N LEU G 48 -32.35 17.20 12.63
CA LEU G 48 -32.98 15.88 12.40
C LEU G 48 -34.45 16.09 12.05
N ASP G 49 -35.17 16.98 12.75
CA ASP G 49 -36.58 17.36 12.42
C ASP G 49 -36.68 17.83 10.96
N ILE G 50 -35.69 18.57 10.47
CA ILE G 50 -35.59 19.04 9.05
C ILE G 50 -35.34 17.85 8.11
N ALA G 51 -34.44 16.94 8.46
CA ALA G 51 -34.08 15.75 7.64
C ALA G 51 -35.28 14.82 7.48
N LEU G 52 -36.12 14.72 8.50
CA LEU G 52 -37.31 13.84 8.49
C LEU G 52 -38.41 14.41 7.61
N GLY G 53 -38.36 15.70 7.27
CA GLY G 53 -39.29 16.34 6.31
C GLY G 53 -40.53 16.88 6.99
N ALA G 54 -41.12 16.13 7.92
CA ALA G 54 -42.43 16.43 8.55
C ALA G 54 -42.25 16.98 9.98
N GLY G 55 -41.03 17.36 10.36
CA GLY G 55 -40.76 18.06 11.62
C GLY G 55 -40.74 17.15 12.83
N GLY G 56 -40.56 15.84 12.65
CA GLY G 56 -40.30 14.90 13.75
C GLY G 56 -40.73 13.48 13.44
N LEU G 57 -40.93 12.68 14.48
CA LEU G 57 -41.23 11.23 14.39
C LEU G 57 -42.74 11.02 14.48
N PRO G 58 -43.33 10.19 13.59
CA PRO G 58 -44.78 10.11 13.49
C PRO G 58 -45.42 9.31 14.64
N MET G 59 -46.42 9.89 15.30
CA MET G 59 -47.22 9.19 16.32
C MET G 59 -48.02 8.07 15.65
N GLY G 60 -48.19 6.94 16.36
CA GLY G 60 -48.98 5.79 15.92
C GLY G 60 -48.22 4.84 15.02
N ARG G 61 -46.93 5.09 14.80
CA ARG G 61 -46.07 4.29 13.90
C ARG G 61 -44.94 3.62 14.68
N ILE G 62 -44.22 2.73 14.01
CA ILE G 62 -42.98 2.05 14.51
C ILE G 62 -41.77 2.75 13.89
N VAL G 63 -40.72 2.96 14.67
CA VAL G 63 -39.45 3.61 14.25
C VAL G 63 -38.31 2.68 14.62
N GLU G 64 -37.24 2.65 13.82
CA GLU G 64 -36.04 1.83 14.11
C GLU G 64 -34.83 2.74 14.09
N ILE G 65 -34.00 2.70 15.14
CA ILE G 65 -32.70 3.41 15.24
C ILE G 65 -31.64 2.34 15.36
N TYR G 66 -30.75 2.22 14.39
CA TYR G 66 -29.63 1.26 14.42
C TYR G 66 -28.34 2.02 14.24
N GLY G 67 -27.25 1.36 14.58
CA GLY G 67 -25.91 1.92 14.45
C GLY G 67 -24.91 1.17 15.31
N PRO G 68 -23.61 1.52 15.21
CA PRO G 68 -22.56 0.89 16.00
C PRO G 68 -22.50 1.24 17.49
N GLU G 69 -21.69 0.48 18.22
CA GLU G 69 -21.52 0.65 19.69
C GLU G 69 -21.14 2.11 19.98
N SER G 70 -21.86 2.68 20.95
CA SER G 70 -21.70 4.02 21.54
C SER G 70 -21.76 5.12 20.48
N SER G 71 -22.77 5.04 19.59
CA SER G 71 -23.05 6.03 18.53
C SER G 71 -24.06 7.09 18.99
N GLY G 72 -24.88 6.81 20.00
CA GLY G 72 -25.85 7.76 20.56
C GLY G 72 -27.29 7.30 20.45
N LYS G 73 -27.57 6.02 20.28
CA LYS G 73 -28.94 5.47 20.12
C LYS G 73 -29.76 5.64 21.40
N THR G 74 -29.22 5.36 22.58
CA THR G 74 -29.97 5.53 23.84
C THR G 74 -30.06 7.02 24.16
N THR G 75 -28.98 7.77 24.03
CA THR G 75 -28.96 9.24 24.27
C THR G 75 -30.06 9.89 23.43
N LEU G 76 -30.14 9.57 22.14
CA LEU G 76 -31.14 10.17 21.22
C LEU G 76 -32.56 9.85 21.68
N THR G 77 -32.90 8.58 21.94
CA THR G 77 -34.25 8.16 22.39
C THR G 77 -34.62 8.79 23.74
N LEU G 78 -33.67 9.15 24.58
CA LEU G 78 -33.97 9.80 25.88
C LEU G 78 -34.30 11.27 25.66
N GLN G 79 -33.72 11.91 24.64
CA GLN G 79 -34.01 13.32 24.29
C GLN G 79 -35.40 13.40 23.66
N VAL G 80 -35.79 12.42 22.84
CA VAL G 80 -37.20 12.24 22.33
C VAL G 80 -38.17 12.22 23.53
N ILE G 81 -37.91 11.34 24.50
CA ILE G 81 -38.76 11.16 25.72
C ILE G 81 -38.78 12.47 26.50
N ALA G 82 -37.63 13.13 26.65
CA ALA G 82 -37.51 14.39 27.44
C ALA G 82 -38.43 15.45 26.83
N ALA G 83 -38.39 15.58 25.50
CA ALA G 83 -39.21 16.51 24.72
C ALA G 83 -40.70 16.18 24.88
N ALA G 84 -41.04 14.90 24.86
CA ALA G 84 -42.45 14.45 24.95
C ALA G 84 -43.01 14.73 26.35
N GLN G 85 -42.21 14.56 27.40
CA GLN G 85 -42.67 14.80 28.82
C GLN G 85 -42.91 16.31 29.03
N ARG G 86 -42.18 17.17 28.32
CA ARG G 86 -42.35 18.65 28.36
C ARG G 86 -43.69 19.06 27.72
N GLU G 87 -44.28 18.22 26.86
CA GLU G 87 -45.64 18.38 26.29
C GLU G 87 -46.65 17.46 27.01
N GLY G 88 -46.41 17.11 28.28
CA GLY G 88 -47.35 16.36 29.14
C GLY G 88 -47.73 14.98 28.61
N LYS G 89 -46.87 14.32 27.82
CA LYS G 89 -47.09 12.93 27.36
C LYS G 89 -46.45 11.96 28.36
N THR G 90 -47.00 10.75 28.47
CA THR G 90 -46.50 9.66 29.34
C THR G 90 -45.63 8.73 28.49
N CYS G 91 -44.50 8.26 29.01
CA CYS G 91 -43.51 7.44 28.26
C CYS G 91 -43.05 6.22 29.05
N ALA G 92 -42.56 5.21 28.36
CA ALA G 92 -42.13 3.92 28.93
C ALA G 92 -40.81 3.50 28.28
N PHE G 93 -39.94 2.86 29.06
CA PHE G 93 -38.61 2.38 28.63
C PHE G 93 -38.49 0.90 28.96
N ILE G 94 -38.58 0.02 27.97
CA ILE G 94 -38.32 -1.44 28.12
C ILE G 94 -36.82 -1.67 27.87
N ASP G 95 -36.06 -1.95 28.93
CA ASP G 95 -34.58 -2.01 28.92
C ASP G 95 -34.11 -3.46 28.92
N ALA G 96 -34.18 -4.11 27.76
CA ALA G 96 -33.80 -5.52 27.52
C ALA G 96 -32.29 -5.74 27.59
N GLU G 97 -31.51 -4.68 27.34
CA GLU G 97 -30.03 -4.63 27.36
C GLU G 97 -29.52 -4.50 28.79
N HIS G 98 -30.39 -4.17 29.76
CA HIS G 98 -30.10 -4.08 31.21
C HIS G 98 -28.93 -3.12 31.46
N ALA G 99 -29.02 -1.92 30.91
CA ALA G 99 -27.89 -0.95 30.92
C ALA G 99 -28.39 0.49 30.88
N LEU G 100 -29.51 0.79 31.55
CA LEU G 100 -29.95 2.19 31.72
C LEU G 100 -29.35 2.71 33.03
N ASP G 101 -28.92 3.97 33.02
CA ASP G 101 -28.37 4.73 34.17
C ASP G 101 -29.37 5.85 34.48
N PRO G 102 -30.19 5.75 35.54
CA PRO G 102 -31.19 6.80 35.81
C PRO G 102 -30.64 8.20 36.07
N ILE G 103 -29.40 8.34 36.53
CA ILE G 103 -28.79 9.67 36.80
C ILE G 103 -28.45 10.34 35.47
N TYR G 104 -27.95 9.59 34.50
CA TYR G 104 -27.65 10.15 33.15
C TYR G 104 -28.96 10.59 32.51
N ALA G 105 -30.00 9.76 32.55
CA ALA G 105 -31.35 10.08 32.02
C ALA G 105 -31.84 11.41 32.59
N ARG G 106 -31.64 11.64 33.89
CA ARG G 106 -32.06 12.88 34.59
C ARG G 106 -31.24 14.07 34.08
N LYS G 107 -29.95 13.90 33.82
CA LYS G 107 -29.09 14.99 33.28
C LYS G 107 -29.57 15.43 31.90
N LEU G 108 -29.99 14.49 31.05
CA LEU G 108 -30.52 14.75 29.68
C LEU G 108 -31.95 15.34 29.75
N GLY G 109 -32.55 15.49 30.93
CA GLY G 109 -33.80 16.24 31.13
C GLY G 109 -35.03 15.36 31.18
N VAL G 110 -34.87 14.06 31.39
CA VAL G 110 -36.02 13.12 31.56
C VAL G 110 -36.54 13.35 32.98
N ASP G 111 -37.86 13.23 33.17
CA ASP G 111 -38.54 13.25 34.49
C ASP G 111 -38.66 11.81 34.95
N ILE G 112 -37.64 11.31 35.67
CA ILE G 112 -37.51 9.85 35.98
C ILE G 112 -38.54 9.40 37.01
N ASP G 113 -39.16 10.32 37.75
CA ASP G 113 -40.24 9.97 38.72
C ASP G 113 -41.54 9.59 37.97
N ASN G 114 -41.65 9.91 36.66
CA ASN G 114 -42.85 9.61 35.83
C ASN G 114 -42.54 8.66 34.67
N LEU G 115 -41.28 8.38 34.35
CA LEU G 115 -40.93 7.40 33.28
C LEU G 115 -41.20 5.99 33.79
N LEU G 116 -42.04 5.21 33.09
CA LEU G 116 -42.24 3.76 33.38
C LEU G 116 -41.04 2.99 32.83
N CYS G 117 -40.52 2.04 33.60
CA CYS G 117 -39.34 1.22 33.23
C CYS G 117 -39.66 -0.25 33.46
N SER G 118 -39.24 -1.10 32.54
CA SER G 118 -39.26 -2.58 32.67
C SER G 118 -37.88 -3.13 32.30
N GLN G 119 -37.34 -4.04 33.10
CA GLN G 119 -36.12 -4.83 32.80
C GLN G 119 -36.58 -6.28 32.68
N PRO G 120 -37.16 -6.67 31.53
CA PRO G 120 -37.86 -7.94 31.42
C PRO G 120 -36.94 -9.14 31.24
N ASP G 121 -37.40 -10.33 31.60
CA ASP G 121 -36.59 -11.58 31.67
C ASP G 121 -36.42 -12.19 30.27
N THR G 122 -37.50 -12.27 29.48
CA THR G 122 -37.52 -12.83 28.11
C THR G 122 -37.97 -11.77 27.11
N GLY G 123 -37.71 -12.03 25.82
CA GLY G 123 -38.18 -11.23 24.70
C GLY G 123 -39.69 -11.25 24.54
N GLU G 124 -40.34 -12.37 24.89
CA GLU G 124 -41.82 -12.51 24.84
C GLU G 124 -42.47 -11.66 25.94
N GLN G 125 -41.90 -11.63 27.14
CA GLN G 125 -42.36 -10.77 28.26
C GLN G 125 -42.24 -9.29 27.85
N ALA G 126 -41.17 -8.91 27.15
CA ALA G 126 -40.87 -7.52 26.74
C ALA G 126 -41.93 -7.02 25.75
N LEU G 127 -42.31 -7.85 24.78
CA LEU G 127 -43.25 -7.49 23.68
C LEU G 127 -44.71 -7.63 24.14
N GLU G 128 -45.01 -8.47 25.15
CA GLU G 128 -46.35 -8.55 25.78
C GLU G 128 -46.60 -7.34 26.68
N ILE G 129 -45.56 -6.69 27.22
CA ILE G 129 -45.69 -5.42 27.98
C ILE G 129 -45.97 -4.29 27.00
N CYS G 130 -45.30 -4.26 25.84
CA CYS G 130 -45.53 -3.24 24.77
C CYS G 130 -46.99 -3.26 24.30
N ASP G 131 -47.53 -4.45 24.04
CA ASP G 131 -48.92 -4.65 23.53
C ASP G 131 -49.92 -4.24 24.62
N ALA G 132 -49.62 -4.52 25.89
CA ALA G 132 -50.45 -4.18 27.07
C ALA G 132 -50.54 -2.67 27.29
N LEU G 133 -49.43 -1.94 27.11
CA LEU G 133 -49.35 -0.46 27.27
C LEU G 133 -50.00 0.23 26.07
N ALA G 134 -49.76 -0.27 24.85
CA ALA G 134 -50.36 0.23 23.60
C ALA G 134 -51.89 0.15 23.69
N ARG G 135 -52.44 -1.00 24.07
CA ARG G 135 -53.92 -1.22 24.21
C ARG G 135 -54.54 -0.33 25.29
N SER G 136 -53.79 0.01 26.35
CA SER G 136 -54.27 0.86 27.47
C SER G 136 -54.76 2.22 26.95
N GLY G 137 -54.01 2.83 26.01
CA GLY G 137 -54.28 4.17 25.48
C GLY G 137 -53.68 5.30 26.31
N ALA G 138 -52.99 4.97 27.42
CA ALA G 138 -52.46 5.93 28.43
C ALA G 138 -51.01 6.32 28.15
N VAL G 139 -50.27 5.51 27.38
CA VAL G 139 -48.82 5.72 27.07
C VAL G 139 -48.68 6.22 25.63
N ASP G 140 -47.77 7.18 25.42
CA ASP G 140 -47.62 7.96 24.16
C ASP G 140 -46.33 7.61 23.43
N VAL G 141 -45.22 7.36 24.14
CA VAL G 141 -43.94 6.89 23.55
C VAL G 141 -43.48 5.65 24.33
N ILE G 142 -43.09 4.61 23.63
CA ILE G 142 -42.43 3.41 24.21
C ILE G 142 -41.09 3.25 23.51
N VAL G 143 -40.01 3.07 24.25
CA VAL G 143 -38.68 2.70 23.69
C VAL G 143 -38.35 1.27 24.14
N VAL G 144 -37.99 0.42 23.18
CA VAL G 144 -37.49 -0.96 23.43
C VAL G 144 -35.98 -0.99 23.15
N ASP G 145 -35.16 -0.96 24.21
CA ASP G 145 -33.68 -0.89 24.08
C ASP G 145 -33.10 -2.29 23.88
N SER G 146 -32.37 -2.34 22.76
CA SER G 146 -32.08 -3.38 21.76
C SER G 146 -33.14 -4.47 21.58
N VAL G 147 -33.46 -4.72 20.31
CA VAL G 147 -34.11 -5.98 19.83
C VAL G 147 -33.07 -7.10 19.89
N ALA G 148 -31.77 -6.78 19.82
CA ALA G 148 -30.68 -7.79 19.84
C ALA G 148 -30.63 -8.54 21.18
N ALA G 149 -31.23 -7.99 22.22
CA ALA G 149 -31.24 -8.54 23.59
C ALA G 149 -32.60 -9.14 23.95
N LEU G 150 -33.58 -9.11 23.03
CA LEU G 150 -34.91 -9.78 23.17
C LEU G 150 -34.71 -11.26 22.90
N THR G 151 -34.46 -12.03 23.95
CA THR G 151 -34.12 -13.48 23.89
C THR G 151 -35.40 -14.31 24.04
N PRO G 152 -35.75 -15.19 23.08
CA PRO G 152 -36.89 -16.09 23.24
C PRO G 152 -36.75 -17.04 24.44
N LYS G 153 -37.87 -17.52 24.99
CA LYS G 153 -37.91 -18.31 26.26
C LYS G 153 -37.21 -19.66 26.05
N ALA G 154 -37.34 -20.24 24.86
CA ALA G 154 -36.73 -21.53 24.46
C ALA G 154 -35.20 -21.43 24.45
N GLU G 155 -34.66 -20.23 24.22
CA GLU G 155 -33.21 -19.94 24.22
C GLU G 155 -32.70 -19.67 25.64
N ILE G 156 -33.52 -19.12 26.53
CA ILE G 156 -33.14 -18.81 27.94
C ILE G 156 -33.14 -20.10 28.76
N GLU G 157 -34.17 -20.92 28.60
CA GLU G 157 -34.31 -22.24 29.30
C GLU G 157 -33.31 -23.25 28.72
N GLY G 158 -32.85 -23.07 27.48
CA GLY G 158 -31.87 -23.95 26.82
C GLY G 158 -30.46 -23.81 27.38
N GLU G 159 -29.49 -24.47 26.73
CA GLU G 159 -28.03 -24.43 27.03
C GLU G 159 -27.32 -23.58 25.97
N ILE G 160 -26.14 -23.04 26.29
CA ILE G 160 -25.31 -22.28 25.32
C ILE G 160 -24.70 -23.28 24.33
N GLY G 161 -24.81 -23.00 23.03
CA GLY G 161 -24.40 -23.88 21.92
C GLY G 161 -25.59 -24.45 21.19
N ASP G 162 -26.75 -24.54 21.85
CA ASP G 162 -28.03 -25.02 21.27
C ASP G 162 -28.43 -24.12 20.10
N SER G 163 -28.98 -24.71 19.03
CA SER G 163 -29.45 -24.02 17.81
C SER G 163 -30.95 -23.76 17.92
N HIS G 164 -31.36 -22.52 17.66
CA HIS G 164 -32.77 -22.06 17.59
C HIS G 164 -32.93 -21.26 16.29
N MET G 165 -32.99 -21.96 15.16
CA MET G 165 -33.01 -21.39 13.80
C MET G 165 -34.26 -20.52 13.63
N GLY G 166 -34.06 -19.22 13.38
CA GLY G 166 -35.11 -18.23 13.07
C GLY G 166 -36.15 -18.08 14.17
N LEU G 167 -35.80 -18.35 15.44
CA LEU G 167 -36.78 -18.32 16.54
C LEU G 167 -37.09 -16.87 16.90
N ALA G 168 -36.06 -16.05 17.09
CA ALA G 168 -36.14 -14.59 17.33
C ALA G 168 -36.87 -13.91 16.16
N ALA G 169 -36.53 -14.26 14.93
CA ALA G 169 -37.12 -13.71 13.68
C ALA G 169 -38.62 -13.99 13.63
N ARG G 170 -39.01 -15.19 14.05
CA ARG G 170 -40.42 -15.64 14.09
C ARG G 170 -41.17 -14.87 15.18
N MET G 171 -40.56 -14.65 16.34
CA MET G 171 -41.12 -13.87 17.47
C MET G 171 -41.37 -12.42 17.04
N MET G 172 -40.44 -11.84 16.29
CA MET G 172 -40.51 -10.43 15.86
C MET G 172 -41.63 -10.25 14.84
N SER G 173 -41.70 -11.13 13.85
CA SER G 173 -42.74 -11.13 12.79
C SER G 173 -44.12 -11.23 13.42
N GLN G 174 -44.31 -12.08 14.43
CA GLN G 174 -45.60 -12.23 15.14
C GLN G 174 -45.94 -10.97 15.93
N ALA G 175 -44.96 -10.32 16.55
CA ALA G 175 -45.16 -9.11 17.37
C ALA G 175 -45.58 -7.92 16.48
N MET G 176 -44.96 -7.73 15.32
CA MET G 176 -45.27 -6.61 14.38
C MET G 176 -46.73 -6.69 13.92
N ARG G 177 -47.19 -7.86 13.46
CA ARG G 177 -48.61 -8.17 13.16
C ARG G 177 -49.54 -7.67 14.28
N LYS G 178 -49.28 -8.08 15.52
CA LYS G 178 -50.15 -7.80 16.69
C LYS G 178 -50.04 -6.33 17.14
N LEU G 179 -48.93 -5.64 16.87
CA LEU G 179 -48.69 -4.27 17.43
C LEU G 179 -49.21 -3.21 16.47
N ALA G 180 -48.83 -3.29 15.19
CA ALA G 180 -49.06 -2.27 14.13
C ALA G 180 -50.42 -1.59 14.30
N GLY G 181 -51.49 -2.39 14.37
CA GLY G 181 -52.89 -1.93 14.53
C GLY G 181 -53.14 -1.29 15.87
N ASN G 182 -52.70 -1.92 16.97
CA ASN G 182 -52.91 -1.44 18.36
C ASN G 182 -52.23 -0.08 18.55
N LEU G 183 -51.09 0.18 17.91
CA LEU G 183 -50.35 1.46 18.06
C LEU G 183 -51.13 2.57 17.36
N LYS G 184 -51.64 2.30 16.15
CA LYS G 184 -52.41 3.27 15.31
C LYS G 184 -53.68 3.72 16.06
N GLN G 185 -54.39 2.79 16.70
CA GLN G 185 -55.66 3.04 17.42
C GLN G 185 -55.42 3.93 18.65
N SER G 186 -54.31 3.74 19.35
CA SER G 186 -53.92 4.45 20.61
C SER G 186 -53.11 5.72 20.32
N ASN G 187 -52.63 5.87 19.08
CA ASN G 187 -51.77 6.99 18.64
C ASN G 187 -50.47 6.99 19.47
N THR G 188 -49.80 5.83 19.54
CA THR G 188 -48.62 5.54 20.39
C THR G 188 -47.39 5.32 19.52
N LEU G 189 -46.33 6.09 19.70
CA LEU G 189 -45.04 5.90 18.98
C LEU G 189 -44.30 4.75 19.63
N LEU G 190 -43.77 3.80 18.87
CA LEU G 190 -42.90 2.71 19.38
C LEU G 190 -41.54 2.82 18.70
N ILE G 191 -40.46 2.92 19.46
CA ILE G 191 -39.06 3.06 18.94
C ILE G 191 -38.27 1.79 19.31
N PHE G 192 -37.91 0.97 18.34
CA PHE G 192 -36.95 -0.16 18.50
C PHE G 192 -35.54 0.32 18.28
N ILE G 193 -34.64 0.10 19.24
CA ILE G 193 -33.19 0.29 19.01
C ILE G 193 -32.62 -1.04 18.50
N ASN G 194 -31.68 -1.00 17.56
CA ASN G 194 -31.03 -2.23 17.04
C ASN G 194 -29.52 -2.07 17.01
N GLN G 195 -28.85 -3.20 17.05
CA GLN G 195 -27.39 -3.38 16.96
C GLN G 195 -27.09 -3.82 15.52
N ILE G 196 -25.88 -3.55 15.08
CA ILE G 196 -25.34 -4.05 13.79
C ILE G 196 -24.68 -5.40 14.01
N ARG G 197 -24.77 -6.27 13.01
CA ARG G 197 -23.96 -7.49 12.87
C ARG G 197 -23.42 -7.50 11.44
N MET G 198 -22.57 -8.45 11.12
CA MET G 198 -21.82 -8.56 9.85
C MET G 198 -22.28 -9.85 9.17
N LYS G 199 -22.56 -9.83 7.87
CA LYS G 199 -22.95 -11.05 7.12
C LYS G 199 -21.78 -11.56 6.28
N ILE G 200 -21.64 -12.89 6.25
CA ILE G 200 -20.46 -13.64 5.75
C ILE G 200 -20.80 -14.18 4.35
N GLY G 201 -19.77 -14.32 3.50
CA GLY G 201 -19.90 -14.82 2.12
C GLY G 201 -20.60 -13.80 1.21
N VAL G 202 -20.44 -12.51 1.51
CA VAL G 202 -21.03 -11.37 0.75
C VAL G 202 -19.87 -10.56 0.13
N MET G 203 -19.87 -10.46 -1.21
CA MET G 203 -18.84 -9.75 -2.03
C MET G 203 -19.40 -8.43 -2.58
N PHE G 204 -20.73 -8.31 -2.71
CA PHE G 204 -21.46 -7.08 -3.12
C PHE G 204 -21.74 -6.19 -1.89
N GLY G 205 -22.28 -4.99 -2.16
CA GLY G 205 -22.99 -4.10 -1.21
C GLY G 205 -22.24 -3.89 0.10
N ASN G 206 -22.97 -3.80 1.21
CA ASN G 206 -22.41 -3.70 2.58
C ASN G 206 -22.55 -5.06 3.27
N PRO G 207 -21.56 -5.45 4.11
CA PRO G 207 -21.72 -6.64 4.96
C PRO G 207 -22.58 -6.40 6.22
N GLU G 208 -22.90 -5.15 6.56
CA GLU G 208 -23.68 -4.79 7.78
C GLU G 208 -25.14 -5.26 7.65
N THR G 209 -25.62 -5.98 8.65
CA THR G 209 -27.04 -6.34 8.89
C THR G 209 -27.48 -5.69 10.19
N THR G 210 -28.76 -5.85 10.55
CA THR G 210 -29.31 -5.66 11.90
C THR G 210 -29.84 -7.00 12.39
N THR G 211 -29.98 -7.14 13.70
CA THR G 211 -30.48 -8.35 14.42
C THR G 211 -32.01 -8.44 14.30
N GLY G 212 -32.58 -9.64 14.47
CA GLY G 212 -34.02 -9.86 14.67
C GLY G 212 -34.85 -10.12 13.41
N GLY G 213 -34.21 -10.34 12.25
CA GLY G 213 -34.91 -10.76 11.03
C GLY G 213 -35.47 -9.61 10.21
N ASN G 214 -36.30 -9.92 9.24
CA ASN G 214 -36.68 -9.01 8.13
C ASN G 214 -37.96 -8.22 8.42
N ALA G 215 -38.77 -8.58 9.41
CA ALA G 215 -40.12 -8.03 9.56
C ALA G 215 -40.04 -6.55 9.92
N LEU G 216 -39.22 -6.19 10.90
CA LEU G 216 -39.15 -4.81 11.43
C LEU G 216 -38.73 -3.83 10.34
N LYS G 217 -37.92 -4.22 9.37
CA LYS G 217 -37.59 -3.39 8.17
C LYS G 217 -38.86 -2.95 7.44
N PHE G 218 -39.80 -3.87 7.22
CA PHE G 218 -41.03 -3.62 6.44
C PHE G 218 -42.01 -2.76 7.22
N TYR G 219 -42.20 -3.05 8.50
CA TYR G 219 -43.22 -2.41 9.36
C TYR G 219 -42.78 -1.01 9.79
N ALA G 220 -41.48 -0.73 9.84
CA ALA G 220 -40.96 0.58 10.34
C ALA G 220 -41.34 1.68 9.35
N SER G 221 -41.85 2.81 9.85
CA SER G 221 -42.20 3.99 9.02
C SER G 221 -40.97 4.86 8.84
N VAL G 222 -40.01 4.80 9.75
CA VAL G 222 -38.73 5.57 9.70
C VAL G 222 -37.62 4.64 10.21
N ARG G 223 -36.49 4.61 9.52
CA ARG G 223 -35.28 3.92 9.96
C ARG G 223 -34.13 4.93 9.92
N LEU G 224 -33.55 5.22 11.07
CA LEU G 224 -32.37 6.08 11.23
C LEU G 224 -31.14 5.19 11.39
N ASP G 225 -30.03 5.62 10.82
CA ASP G 225 -28.69 4.98 10.88
C ASP G 225 -27.76 6.02 11.48
N ILE G 226 -27.44 5.91 12.76
CA ILE G 226 -26.68 6.93 13.53
C ILE G 226 -25.24 6.44 13.68
N ARG G 227 -24.26 7.35 13.60
CA ARG G 227 -22.81 7.04 13.52
C ARG G 227 -22.00 8.17 14.12
N ARG G 228 -21.03 7.85 14.97
CA ARG G 228 -20.01 8.78 15.50
C ARG G 228 -18.96 8.99 14.42
N ILE G 229 -18.66 10.25 14.07
CA ILE G 229 -17.75 10.64 12.96
C ILE G 229 -16.60 11.52 13.49
N GLY G 230 -16.47 11.73 14.79
CA GLY G 230 -15.37 12.55 15.33
C GLY G 230 -15.48 12.79 16.82
N ALA G 231 -14.51 13.53 17.37
CA ALA G 231 -14.53 14.01 18.77
C ALA G 231 -14.75 15.53 18.81
N VAL G 232 -15.23 15.99 19.95
CA VAL G 232 -15.41 17.43 20.31
C VAL G 232 -14.48 17.68 21.50
N LYS G 233 -13.48 18.57 21.32
CA LYS G 233 -12.38 18.77 22.29
C LYS G 233 -12.41 20.20 22.85
N GLU G 234 -12.15 20.32 24.15
CA GLU G 234 -11.64 21.55 24.83
C GLU G 234 -10.13 21.42 24.99
N GLY G 235 -9.39 21.61 23.89
CA GLY G 235 -7.93 21.45 23.79
C GLY G 235 -7.52 19.99 23.87
N GLU G 236 -7.41 19.46 25.10
CA GLU G 236 -6.96 18.06 25.39
C GLU G 236 -8.18 17.19 25.70
N ASN G 237 -9.00 17.62 26.66
CA ASN G 237 -10.22 16.91 27.15
C ASN G 237 -11.21 16.71 26.00
N VAL G 238 -11.42 15.46 25.59
CA VAL G 238 -12.54 15.03 24.71
C VAL G 238 -13.83 15.18 25.53
N VAL G 239 -14.75 16.04 25.06
CA VAL G 239 -15.94 16.48 25.85
C VAL G 239 -17.24 16.01 25.16
N GLY G 240 -17.15 15.40 23.98
CA GLY G 240 -18.34 14.99 23.22
C GLY G 240 -18.01 14.37 21.88
N SER G 241 -19.05 14.00 21.13
CA SER G 241 -18.96 13.24 19.84
C SER G 241 -19.65 14.03 18.74
N GLU G 242 -19.00 14.16 17.59
CA GLU G 242 -19.65 14.60 16.32
C GLU G 242 -20.38 13.39 15.74
N THR G 243 -21.68 13.56 15.48
CA THR G 243 -22.66 12.49 15.17
C THR G 243 -23.26 12.76 13.79
N ARG G 244 -23.57 11.73 13.01
CA ARG G 244 -24.30 11.88 11.73
C ARG G 244 -25.44 10.86 11.65
N VAL G 245 -26.67 11.35 11.51
CA VAL G 245 -27.89 10.52 11.32
C VAL G 245 -28.30 10.60 9.85
N LYS G 246 -28.27 9.49 9.14
CA LYS G 246 -28.92 9.29 7.82
C LYS G 246 -30.32 8.76 8.02
N VAL G 247 -31.26 9.22 7.20
CA VAL G 247 -32.67 8.71 7.15
C VAL G 247 -32.73 7.70 6.02
N VAL G 248 -32.71 6.42 6.36
CA VAL G 248 -32.50 5.27 5.45
C VAL G 248 -33.84 4.76 4.91
N LYS G 249 -34.92 4.99 5.65
CA LYS G 249 -36.31 4.72 5.22
C LYS G 249 -37.21 5.81 5.79
N ASN G 250 -38.21 6.24 5.03
CA ASN G 250 -39.17 7.32 5.43
C ASN G 250 -40.45 7.14 4.61
N LYS G 251 -41.57 6.96 5.28
CA LYS G 251 -42.91 6.83 4.66
C LYS G 251 -43.76 8.09 4.84
N ILE G 252 -43.31 9.06 5.62
CA ILE G 252 -44.10 10.30 5.88
C ILE G 252 -43.53 11.51 5.13
N ALA G 253 -42.35 11.35 4.52
CA ALA G 253 -41.65 12.39 3.74
C ALA G 253 -40.54 11.73 2.91
N ALA G 254 -39.78 12.49 2.12
CA ALA G 254 -38.75 11.90 1.24
C ALA G 254 -37.58 11.41 2.08
N PRO G 255 -36.98 10.26 1.74
CA PRO G 255 -35.84 9.75 2.47
C PRO G 255 -34.48 10.21 1.94
N PHE G 256 -33.42 9.71 2.58
CA PHE G 256 -31.99 9.83 2.24
C PHE G 256 -31.46 11.23 2.55
N LYS G 257 -32.15 12.01 3.37
CA LYS G 257 -31.55 13.23 3.97
C LYS G 257 -30.65 12.82 5.13
N GLN G 258 -29.74 13.69 5.54
CA GLN G 258 -28.93 13.46 6.76
C GLN G 258 -28.83 14.72 7.61
N ALA G 259 -28.45 14.51 8.86
CA ALA G 259 -28.36 15.48 9.94
C ALA G 259 -27.04 15.26 10.66
N GLU G 260 -26.32 16.34 10.94
CA GLU G 260 -25.08 16.34 11.76
C GLU G 260 -25.35 17.18 13.00
N PHE G 261 -24.79 16.76 14.13
CA PHE G 261 -24.87 17.48 15.41
C PHE G 261 -23.82 16.94 16.37
N GLN G 262 -23.72 17.56 17.54
CA GLN G 262 -22.77 17.19 18.63
C GLN G 262 -23.58 16.59 19.77
N ILE G 263 -23.11 15.48 20.35
CA ILE G 263 -23.58 15.00 21.68
C ILE G 263 -22.48 15.39 22.66
N LEU G 264 -22.80 16.16 23.71
CA LEU G 264 -21.83 16.57 24.76
C LEU G 264 -22.09 15.73 26.00
N TYR G 265 -21.06 15.05 26.52
CA TYR G 265 -21.18 14.04 27.60
C TYR G 265 -21.77 14.75 28.82
N GLY G 266 -22.94 14.28 29.27
CA GLY G 266 -23.62 14.76 30.49
C GLY G 266 -24.63 15.86 30.24
N GLU G 267 -24.71 16.40 29.01
CA GLU G 267 -25.70 17.43 28.60
C GLU G 267 -26.70 16.84 27.60
N GLY G 268 -26.19 16.18 26.56
CA GLY G 268 -26.99 15.57 25.48
C GLY G 268 -26.69 16.21 24.14
N ILE G 269 -27.71 16.44 23.31
CA ILE G 269 -27.57 17.08 21.97
C ILE G 269 -27.40 18.58 22.16
N ASN G 270 -26.29 19.13 21.66
CA ASN G 270 -25.96 20.58 21.64
C ASN G 270 -26.95 21.29 20.70
N PHE G 271 -28.05 21.80 21.26
CA PHE G 271 -29.16 22.46 20.52
C PHE G 271 -28.68 23.77 19.88
N TYR G 272 -27.95 24.60 20.65
CA TYR G 272 -27.48 25.93 20.19
C TYR G 272 -26.45 25.77 19.09
N GLY G 273 -25.51 24.83 19.24
CA GLY G 273 -24.56 24.44 18.18
C GLY G 273 -25.25 24.20 16.84
N GLU G 274 -26.42 23.56 16.82
CA GLU G 274 -27.22 23.32 15.58
C GLU G 274 -27.76 24.64 15.05
N LEU G 275 -28.24 25.50 15.96
CA LEU G 275 -28.93 26.77 15.63
C LEU G 275 -27.95 27.82 15.10
N VAL G 276 -26.65 27.66 15.35
CA VAL G 276 -25.58 28.40 14.62
C VAL G 276 -25.56 27.89 13.18
N ASP G 277 -25.20 26.62 12.98
CA ASP G 277 -24.99 26.00 11.64
C ASP G 277 -26.25 26.13 10.77
N LEU G 278 -27.45 26.15 11.36
CA LEU G 278 -28.73 26.35 10.63
C LEU G 278 -28.91 27.84 10.29
N GLY G 279 -28.40 28.75 11.13
CA GLY G 279 -28.29 30.20 10.80
C GLY G 279 -27.39 30.45 9.58
N VAL G 280 -26.16 29.92 9.62
CA VAL G 280 -25.10 30.04 8.56
C VAL G 280 -25.66 29.58 7.20
N LYS G 281 -26.37 28.45 7.19
CA LYS G 281 -26.95 27.81 5.96
C LYS G 281 -28.03 28.72 5.35
N GLU G 282 -28.78 29.48 6.17
CA GLU G 282 -29.96 30.29 5.75
C GLU G 282 -29.66 31.80 5.78
N LYS G 283 -28.38 32.20 5.85
CA LYS G 283 -27.90 33.60 5.67
C LYS G 283 -28.51 34.55 6.71
N LEU G 284 -28.94 34.05 7.87
CA LEU G 284 -29.34 34.86 9.06
C LEU G 284 -28.12 35.06 9.97
N ILE G 285 -27.01 34.36 9.71
CA ILE G 285 -25.70 34.51 10.42
C ILE G 285 -24.59 34.52 9.37
N GLU G 286 -23.69 35.51 9.44
CA GLU G 286 -22.52 35.69 8.53
C GLU G 286 -21.26 35.15 9.20
N LYS G 287 -20.63 34.13 8.62
CA LYS G 287 -19.34 33.54 9.09
C LYS G 287 -18.22 34.03 8.17
N ALA G 288 -17.36 34.93 8.68
CA ALA G 288 -16.14 35.45 8.02
C ALA G 288 -14.92 34.67 8.53
N GLY G 289 -14.56 33.57 7.84
CA GLY G 289 -13.44 32.69 8.19
C GLY G 289 -13.74 31.87 9.43
N ALA G 290 -13.36 32.38 10.62
CA ALA G 290 -13.66 31.81 11.95
C ALA G 290 -14.26 32.89 12.88
N TRP G 291 -14.91 33.91 12.30
CA TRP G 291 -15.66 34.99 13.02
C TRP G 291 -17.14 34.94 12.62
N TYR G 292 -17.99 34.43 13.51
CA TYR G 292 -19.47 34.44 13.37
C TYR G 292 -19.97 35.86 13.74
N SER G 293 -20.90 36.40 12.96
CA SER G 293 -21.46 37.77 13.13
C SER G 293 -22.97 37.78 12.85
N TYR G 294 -23.74 38.46 13.71
CA TYR G 294 -25.21 38.65 13.61
C TYR G 294 -25.53 40.15 13.48
N LYS G 295 -25.99 40.56 12.29
CA LYS G 295 -26.40 41.96 11.94
C LYS G 295 -25.21 42.92 12.14
N GLY G 296 -24.03 42.56 11.61
CA GLY G 296 -22.78 43.34 11.71
C GLY G 296 -21.97 42.99 12.95
N GLU G 297 -22.59 43.06 14.14
CA GLU G 297 -21.99 42.76 15.48
C GLU G 297 -21.31 41.38 15.46
N LYS G 298 -20.10 41.28 16.03
CA LYS G 298 -19.34 40.00 16.18
C LYS G 298 -19.84 39.27 17.42
N ILE G 299 -20.64 38.20 17.23
CA ILE G 299 -21.19 37.35 18.33
C ILE G 299 -20.02 36.60 19.02
N GLY G 300 -19.01 36.16 18.27
CA GLY G 300 -17.83 35.49 18.85
C GLY G 300 -16.91 34.89 17.80
N GLN G 301 -15.70 34.49 18.21
CA GLN G 301 -14.68 33.77 17.40
C GLN G 301 -14.65 32.30 17.81
N GLY G 302 -14.79 31.39 16.85
CA GLY G 302 -14.90 29.94 17.11
C GLY G 302 -16.31 29.55 17.52
N LYS G 303 -16.71 28.32 17.16
CA LYS G 303 -18.09 27.79 17.27
C LYS G 303 -18.56 27.74 18.73
N ALA G 304 -17.65 27.50 19.69
CA ALA G 304 -17.95 27.37 21.15
C ALA G 304 -18.35 28.73 21.74
N ASN G 305 -17.63 29.80 21.40
CA ASN G 305 -17.89 31.19 21.86
C ASN G 305 -19.19 31.70 21.19
N ALA G 306 -19.36 31.41 19.90
CA ALA G 306 -20.58 31.68 19.10
C ALA G 306 -21.79 31.04 19.80
N THR G 307 -21.67 29.77 20.20
CA THR G 307 -22.68 29.00 20.98
C THR G 307 -22.89 29.67 22.35
N ALA G 308 -21.81 30.01 23.05
CA ALA G 308 -21.81 30.62 24.40
C ALA G 308 -22.44 32.02 24.36
N TRP G 309 -22.32 32.73 23.23
CA TRP G 309 -23.04 34.02 22.99
C TRP G 309 -24.54 33.76 22.89
N LEU G 310 -24.93 32.78 22.05
CA LEU G 310 -26.35 32.37 21.84
C LEU G 310 -26.98 31.83 23.13
N LYS G 311 -26.19 31.35 24.08
CA LYS G 311 -26.67 30.93 25.43
C LYS G 311 -27.08 32.17 26.24
N ASP G 312 -26.23 33.19 26.31
CA ASP G 312 -26.41 34.39 27.18
C ASP G 312 -27.32 35.45 26.52
N ASN G 313 -27.85 35.20 25.31
CA ASN G 313 -28.83 36.07 24.60
C ASN G 313 -30.08 35.25 24.28
N PRO G 314 -30.98 34.94 25.25
CA PRO G 314 -32.11 34.05 25.00
C PRO G 314 -33.26 34.62 24.14
N GLU G 315 -33.21 35.90 23.78
CA GLU G 315 -34.18 36.59 22.87
C GLU G 315 -33.69 36.43 21.43
N THR G 316 -32.40 36.68 21.19
CA THR G 316 -31.71 36.53 19.88
C THR G 316 -31.78 35.07 19.41
N ALA G 317 -31.62 34.11 20.33
CA ALA G 317 -31.71 32.65 20.07
C ALA G 317 -33.15 32.27 19.70
N LYS G 318 -34.14 32.78 20.47
CA LYS G 318 -35.60 32.62 20.17
C LYS G 318 -35.90 33.14 18.76
N GLU G 319 -35.41 34.34 18.43
CA GLU G 319 -35.63 35.05 17.13
C GLU G 319 -35.15 34.17 15.97
N ILE G 320 -33.90 33.71 16.01
CA ILE G 320 -33.27 32.89 14.93
C ILE G 320 -34.04 31.57 14.81
N GLU G 321 -34.46 30.99 15.94
CA GLU G 321 -35.25 29.72 15.97
C GLU G 321 -36.56 29.91 15.20
N LYS G 322 -37.26 31.04 15.40
CA LYS G 322 -38.57 31.34 14.76
C LYS G 322 -38.44 31.32 13.23
N LYS G 323 -37.40 31.98 12.70
CA LYS G 323 -37.16 32.16 11.25
C LYS G 323 -36.82 30.80 10.60
N VAL G 324 -35.82 30.09 11.13
CA VAL G 324 -35.34 28.78 10.60
C VAL G 324 -36.51 27.79 10.54
N ARG G 325 -37.38 27.82 11.55
CA ARG G 325 -38.63 27.02 11.62
C ARG G 325 -39.56 27.41 10.46
N GLU G 326 -39.82 28.71 10.28
CA GLU G 326 -40.67 29.26 9.18
C GLU G 326 -40.13 28.81 7.81
N LEU G 327 -38.81 28.95 7.59
CA LEU G 327 -38.14 28.76 6.27
C LEU G 327 -38.07 27.27 5.89
N LEU G 328 -37.39 26.47 6.71
CA LEU G 328 -36.84 25.14 6.31
C LEU G 328 -37.82 23.98 6.59
N LEU G 329 -38.72 24.11 7.58
CA LEU G 329 -39.71 23.05 7.91
C LEU G 329 -40.76 22.97 6.79
N SER G 330 -40.70 21.89 6.00
CA SER G 330 -41.51 21.62 4.77
C SER G 330 -43.01 21.50 5.12
N ASN G 331 -43.34 20.84 6.25
CA ASN G 331 -44.72 20.62 6.75
C ASN G 331 -44.86 21.22 8.16
N PRO G 332 -44.99 22.57 8.32
CA PRO G 332 -45.21 23.17 9.64
C PRO G 332 -46.47 22.69 10.39
N ASN G 333 -46.42 22.69 11.73
CA ASN G 333 -47.49 22.19 12.64
C ASN G 333 -48.66 23.17 12.66
N SER G 334 -49.84 22.69 13.08
CA SER G 334 -51.12 23.44 13.22
C SER G 334 -51.22 24.04 14.62
N ALA H 2 -77.89 -40.91 -38.17
CA ALA H 2 -78.31 -42.16 -37.41
C ALA H 2 -77.52 -42.28 -36.11
N ILE H 3 -76.19 -42.34 -36.20
CA ILE H 3 -75.23 -42.45 -35.06
C ILE H 3 -75.18 -41.11 -34.32
N ASP H 4 -74.91 -40.01 -35.04
CA ASP H 4 -74.66 -38.65 -34.48
C ASP H 4 -75.99 -37.91 -34.25
N GLU H 5 -77.13 -38.49 -34.63
CA GLU H 5 -78.49 -37.88 -34.52
C GLU H 5 -78.93 -37.89 -33.05
N ASN H 6 -78.84 -39.04 -32.38
CA ASN H 6 -79.23 -39.22 -30.95
C ASN H 6 -78.26 -38.45 -30.02
N LYS H 7 -77.01 -38.26 -30.43
CA LYS H 7 -75.96 -37.54 -29.64
C LYS H 7 -76.33 -36.05 -29.51
N GLN H 8 -76.74 -35.41 -30.60
CA GLN H 8 -77.09 -33.94 -30.65
C GLN H 8 -78.34 -33.64 -29.83
N LYS H 9 -79.30 -34.57 -29.75
CA LYS H 9 -80.56 -34.42 -28.96
C LYS H 9 -80.29 -34.68 -27.47
N ALA H 10 -79.53 -35.73 -27.15
CA ALA H 10 -79.11 -36.08 -25.76
C ALA H 10 -78.24 -34.97 -25.15
N LEU H 11 -77.43 -34.29 -25.98
CA LEU H 11 -76.64 -33.08 -25.61
C LEU H 11 -77.60 -31.93 -25.28
N ALA H 12 -78.49 -31.59 -26.22
CA ALA H 12 -79.49 -30.48 -26.12
C ALA H 12 -80.44 -30.70 -24.94
N ALA H 13 -80.79 -31.96 -24.63
CA ALA H 13 -81.65 -32.37 -23.49
C ALA H 13 -80.91 -32.13 -22.16
N ALA H 14 -79.62 -32.51 -22.09
CA ALA H 14 -78.73 -32.29 -20.92
C ALA H 14 -78.56 -30.78 -20.70
N LEU H 15 -78.15 -30.04 -21.72
CA LEU H 15 -77.99 -28.54 -21.70
C LEU H 15 -79.31 -27.87 -21.27
N GLY H 16 -80.46 -28.39 -21.69
CA GLY H 16 -81.80 -27.95 -21.23
C GLY H 16 -82.01 -28.18 -19.74
N GLN H 17 -81.58 -29.34 -19.23
CA GLN H 17 -81.69 -29.74 -17.79
C GLN H 17 -80.72 -28.92 -16.91
N ILE H 18 -79.51 -28.64 -17.42
CA ILE H 18 -78.44 -27.84 -16.71
C ILE H 18 -78.97 -26.41 -16.51
N GLU H 19 -79.44 -25.78 -17.61
CA GLU H 19 -79.93 -24.37 -17.65
C GLU H 19 -81.20 -24.20 -16.82
N LYS H 20 -81.97 -25.27 -16.60
CA LYS H 20 -83.17 -25.29 -15.71
C LYS H 20 -82.73 -25.34 -14.24
N GLN H 21 -81.80 -26.24 -13.90
CA GLN H 21 -81.39 -26.52 -12.50
C GLN H 21 -80.58 -25.35 -11.94
N PHE H 22 -79.62 -24.83 -12.71
CA PHE H 22 -78.52 -23.91 -12.25
C PHE H 22 -78.64 -22.49 -12.82
N GLY H 23 -79.54 -22.22 -13.78
CA GLY H 23 -79.86 -20.85 -14.25
C GLY H 23 -79.45 -20.60 -15.70
N LYS H 24 -79.43 -19.32 -16.10
CA LYS H 24 -79.47 -18.85 -17.52
C LYS H 24 -78.18 -19.26 -18.26
N GLY H 25 -77.04 -18.69 -17.85
CA GLY H 25 -75.72 -18.88 -18.50
C GLY H 25 -74.82 -19.83 -17.72
N SER H 26 -75.39 -20.90 -17.17
CA SER H 26 -74.68 -21.94 -16.36
C SER H 26 -73.76 -22.78 -17.25
N ILE H 27 -74.14 -22.98 -18.52
CA ILE H 27 -73.28 -23.63 -19.56
C ILE H 27 -73.60 -23.01 -20.93
N MET H 28 -72.56 -22.68 -21.70
CA MET H 28 -72.65 -22.18 -23.10
C MET H 28 -71.37 -22.54 -23.85
N ARG H 29 -71.37 -22.34 -25.17
CA ARG H 29 -70.17 -22.49 -26.04
C ARG H 29 -69.24 -21.30 -25.79
N LEU H 30 -67.93 -21.55 -25.77
CA LEU H 30 -66.89 -20.57 -25.30
C LEU H 30 -66.86 -19.36 -26.26
N GLY H 31 -66.99 -19.59 -27.57
CA GLY H 31 -67.03 -18.55 -28.61
C GLY H 31 -68.15 -17.53 -28.43
N GLU H 32 -69.25 -17.89 -27.75
CA GLU H 32 -70.46 -17.04 -27.54
C GLU H 32 -70.41 -16.31 -26.18
N ASP H 33 -69.50 -16.69 -25.26
CA ASP H 33 -69.42 -16.13 -23.87
C ASP H 33 -68.59 -14.84 -23.91
N ARG H 34 -69.25 -13.68 -23.82
CA ARG H 34 -68.61 -12.33 -23.79
C ARG H 34 -68.08 -12.01 -22.38
N SER H 35 -68.60 -12.68 -21.33
CA SER H 35 -68.11 -12.59 -19.92
C SER H 35 -66.65 -13.07 -19.82
N MET H 36 -66.24 -14.00 -20.69
CA MET H 36 -64.91 -14.69 -20.65
C MET H 36 -63.81 -13.84 -21.31
N ASP H 37 -64.16 -12.79 -22.06
CA ASP H 37 -63.18 -11.88 -22.74
C ASP H 37 -62.39 -11.09 -21.69
N VAL H 38 -61.10 -10.85 -21.95
CA VAL H 38 -60.14 -10.17 -21.02
C VAL H 38 -60.14 -8.66 -21.31
N GLU H 39 -60.63 -7.86 -20.35
CA GLU H 39 -60.61 -6.38 -20.32
C GLU H 39 -59.49 -5.95 -19.36
N THR H 40 -58.75 -4.86 -19.68
CA THR H 40 -57.54 -4.42 -18.93
C THR H 40 -57.68 -2.97 -18.45
N ILE H 41 -56.77 -2.57 -17.55
CA ILE H 41 -56.67 -1.26 -16.85
C ILE H 41 -55.19 -0.83 -16.88
N SER H 42 -54.91 0.45 -17.14
CA SER H 42 -53.54 1.03 -17.14
C SER H 42 -52.86 0.82 -15.78
N THR H 43 -51.54 0.67 -15.76
CA THR H 43 -50.71 0.54 -14.52
C THR H 43 -50.06 1.89 -14.15
N GLY H 44 -50.30 2.96 -14.91
CA GLY H 44 -49.58 4.24 -14.75
C GLY H 44 -48.28 4.25 -15.56
N SER H 45 -47.45 3.21 -15.40
CA SER H 45 -46.25 2.93 -16.23
C SER H 45 -46.67 2.43 -17.62
N LEU H 46 -45.97 2.88 -18.67
CA LEU H 46 -46.13 2.42 -20.07
C LEU H 46 -45.25 1.18 -20.31
N SER H 47 -44.01 1.17 -19.78
CA SER H 47 -43.05 0.04 -19.93
C SER H 47 -43.63 -1.24 -19.31
N LEU H 48 -44.39 -1.13 -18.23
CA LEU H 48 -45.07 -2.27 -17.54
C LEU H 48 -46.27 -2.75 -18.37
N ASP H 49 -47.12 -1.83 -18.86
CA ASP H 49 -48.27 -2.15 -19.75
C ASP H 49 -47.79 -2.98 -20.96
N ILE H 50 -46.60 -2.71 -21.47
CA ILE H 50 -45.96 -3.48 -22.57
C ILE H 50 -45.55 -4.87 -22.05
N ALA H 51 -44.83 -4.92 -20.92
CA ALA H 51 -44.32 -6.17 -20.31
C ALA H 51 -45.46 -7.17 -20.04
N LEU H 52 -46.65 -6.68 -19.67
CA LEU H 52 -47.83 -7.52 -19.33
C LEU H 52 -48.49 -8.08 -20.58
N GLY H 53 -48.20 -7.53 -21.77
CA GLY H 53 -48.62 -8.10 -23.07
C GLY H 53 -49.99 -7.61 -23.50
N ALA H 54 -50.96 -7.47 -22.59
CA ALA H 54 -52.36 -7.12 -22.89
C ALA H 54 -52.64 -5.64 -22.62
N GLY H 55 -51.60 -4.83 -22.34
CA GLY H 55 -51.74 -3.37 -22.15
C GLY H 55 -52.31 -3.00 -20.79
N GLY H 56 -52.10 -3.83 -19.75
CA GLY H 56 -52.41 -3.54 -18.35
C GLY H 56 -52.91 -4.75 -17.58
N LEU H 57 -53.47 -4.51 -16.38
CA LEU H 57 -53.87 -5.58 -15.44
C LEU H 57 -55.29 -6.03 -15.74
N PRO H 58 -55.59 -7.34 -15.69
CA PRO H 58 -56.91 -7.85 -16.09
C PRO H 58 -58.00 -7.61 -15.05
N MET H 59 -59.18 -7.14 -15.49
CA MET H 59 -60.36 -6.98 -14.60
C MET H 59 -60.94 -8.36 -14.30
N GLY H 60 -61.53 -8.52 -13.12
CA GLY H 60 -62.18 -9.77 -12.67
C GLY H 60 -61.19 -10.83 -12.18
N ARG H 61 -59.92 -10.46 -11.99
CA ARG H 61 -58.84 -11.40 -11.63
C ARG H 61 -58.11 -10.90 -10.37
N ILE H 62 -57.25 -11.76 -9.81
CA ILE H 62 -56.38 -11.48 -8.64
C ILE H 62 -54.96 -11.19 -9.14
N VAL H 63 -54.30 -10.16 -8.61
CA VAL H 63 -52.89 -9.81 -8.94
C VAL H 63 -52.10 -9.80 -7.63
N GLU H 64 -50.85 -10.26 -7.66
CA GLU H 64 -49.92 -10.19 -6.51
C GLU H 64 -48.74 -9.30 -6.90
N ILE H 65 -48.34 -8.39 -6.01
CA ILE H 65 -47.12 -7.55 -6.11
C ILE H 65 -46.30 -7.83 -4.88
N TYR H 66 -45.06 -8.27 -5.03
CA TYR H 66 -44.16 -8.55 -3.89
C TYR H 66 -42.79 -7.96 -4.15
N GLY H 67 -42.02 -7.78 -3.10
CA GLY H 67 -40.70 -7.13 -3.19
C GLY H 67 -40.13 -6.81 -1.82
N PRO H 68 -38.86 -6.36 -1.75
CA PRO H 68 -38.25 -5.91 -0.51
C PRO H 68 -38.80 -4.56 -0.02
N GLU H 69 -38.36 -4.16 1.17
CA GLU H 69 -38.80 -2.91 1.84
C GLU H 69 -38.45 -1.70 0.97
N SER H 70 -39.41 -0.79 0.88
CA SER H 70 -39.34 0.55 0.22
C SER H 70 -39.01 0.41 -1.28
N SER H 71 -39.46 -0.67 -1.91
CA SER H 71 -39.22 -0.95 -3.35
C SER H 71 -40.25 -0.28 -4.27
N GLY H 72 -41.39 0.17 -3.76
CA GLY H 72 -42.40 0.94 -4.52
C GLY H 72 -43.73 0.22 -4.69
N LYS H 73 -44.07 -0.74 -3.84
CA LYS H 73 -45.28 -1.57 -3.94
C LYS H 73 -46.54 -0.71 -3.72
N THR H 74 -46.65 0.00 -2.60
CA THR H 74 -47.79 0.91 -2.32
C THR H 74 -47.86 1.97 -3.43
N THR H 75 -46.75 2.65 -3.73
CA THR H 75 -46.68 3.73 -4.77
C THR H 75 -47.32 3.22 -6.06
N LEU H 76 -46.96 2.01 -6.51
CA LEU H 76 -47.43 1.43 -7.78
C LEU H 76 -48.96 1.21 -7.73
N THR H 77 -49.50 0.71 -6.61
CA THR H 77 -50.94 0.43 -6.46
C THR H 77 -51.76 1.73 -6.41
N LEU H 78 -51.20 2.82 -5.90
CA LEU H 78 -51.89 4.13 -5.83
C LEU H 78 -51.93 4.77 -7.23
N GLN H 79 -50.94 4.49 -8.07
CA GLN H 79 -50.93 4.95 -9.49
C GLN H 79 -52.01 4.18 -10.27
N VAL H 80 -52.16 2.88 -10.03
CA VAL H 80 -53.24 2.03 -10.65
C VAL H 80 -54.61 2.62 -10.30
N ILE H 81 -54.82 2.96 -9.03
CA ILE H 81 -56.09 3.56 -8.54
C ILE H 81 -56.31 4.92 -9.19
N ALA H 82 -55.30 5.78 -9.22
CA ALA H 82 -55.38 7.14 -9.81
C ALA H 82 -55.88 7.05 -11.24
N ALA H 83 -55.22 6.20 -12.04
CA ALA H 83 -55.55 5.92 -13.46
C ALA H 83 -57.01 5.46 -13.61
N ALA H 84 -57.47 4.58 -12.71
CA ALA H 84 -58.83 4.03 -12.72
C ALA H 84 -59.86 5.11 -12.37
N GLN H 85 -59.52 6.03 -11.47
CA GLN H 85 -60.44 7.11 -11.01
C GLN H 85 -60.68 8.11 -12.14
N ARG H 86 -59.68 8.34 -13.00
CA ARG H 86 -59.78 9.22 -14.19
C ARG H 86 -60.71 8.61 -15.26
N GLU H 87 -60.98 7.31 -15.22
CA GLU H 87 -61.94 6.60 -16.12
C GLU H 87 -63.27 6.31 -15.38
N GLY H 88 -63.59 7.09 -14.34
CA GLY H 88 -64.88 7.04 -13.60
C GLY H 88 -65.14 5.71 -12.92
N LYS H 89 -64.09 5.03 -12.43
CA LYS H 89 -64.19 3.76 -11.67
C LYS H 89 -64.01 4.06 -10.17
N THR H 90 -64.79 3.36 -9.33
CA THR H 90 -64.76 3.44 -7.86
C THR H 90 -63.69 2.47 -7.34
N CYS H 91 -62.88 2.91 -6.37
CA CYS H 91 -61.74 2.14 -5.81
C CYS H 91 -61.83 2.05 -4.28
N ALA H 92 -61.18 1.05 -3.70
CA ALA H 92 -61.10 0.80 -2.25
C ALA H 92 -59.68 0.38 -1.87
N PHE H 93 -59.22 0.79 -0.69
CA PHE H 93 -57.87 0.50 -0.14
C PHE H 93 -58.05 -0.12 1.26
N ILE H 94 -57.75 -1.41 1.40
CA ILE H 94 -57.74 -2.11 2.71
C ILE H 94 -56.31 -2.05 3.25
N ASP H 95 -56.05 -1.17 4.22
CA ASP H 95 -54.70 -0.83 4.76
C ASP H 95 -54.44 -1.61 6.05
N ALA H 96 -54.09 -2.89 5.94
CA ALA H 96 -53.76 -3.80 7.06
C ALA H 96 -52.42 -3.41 7.71
N GLU H 97 -51.51 -2.80 6.96
CA GLU H 97 -50.16 -2.37 7.42
C GLU H 97 -50.26 -1.14 8.33
N HIS H 98 -51.39 -0.41 8.30
CA HIS H 98 -51.68 0.80 9.12
C HIS H 98 -50.61 1.87 8.85
N ALA H 99 -50.39 2.20 7.58
CA ALA H 99 -49.27 3.07 7.16
C ALA H 99 -49.55 3.78 5.83
N LEU H 100 -50.81 4.16 5.57
CA LEU H 100 -51.16 5.01 4.39
C LEU H 100 -51.08 6.47 4.81
N ASP H 101 -50.38 7.30 4.02
CA ASP H 101 -50.35 8.78 4.18
C ASP H 101 -51.31 9.36 3.15
N PRO H 102 -52.47 9.93 3.55
CA PRO H 102 -53.42 10.47 2.57
C PRO H 102 -52.94 11.71 1.81
N ILE H 103 -51.93 12.42 2.30
CA ILE H 103 -51.32 13.54 1.54
C ILE H 103 -50.54 12.96 0.37
N TYR H 104 -49.69 11.95 0.60
CA TYR H 104 -48.84 11.33 -0.46
C TYR H 104 -49.75 10.76 -1.55
N ALA H 105 -50.86 10.12 -1.16
CA ALA H 105 -51.88 9.60 -2.11
C ALA H 105 -52.42 10.73 -2.99
N ARG H 106 -52.68 11.92 -2.42
CA ARG H 106 -53.19 13.09 -3.18
C ARG H 106 -52.14 13.57 -4.20
N LYS H 107 -50.86 13.55 -3.83
CA LYS H 107 -49.75 13.98 -4.71
C LYS H 107 -49.54 13.01 -5.88
N LEU H 108 -49.93 11.74 -5.76
CA LEU H 108 -49.82 10.76 -6.86
C LEU H 108 -51.07 10.81 -7.76
N GLY H 109 -52.03 11.69 -7.46
CA GLY H 109 -53.18 11.98 -8.34
C GLY H 109 -54.43 11.20 -7.94
N VAL H 110 -54.46 10.66 -6.72
CA VAL H 110 -55.65 9.93 -6.20
C VAL H 110 -56.68 10.98 -5.77
N ASP H 111 -57.95 10.74 -6.08
CA ASP H 111 -59.10 11.49 -5.54
C ASP H 111 -59.39 10.93 -4.13
N ILE H 112 -58.89 11.62 -3.10
CA ILE H 112 -58.94 11.20 -1.67
C ILE H 112 -60.41 11.16 -1.22
N ASP H 113 -61.25 12.05 -1.73
CA ASP H 113 -62.66 12.25 -1.29
C ASP H 113 -63.60 11.19 -1.89
N ASN H 114 -63.13 10.37 -2.86
CA ASN H 114 -63.93 9.29 -3.49
C ASN H 114 -63.31 7.90 -3.28
N LEU H 115 -62.10 7.80 -2.69
CA LEU H 115 -61.42 6.51 -2.38
C LEU H 115 -61.95 5.98 -1.05
N LEU H 116 -62.51 4.77 -1.04
CA LEU H 116 -62.91 4.07 0.22
C LEU H 116 -61.67 3.51 0.90
N CYS H 117 -61.54 3.73 2.20
CA CYS H 117 -60.41 3.23 3.02
C CYS H 117 -60.95 2.44 4.21
N SER H 118 -60.29 1.33 4.54
CA SER H 118 -60.52 0.51 5.75
C SER H 118 -59.17 0.24 6.42
N GLN H 119 -59.14 0.30 7.76
CA GLN H 119 -57.99 -0.11 8.61
C GLN H 119 -58.51 -1.19 9.55
N PRO H 120 -58.64 -2.44 9.06
CA PRO H 120 -59.33 -3.49 9.79
C PRO H 120 -58.47 -4.08 10.92
N ASP H 121 -59.14 -4.62 11.95
CA ASP H 121 -58.50 -5.10 13.21
C ASP H 121 -57.87 -6.47 12.95
N THR H 122 -58.63 -7.38 12.32
CA THR H 122 -58.24 -8.79 12.04
C THR H 122 -58.15 -9.04 10.52
N GLY H 123 -57.52 -10.14 10.14
CA GLY H 123 -57.39 -10.61 8.75
C GLY H 123 -58.71 -11.11 8.22
N GLU H 124 -59.53 -11.72 9.08
CA GLU H 124 -60.90 -12.20 8.74
C GLU H 124 -61.79 -10.99 8.42
N GLN H 125 -61.69 -9.90 9.20
CA GLN H 125 -62.43 -8.63 8.95
C GLN H 125 -62.04 -8.06 7.58
N ALA H 126 -60.75 -8.05 7.27
CA ALA H 126 -60.16 -7.45 6.04
C ALA H 126 -60.65 -8.20 4.80
N LEU H 127 -60.71 -9.53 4.86
CA LEU H 127 -61.13 -10.39 3.70
C LEU H 127 -62.65 -10.47 3.60
N GLU H 128 -63.39 -10.24 4.69
CA GLU H 128 -64.88 -10.16 4.67
C GLU H 128 -65.33 -8.86 4.00
N ILE H 129 -64.61 -7.76 4.24
CA ILE H 129 -64.86 -6.45 3.58
C ILE H 129 -64.59 -6.60 2.07
N CYS H 130 -63.51 -7.26 1.68
CA CYS H 130 -63.16 -7.57 0.26
C CYS H 130 -64.33 -8.28 -0.44
N ASP H 131 -64.93 -9.27 0.22
CA ASP H 131 -66.02 -10.12 -0.36
C ASP H 131 -67.31 -9.31 -0.45
N ALA H 132 -67.62 -8.52 0.58
CA ALA H 132 -68.80 -7.61 0.64
C ALA H 132 -68.74 -6.56 -0.47
N LEU H 133 -67.57 -5.97 -0.73
CA LEU H 133 -67.38 -4.95 -1.80
C LEU H 133 -67.41 -5.61 -3.19
N ALA H 134 -66.83 -6.81 -3.32
CA ALA H 134 -66.81 -7.61 -4.57
C ALA H 134 -68.25 -7.96 -4.99
N ARG H 135 -69.06 -8.51 -4.07
CA ARG H 135 -70.47 -8.95 -4.33
C ARG H 135 -71.37 -7.75 -4.68
N SER H 136 -71.10 -6.57 -4.14
CA SER H 136 -71.93 -5.34 -4.33
C SER H 136 -72.03 -4.97 -5.82
N GLY H 137 -70.96 -5.19 -6.59
CA GLY H 137 -70.87 -4.83 -8.03
C GLY H 137 -70.53 -3.36 -8.25
N ALA H 138 -70.36 -2.58 -7.18
CA ALA H 138 -70.19 -1.11 -7.19
C ALA H 138 -68.70 -0.72 -7.31
N VAL H 139 -67.81 -1.51 -6.72
CA VAL H 139 -66.34 -1.25 -6.65
C VAL H 139 -65.65 -1.99 -7.81
N ASP H 140 -64.68 -1.34 -8.45
CA ASP H 140 -63.97 -1.83 -9.67
C ASP H 140 -62.56 -2.31 -9.33
N VAL H 141 -61.85 -1.64 -8.42
CA VAL H 141 -60.48 -2.01 -7.95
C VAL H 141 -60.51 -2.09 -6.42
N ILE H 142 -59.85 -3.10 -5.84
CA ILE H 142 -59.57 -3.21 -4.38
C ILE H 142 -58.09 -3.53 -4.20
N VAL H 143 -57.36 -2.75 -3.40
CA VAL H 143 -55.96 -3.04 -3.01
C VAL H 143 -55.97 -3.47 -1.54
N VAL H 144 -55.30 -4.59 -1.22
CA VAL H 144 -55.09 -5.12 0.16
C VAL H 144 -53.59 -4.98 0.49
N ASP H 145 -53.23 -3.94 1.26
CA ASP H 145 -51.83 -3.57 1.54
C ASP H 145 -51.28 -4.47 2.67
N SER H 146 -50.36 -5.34 2.23
CA SER H 146 -49.68 -6.46 2.94
C SER H 146 -50.69 -7.49 3.42
N VAL H 147 -50.65 -8.61 2.71
CA VAL H 147 -51.02 -9.99 3.14
C VAL H 147 -50.30 -10.33 4.45
N ALA H 148 -49.04 -9.90 4.61
CA ALA H 148 -48.18 -10.14 5.81
C ALA H 148 -48.85 -9.62 7.09
N ALA H 149 -49.57 -8.51 7.00
CA ALA H 149 -50.23 -7.84 8.14
C ALA H 149 -51.66 -8.35 8.37
N LEU H 150 -52.16 -9.31 7.60
CA LEU H 150 -53.51 -9.92 7.79
C LEU H 150 -53.43 -10.92 8.94
N THR H 151 -53.62 -10.45 10.17
CA THR H 151 -53.48 -11.26 11.41
C THR H 151 -54.79 -11.98 11.67
N PRO H 152 -54.83 -13.33 11.83
CA PRO H 152 -56.05 -14.02 12.26
C PRO H 152 -56.53 -13.63 13.67
N LYS H 153 -57.80 -13.87 13.96
CA LYS H 153 -58.46 -13.41 15.21
C LYS H 153 -57.91 -14.18 16.43
N ALA H 154 -57.66 -15.49 16.28
CA ALA H 154 -57.04 -16.36 17.29
C ALA H 154 -55.67 -15.81 17.72
N GLU H 155 -54.88 -15.34 16.76
CA GLU H 155 -53.51 -14.80 16.98
C GLU H 155 -53.55 -13.45 17.69
N ILE H 156 -54.60 -12.64 17.48
CA ILE H 156 -54.76 -11.30 18.12
C ILE H 156 -55.17 -11.46 19.59
N GLU H 157 -56.12 -12.35 19.85
CA GLU H 157 -56.62 -12.67 21.23
C GLU H 157 -55.52 -13.39 22.02
N GLY H 158 -54.68 -14.17 21.34
CA GLY H 158 -53.59 -14.96 21.94
C GLY H 158 -52.44 -14.11 22.46
N GLU H 159 -51.43 -14.77 23.05
CA GLU H 159 -50.20 -14.13 23.58
C GLU H 159 -49.11 -14.20 22.49
N ILE H 160 -48.08 -13.36 22.62
CA ILE H 160 -46.86 -13.41 21.75
C ILE H 160 -46.03 -14.60 22.23
N GLY H 161 -45.58 -15.43 21.29
CA GLY H 161 -44.84 -16.69 21.55
C GLY H 161 -45.66 -17.91 21.20
N ASP H 162 -46.99 -17.83 21.36
CA ASP H 162 -47.99 -18.88 21.01
C ASP H 162 -47.79 -19.34 19.57
N SER H 163 -47.90 -20.65 19.34
CA SER H 163 -47.87 -21.29 17.99
C SER H 163 -49.30 -21.28 17.43
N HIS H 164 -49.44 -20.89 16.17
CA HIS H 164 -50.69 -21.00 15.36
C HIS H 164 -50.30 -21.56 13.99
N MET H 165 -50.01 -22.87 13.94
CA MET H 165 -49.43 -23.56 12.74
C MET H 165 -50.40 -23.43 11.56
N GLY H 166 -49.94 -22.79 10.48
CA GLY H 166 -50.63 -22.67 9.17
C GLY H 166 -52.01 -22.03 9.28
N LEU H 167 -52.24 -21.13 10.23
CA LEU H 167 -53.57 -20.50 10.47
C LEU H 167 -53.81 -19.41 9.42
N ALA H 168 -52.83 -18.53 9.19
CA ALA H 168 -52.84 -17.49 8.14
C ALA H 168 -52.91 -18.14 6.75
N ALA H 169 -52.22 -19.27 6.56
CA ALA H 169 -52.24 -20.08 5.31
C ALA H 169 -53.63 -20.64 5.06
N ARG H 170 -54.28 -21.19 6.10
CA ARG H 170 -55.63 -21.79 6.01
C ARG H 170 -56.65 -20.71 5.71
N MET H 171 -56.54 -19.55 6.38
CA MET H 171 -57.39 -18.34 6.21
C MET H 171 -57.34 -17.86 4.75
N MET H 172 -56.15 -17.77 4.16
CA MET H 172 -55.95 -17.28 2.78
C MET H 172 -56.55 -18.27 1.79
N SER H 173 -56.24 -19.56 1.94
CA SER H 173 -56.75 -20.68 1.08
C SER H 173 -58.28 -20.68 1.06
N GLN H 174 -58.92 -20.46 2.22
CA GLN H 174 -60.39 -20.35 2.35
C GLN H 174 -60.93 -19.09 1.65
N ALA H 175 -60.21 -17.97 1.72
CA ALA H 175 -60.64 -16.68 1.13
C ALA H 175 -60.58 -16.74 -0.41
N MET H 176 -59.52 -17.32 -0.98
CA MET H 176 -59.27 -17.36 -2.45
C MET H 176 -60.43 -18.08 -3.15
N ARG H 177 -60.81 -19.26 -2.66
CA ARG H 177 -62.01 -20.03 -3.09
C ARG H 177 -63.21 -19.09 -3.20
N LYS H 178 -63.56 -18.42 -2.08
CA LYS H 178 -64.76 -17.55 -1.93
C LYS H 178 -64.69 -16.31 -2.82
N LEU H 179 -63.49 -15.77 -3.08
CA LEU H 179 -63.29 -14.49 -3.79
C LEU H 179 -63.30 -14.71 -5.31
N ALA H 180 -62.47 -15.63 -5.81
CA ALA H 180 -62.19 -15.88 -7.24
C ALA H 180 -63.47 -15.77 -8.07
N GLY H 181 -64.53 -16.49 -7.65
CA GLY H 181 -65.85 -16.51 -8.28
C GLY H 181 -66.53 -15.15 -8.21
N ASN H 182 -66.67 -14.60 -7.01
CA ASN H 182 -67.38 -13.31 -6.73
C ASN H 182 -66.75 -12.16 -7.52
N LEU H 183 -65.42 -12.18 -7.75
CA LEU H 183 -64.69 -11.11 -8.50
C LEU H 183 -65.05 -11.16 -9.98
N LYS H 184 -65.01 -12.35 -10.58
CA LYS H 184 -65.29 -12.58 -12.04
C LYS H 184 -66.71 -12.11 -12.38
N GLN H 185 -67.68 -12.37 -11.51
CA GLN H 185 -69.12 -12.03 -11.71
C GLN H 185 -69.35 -10.51 -11.65
N SER H 186 -68.52 -9.76 -10.91
CA SER H 186 -68.61 -8.28 -10.75
C SER H 186 -67.62 -7.55 -11.69
N ASN H 187 -66.67 -8.26 -12.29
CA ASN H 187 -65.57 -7.68 -13.13
C ASN H 187 -64.77 -6.71 -12.24
N THR H 188 -64.31 -7.20 -11.09
CA THR H 188 -63.57 -6.44 -10.03
C THR H 188 -62.13 -6.94 -9.98
N LEU H 189 -61.16 -6.05 -10.20
CA LEU H 189 -59.71 -6.32 -9.97
C LEU H 189 -59.44 -6.31 -8.45
N LEU H 190 -58.67 -7.27 -7.96
CA LEU H 190 -58.20 -7.31 -6.55
C LEU H 190 -56.67 -7.41 -6.57
N ILE H 191 -55.97 -6.48 -5.92
CA ILE H 191 -54.47 -6.47 -5.87
C ILE H 191 -54.02 -6.74 -4.43
N PHE H 192 -53.29 -7.82 -4.21
CA PHE H 192 -52.61 -8.15 -2.93
C PHE H 192 -51.17 -7.68 -3.01
N ILE H 193 -50.73 -6.84 -2.08
CA ILE H 193 -49.29 -6.54 -1.87
C ILE H 193 -48.74 -7.59 -0.90
N ASN H 194 -47.51 -8.05 -1.09
CA ASN H 194 -46.90 -9.09 -0.21
C ASN H 194 -45.46 -8.71 0.14
N GLN H 195 -45.04 -9.07 1.35
CA GLN H 195 -43.65 -8.88 1.84
C GLN H 195 -42.83 -10.13 1.53
N ILE H 196 -41.51 -9.99 1.55
CA ILE H 196 -40.54 -11.11 1.40
C ILE H 196 -40.14 -11.61 2.79
N ARG H 197 -39.86 -12.91 2.89
CA ARG H 197 -39.21 -13.57 4.04
C ARG H 197 -38.17 -14.54 3.49
N MET H 198 -37.35 -15.15 4.34
CA MET H 198 -36.16 -15.95 3.95
C MET H 198 -36.35 -17.38 4.43
N LYS H 199 -36.24 -18.36 3.54
CA LYS H 199 -36.31 -19.81 3.86
C LYS H 199 -34.99 -20.27 4.48
N ILE H 200 -35.06 -21.21 5.43
CA ILE H 200 -33.92 -21.69 6.25
C ILE H 200 -33.58 -23.14 5.85
N GLY H 201 -32.29 -23.46 5.78
CA GLY H 201 -31.76 -24.80 5.44
C GLY H 201 -32.05 -25.20 4.00
N VAL H 202 -31.99 -24.24 3.06
CA VAL H 202 -32.24 -24.45 1.61
C VAL H 202 -31.00 -24.00 0.82
N MET H 203 -30.58 -24.81 -0.15
CA MET H 203 -29.44 -24.55 -1.09
C MET H 203 -29.91 -24.60 -2.56
N PHE H 204 -30.98 -25.33 -2.89
CA PHE H 204 -31.63 -25.33 -4.23
C PHE H 204 -32.46 -24.05 -4.41
N GLY H 205 -32.31 -23.40 -5.57
CA GLY H 205 -33.10 -22.22 -5.99
C GLY H 205 -32.84 -21.01 -5.11
N ASN H 206 -33.83 -20.12 -5.00
CA ASN H 206 -33.76 -18.86 -4.20
C ASN H 206 -34.19 -19.16 -2.76
N PRO H 207 -33.53 -18.55 -1.74
CA PRO H 207 -34.02 -18.62 -0.36
C PRO H 207 -35.24 -17.73 -0.08
N GLU H 208 -35.50 -16.71 -0.90
CA GLU H 208 -36.64 -15.77 -0.74
C GLU H 208 -37.97 -16.52 -0.91
N THR H 209 -38.96 -16.17 -0.10
CA THR H 209 -40.37 -16.59 -0.28
C THR H 209 -41.29 -15.41 0.08
N THR H 210 -42.59 -15.65 0.08
CA THR H 210 -43.66 -14.65 0.37
C THR H 210 -44.52 -15.20 1.52
N THR H 211 -45.18 -14.29 2.23
CA THR H 211 -46.01 -14.57 3.42
C THR H 211 -47.39 -15.07 2.96
N GLY H 212 -48.07 -15.82 3.83
CA GLY H 212 -49.51 -16.15 3.71
C GLY H 212 -49.79 -17.49 3.05
N GLY H 213 -48.77 -18.28 2.72
CA GLY H 213 -48.92 -19.66 2.21
C GLY H 213 -48.86 -19.74 0.70
N ASN H 214 -49.30 -20.87 0.14
CA ASN H 214 -49.10 -21.25 -1.29
C ASN H 214 -50.33 -20.91 -2.14
N ALA H 215 -51.52 -20.74 -1.54
CA ALA H 215 -52.81 -20.59 -2.26
C ALA H 215 -52.75 -19.43 -3.26
N LEU H 216 -52.28 -18.25 -2.82
CA LEU H 216 -52.28 -17.00 -3.62
C LEU H 216 -51.44 -17.17 -4.90
N LYS H 217 -50.30 -17.87 -4.85
CA LYS H 217 -49.46 -18.18 -6.04
C LYS H 217 -50.31 -18.81 -7.15
N PHE H 218 -51.18 -19.75 -6.80
CA PHE H 218 -52.01 -20.51 -7.76
C PHE H 218 -53.11 -19.60 -8.32
N TYR H 219 -53.83 -18.90 -7.44
CA TYR H 219 -55.04 -18.12 -7.80
C TYR H 219 -54.70 -16.81 -8.53
N ALA H 220 -53.49 -16.28 -8.35
CA ALA H 220 -53.04 -15.03 -9.02
C ALA H 220 -52.98 -15.26 -10.52
N SER H 221 -53.54 -14.33 -11.30
CA SER H 221 -53.46 -14.29 -12.78
C SER H 221 -52.20 -13.55 -13.21
N VAL H 222 -51.68 -12.68 -12.37
CA VAL H 222 -50.38 -11.96 -12.58
C VAL H 222 -49.64 -11.89 -11.25
N ARG H 223 -48.31 -12.01 -11.28
CA ARG H 223 -47.42 -11.83 -10.10
C ARG H 223 -46.21 -10.99 -10.51
N LEU H 224 -46.04 -9.83 -9.89
CA LEU H 224 -44.97 -8.84 -10.15
C LEU H 224 -43.92 -8.93 -9.03
N ASP H 225 -42.64 -8.82 -9.38
CA ASP H 225 -41.49 -8.81 -8.44
C ASP H 225 -40.79 -7.46 -8.63
N ILE H 226 -41.02 -6.51 -7.72
CA ILE H 226 -40.52 -5.11 -7.89
C ILE H 226 -39.30 -4.92 -7.00
N ARG H 227 -38.25 -4.25 -7.51
CA ARG H 227 -36.95 -4.08 -6.80
C ARG H 227 -36.34 -2.72 -7.11
N ARG H 228 -35.77 -2.06 -6.12
CA ARG H 228 -35.01 -0.80 -6.25
C ARG H 228 -33.58 -1.15 -6.67
N ILE H 229 -33.13 -0.67 -7.83
CA ILE H 229 -31.83 -1.05 -8.46
C ILE H 229 -30.83 0.12 -8.43
N GLY H 230 -31.24 1.32 -8.02
CA GLY H 230 -30.31 2.45 -7.89
C GLY H 230 -30.99 3.74 -7.46
N ALA H 231 -30.22 4.82 -7.38
CA ALA H 231 -30.68 6.18 -7.03
C ALA H 231 -30.82 7.06 -8.28
N VAL H 232 -31.62 8.11 -8.15
CA VAL H 232 -31.81 9.21 -9.14
C VAL H 232 -31.41 10.49 -8.43
N LYS H 233 -30.42 11.21 -8.96
CA LYS H 233 -29.75 12.35 -8.27
C LYS H 233 -29.88 13.63 -9.10
N GLU H 234 -29.98 14.77 -8.41
CA GLU H 234 -29.72 16.15 -8.91
C GLU H 234 -28.39 16.61 -8.30
N GLY H 235 -27.30 15.99 -8.74
CA GLY H 235 -25.95 16.16 -8.19
C GLY H 235 -25.80 15.39 -6.89
N GLU H 236 -26.16 16.01 -5.77
CA GLU H 236 -25.99 15.44 -4.40
C GLU H 236 -27.35 15.15 -3.73
N ASN H 237 -28.41 15.89 -4.07
CA ASN H 237 -29.81 15.56 -3.64
C ASN H 237 -30.29 14.29 -4.36
N VAL H 238 -30.49 13.19 -3.61
CA VAL H 238 -31.16 11.95 -4.10
C VAL H 238 -32.65 12.26 -4.16
N VAL H 239 -33.22 12.25 -5.36
CA VAL H 239 -34.56 12.82 -5.68
C VAL H 239 -35.55 11.70 -6.05
N GLY H 240 -35.10 10.45 -6.17
CA GLY H 240 -35.95 9.32 -6.60
C GLY H 240 -35.20 8.00 -6.64
N SER H 241 -35.84 6.97 -7.17
CA SER H 241 -35.40 5.55 -7.12
C SER H 241 -35.54 4.91 -8.49
N GLU H 242 -34.47 4.29 -8.98
CA GLU H 242 -34.44 3.55 -10.26
C GLU H 242 -34.92 2.13 -9.94
N THR H 243 -35.99 1.67 -10.59
CA THR H 243 -36.87 0.54 -10.17
C THR H 243 -37.00 -0.46 -11.31
N ARG H 244 -36.90 -1.76 -11.04
CA ARG H 244 -37.06 -2.84 -12.05
C ARG H 244 -38.18 -3.79 -11.64
N VAL H 245 -39.22 -3.95 -12.47
CA VAL H 245 -40.34 -4.91 -12.25
C VAL H 245 -40.19 -6.09 -13.21
N LYS H 246 -40.12 -7.30 -12.68
CA LYS H 246 -40.16 -8.58 -13.42
C LYS H 246 -41.55 -9.19 -13.36
N VAL H 247 -42.13 -9.57 -14.49
CA VAL H 247 -43.40 -10.33 -14.54
C VAL H 247 -43.05 -11.81 -14.36
N VAL H 248 -43.30 -12.34 -13.15
CA VAL H 248 -42.88 -13.70 -12.69
C VAL H 248 -43.95 -14.72 -13.08
N LYS H 249 -45.20 -14.30 -13.27
CA LYS H 249 -46.33 -15.15 -13.72
C LYS H 249 -47.30 -14.31 -14.53
N ASN H 250 -47.88 -14.88 -15.58
CA ASN H 250 -48.86 -14.17 -16.46
C ASN H 250 -49.71 -15.23 -17.17
N LYS H 251 -51.03 -15.19 -16.96
CA LYS H 251 -52.03 -16.09 -17.58
C LYS H 251 -52.80 -15.37 -18.69
N ILE H 252 -52.48 -14.11 -18.99
CA ILE H 252 -53.17 -13.31 -20.04
C ILE H 252 -52.21 -12.91 -21.16
N ALA H 253 -50.96 -13.40 -21.14
CA ALA H 253 -49.90 -13.16 -22.14
C ALA H 253 -48.61 -13.83 -21.69
N ALA H 254 -47.54 -13.75 -22.50
CA ALA H 254 -46.25 -14.44 -22.23
C ALA H 254 -45.57 -13.79 -21.02
N PRO H 255 -45.02 -14.59 -20.07
CA PRO H 255 -44.30 -14.05 -18.92
C PRO H 255 -42.78 -13.83 -19.09
N PHE H 256 -42.13 -13.48 -17.99
CA PHE H 256 -40.66 -13.31 -17.79
C PHE H 256 -40.15 -12.07 -18.52
N LYS H 257 -41.05 -11.20 -19.01
CA LYS H 257 -40.66 -9.85 -19.51
C LYS H 257 -40.43 -8.96 -18.29
N GLN H 258 -39.60 -7.94 -18.46
CA GLN H 258 -39.29 -6.98 -17.37
C GLN H 258 -39.44 -5.55 -17.89
N ALA H 259 -39.71 -4.64 -16.95
CA ALA H 259 -39.83 -3.18 -17.16
C ALA H 259 -38.81 -2.47 -16.27
N GLU H 260 -38.41 -1.26 -16.66
CA GLU H 260 -37.56 -0.36 -15.85
C GLU H 260 -38.18 1.03 -15.89
N PHE H 261 -38.18 1.72 -14.77
CA PHE H 261 -38.70 3.10 -14.68
C PHE H 261 -38.17 3.78 -13.42
N GLN H 262 -38.35 5.09 -13.34
CA GLN H 262 -37.95 5.93 -12.21
C GLN H 262 -39.19 6.25 -11.38
N ILE H 263 -39.11 6.10 -10.06
CA ILE H 263 -40.08 6.66 -9.08
C ILE H 263 -39.41 7.90 -8.49
N LEU H 264 -40.04 9.07 -8.66
CA LEU H 264 -39.54 10.38 -8.15
C LEU H 264 -40.38 10.75 -6.93
N TYR H 265 -39.73 10.99 -5.80
CA TYR H 265 -40.38 11.17 -4.48
C TYR H 265 -41.33 12.37 -4.57
N GLY H 266 -42.63 12.15 -4.36
CA GLY H 266 -43.67 13.19 -4.29
C GLY H 266 -44.36 13.43 -5.62
N GLU H 267 -43.87 12.84 -6.72
CA GLU H 267 -44.48 12.91 -8.07
C GLU H 267 -45.12 11.56 -8.40
N GLY H 268 -44.33 10.48 -8.31
CA GLY H 268 -44.73 9.09 -8.59
C GLY H 268 -43.84 8.47 -9.65
N ILE H 269 -44.43 7.75 -10.60
CA ILE H 269 -43.71 7.16 -11.77
C ILE H 269 -43.44 8.27 -12.79
N ASN H 270 -42.22 8.33 -13.30
CA ASN H 270 -41.80 9.25 -14.40
C ASN H 270 -42.30 8.67 -15.73
N PHE H 271 -43.50 9.06 -16.14
CA PHE H 271 -44.16 8.58 -17.39
C PHE H 271 -43.35 9.02 -18.61
N TYR H 272 -43.02 10.32 -18.66
CA TYR H 272 -42.34 10.97 -19.81
C TYR H 272 -40.87 10.53 -19.92
N GLY H 273 -40.25 10.12 -18.80
CA GLY H 273 -38.94 9.45 -18.81
C GLY H 273 -38.98 8.12 -19.56
N GLU H 274 -40.01 7.31 -19.35
CA GLU H 274 -40.20 6.01 -20.07
C GLU H 274 -40.43 6.29 -21.55
N LEU H 275 -41.31 7.25 -21.85
CA LEU H 275 -41.81 7.54 -23.23
C LEU H 275 -40.67 7.92 -24.16
N VAL H 276 -39.67 8.66 -23.64
CA VAL H 276 -38.37 8.93 -24.33
C VAL H 276 -37.69 7.60 -24.67
N ASP H 277 -37.33 6.80 -23.66
CA ASP H 277 -36.57 5.54 -23.81
C ASP H 277 -37.27 4.55 -24.75
N LEU H 278 -38.61 4.52 -24.72
CA LEU H 278 -39.44 3.65 -25.61
C LEU H 278 -39.47 4.25 -27.02
N GLY H 279 -39.52 5.58 -27.15
CA GLY H 279 -39.46 6.30 -28.44
C GLY H 279 -38.14 6.08 -29.16
N VAL H 280 -37.02 6.20 -28.44
CA VAL H 280 -35.62 5.98 -28.94
C VAL H 280 -35.50 4.54 -29.46
N LYS H 281 -35.91 3.57 -28.64
CA LYS H 281 -35.80 2.11 -28.91
C LYS H 281 -36.57 1.73 -30.18
N GLU H 282 -37.69 2.40 -30.48
CA GLU H 282 -38.58 2.10 -31.64
C GLU H 282 -38.37 3.11 -32.79
N LYS H 283 -37.27 3.87 -32.80
CA LYS H 283 -36.80 4.72 -33.94
C LYS H 283 -37.83 5.82 -34.28
N LEU H 284 -38.65 6.24 -33.31
CA LEU H 284 -39.59 7.39 -33.45
C LEU H 284 -38.89 8.67 -32.96
N ILE H 285 -37.87 8.53 -32.10
CA ILE H 285 -36.96 9.62 -31.63
C ILE H 285 -35.52 9.21 -31.97
N GLU H 286 -34.72 10.15 -32.48
CA GLU H 286 -33.28 9.95 -32.83
C GLU H 286 -32.41 10.48 -31.69
N LYS H 287 -31.45 9.68 -31.23
CA LYS H 287 -30.43 10.09 -30.23
C LYS H 287 -29.10 10.28 -30.94
N ALA H 288 -28.71 11.55 -31.15
CA ALA H 288 -27.41 11.97 -31.74
C ALA H 288 -26.42 12.27 -30.60
N GLY H 289 -25.79 11.23 -30.05
CA GLY H 289 -24.86 11.31 -28.91
C GLY H 289 -25.62 11.44 -27.60
N ALA H 290 -25.83 12.68 -27.13
CA ALA H 290 -26.68 13.05 -25.97
C ALA H 290 -27.79 14.03 -26.38
N TRP H 291 -28.02 14.23 -27.68
CA TRP H 291 -29.03 15.17 -28.25
C TRP H 291 -30.23 14.37 -28.78
N TYR H 292 -31.37 14.43 -28.09
CA TYR H 292 -32.65 13.80 -28.50
C TYR H 292 -33.32 14.72 -29.52
N SER H 293 -33.74 14.14 -30.66
CA SER H 293 -34.34 14.85 -31.82
C SER H 293 -35.57 14.09 -32.33
N TYR H 294 -36.71 14.78 -32.48
CA TYR H 294 -38.00 14.24 -33.00
C TYR H 294 -38.35 14.93 -34.33
N LYS H 295 -38.32 14.19 -35.45
CA LYS H 295 -38.66 14.67 -36.82
C LYS H 295 -37.73 15.82 -37.23
N GLY H 296 -36.46 15.78 -36.81
CA GLY H 296 -35.45 16.83 -37.07
C GLY H 296 -35.39 17.86 -35.95
N GLU H 297 -36.56 18.40 -35.57
CA GLU H 297 -36.81 19.26 -34.37
C GLU H 297 -36.02 18.74 -33.18
N LYS H 298 -35.17 19.58 -32.58
CA LYS H 298 -34.26 19.21 -31.46
C LYS H 298 -34.99 19.46 -30.14
N ILE H 299 -35.60 18.41 -29.59
CA ILE H 299 -36.48 18.46 -28.37
C ILE H 299 -35.64 18.85 -27.15
N GLY H 300 -34.37 18.45 -27.10
CA GLY H 300 -33.39 18.91 -26.09
C GLY H 300 -32.13 18.08 -26.08
N GLN H 301 -31.23 18.37 -25.13
CA GLN H 301 -29.98 17.59 -24.84
C GLN H 301 -30.06 17.12 -23.38
N GLY H 302 -29.73 15.85 -23.13
CA GLY H 302 -29.96 15.18 -21.84
C GLY H 302 -31.41 14.72 -21.70
N LYS H 303 -31.63 13.64 -20.96
CA LYS H 303 -32.94 12.98 -20.79
C LYS H 303 -33.91 13.93 -20.06
N ALA H 304 -33.40 14.69 -19.08
CA ALA H 304 -34.17 15.62 -18.22
C ALA H 304 -34.81 16.74 -19.06
N ASN H 305 -34.04 17.33 -19.99
CA ASN H 305 -34.50 18.43 -20.88
C ASN H 305 -35.48 17.89 -21.92
N ALA H 306 -35.20 16.70 -22.47
CA ALA H 306 -36.06 15.96 -23.41
C ALA H 306 -37.42 15.66 -22.73
N THR H 307 -37.37 15.21 -21.48
CA THR H 307 -38.56 14.93 -20.62
C THR H 307 -39.33 16.24 -20.40
N ALA H 308 -38.61 17.33 -20.08
CA ALA H 308 -39.19 18.68 -19.83
C ALA H 308 -39.92 19.18 -21.07
N TRP H 309 -39.36 18.94 -22.26
CA TRP H 309 -39.98 19.32 -23.57
C TRP H 309 -41.30 18.57 -23.76
N LEU H 310 -41.31 17.24 -23.55
CA LEU H 310 -42.50 16.36 -23.73
C LEU H 310 -43.63 16.71 -22.74
N LYS H 311 -43.29 17.34 -21.61
CA LYS H 311 -44.28 17.94 -20.67
C LYS H 311 -44.99 19.12 -21.35
N ASP H 312 -44.21 20.03 -21.97
CA ASP H 312 -44.69 21.31 -22.57
C ASP H 312 -45.51 21.06 -23.85
N ASN H 313 -45.38 19.89 -24.50
CA ASN H 313 -46.06 19.54 -25.77
C ASN H 313 -46.85 18.24 -25.58
N PRO H 314 -48.03 18.28 -24.89
CA PRO H 314 -48.79 17.05 -24.60
C PRO H 314 -49.30 16.22 -25.79
N GLU H 315 -49.63 16.86 -26.91
CA GLU H 315 -50.29 16.22 -28.09
C GLU H 315 -49.27 15.37 -28.86
N THR H 316 -48.02 15.83 -29.01
CA THR H 316 -46.92 15.07 -29.67
C THR H 316 -46.50 13.89 -28.79
N ALA H 317 -46.53 14.04 -27.46
CA ALA H 317 -46.35 12.95 -26.47
C ALA H 317 -47.47 11.91 -26.65
N LYS H 318 -48.70 12.37 -26.86
CA LYS H 318 -49.92 11.50 -27.00
C LYS H 318 -49.81 10.64 -28.27
N GLU H 319 -49.29 11.20 -29.37
CA GLU H 319 -49.17 10.49 -30.68
C GLU H 319 -48.05 9.44 -30.58
N ILE H 320 -46.96 9.74 -29.88
CA ILE H 320 -45.82 8.80 -29.64
C ILE H 320 -46.33 7.62 -28.79
N GLU H 321 -47.05 7.91 -27.70
CA GLU H 321 -47.67 6.90 -26.80
C GLU H 321 -48.52 5.92 -27.63
N LYS H 322 -49.44 6.46 -28.43
CA LYS H 322 -50.38 5.71 -29.31
C LYS H 322 -49.61 4.78 -30.27
N LYS H 323 -48.48 5.28 -30.82
CA LYS H 323 -47.61 4.53 -31.78
C LYS H 323 -46.87 3.39 -31.07
N VAL H 324 -46.24 3.71 -29.94
CA VAL H 324 -45.46 2.75 -29.09
C VAL H 324 -46.40 1.61 -28.65
N ARG H 325 -47.65 1.94 -28.30
CA ARG H 325 -48.73 0.96 -27.96
C ARG H 325 -49.04 0.10 -29.19
N GLU H 326 -49.35 0.73 -30.33
CA GLU H 326 -49.63 0.05 -31.63
C GLU H 326 -48.53 -0.95 -31.99
N LEU H 327 -47.26 -0.59 -31.79
CA LEU H 327 -46.08 -1.40 -32.20
C LEU H 327 -45.87 -2.57 -31.24
N LEU H 328 -45.73 -2.28 -29.94
CA LEU H 328 -45.09 -3.21 -28.95
C LEU H 328 -46.11 -4.06 -28.19
N LEU H 329 -47.40 -3.68 -28.14
CA LEU H 329 -48.46 -4.49 -27.47
C LEU H 329 -48.70 -5.77 -28.28
N SER H 330 -48.39 -6.94 -27.70
CA SER H 330 -48.43 -8.28 -28.34
C SER H 330 -49.89 -8.74 -28.58
N ASN H 331 -50.80 -8.44 -27.65
CA ASN H 331 -52.26 -8.78 -27.70
C ASN H 331 -53.08 -7.53 -27.40
N PRO H 332 -53.20 -6.55 -28.33
CA PRO H 332 -54.00 -5.33 -28.08
C PRO H 332 -55.50 -5.59 -27.78
N ASN H 333 -56.05 -4.82 -26.82
CA ASN H 333 -57.42 -4.96 -26.27
C ASN H 333 -58.14 -3.60 -26.39
N SER H 334 -59.44 -3.62 -26.73
CA SER H 334 -60.29 -2.41 -26.91
C SER H 334 -61.78 -2.80 -26.87
N SER I 35 -66.68 -53.57 -23.93
CA SER I 35 -67.04 -52.75 -22.72
C SER I 35 -65.83 -52.54 -21.79
N MET I 36 -65.09 -53.61 -21.49
CA MET I 36 -63.88 -53.61 -20.61
C MET I 36 -62.58 -53.43 -21.42
N ASP I 37 -62.65 -53.39 -22.76
CA ASP I 37 -61.46 -53.14 -23.64
C ASP I 37 -61.03 -51.67 -23.50
N VAL I 38 -59.74 -51.42 -23.29
CA VAL I 38 -59.15 -50.07 -22.99
C VAL I 38 -58.89 -49.34 -24.32
N GLU I 39 -59.67 -48.28 -24.58
CA GLU I 39 -59.48 -47.26 -25.65
C GLU I 39 -58.59 -46.14 -25.09
N THR I 40 -57.77 -45.48 -25.94
CA THR I 40 -56.87 -44.36 -25.55
C THR I 40 -57.05 -43.15 -26.48
N ILE I 41 -56.62 -41.97 -26.00
CA ILE I 41 -56.68 -40.64 -26.70
C ILE I 41 -55.28 -40.00 -26.63
N SER I 42 -54.85 -39.36 -27.73
CA SER I 42 -53.55 -38.63 -27.84
C SER I 42 -53.50 -37.48 -26.83
N THR I 43 -52.37 -37.33 -26.14
CA THR I 43 -52.11 -36.25 -25.14
C THR I 43 -51.59 -34.97 -25.80
N GLY I 44 -51.30 -35.00 -27.11
CA GLY I 44 -50.61 -33.92 -27.85
C GLY I 44 -49.11 -34.17 -27.94
N SER I 45 -48.49 -34.51 -26.80
CA SER I 45 -47.05 -34.87 -26.66
C SER I 45 -46.84 -36.36 -26.96
N LEU I 46 -45.86 -36.71 -27.78
CA LEU I 46 -45.54 -38.12 -28.18
C LEU I 46 -44.80 -38.84 -27.05
N SER I 47 -43.92 -38.14 -26.33
CA SER I 47 -43.10 -38.67 -25.20
C SER I 47 -44.00 -39.18 -24.05
N LEU I 48 -45.15 -38.54 -23.83
CA LEU I 48 -46.12 -38.87 -22.74
C LEU I 48 -46.94 -40.10 -23.16
N ASP I 49 -47.41 -40.15 -24.42
CA ASP I 49 -48.12 -41.32 -25.02
C ASP I 49 -47.28 -42.60 -24.86
N ILE I 50 -45.95 -42.48 -25.01
CA ILE I 50 -44.96 -43.59 -24.78
C ILE I 50 -44.91 -43.94 -23.29
N ALA I 51 -44.79 -42.94 -22.41
CA ALA I 51 -44.67 -43.09 -20.93
C ALA I 51 -45.89 -43.80 -20.34
N LEU I 52 -47.09 -43.51 -20.85
CA LEU I 52 -48.37 -44.10 -20.38
C LEU I 52 -48.52 -45.56 -20.84
N GLY I 53 -47.75 -46.00 -21.85
CA GLY I 53 -47.66 -47.42 -22.26
C GLY I 53 -48.69 -47.79 -23.31
N ALA I 54 -49.97 -47.46 -23.07
CA ALA I 54 -51.12 -47.83 -23.93
C ALA I 54 -51.33 -46.80 -25.07
N GLY I 55 -50.46 -45.79 -25.21
CA GLY I 55 -50.54 -44.77 -26.27
C GLY I 55 -51.63 -43.75 -26.00
N GLY I 56 -51.78 -43.33 -24.74
CA GLY I 56 -52.65 -42.19 -24.35
C GLY I 56 -53.42 -42.43 -23.05
N LEU I 57 -54.43 -41.58 -22.81
CA LEU I 57 -55.26 -41.56 -21.57
C LEU I 57 -56.51 -42.40 -21.80
N PRO I 58 -56.89 -43.31 -20.85
CA PRO I 58 -57.99 -44.25 -21.08
C PRO I 58 -59.39 -43.63 -21.02
N MET I 59 -60.22 -43.90 -22.03
CA MET I 59 -61.65 -43.48 -22.09
C MET I 59 -62.47 -44.31 -21.09
N GLY I 60 -63.51 -43.70 -20.51
CA GLY I 60 -64.38 -44.29 -19.48
C GLY I 60 -63.76 -44.33 -18.09
N ARG I 61 -62.66 -43.59 -17.88
CA ARG I 61 -61.85 -43.58 -16.62
C ARG I 61 -61.65 -42.14 -16.14
N ILE I 62 -61.17 -42.00 -14.90
CA ILE I 62 -60.81 -40.72 -14.23
C ILE I 62 -59.29 -40.54 -14.30
N VAL I 63 -58.83 -39.33 -14.61
CA VAL I 63 -57.38 -38.92 -14.63
C VAL I 63 -57.21 -37.73 -13.68
N GLU I 64 -56.07 -37.66 -12.98
CA GLU I 64 -55.65 -36.50 -12.15
C GLU I 64 -54.33 -35.94 -12.71
N ILE I 65 -54.25 -34.62 -12.92
CA ILE I 65 -52.99 -33.90 -13.26
C ILE I 65 -52.75 -32.89 -12.13
N TYR I 66 -51.65 -33.03 -11.39
CA TYR I 66 -51.24 -32.12 -10.30
C TYR I 66 -49.81 -31.62 -10.55
N GLY I 67 -49.46 -30.52 -9.90
CA GLY I 67 -48.12 -29.90 -9.99
C GLY I 67 -48.09 -28.49 -9.41
N PRO I 68 -46.91 -27.82 -9.38
CA PRO I 68 -46.81 -26.43 -8.95
C PRO I 68 -47.47 -25.42 -9.90
N GLU I 69 -47.62 -24.18 -9.43
CA GLU I 69 -48.12 -23.00 -10.21
C GLU I 69 -47.30 -22.84 -11.51
N SER I 70 -47.99 -22.52 -12.60
CA SER I 70 -47.46 -22.25 -13.98
C SER I 70 -46.50 -23.37 -14.43
N SER I 71 -46.88 -24.63 -14.23
CA SER I 71 -46.12 -25.86 -14.63
C SER I 71 -46.57 -26.35 -16.02
N GLY I 72 -47.83 -26.11 -16.38
CA GLY I 72 -48.45 -26.45 -17.68
C GLY I 72 -49.58 -27.45 -17.54
N LYS I 73 -50.45 -27.30 -16.52
CA LYS I 73 -51.60 -28.20 -16.25
C LYS I 73 -52.77 -27.84 -17.16
N THR I 74 -53.11 -26.55 -17.28
CA THR I 74 -54.20 -26.04 -18.17
C THR I 74 -53.77 -26.20 -19.63
N THR I 75 -52.52 -25.85 -19.97
CA THR I 75 -51.93 -25.99 -21.33
C THR I 75 -52.10 -27.43 -21.82
N LEU I 76 -51.67 -28.41 -21.00
CA LEU I 76 -51.65 -29.86 -21.36
C LEU I 76 -53.09 -30.39 -21.56
N THR I 77 -54.07 -29.94 -20.75
CA THR I 77 -55.50 -30.36 -20.87
C THR I 77 -56.19 -29.77 -22.10
N LEU I 78 -55.76 -28.59 -22.58
CA LEU I 78 -56.29 -27.96 -23.83
C LEU I 78 -55.67 -28.63 -25.06
N GLN I 79 -54.44 -29.15 -24.98
CA GLN I 79 -53.77 -29.93 -26.06
C GLN I 79 -54.43 -31.31 -26.21
N VAL I 80 -54.91 -31.92 -25.11
CA VAL I 80 -55.73 -33.17 -25.10
C VAL I 80 -57.05 -32.90 -25.84
N ILE I 81 -57.76 -31.82 -25.46
CA ILE I 81 -59.05 -31.38 -26.05
C ILE I 81 -58.86 -31.08 -27.55
N ALA I 82 -57.79 -30.38 -27.92
CA ALA I 82 -57.45 -30.00 -29.32
C ALA I 82 -57.27 -31.25 -30.18
N ALA I 83 -56.54 -32.25 -29.67
CA ALA I 83 -56.29 -33.57 -30.32
C ALA I 83 -57.60 -34.35 -30.46
N ALA I 84 -58.46 -34.33 -29.45
CA ALA I 84 -59.76 -35.05 -29.40
C ALA I 84 -60.77 -34.43 -30.39
N GLN I 85 -60.83 -33.09 -30.47
CA GLN I 85 -61.75 -32.34 -31.39
C GLN I 85 -61.41 -32.60 -32.86
N ARG I 86 -60.12 -32.81 -33.18
CA ARG I 86 -59.63 -33.17 -34.54
C ARG I 86 -60.03 -34.59 -34.93
N GLU I 87 -60.42 -35.45 -33.96
CA GLU I 87 -61.03 -36.80 -34.19
C GLU I 87 -62.56 -36.74 -34.03
N GLY I 88 -63.18 -35.55 -34.18
CA GLY I 88 -64.64 -35.35 -34.18
C GLY I 88 -65.32 -35.73 -32.87
N LYS I 89 -64.65 -35.51 -31.73
CA LYS I 89 -65.19 -35.72 -30.36
C LYS I 89 -65.64 -34.38 -29.77
N THR I 90 -66.71 -34.40 -28.96
CA THR I 90 -67.23 -33.24 -28.19
C THR I 90 -66.46 -33.13 -26.88
N CYS I 91 -66.15 -31.91 -26.42
CA CYS I 91 -65.38 -31.61 -25.19
C CYS I 91 -66.06 -30.51 -24.36
N ALA I 92 -65.91 -30.59 -23.04
CA ALA I 92 -66.43 -29.61 -22.04
C ALA I 92 -65.29 -29.18 -21.11
N PHE I 93 -65.31 -27.92 -20.65
CA PHE I 93 -64.33 -27.33 -19.70
C PHE I 93 -65.10 -26.69 -18.53
N ILE I 94 -64.97 -27.25 -17.32
CA ILE I 94 -65.52 -26.69 -16.04
C ILE I 94 -64.41 -25.84 -15.40
N ASP I 95 -64.54 -24.51 -15.46
CA ASP I 95 -63.52 -23.51 -15.04
C ASP I 95 -63.88 -22.98 -13.64
N ALA I 96 -63.59 -23.77 -12.60
CA ALA I 96 -63.82 -23.43 -11.17
C ALA I 96 -62.79 -22.41 -10.68
N GLU I 97 -61.60 -22.36 -11.28
CA GLU I 97 -60.52 -21.37 -10.98
C GLU I 97 -60.92 -19.95 -11.47
N HIS I 98 -61.80 -19.85 -12.47
CA HIS I 98 -62.25 -18.59 -13.14
C HIS I 98 -61.02 -17.90 -13.77
N ALA I 99 -60.29 -18.64 -14.62
CA ALA I 99 -59.00 -18.22 -15.20
C ALA I 99 -58.68 -18.98 -16.50
N LEU I 100 -59.65 -19.02 -17.43
CA LEU I 100 -59.47 -19.49 -18.82
C LEU I 100 -59.48 -18.28 -19.77
N ASP I 101 -58.43 -18.13 -20.58
CA ASP I 101 -58.32 -17.13 -21.68
C ASP I 101 -58.72 -17.83 -22.98
N PRO I 102 -59.87 -17.51 -23.62
CA PRO I 102 -60.28 -18.17 -24.86
C PRO I 102 -59.31 -17.97 -26.05
N ILE I 103 -58.57 -16.86 -26.09
CA ILE I 103 -57.63 -16.53 -27.20
C ILE I 103 -56.40 -17.45 -27.10
N TYR I 104 -55.92 -17.77 -25.89
CA TYR I 104 -54.82 -18.75 -25.66
C TYR I 104 -55.28 -20.15 -26.09
N ALA I 105 -56.50 -20.55 -25.72
CA ALA I 105 -57.13 -21.83 -26.13
C ALA I 105 -57.17 -21.98 -27.65
N ARG I 106 -57.55 -20.91 -28.38
CA ARG I 106 -57.61 -20.88 -29.88
C ARG I 106 -56.21 -21.10 -30.48
N LYS I 107 -55.17 -20.47 -29.91
CA LYS I 107 -53.76 -20.55 -30.38
C LYS I 107 -53.22 -21.98 -30.21
N LEU I 108 -53.67 -22.73 -29.19
CA LEU I 108 -53.25 -24.15 -28.93
C LEU I 108 -54.01 -25.14 -29.84
N GLY I 109 -54.97 -24.66 -30.64
CA GLY I 109 -55.68 -25.44 -31.67
C GLY I 109 -56.99 -26.04 -31.16
N VAL I 110 -57.68 -25.35 -30.25
CA VAL I 110 -59.02 -25.72 -29.71
C VAL I 110 -60.08 -24.99 -30.55
N ASP I 111 -61.12 -25.70 -30.99
CA ASP I 111 -62.32 -25.13 -31.66
C ASP I 111 -63.24 -24.58 -30.56
N ILE I 112 -63.13 -23.27 -30.28
CA ILE I 112 -63.81 -22.61 -29.12
C ILE I 112 -65.30 -22.36 -29.42
N ASP I 113 -65.72 -22.42 -30.68
CA ASP I 113 -67.15 -22.32 -31.08
C ASP I 113 -67.90 -23.62 -30.71
N ASN I 114 -67.21 -24.76 -30.59
CA ASN I 114 -67.77 -26.11 -30.30
C ASN I 114 -67.46 -26.56 -28.86
N LEU I 115 -66.48 -25.96 -28.16
CA LEU I 115 -66.13 -26.32 -26.76
C LEU I 115 -67.19 -25.76 -25.80
N LEU I 116 -67.79 -26.62 -24.97
CA LEU I 116 -68.73 -26.22 -23.89
C LEU I 116 -67.90 -25.70 -22.70
N CYS I 117 -68.32 -24.59 -22.08
CA CYS I 117 -67.65 -23.95 -20.93
C CYS I 117 -68.68 -23.60 -19.84
N SER I 118 -68.41 -24.01 -18.60
CA SER I 118 -69.18 -23.65 -17.37
C SER I 118 -68.23 -22.93 -16.40
N GLN I 119 -68.69 -21.79 -15.83
CA GLN I 119 -68.03 -21.07 -14.70
C GLN I 119 -68.94 -21.19 -13.48
N PRO I 120 -68.91 -22.33 -12.75
CA PRO I 120 -69.93 -22.63 -11.74
C PRO I 120 -69.68 -21.87 -10.42
N ASP I 121 -70.76 -21.65 -9.66
CA ASP I 121 -70.76 -20.86 -8.40
C ASP I 121 -70.19 -21.71 -7.26
N THR I 122 -70.58 -22.99 -7.18
CA THR I 122 -70.20 -23.94 -6.11
C THR I 122 -69.54 -25.19 -6.70
N GLY I 123 -68.99 -26.04 -5.84
CA GLY I 123 -68.44 -27.37 -6.17
C GLY I 123 -69.54 -28.39 -6.46
N GLU I 124 -70.68 -28.28 -5.76
CA GLU I 124 -71.89 -29.15 -5.95
C GLU I 124 -72.50 -28.90 -7.34
N GLN I 125 -72.52 -27.63 -7.80
CA GLN I 125 -72.95 -27.23 -9.17
C GLN I 125 -71.98 -27.83 -10.21
N ALA I 126 -70.66 -27.74 -9.98
CA ALA I 126 -69.59 -28.18 -10.90
C ALA I 126 -69.62 -29.70 -11.12
N LEU I 127 -69.89 -30.48 -10.05
CA LEU I 127 -69.88 -31.98 -10.07
C LEU I 127 -71.25 -32.53 -10.52
N GLU I 128 -72.33 -31.77 -10.39
CA GLU I 128 -73.68 -32.11 -10.92
C GLU I 128 -73.72 -31.88 -12.45
N ILE I 129 -72.99 -30.90 -12.96
CA ILE I 129 -72.81 -30.66 -14.43
C ILE I 129 -71.96 -31.80 -15.03
N CYS I 130 -70.88 -32.21 -14.35
CA CYS I 130 -70.00 -33.35 -14.75
C CYS I 130 -70.80 -34.66 -14.89
N ASP I 131 -71.72 -34.92 -13.95
CA ASP I 131 -72.55 -36.15 -13.90
C ASP I 131 -73.64 -36.09 -14.99
N ALA I 132 -74.23 -34.92 -15.24
CA ALA I 132 -75.29 -34.67 -16.25
C ALA I 132 -74.75 -34.83 -17.68
N LEU I 133 -73.52 -34.36 -17.95
CA LEU I 133 -72.83 -34.51 -19.27
C LEU I 133 -72.36 -35.95 -19.48
N ALA I 134 -71.96 -36.65 -18.42
CA ALA I 134 -71.54 -38.08 -18.45
C ALA I 134 -72.72 -38.98 -18.82
N ARG I 135 -73.87 -38.81 -18.14
CA ARG I 135 -75.13 -39.59 -18.36
C ARG I 135 -75.70 -39.37 -19.76
N SER I 136 -75.53 -38.17 -20.35
CA SER I 136 -76.05 -37.78 -21.68
C SER I 136 -75.49 -38.73 -22.77
N GLY I 137 -74.21 -39.09 -22.67
CA GLY I 137 -73.50 -39.96 -23.64
C GLY I 137 -73.08 -39.21 -24.90
N ALA I 138 -73.17 -37.87 -24.90
CA ALA I 138 -72.86 -36.96 -26.04
C ALA I 138 -71.43 -36.42 -25.91
N VAL I 139 -71.01 -36.06 -24.69
CA VAL I 139 -69.66 -35.49 -24.37
C VAL I 139 -68.67 -36.65 -24.19
N ASP I 140 -67.45 -36.49 -24.73
CA ASP I 140 -66.38 -37.53 -24.77
C ASP I 140 -65.28 -37.20 -23.74
N VAL I 141 -64.86 -35.94 -23.63
CA VAL I 141 -63.79 -35.46 -22.69
C VAL I 141 -64.36 -34.31 -21.85
N ILE I 142 -64.25 -34.40 -20.51
CA ILE I 142 -64.57 -33.31 -19.54
C ILE I 142 -63.27 -32.95 -18.81
N VAL I 143 -63.03 -31.67 -18.57
CA VAL I 143 -61.89 -31.15 -17.75
C VAL I 143 -62.46 -30.25 -16.63
N VAL I 144 -62.13 -30.57 -15.37
CA VAL I 144 -62.48 -29.78 -14.15
C VAL I 144 -61.20 -29.07 -13.69
N ASP I 145 -61.09 -27.75 -13.95
CA ASP I 145 -59.86 -26.95 -13.68
C ASP I 145 -59.83 -26.59 -12.18
N SER I 146 -58.86 -27.16 -11.46
CA SER I 146 -58.61 -27.11 -9.99
C SER I 146 -59.81 -27.66 -9.20
N VAL I 147 -59.60 -28.80 -8.53
CA VAL I 147 -60.52 -29.35 -7.47
C VAL I 147 -60.33 -28.51 -6.19
N ALA I 148 -59.19 -27.82 -6.05
CA ALA I 148 -58.90 -26.85 -4.97
C ALA I 148 -59.99 -25.76 -4.91
N ALA I 149 -60.47 -25.28 -6.06
CA ALA I 149 -61.46 -24.19 -6.22
C ALA I 149 -62.91 -24.69 -6.11
N LEU I 150 -63.14 -26.01 -6.13
CA LEU I 150 -64.48 -26.62 -5.86
C LEU I 150 -64.84 -26.40 -4.39
N THR I 151 -65.43 -25.23 -4.09
CA THR I 151 -65.79 -24.80 -2.71
C THR I 151 -67.25 -25.19 -2.48
N PRO I 152 -67.58 -25.92 -1.39
CA PRO I 152 -68.98 -26.23 -1.06
C PRO I 152 -69.87 -25.01 -0.77
N LYS I 153 -71.19 -25.20 -0.81
CA LYS I 153 -72.21 -24.12 -0.71
C LYS I 153 -72.29 -23.59 0.74
N ALA I 154 -72.09 -24.46 1.74
CA ALA I 154 -72.03 -24.10 3.18
C ALA I 154 -70.87 -23.12 3.45
N GLU I 155 -69.76 -23.23 2.71
CA GLU I 155 -68.54 -22.37 2.82
C GLU I 155 -68.75 -21.02 2.11
N ILE I 156 -69.55 -20.98 1.03
CA ILE I 156 -69.86 -19.74 0.25
C ILE I 156 -70.84 -18.87 1.05
N GLU I 157 -71.90 -19.46 1.60
CA GLU I 157 -72.92 -18.77 2.43
C GLU I 157 -72.32 -18.41 3.81
N GLY I 158 -71.36 -19.20 4.30
CA GLY I 158 -70.64 -18.97 5.58
C GLY I 158 -69.65 -17.81 5.49
N GLU I 159 -69.05 -17.44 6.63
CA GLU I 159 -68.04 -16.34 6.77
C GLU I 159 -66.63 -16.92 6.60
N ILE I 160 -65.64 -16.05 6.35
CA ILE I 160 -64.19 -16.40 6.33
C ILE I 160 -63.73 -16.55 7.78
N GLY I 161 -63.09 -17.68 8.11
CA GLY I 161 -62.71 -18.06 9.48
C GLY I 161 -63.51 -19.26 9.99
N ASP I 162 -64.73 -19.47 9.47
CA ASP I 162 -65.62 -20.61 9.82
C ASP I 162 -64.93 -21.94 9.45
N SER I 163 -64.95 -22.91 10.37
CA SER I 163 -64.38 -24.27 10.20
C SER I 163 -65.42 -25.19 9.53
N HIS I 164 -65.05 -25.81 8.41
CA HIS I 164 -65.85 -26.85 7.69
C HIS I 164 -64.97 -28.12 7.58
N MET I 165 -64.97 -28.93 8.65
CA MET I 165 -64.06 -30.09 8.84
C MET I 165 -64.37 -31.18 7.81
N GLY I 166 -63.51 -31.34 6.81
CA GLY I 166 -63.56 -32.40 5.78
C GLY I 166 -64.81 -32.35 4.92
N LEU I 167 -65.33 -31.15 4.62
CA LEU I 167 -66.58 -30.97 3.82
C LEU I 167 -66.26 -31.14 2.33
N ALA I 168 -65.16 -30.53 1.86
CA ALA I 168 -64.63 -30.67 0.47
C ALA I 168 -64.23 -32.13 0.19
N ALA I 169 -63.66 -32.84 1.18
CA ALA I 169 -63.29 -34.27 1.10
C ALA I 169 -64.54 -35.15 0.95
N ARG I 170 -65.58 -34.89 1.75
CA ARG I 170 -66.86 -35.65 1.77
C ARG I 170 -67.62 -35.45 0.45
N MET I 171 -67.59 -34.22 -0.08
CA MET I 171 -68.20 -33.83 -1.39
C MET I 171 -67.49 -34.53 -2.55
N MET I 172 -66.16 -34.66 -2.50
CA MET I 172 -65.35 -35.36 -3.54
C MET I 172 -65.59 -36.88 -3.46
N SER I 173 -65.54 -37.47 -2.25
CA SER I 173 -65.83 -38.91 -1.97
C SER I 173 -67.19 -39.32 -2.55
N GLN I 174 -68.23 -38.50 -2.33
CA GLN I 174 -69.63 -38.74 -2.82
C GLN I 174 -69.71 -38.64 -4.34
N ALA I 175 -68.98 -37.71 -4.96
CA ALA I 175 -68.95 -37.44 -6.42
C ALA I 175 -68.25 -38.59 -7.17
N MET I 176 -67.16 -39.14 -6.62
CA MET I 176 -66.34 -40.23 -7.21
C MET I 176 -67.18 -41.51 -7.37
N ARG I 177 -67.90 -41.91 -6.31
CA ARG I 177 -68.89 -43.02 -6.29
C ARG I 177 -69.91 -42.85 -7.42
N LYS I 178 -70.55 -41.68 -7.49
CA LYS I 178 -71.64 -41.34 -8.44
C LYS I 178 -71.15 -41.31 -9.90
N LEU I 179 -69.89 -40.89 -10.14
CA LEU I 179 -69.33 -40.63 -11.51
C LEU I 179 -68.75 -41.91 -12.11
N ALA I 180 -67.90 -42.64 -11.34
CA ALA I 180 -67.07 -43.79 -11.78
C ALA I 180 -67.86 -44.74 -12.70
N GLY I 181 -69.09 -45.11 -12.30
CA GLY I 181 -70.00 -45.95 -13.08
C GLY I 181 -70.51 -45.24 -14.34
N ASN I 182 -71.08 -44.03 -14.17
CA ASN I 182 -71.72 -43.21 -15.24
C ASN I 182 -70.73 -42.87 -16.36
N LEU I 183 -69.44 -42.70 -16.05
CA LEU I 183 -68.36 -42.44 -17.05
C LEU I 183 -68.08 -43.70 -17.87
N LYS I 184 -68.01 -44.88 -17.22
CA LYS I 184 -67.71 -46.19 -17.88
C LYS I 184 -68.83 -46.59 -18.83
N GLN I 185 -70.11 -46.40 -18.44
CA GLN I 185 -71.31 -46.75 -19.26
C GLN I 185 -71.33 -45.91 -20.56
N SER I 186 -70.85 -44.65 -20.51
CA SER I 186 -70.91 -43.66 -21.61
C SER I 186 -69.60 -43.62 -22.43
N ASN I 187 -68.50 -44.19 -21.92
CA ASN I 187 -67.13 -44.14 -22.51
C ASN I 187 -66.68 -42.67 -22.55
N THR I 188 -66.66 -42.02 -21.37
CA THR I 188 -66.34 -40.58 -21.15
C THR I 188 -65.07 -40.46 -20.31
N LEU I 189 -64.10 -39.67 -20.76
CA LEU I 189 -62.86 -39.32 -20.00
C LEU I 189 -63.15 -38.09 -19.13
N LEU I 190 -62.76 -38.13 -17.85
CA LEU I 190 -62.83 -36.99 -16.89
C LEU I 190 -61.41 -36.70 -16.37
N ILE I 191 -60.89 -35.49 -16.61
CA ILE I 191 -59.56 -35.02 -16.13
C ILE I 191 -59.78 -33.98 -15.03
N PHE I 192 -59.38 -34.30 -13.79
CA PHE I 192 -59.34 -33.37 -12.63
C PHE I 192 -57.94 -32.75 -12.52
N ILE I 193 -57.80 -31.44 -12.74
CA ILE I 193 -56.56 -30.69 -12.42
C ILE I 193 -56.58 -30.42 -10.91
N ASN I 194 -55.42 -30.51 -10.23
CA ASN I 194 -55.30 -30.32 -8.77
C ASN I 194 -54.05 -29.49 -8.44
N GLN I 195 -54.14 -28.66 -7.40
CA GLN I 195 -53.03 -27.82 -6.87
C GLN I 195 -52.28 -28.61 -5.78
N ILE I 196 -51.03 -28.21 -5.51
CA ILE I 196 -50.17 -28.78 -4.42
C ILE I 196 -50.34 -27.91 -3.17
N ARG I 197 -50.44 -28.55 -1.99
CA ARG I 197 -50.37 -27.92 -0.65
C ARG I 197 -49.32 -28.64 0.20
N MET I 198 -48.74 -27.93 1.17
CA MET I 198 -47.62 -28.41 2.02
C MET I 198 -48.19 -28.92 3.35
N LYS I 199 -47.91 -30.19 3.70
CA LYS I 199 -48.36 -30.83 4.97
C LYS I 199 -47.33 -30.53 6.06
N ILE I 200 -47.79 -30.22 7.28
CA ILE I 200 -46.98 -29.62 8.38
C ILE I 200 -47.08 -30.54 9.61
N GLY I 201 -45.95 -30.73 10.31
CA GLY I 201 -45.78 -31.74 11.37
C GLY I 201 -45.32 -33.07 10.79
N VAL I 202 -44.43 -33.04 9.79
CA VAL I 202 -43.80 -34.25 9.16
C VAL I 202 -42.35 -33.92 8.80
N MET I 203 -41.43 -34.87 9.05
CA MET I 203 -39.99 -34.79 8.70
C MET I 203 -39.63 -35.93 7.72
N PHE I 204 -40.03 -37.17 8.03
CA PHE I 204 -39.84 -38.38 7.17
C PHE I 204 -40.86 -38.35 6.02
N GLY I 205 -40.42 -38.64 4.78
CA GLY I 205 -41.25 -38.65 3.57
C GLY I 205 -41.35 -37.28 2.91
N ASN I 206 -42.26 -37.15 1.94
CA ASN I 206 -42.45 -35.92 1.10
C ASN I 206 -43.53 -35.06 1.78
N PRO I 207 -43.31 -33.73 2.02
CA PRO I 207 -44.33 -32.90 2.65
C PRO I 207 -45.39 -32.32 1.68
N GLU I 208 -45.28 -32.57 0.37
CA GLU I 208 -46.27 -32.16 -0.67
C GLU I 208 -47.49 -33.08 -0.63
N THR I 209 -48.69 -32.50 -0.76
CA THR I 209 -50.02 -33.16 -0.78
C THR I 209 -50.81 -32.57 -1.96
N THR I 210 -52.00 -33.11 -2.24
CA THR I 210 -53.02 -32.52 -3.15
C THR I 210 -54.30 -32.22 -2.35
N THR I 211 -55.05 -31.22 -2.81
CA THR I 211 -56.31 -30.72 -2.20
C THR I 211 -57.45 -31.73 -2.46
N GLY I 212 -58.49 -31.70 -1.63
CA GLY I 212 -59.78 -32.38 -1.87
C GLY I 212 -59.86 -33.80 -1.31
N GLY I 213 -58.86 -34.25 -0.54
CA GLY I 213 -58.91 -35.51 0.23
C GLY I 213 -58.31 -36.70 -0.51
N ASN I 214 -58.56 -37.91 0.00
CA ASN I 214 -57.87 -39.17 -0.40
C ASN I 214 -58.73 -39.98 -1.39
N ALA I 215 -59.95 -39.57 -1.71
CA ALA I 215 -60.87 -40.31 -2.60
C ALA I 215 -60.30 -40.38 -4.03
N LEU I 216 -59.84 -39.24 -4.57
CA LEU I 216 -59.43 -39.10 -6.00
C LEU I 216 -58.17 -39.93 -6.30
N LYS I 217 -57.21 -40.07 -5.37
CA LYS I 217 -55.98 -40.90 -5.57
C LYS I 217 -56.35 -42.39 -5.77
N PHE I 218 -57.43 -42.87 -5.15
CA PHE I 218 -57.92 -44.28 -5.31
C PHE I 218 -58.64 -44.45 -6.65
N TYR I 219 -59.66 -43.62 -6.91
CA TYR I 219 -60.58 -43.75 -8.08
C TYR I 219 -59.87 -43.39 -9.40
N ALA I 220 -58.78 -42.61 -9.37
CA ALA I 220 -58.01 -42.21 -10.58
C ALA I 220 -57.28 -43.43 -11.16
N SER I 221 -57.46 -43.67 -12.46
CA SER I 221 -56.76 -44.74 -13.22
C SER I 221 -55.31 -44.32 -13.50
N VAL I 222 -55.11 -43.04 -13.85
CA VAL I 222 -53.79 -42.43 -14.16
C VAL I 222 -53.62 -41.17 -13.30
N ARG I 223 -52.40 -40.91 -12.82
CA ARG I 223 -52.03 -39.69 -12.04
C ARG I 223 -50.69 -39.13 -12.54
N LEU I 224 -50.67 -37.87 -12.98
CA LEU I 224 -49.50 -37.18 -13.57
C LEU I 224 -49.00 -36.10 -12.60
N ASP I 225 -47.67 -35.97 -12.44
CA ASP I 225 -46.98 -34.98 -11.58
C ASP I 225 -46.11 -34.09 -12.48
N ILE I 226 -46.71 -33.03 -13.04
CA ILE I 226 -46.06 -32.13 -14.05
C ILE I 226 -45.28 -31.04 -13.31
N ARG I 227 -44.10 -30.67 -13.83
CA ARG I 227 -43.17 -29.70 -13.21
C ARG I 227 -42.39 -28.93 -14.29
N ARG I 228 -42.22 -27.62 -14.10
CA ARG I 228 -41.24 -26.77 -14.83
C ARG I 228 -39.84 -27.06 -14.25
N ILE I 229 -38.86 -27.36 -15.11
CA ILE I 229 -37.45 -27.73 -14.71
C ILE I 229 -36.41 -26.83 -15.40
N GLY I 230 -36.80 -25.77 -16.11
CA GLY I 230 -35.87 -24.86 -16.81
C GLY I 230 -36.53 -24.02 -17.89
N ALA I 231 -35.77 -23.10 -18.47
CA ALA I 231 -36.23 -22.09 -19.47
C ALA I 231 -35.75 -22.48 -20.87
N VAL I 232 -36.53 -22.09 -21.89
CA VAL I 232 -36.20 -22.18 -23.35
C VAL I 232 -35.98 -20.74 -23.84
N LYS I 233 -34.75 -20.40 -24.25
CA LYS I 233 -34.31 -19.01 -24.54
C LYS I 233 -33.87 -18.86 -26.00
N GLU I 234 -34.07 -17.67 -26.55
CA GLU I 234 -33.47 -17.17 -27.82
C GLU I 234 -32.43 -16.09 -27.44
N GLY I 235 -31.39 -16.51 -26.72
CA GLY I 235 -30.35 -15.63 -26.17
C GLY I 235 -30.83 -14.89 -24.94
N GLU I 236 -31.61 -13.82 -25.15
CA GLU I 236 -32.17 -12.92 -24.09
C GLU I 236 -33.61 -13.33 -23.75
N ASN I 237 -34.48 -13.35 -24.78
CA ASN I 237 -35.94 -13.60 -24.68
C ASN I 237 -36.20 -15.03 -24.20
N VAL I 238 -36.84 -15.19 -23.03
CA VAL I 238 -37.37 -16.50 -22.51
C VAL I 238 -38.65 -16.80 -23.29
N VAL I 239 -38.59 -17.70 -24.27
CA VAL I 239 -39.65 -17.97 -25.28
C VAL I 239 -40.50 -19.20 -24.87
N GLY I 240 -40.08 -19.98 -23.87
CA GLY I 240 -40.85 -21.16 -23.41
C GLY I 240 -40.34 -21.76 -22.10
N SER I 241 -40.88 -22.94 -21.76
CA SER I 241 -40.70 -23.67 -20.49
C SER I 241 -40.25 -25.10 -20.79
N GLU I 242 -39.13 -25.55 -20.21
CA GLU I 242 -38.66 -26.96 -20.31
C GLU I 242 -39.33 -27.74 -19.16
N THR I 243 -40.22 -28.68 -19.51
CA THR I 243 -41.25 -29.28 -18.62
C THR I 243 -40.96 -30.79 -18.50
N ARG I 244 -41.13 -31.35 -17.29
CA ARG I 244 -41.00 -32.81 -17.02
C ARG I 244 -42.32 -33.33 -16.41
N VAL I 245 -42.83 -34.44 -16.94
CA VAL I 245 -44.05 -35.15 -16.45
C VAL I 245 -43.60 -36.52 -15.91
N LYS I 246 -44.05 -36.88 -14.71
CA LYS I 246 -43.93 -38.23 -14.10
C LYS I 246 -45.31 -38.90 -14.07
N VAL I 247 -45.41 -40.16 -14.49
CA VAL I 247 -46.63 -41.00 -14.30
C VAL I 247 -46.49 -41.68 -12.94
N VAL I 248 -47.19 -41.14 -11.94
CA VAL I 248 -47.09 -41.53 -10.49
C VAL I 248 -47.98 -42.76 -10.24
N LYS I 249 -49.13 -42.87 -10.93
CA LYS I 249 -50.05 -44.04 -10.90
C LYS I 249 -50.45 -44.40 -12.34
N ASN I 250 -50.65 -45.70 -12.61
CA ASN I 250 -51.08 -46.22 -13.93
C ASN I 250 -51.69 -47.62 -13.73
N LYS I 251 -52.98 -47.79 -14.05
CA LYS I 251 -53.73 -49.08 -13.96
C LYS I 251 -53.77 -49.79 -15.31
N ILE I 252 -53.45 -49.11 -16.42
CA ILE I 252 -53.56 -49.63 -17.82
C ILE I 252 -52.19 -50.04 -18.38
N ALA I 253 -51.08 -49.75 -17.68
CA ALA I 253 -49.71 -50.13 -18.08
C ALA I 253 -48.75 -49.98 -16.89
N ALA I 254 -47.44 -50.16 -17.10
CA ALA I 254 -46.38 -50.04 -16.07
C ALA I 254 -46.16 -48.57 -15.70
N PRO I 255 -46.26 -48.18 -14.40
CA PRO I 255 -46.02 -46.79 -14.00
C PRO I 255 -44.55 -46.39 -13.81
N PHE I 256 -44.33 -45.16 -13.33
CA PHE I 256 -43.03 -44.56 -12.93
C PHE I 256 -42.10 -44.35 -14.14
N LYS I 257 -42.66 -44.18 -15.34
CA LYS I 257 -41.95 -43.66 -16.54
C LYS I 257 -42.17 -42.15 -16.62
N GLN I 258 -41.14 -41.41 -17.04
CA GLN I 258 -41.16 -39.92 -17.11
C GLN I 258 -40.90 -39.44 -18.54
N ALA I 259 -41.52 -38.32 -18.90
CA ALA I 259 -41.44 -37.65 -20.22
C ALA I 259 -40.82 -36.26 -20.03
N GLU I 260 -40.05 -35.78 -21.01
CA GLU I 260 -39.50 -34.40 -21.07
C GLU I 260 -39.90 -33.76 -22.40
N PHE I 261 -40.31 -32.49 -22.36
CA PHE I 261 -40.72 -31.71 -23.56
C PHE I 261 -40.70 -30.20 -23.26
N GLN I 262 -40.85 -29.39 -24.31
CA GLN I 262 -40.88 -27.91 -24.28
C GLN I 262 -42.33 -27.43 -24.46
N ILE I 263 -42.78 -26.47 -23.64
CA ILE I 263 -44.01 -25.65 -23.85
C ILE I 263 -43.54 -24.26 -24.31
N LEU I 264 -43.85 -23.89 -25.56
CA LEU I 264 -43.53 -22.57 -26.17
C LEU I 264 -44.77 -21.67 -26.08
N TYR I 265 -44.59 -20.42 -25.63
CA TYR I 265 -45.69 -19.50 -25.24
C TYR I 265 -46.44 -19.04 -26.50
N GLY I 266 -47.73 -19.36 -26.58
CA GLY I 266 -48.63 -18.98 -27.69
C GLY I 266 -48.69 -20.02 -28.80
N GLU I 267 -47.91 -21.11 -28.69
CA GLU I 267 -47.89 -22.27 -29.62
C GLU I 267 -48.45 -23.51 -28.91
N GLY I 268 -47.87 -23.85 -27.74
CA GLY I 268 -48.20 -25.04 -26.94
C GLY I 268 -46.99 -25.95 -26.81
N ILE I 269 -47.19 -27.28 -26.93
CA ILE I 269 -46.13 -28.31 -26.80
C ILE I 269 -45.34 -28.39 -28.12
N ASN I 270 -43.99 -28.32 -28.04
CA ASN I 270 -43.06 -28.43 -29.19
C ASN I 270 -42.98 -29.90 -29.60
N PHE I 271 -43.76 -30.29 -30.63
CA PHE I 271 -43.89 -31.69 -31.12
C PHE I 271 -42.60 -32.14 -31.82
N TYR I 272 -42.02 -31.28 -32.67
CA TYR I 272 -40.83 -31.59 -33.52
C TYR I 272 -39.56 -31.65 -32.67
N GLY I 273 -39.49 -30.91 -31.55
CA GLY I 273 -38.42 -31.00 -30.54
C GLY I 273 -38.33 -32.38 -29.92
N GLU I 274 -39.48 -33.00 -29.60
CA GLU I 274 -39.60 -34.38 -29.08
C GLU I 274 -39.17 -35.39 -30.15
N LEU I 275 -39.66 -35.19 -31.39
CA LEU I 275 -39.51 -36.12 -32.54
C LEU I 275 -38.03 -36.26 -32.94
N VAL I 276 -37.25 -35.18 -32.82
CA VAL I 276 -35.76 -35.18 -32.93
C VAL I 276 -35.18 -36.12 -31.85
N ASP I 277 -35.37 -35.77 -30.57
CA ASP I 277 -34.78 -36.45 -29.38
C ASP I 277 -35.15 -37.94 -29.35
N LEU I 278 -36.39 -38.28 -29.72
CA LEU I 278 -36.90 -39.69 -29.79
C LEU I 278 -36.28 -40.43 -30.98
N GLY I 279 -36.14 -39.74 -32.13
CA GLY I 279 -35.44 -40.25 -33.33
C GLY I 279 -33.96 -40.54 -33.05
N VAL I 280 -33.30 -39.69 -32.25
CA VAL I 280 -31.85 -39.80 -31.88
C VAL I 280 -31.64 -41.06 -31.02
N LYS I 281 -32.42 -41.23 -29.95
CA LYS I 281 -32.23 -42.33 -28.96
C LYS I 281 -32.75 -43.68 -29.51
N GLU I 282 -33.42 -43.71 -30.68
CA GLU I 282 -33.83 -44.94 -31.41
C GLU I 282 -32.98 -45.16 -32.68
N LYS I 283 -31.90 -44.40 -32.89
CA LYS I 283 -30.89 -44.59 -33.97
C LYS I 283 -31.52 -44.40 -35.36
N LEU I 284 -32.54 -43.54 -35.49
CA LEU I 284 -33.15 -43.14 -36.78
C LEU I 284 -32.47 -41.86 -37.30
N ILE I 285 -32.13 -40.94 -36.38
CA ILE I 285 -31.35 -39.69 -36.63
C ILE I 285 -30.04 -39.82 -35.87
N GLU I 286 -28.89 -39.82 -36.56
CA GLU I 286 -27.53 -39.91 -35.94
C GLU I 286 -27.08 -38.52 -35.48
N LYS I 287 -26.51 -38.41 -34.27
CA LYS I 287 -25.88 -37.17 -33.74
C LYS I 287 -24.34 -37.33 -33.81
N ALA I 288 -23.69 -36.56 -34.69
CA ALA I 288 -22.22 -36.50 -34.87
C ALA I 288 -21.68 -35.24 -34.19
N GLY I 289 -21.57 -35.28 -32.85
CA GLY I 289 -21.14 -34.15 -32.01
C GLY I 289 -22.28 -33.20 -31.71
N ALA I 290 -22.42 -32.13 -32.50
CA ALA I 290 -23.55 -31.17 -32.49
C ALA I 290 -24.37 -31.25 -33.81
N TRP I 291 -24.01 -32.15 -34.74
CA TRP I 291 -24.63 -32.29 -36.08
C TRP I 291 -25.66 -33.44 -36.06
N TYR I 292 -26.95 -33.10 -36.16
CA TYR I 292 -28.08 -34.05 -36.37
C TYR I 292 -28.12 -34.39 -37.87
N SER I 293 -28.06 -35.70 -38.21
CA SER I 293 -27.98 -36.22 -39.60
C SER I 293 -28.98 -37.36 -39.80
N TYR I 294 -29.81 -37.28 -40.85
CA TYR I 294 -30.85 -38.28 -41.23
C TYR I 294 -30.51 -38.92 -42.58
N LYS I 295 -30.26 -40.23 -42.60
CA LYS I 295 -30.00 -41.08 -43.80
C LYS I 295 -28.70 -40.63 -44.51
N GLY I 296 -27.73 -40.07 -43.76
CA GLY I 296 -26.47 -39.51 -44.28
C GLY I 296 -26.53 -38.02 -44.52
N GLU I 297 -27.60 -37.54 -45.17
CA GLU I 297 -27.85 -36.12 -45.54
C GLU I 297 -28.03 -35.33 -44.22
N LYS I 298 -27.22 -34.28 -44.01
CA LYS I 298 -27.12 -33.56 -42.70
C LYS I 298 -28.26 -32.53 -42.61
N ILE I 299 -29.20 -32.75 -41.68
CA ILE I 299 -30.48 -31.97 -41.54
C ILE I 299 -30.21 -30.62 -40.86
N GLY I 300 -29.17 -30.52 -40.03
CA GLY I 300 -28.71 -29.26 -39.41
C GLY I 300 -27.79 -29.50 -38.22
N GLN I 301 -27.31 -28.42 -37.59
CA GLN I 301 -26.54 -28.47 -36.31
C GLN I 301 -27.21 -27.52 -35.29
N GLY I 302 -27.29 -27.95 -34.04
CA GLY I 302 -28.14 -27.34 -33.00
C GLY I 302 -29.56 -27.89 -33.07
N LYS I 303 -30.26 -27.90 -31.93
CA LYS I 303 -31.62 -28.47 -31.79
C LYS I 303 -32.63 -27.59 -32.55
N ALA I 304 -32.50 -26.26 -32.46
CA ALA I 304 -33.39 -25.24 -33.10
C ALA I 304 -33.36 -25.37 -34.63
N ASN I 305 -32.17 -25.55 -35.22
CA ASN I 305 -31.97 -25.68 -36.69
C ASN I 305 -32.49 -27.04 -37.18
N ALA I 306 -32.32 -28.10 -36.38
CA ALA I 306 -32.86 -29.46 -36.63
C ALA I 306 -34.39 -29.41 -36.64
N THR I 307 -35.01 -28.77 -35.63
CA THR I 307 -36.47 -28.55 -35.49
C THR I 307 -37.02 -27.78 -36.71
N ALA I 308 -36.30 -26.72 -37.13
CA ALA I 308 -36.64 -25.84 -38.28
C ALA I 308 -36.65 -26.64 -39.58
N TRP I 309 -35.72 -27.59 -39.77
CA TRP I 309 -35.62 -28.48 -40.97
C TRP I 309 -36.83 -29.42 -41.03
N LEU I 310 -37.14 -30.12 -39.93
CA LEU I 310 -38.29 -31.07 -39.81
C LEU I 310 -39.63 -30.35 -39.98
N LYS I 311 -39.70 -29.05 -39.68
CA LYS I 311 -40.87 -28.16 -39.92
C LYS I 311 -41.13 -28.04 -41.43
N ASP I 312 -40.07 -27.82 -42.23
CA ASP I 312 -40.12 -27.59 -43.69
C ASP I 312 -40.32 -28.91 -44.47
N ASN I 313 -40.09 -30.08 -43.85
CA ASN I 313 -40.23 -31.43 -44.47
C ASN I 313 -41.27 -32.24 -43.68
N PRO I 314 -42.61 -32.06 -43.94
CA PRO I 314 -43.63 -32.87 -43.27
C PRO I 314 -43.72 -34.35 -43.65
N GLU I 315 -42.99 -34.81 -44.69
CA GLU I 315 -43.03 -36.23 -45.18
C GLU I 315 -42.16 -37.10 -44.27
N THR I 316 -40.89 -36.72 -44.10
CA THR I 316 -39.88 -37.46 -43.30
C THR I 316 -40.21 -37.36 -41.80
N ALA I 317 -40.84 -36.26 -41.37
CA ALA I 317 -41.41 -36.09 -40.01
C ALA I 317 -42.56 -37.09 -39.79
N LYS I 318 -43.44 -37.26 -40.79
CA LYS I 318 -44.59 -38.20 -40.78
C LYS I 318 -44.07 -39.65 -40.74
N GLU I 319 -43.00 -39.94 -41.49
CA GLU I 319 -42.31 -41.27 -41.57
C GLU I 319 -41.75 -41.63 -40.18
N ILE I 320 -40.93 -40.76 -39.58
CA ILE I 320 -40.23 -40.99 -38.28
C ILE I 320 -41.27 -41.09 -37.15
N GLU I 321 -42.33 -40.27 -37.18
CA GLU I 321 -43.44 -40.28 -36.18
C GLU I 321 -44.03 -41.69 -36.07
N LYS I 322 -44.55 -42.20 -37.19
CA LYS I 322 -45.31 -43.48 -37.29
C LYS I 322 -44.32 -44.66 -37.06
N LYS I 323 -43.04 -44.47 -37.36
CA LYS I 323 -41.92 -45.43 -37.08
C LYS I 323 -41.65 -45.51 -35.57
N VAL I 324 -41.41 -44.35 -34.92
CA VAL I 324 -41.15 -44.21 -33.45
C VAL I 324 -42.37 -44.76 -32.67
N ARG I 325 -43.59 -44.47 -33.14
CA ARG I 325 -44.86 -44.97 -32.55
C ARG I 325 -44.84 -46.50 -32.49
N GLU I 326 -44.81 -47.19 -33.64
CA GLU I 326 -44.93 -48.67 -33.73
C GLU I 326 -43.75 -49.37 -33.05
N LEU I 327 -42.60 -48.70 -32.88
CA LEU I 327 -41.38 -49.24 -32.22
C LEU I 327 -41.52 -49.15 -30.69
N LEU I 328 -41.64 -47.94 -30.15
CA LEU I 328 -41.48 -47.64 -28.69
C LEU I 328 -42.79 -47.83 -27.92
N LEU I 329 -43.96 -47.81 -28.59
CA LEU I 329 -45.27 -48.13 -27.94
C LEU I 329 -45.18 -49.53 -27.32
N SER I 330 -45.08 -49.59 -25.98
CA SER I 330 -44.98 -50.84 -25.17
C SER I 330 -46.24 -51.69 -25.35
N ASN I 331 -47.42 -51.06 -25.35
CA ASN I 331 -48.75 -51.67 -25.61
C ASN I 331 -49.42 -50.93 -26.78
N PRO I 332 -49.12 -51.26 -28.06
CA PRO I 332 -49.86 -50.69 -29.19
C PRO I 332 -51.32 -51.15 -29.23
N ASN I 333 -52.22 -50.31 -29.76
CA ASN I 333 -53.69 -50.51 -29.80
C ASN I 333 -54.01 -51.82 -30.54
N SER I 334 -53.66 -51.88 -31.83
CA SER I 334 -53.73 -53.05 -32.76
C SER I 334 -53.77 -52.55 -34.21
#